data_8FN6
#
_entry.id   8FN6
#
_cell.length_a   1.00
_cell.length_b   1.00
_cell.length_c   1.00
_cell.angle_alpha   90.00
_cell.angle_beta   90.00
_cell.angle_gamma   90.00
#
_symmetry.space_group_name_H-M   'P 1'
#
loop_
_entity.id
_entity.type
_entity.pdbx_description
1 polymer gRNA
2 polymer 'RNA-editing substrate-binding complex protein 1 (RESC1)'
3 polymer 'RNA-editing substrate-binding complex protein 2 (RESC2)'
4 polymer 'RNA-editing substrate-binding complex protein 3 (RESC3)'
5 polymer 'RNA-editing substrate-binding complex protein 4 (RESC4)'
6 polymer 'RNA-editing substrate-binding complex protein 5 (RESC5)'
7 polymer 'RNA-editing substrate-binding complex protein 6 (RESC6)'
8 non-polymer "ADENOSINE-5'-TRIPHOSPHATE"
#
loop_
_entity_poly.entity_id
_entity_poly.type
_entity_poly.pdbx_seq_one_letter_code
_entity_poly.pdbx_strand_id
1 'polyribonucleotide' UAUAUUUUUUUUUUUUUUUUUUUAAAAAAAAAAAAAAAAAAUUUUU g
2 'polypeptide(L)'
;MLRLLRRSIVGSTFNIMVRRQNQGSVSQGALNMRDQQAAAAENVTPERVWALWNEGNLFSLSLAQLQGFLSRCGVRTDPA
AKKAAVVRQVEEYLHSKDTTVKGGGQGAASPQQHQQHGQQGGYGRWNQASVMQPETLLDLSQAGFYEGAANMVPKAFQLL
VSDTAPDVVVSRVNTTAFPGFPSNTECYTLGASEKDVAIRSRYSKVLQWCCLNMSNLQMDGELYVDFGKLLLKPSVMRKN
RRIVSSYTLQQRLQVNHPYTWVPTLPESCLSKIQEQFLQPEGFAPIGKGVQLTYSGTIKRSKDQLHVDLDNKGKVLAVNS
AWVNLQTAWCTHAKGPDVRLLLRSRPPIRRQDVELFASTPIIKLADDDVADVLPPEHGQLVYLSEDETRLFERVSDRGVT
ITVREVKRQPLIILRDEEEDPRVEYSLSAHIPANAAKATDVRAVGLTAFELAGRLAGLVAEDFVREYGCEAKL
;
1
3 'polypeptide(L)'
;MLRARLKIFSALNGATSAFSRAVAPLQIATRQQSFSAAAPAASGDFSHITRNTVWGLWNEGNLFSLSVPELAFFLQEHCR
VANVDPRAKKSALVRQVEEILSAEQQASATVPQEDNPHAIVVTDYDRAEDALEEADEYGDWGAEPGFEDRRELDFMELSP
GRMGERYDPLSPRAFQLLHSETATDVGIASIDPSKLPGQSKVKNALAAIHVAPNDANKMRFRMAFEWCLMNIWNMNMPGE
LNIGAGKALYYRSVAKQNRNVMPLWTVQKHLYAQHPYAWFAIASESNVAAMESLAAALNMSIQQERTTSYKVTIRRMAEF
FDCELNGQLKCTMMNKPWDRFFVSHYIRSKMPDLRYVVRARHPIKKRIADAYLEADILRSTRDSVQSVLSPELGDVVYCC
ERVVRKWAKKTATGVTLQLVETKRTPLIITKAGDEGERLEYEWIVPLPQQAERIDIAALTDELWEYGNKLAAALEEGMEE
LMVHTMTAVSAY
;
2
4 'polypeptide(L)'
;MSNPFEKVARGIAFKMRSKVHKQGYSNTVMAQQARRLSPTGLLAMERLTELTALQQRHQCTFDPALRSKATQILRTLPLL
SIDEDPYFTHTQRALRLAAYFGAVDLPVTYALINQHTKNAFMLDAFSMASFFYTLAKLKHPQTKEIVGILLPRLREVAPE
LIAREAVHILRLLCSIQMADAQLVKVVTETVVATAADVPLRDARQCAFILSETFPEEAQRILGAVEHRLCDDIDMNADAN
EVKTTILDVCRVVSATCKGPRRLLNSVARRSMELLPQLTPLDVAFVLKAFHLSSYRHLRLLRVLSSSLAASFPTSNVTKE
HGLAASIVVQSLAHFYLSGCEEVVVTLVNASVNVLEGLNLALTLLACVRLRCVSPGVDPAVDALCSGAPMRRYVHNAHSM
QVTSRILYGLAHAGRCRSDEEVAIVLPLLKSVVRTPGALRDDCRGFLLDAVTALGADGECSNDALQEQVRKVYERLSQDG
GK
;
3
5 'polypeptide(L)'
;MNGRLYCLIRRITSPPVATRLIKEELCLSMAAIARLPLRRDQLAHVTNTEAITTRAQRISHLCTPTELGMIAEGAEALSC
NRFDLADALIDGAYESVRRAASSTRLSHVSAIARYSASIKTYGNETITTLLKAGASLLQKNDSVPVLKSFLGVAQSHLTD
GEMRVLIDEMCAKATEEQRLCINSIGTQSLAKDAAKCGEETLTKGNEDGDETAVDDEETQAWDMLRARQWMLQLVRCGKP
PTAAEAVQAMELYAHFAVRDFVLHEKIEDLVLLVLPTGNKFHLNEMHKIVLRSPNLFPRVRNTLGQDHSGVSDVHRADRG
VEWSDDPASSLTTTYTTSRAYSMLLLGQRLSEDIMFDVVQEQSETIPVDVAAQAACLFAEKGDIPEGVILRLSAELEHIS
PQGVTAFVRAARRDSSGALLPHYAAVLNRFTERDLCDTPLETLLQMCEVFALPAPRGTSEGDNDSINESQSKFQKALIVR
LFSVIQGSRDVPFLCKVAKAVRAFDANDELIQFVCSSICAQGALSECEALIAFDMIRCCDFVYEPLLDAMEPVFRRLVES
VSAMLEGKSTINDVEVRRCACFATLQSEFDCPDFETLASLLVHTVEKNVTGCPVELIPSVGLLCVRTRRTSALYIVGNKL
EGNMQQLSDDAIGELARLLVGTENLATKELAVEFQSVVVSRLLRQQSLPPDVVALSAVVWLRQGDKVGTIDERSVDYIIK
WMYAIGSSVYTDLCLAVHLSASVESLSNALIDDLPRRLELLTTNEMANAIFGLGEVSDMGARLSHQLVAERCSDYVVDHS
QEFWSGKVIARLLYGFSRMHCTKRSLYNVFATRLAHRPVFSLLDQEAISFAIAAFGRVKYLDKKLFDRFTRWILDHSKDL
NAAELLLTIRGVSRVMLLNDQLYDDLGSKAAEKVKEFPIESQCVLLSSFGSLGVEHERLASRMVSSIAENREELTDATKA
VDVITSLWSMNYDVEDDKHVAQLADWVVQRAEELTDESIGKLCLVLSDTNWRHVPLVRAIAEQSVRLQGQQSISPKCCRE
VLDVLGTFMIHHQGARENLSALGRSISKERIQLSEEEEQHLQLLLRR
;
4
6 'polypeptide(L)'
;MLRHTSRNNALHAFVRSPHYRTIPSAGPNGIVVNRDMLVHQFRDFYKTLQHCSLVDKVHLMSERPSVEALRVADQMVSIG
ATFLEMPLTGMEHRATEFMESMRYVRGAGGPSTLASYLQDTENCRCNSGDVVCLPNGIAVGHGPRTNAVAHTTLKQLFEV
KDDQFSFDVFTLEQEGDAPPLGDYFGFAGSNVLLTWKDEHGLLAVDQYQQKQPHTEMNVVYLEPGCHFLSFYGVDHTIDV
LVQKGYERSMDSIAAAGLNPIPVQWSEMDKLGISMRAAVLPLKFFKANVGGMLSRNKSRGARWQTHQLQKGSGSGSASSG
ASAAGSSGASASSGASAAGSSGASAGHHHHHHHHHHSGSEDQVDPRLIDGKASAWSHPQFEKGGGSGGGSGGSAWSHPQF
EK
;
5
7 'polypeptide(L)'
;MRSALRRCILRHQGCLRMKQSLSAFPTVVTGMTRHQGNSLIGTTHGAELSLAGDPQSVSHLSARNIATEALQMKKLHQER
GGNPMLAQQARRVLFATSIAGQNLDARSVALLLNTAVYFGMESDAKLVRECIDYCLKNDKLITVDVLPIVVTACATLKSR
DAREVIEMQAQKAARNAKFLDAKDVTNIISAFSKTGINHEKLFAFLSRRVQTLARVGEFEAAHLVILANAFSRLRYRDKF
LFGAIARRAMSLRERVTVNELVPLIVAFSKIGLKDPKLSKRFATKAMEYVDQMNAEQVASMFMAFAYFGIRYDQLFGVLT
NRAVELIDEFNAQYISTTLNAFQRIGINNPELFDNLAERALAVVQDHDARDISKTVTALAHFGLKDEELFKRLASHAASI
ADQFDAMGLVNTAHAFARTNFLQQDMAVALSERSVYVCRLLDAGETRRLLWALAKFQVRDPKILTPVFNRCLALHYDFFA
DPTGSEEIEEIFDFYGPNFCPPLYQLYISRGSTPQA
;
6
#
loop_
_chem_comp.id
_chem_comp.type
_chem_comp.name
_chem_comp.formula
A RNA linking ADENOSINE-5'-MONOPHOSPHATE 'C10 H14 N5 O7 P'
ATP non-polymer ADENOSINE-5'-TRIPHOSPHATE 'C10 H16 N5 O13 P3'
U RNA linking URIDINE-5'-MONOPHOSPHATE 'C9 H13 N2 O9 P'
#
# COMPACT_ATOMS: atom_id res chain seq x y z
N GLY B 122 -11.89 -21.78 20.28
CA GLY B 122 -11.17 -22.99 20.58
C GLY B 122 -11.93 -24.25 20.25
N TYR B 123 -12.28 -24.41 18.98
CA TYR B 123 -13.05 -25.55 18.50
C TYR B 123 -12.64 -25.89 17.09
N GLY B 124 -13.02 -27.09 16.66
CA GLY B 124 -12.85 -27.48 15.28
C GLY B 124 -11.51 -28.09 14.92
N ARG B 125 -11.03 -29.04 15.73
CA ARG B 125 -9.80 -29.78 15.47
C ARG B 125 -8.61 -28.82 15.32
N TRP B 126 -8.29 -28.15 16.42
CA TRP B 126 -7.14 -27.26 16.45
C TRP B 126 -5.83 -28.00 16.24
N ASN B 127 -5.82 -29.31 16.44
CA ASN B 127 -4.62 -30.13 16.26
C ASN B 127 -4.47 -30.65 14.84
N GLN B 128 -5.35 -30.25 13.93
CA GLN B 128 -5.25 -30.60 12.53
C GLN B 128 -5.27 -29.29 11.72
N ALA B 129 -4.10 -28.69 11.58
CA ALA B 129 -3.99 -27.46 10.81
C ALA B 129 -4.13 -27.76 9.33
N SER B 130 -4.99 -27.00 8.66
CA SER B 130 -5.23 -27.21 7.24
C SER B 130 -3.96 -26.92 6.44
N VAL B 131 -3.83 -27.60 5.31
CA VAL B 131 -2.69 -27.40 4.43
C VAL B 131 -2.87 -26.03 3.76
N MET B 132 -1.89 -25.16 3.95
CA MET B 132 -2.03 -23.78 3.50
C MET B 132 -1.59 -23.65 2.05
N GLN B 133 -2.49 -23.12 1.21
CA GLN B 133 -2.26 -23.13 -0.22
C GLN B 133 -1.04 -22.28 -0.57
N PRO B 134 -0.27 -22.69 -1.59
CA PRO B 134 0.92 -21.91 -1.97
C PRO B 134 0.59 -20.62 -2.71
N GLU B 135 -0.62 -20.49 -3.26
CA GLU B 135 -1.00 -19.30 -4.02
C GLU B 135 -1.58 -18.22 -3.11
N THR B 136 -0.86 -17.88 -2.05
CA THR B 136 -1.27 -16.83 -1.12
C THR B 136 -0.15 -15.82 -0.99
N LEU B 137 -0.39 -14.61 -1.50
CA LEU B 137 0.55 -13.51 -1.38
C LEU B 137 -0.07 -12.42 -0.49
N LEU B 138 0.77 -11.80 0.33
CA LEU B 138 0.27 -10.83 1.30
C LEU B 138 -0.44 -9.68 0.59
N ASP B 139 -1.52 -9.21 1.20
CA ASP B 139 -2.29 -8.10 0.67
C ASP B 139 -2.68 -7.16 1.78
N LEU B 140 -2.73 -5.87 1.47
CA LEU B 140 -3.02 -4.82 2.43
C LEU B 140 -4.20 -3.99 1.92
N SER B 141 -4.98 -3.46 2.86
CA SER B 141 -6.08 -2.56 2.54
C SER B 141 -5.79 -1.21 3.16
N GLN B 142 -5.78 -0.16 2.32
CA GLN B 142 -5.55 1.19 2.78
C GLN B 142 -6.67 2.09 2.27
N ALA B 143 -7.16 2.97 3.13
CA ALA B 143 -8.29 3.82 2.82
C ALA B 143 -7.91 5.29 2.99
N GLY B 144 -8.37 6.12 2.07
CA GLY B 144 -8.07 7.54 2.12
C GLY B 144 -6.68 7.92 1.70
N PHE B 145 -5.90 6.97 1.16
CA PHE B 145 -4.53 7.28 0.75
C PHE B 145 -4.51 8.30 -0.38
N TYR B 146 -5.39 8.12 -1.38
CA TYR B 146 -5.41 9.00 -2.53
C TYR B 146 -6.44 10.11 -2.41
N GLU B 147 -7.51 9.88 -1.65
CA GLU B 147 -8.57 10.88 -1.55
C GLU B 147 -8.15 12.04 -0.66
N GLY B 148 -8.57 13.23 -1.03
CA GLY B 148 -8.26 14.44 -0.30
C GLY B 148 -8.15 15.61 -1.26
N ALA B 149 -8.55 16.79 -0.77
CA ALA B 149 -8.50 17.99 -1.61
C ALA B 149 -7.07 18.40 -1.91
N ALA B 150 -6.18 18.29 -0.92
CA ALA B 150 -4.79 18.69 -1.12
C ALA B 150 -4.10 17.79 -2.15
N ASN B 151 -4.33 16.49 -2.07
CA ASN B 151 -3.73 15.53 -3.00
C ASN B 151 -4.73 15.24 -4.11
N MET B 152 -4.87 16.20 -5.01
CA MET B 152 -5.84 16.11 -6.10
C MET B 152 -5.20 16.13 -7.48
N VAL B 153 -4.30 17.07 -7.74
CA VAL B 153 -3.74 17.26 -9.08
C VAL B 153 -2.27 17.61 -8.99
N PRO B 154 -1.50 17.29 -10.02
CA PRO B 154 -0.11 17.73 -10.07
C PRO B 154 -0.02 19.24 -10.18
N LYS B 155 1.04 19.80 -9.61
CA LYS B 155 1.22 21.25 -9.53
C LYS B 155 2.53 21.64 -10.22
N ALA B 156 2.74 22.96 -10.30
CA ALA B 156 3.95 23.52 -10.89
C ALA B 156 4.16 24.91 -10.30
N PHE B 157 5.38 25.43 -10.48
CA PHE B 157 5.74 26.72 -9.90
C PHE B 157 6.67 27.47 -10.85
N GLN B 158 6.64 28.80 -10.73
CA GLN B 158 7.50 29.68 -11.50
C GLN B 158 7.91 30.85 -10.63
N LEU B 159 9.18 31.26 -10.74
CA LEU B 159 9.68 32.46 -10.09
C LEU B 159 10.50 33.22 -11.12
N LEU B 160 9.98 34.35 -11.58
CA LEU B 160 10.56 35.06 -12.71
C LEU B 160 10.83 36.50 -12.33
N VAL B 161 12.04 36.97 -12.61
CA VAL B 161 12.44 38.35 -12.35
C VAL B 161 12.78 39.01 -13.68
N SER B 162 12.24 40.21 -13.90
CA SER B 162 12.52 40.93 -15.13
C SER B 162 13.98 41.35 -15.19
N ASP B 163 14.38 41.87 -16.35
CA ASP B 163 15.78 42.23 -16.63
C ASP B 163 16.70 41.03 -16.45
N THR B 164 16.25 39.87 -16.91
CA THR B 164 17.03 38.64 -16.82
C THR B 164 17.37 38.15 -18.22
N ALA B 165 18.36 37.26 -18.29
CA ALA B 165 18.76 36.63 -19.54
C ALA B 165 19.51 35.34 -19.24
N PRO B 166 18.84 34.31 -18.71
CA PRO B 166 19.54 33.06 -18.35
C PRO B 166 19.72 32.13 -19.54
N ASP B 167 20.43 32.63 -20.56
CA ASP B 167 20.66 31.84 -21.75
C ASP B 167 21.89 32.38 -22.47
N VAL B 168 22.46 31.54 -23.33
CA VAL B 168 23.62 31.90 -24.15
C VAL B 168 23.30 31.56 -25.59
N VAL B 169 23.85 32.35 -26.51
CA VAL B 169 23.55 32.25 -27.94
C VAL B 169 24.80 31.77 -28.66
N VAL B 170 24.64 30.76 -29.52
CA VAL B 170 25.73 30.26 -30.34
C VAL B 170 25.99 31.21 -31.49
N SER B 171 27.27 31.46 -31.79
CA SER B 171 27.64 32.26 -32.94
C SER B 171 29.00 31.80 -33.44
N ARG B 172 29.34 32.21 -34.67
CA ARG B 172 30.64 31.90 -35.24
C ARG B 172 31.17 33.12 -35.95
N VAL B 173 32.50 33.26 -35.96
CA VAL B 173 33.18 34.40 -36.55
C VAL B 173 34.31 33.91 -37.44
N ASN B 174 34.80 34.80 -38.29
CA ASN B 174 35.89 34.51 -39.21
C ASN B 174 37.19 35.03 -38.61
N THR B 175 38.05 34.11 -38.18
CA THR B 175 39.34 34.44 -37.56
C THR B 175 40.44 34.03 -38.54
N THR B 176 40.78 34.93 -39.45
CA THR B 176 41.80 34.68 -40.46
C THR B 176 43.15 35.31 -40.13
N ALA B 177 43.29 35.87 -38.93
CA ALA B 177 44.53 36.54 -38.52
C ALA B 177 45.26 35.79 -37.41
N PHE B 178 44.89 34.54 -37.15
CA PHE B 178 45.53 33.75 -36.10
C PHE B 178 46.48 32.75 -36.72
N PRO B 179 47.78 32.85 -36.48
CA PRO B 179 48.72 31.82 -36.98
C PRO B 179 48.50 30.51 -36.25
N GLY B 180 48.08 29.49 -37.00
CA GLY B 180 47.76 28.20 -36.42
C GLY B 180 46.27 27.96 -36.35
N PHE B 181 45.79 26.97 -37.10
CA PHE B 181 44.37 26.64 -37.22
C PHE B 181 43.55 27.87 -37.57
N PRO B 182 43.71 28.42 -38.79
CA PRO B 182 42.94 29.59 -39.19
C PRO B 182 41.58 29.28 -39.81
N SER B 183 41.23 28.01 -39.92
CA SER B 183 39.93 27.64 -40.49
C SER B 183 38.81 28.05 -39.55
N ASN B 184 37.73 28.60 -40.13
CA ASN B 184 36.59 29.05 -39.35
C ASN B 184 35.61 27.94 -39.02
N THR B 185 35.80 26.74 -39.58
CA THR B 185 34.90 25.64 -39.28
C THR B 185 34.95 25.25 -37.81
N GLU B 186 36.16 25.23 -37.23
CA GLU B 186 36.36 24.88 -35.83
C GLU B 186 36.28 26.09 -34.91
N CYS B 187 35.58 27.15 -35.31
CA CYS B 187 35.45 28.37 -34.52
C CYS B 187 34.07 28.42 -33.90
N TYR B 188 34.02 28.66 -32.59
CA TYR B 188 32.76 28.74 -31.85
C TYR B 188 32.85 29.90 -30.87
N THR B 189 31.76 30.66 -30.76
CA THR B 189 31.72 31.85 -29.92
C THR B 189 30.36 31.98 -29.25
N LEU B 190 30.35 32.70 -28.14
CA LEU B 190 29.16 32.90 -27.33
C LEU B 190 28.68 34.34 -27.45
N GLY B 191 27.37 34.53 -27.32
CA GLY B 191 26.79 35.85 -27.41
C GLY B 191 25.56 35.97 -26.52
N ALA B 192 25.15 37.22 -26.31
CA ALA B 192 24.03 37.52 -25.42
C ALA B 192 22.71 37.35 -26.16
N SER B 193 21.61 37.58 -25.44
CA SER B 193 20.27 37.44 -25.97
C SER B 193 19.39 38.56 -25.43
N GLU B 194 18.10 38.51 -25.79
CA GLU B 194 17.14 39.51 -25.36
C GLU B 194 16.58 39.10 -24.01
N LYS B 195 15.80 39.97 -23.36
CA LYS B 195 15.34 39.75 -22.00
C LYS B 195 13.97 39.07 -21.93
N ASP B 196 13.00 39.54 -22.71
CA ASP B 196 11.63 39.06 -22.54
C ASP B 196 11.38 37.72 -23.20
N VAL B 197 12.15 37.39 -24.25
CA VAL B 197 11.83 36.22 -25.06
C VAL B 197 11.96 34.94 -24.24
N ALA B 198 13.03 34.81 -23.45
CA ALA B 198 13.22 33.61 -22.65
C ALA B 198 12.10 33.44 -21.62
N ILE B 199 11.76 34.53 -20.93
CA ILE B 199 10.70 34.47 -19.92
C ILE B 199 9.38 34.06 -20.56
N ARG B 200 9.04 34.69 -21.68
CA ARG B 200 7.78 34.39 -22.35
C ARG B 200 7.74 32.95 -22.86
N SER B 201 8.86 32.47 -23.42
CA SER B 201 8.89 31.10 -23.94
C SER B 201 8.72 30.09 -22.82
N ARG B 202 9.44 30.29 -21.70
CA ARG B 202 9.32 29.37 -20.57
C ARG B 202 7.90 29.37 -20.01
N TYR B 203 7.33 30.57 -19.85
CA TYR B 203 5.97 30.67 -19.32
C TYR B 203 4.97 29.98 -20.24
N SER B 204 5.09 30.21 -21.55
CA SER B 204 4.15 29.60 -22.49
C SER B 204 4.28 28.09 -22.50
N LYS B 205 5.52 27.57 -22.45
CA LYS B 205 5.71 26.12 -22.45
C LYS B 205 5.09 25.50 -21.20
N VAL B 206 5.33 26.10 -20.04
CA VAL B 206 4.79 25.53 -18.80
C VAL B 206 3.27 25.63 -18.80
N LEU B 207 2.71 26.74 -19.29
CA LEU B 207 1.27 26.87 -19.39
C LEU B 207 0.68 25.81 -20.30
N GLN B 208 1.31 25.57 -21.46
CA GLN B 208 0.80 24.55 -22.37
C GLN B 208 0.81 23.18 -21.73
N TRP B 209 1.91 22.83 -21.05
CA TRP B 209 1.98 21.52 -20.41
C TRP B 209 0.91 21.38 -19.32
N CYS B 210 0.75 22.41 -18.49
CA CYS B 210 -0.23 22.33 -17.41
C CYS B 210 -1.65 22.23 -17.94
N CYS B 211 -1.97 23.01 -18.97
CA CYS B 211 -3.32 22.93 -19.54
C CYS B 211 -3.56 21.58 -20.22
N LEU B 212 -2.54 21.04 -20.89
CA LEU B 212 -2.69 19.71 -21.48
C LEU B 212 -2.95 18.66 -20.41
N ASN B 213 -2.23 18.72 -19.30
CA ASN B 213 -2.47 17.78 -18.21
C ASN B 213 -3.87 17.93 -17.63
N MET B 214 -4.30 19.17 -17.39
CA MET B 214 -5.61 19.40 -16.82
C MET B 214 -6.72 18.88 -17.74
N SER B 215 -6.60 19.12 -19.05
CA SER B 215 -7.56 18.58 -19.99
C SER B 215 -7.48 17.07 -20.08
N ASN B 216 -6.29 16.49 -19.84
CA ASN B 216 -6.15 15.04 -19.82
C ASN B 216 -6.83 14.42 -18.61
N LEU B 217 -6.95 15.16 -17.51
CA LEU B 217 -7.59 14.65 -16.31
C LEU B 217 -9.10 14.94 -16.26
N GLN B 218 -9.67 15.41 -17.36
CA GLN B 218 -11.11 15.70 -17.46
C GLN B 218 -11.55 16.70 -16.39
N MET B 219 -11.01 17.91 -16.49
CA MET B 219 -11.31 18.98 -15.54
C MET B 219 -11.43 20.29 -16.31
N ASP B 220 -12.01 21.29 -15.64
CA ASP B 220 -12.14 22.63 -16.20
C ASP B 220 -11.39 23.62 -15.33
N GLY B 221 -10.95 24.72 -15.94
CA GLY B 221 -10.17 25.71 -15.22
C GLY B 221 -10.18 27.05 -15.95
N GLU B 222 -9.72 28.07 -15.23
CA GLU B 222 -9.72 29.43 -15.75
C GLU B 222 -8.38 30.09 -15.46
N LEU B 223 -8.00 31.02 -16.34
CA LEU B 223 -6.79 31.81 -16.17
C LEU B 223 -7.10 33.04 -15.33
N TYR B 224 -6.12 33.51 -14.56
CA TYR B 224 -6.31 34.63 -13.66
C TYR B 224 -5.07 35.52 -13.68
N VAL B 225 -5.31 36.83 -13.64
CA VAL B 225 -4.24 37.84 -13.62
C VAL B 225 -4.57 38.85 -12.54
N ASP B 226 -3.61 39.11 -11.66
CA ASP B 226 -3.84 39.96 -10.49
C ASP B 226 -2.65 40.88 -10.27
N PHE B 227 -2.94 42.07 -9.74
CA PHE B 227 -1.94 43.10 -9.51
C PHE B 227 -1.77 43.34 -8.01
N GLY B 228 -0.52 43.49 -7.57
CA GLY B 228 -0.22 43.70 -6.17
C GLY B 228 1.26 43.81 -5.89
N LYS B 229 1.72 43.15 -4.84
CA LYS B 229 3.14 43.18 -4.47
C LYS B 229 3.51 41.85 -3.83
N LEU B 230 4.81 41.55 -3.85
CA LEU B 230 5.35 40.33 -3.26
C LEU B 230 6.24 40.68 -2.08
N LEU B 231 6.04 39.97 -0.96
CA LEU B 231 6.83 40.15 0.24
C LEU B 231 7.29 38.79 0.74
N LEU B 232 8.55 38.71 1.16
CA LEU B 232 9.16 37.47 1.57
C LEU B 232 9.62 37.55 3.02
N LYS B 233 9.41 36.47 3.77
CA LYS B 233 9.90 36.39 5.14
C LYS B 233 11.42 36.30 5.14
N PRO B 234 12.07 36.72 6.24
CA PRO B 234 13.52 36.61 6.32
C PRO B 234 14.06 35.18 6.32
N SER B 235 13.19 34.17 6.24
CA SER B 235 13.66 32.79 6.20
C SER B 235 14.45 32.50 4.92
N VAL B 236 14.02 33.06 3.79
CA VAL B 236 14.69 32.78 2.53
C VAL B 236 16.13 33.29 2.53
N MET B 237 16.34 34.49 3.07
CA MET B 237 17.68 35.03 3.19
C MET B 237 18.47 34.25 4.23
N ARG B 238 19.76 34.07 3.98
CA ARG B 238 20.61 33.28 4.87
C ARG B 238 22.06 33.75 4.75
N LYS B 239 22.71 33.86 5.91
CA LYS B 239 24.15 34.15 5.98
C LYS B 239 24.52 35.46 5.29
N ASN B 240 23.61 36.43 5.31
CA ASN B 240 23.85 37.77 4.79
C ASN B 240 24.34 37.73 3.34
N ARG B 241 23.72 36.87 2.54
CA ARG B 241 24.02 36.79 1.11
C ARG B 241 23.01 37.63 0.34
N ARG B 242 23.48 38.29 -0.72
CA ARG B 242 22.64 39.16 -1.53
C ARG B 242 22.54 38.73 -2.99
N ILE B 243 23.32 37.75 -3.43
CA ILE B 243 23.25 37.23 -4.79
C ILE B 243 22.97 35.73 -4.69
N VAL B 244 21.81 35.31 -5.18
CA VAL B 244 21.37 33.92 -5.09
C VAL B 244 20.96 33.45 -6.47
N SER B 245 21.27 32.19 -6.78
CA SER B 245 20.82 31.60 -8.03
C SER B 245 19.31 31.57 -8.10
N SER B 246 18.77 31.80 -9.30
CA SER B 246 17.33 31.76 -9.48
C SER B 246 16.77 30.38 -9.18
N TYR B 247 17.47 29.33 -9.61
CA TYR B 247 17.04 27.98 -9.29
C TYR B 247 17.02 27.74 -7.79
N THR B 248 18.04 28.23 -7.07
CA THR B 248 18.08 28.04 -5.62
C THR B 248 16.91 28.75 -4.94
N LEU B 249 16.61 29.98 -5.36
CA LEU B 249 15.48 30.71 -4.78
C LEU B 249 14.16 30.00 -5.08
N GLN B 250 13.99 29.55 -6.32
CA GLN B 250 12.75 28.86 -6.69
C GLN B 250 12.59 27.58 -5.90
N GLN B 251 13.68 26.86 -5.65
CA GLN B 251 13.61 25.64 -4.87
C GLN B 251 13.42 25.92 -3.38
N ARG B 252 13.92 27.06 -2.90
CA ARG B 252 13.79 27.40 -1.48
C ARG B 252 12.38 27.89 -1.16
N LEU B 253 11.69 28.50 -2.11
CA LEU B 253 10.34 28.99 -1.88
C LEU B 253 9.28 27.92 -2.13
N GLN B 254 9.63 26.65 -1.98
CA GLN B 254 8.71 25.55 -2.25
C GLN B 254 8.54 24.59 -1.08
N VAL B 255 9.11 24.91 0.09
CA VAL B 255 9.08 24.00 1.23
C VAL B 255 8.11 24.47 2.31
N ASN B 256 8.13 25.77 2.64
CA ASN B 256 7.27 26.31 3.69
C ASN B 256 6.35 27.40 3.20
N HIS B 257 6.41 27.77 1.91
CA HIS B 257 5.66 28.87 1.36
C HIS B 257 5.82 30.16 2.18
N PRO B 258 7.02 30.74 2.22
CA PRO B 258 7.22 31.96 3.00
C PRO B 258 6.82 33.24 2.28
N TYR B 259 6.19 33.16 1.12
CA TYR B 259 5.72 34.35 0.45
C TYR B 259 4.46 34.88 1.12
N THR B 260 4.31 36.20 1.11
CA THR B 260 3.22 36.89 1.80
C THR B 260 2.56 37.89 0.86
N TRP B 261 2.19 37.41 -0.32
CA TRP B 261 1.54 38.25 -1.33
C TRP B 261 0.29 38.92 -0.75
N VAL B 262 0.18 40.23 -0.98
CA VAL B 262 -0.98 41.02 -0.58
C VAL B 262 -1.47 41.82 -1.78
N PRO B 263 -2.66 41.54 -2.32
CA PRO B 263 -3.11 42.25 -3.53
C PRO B 263 -3.57 43.65 -3.19
N THR B 264 -3.07 44.63 -3.93
CA THR B 264 -3.43 46.03 -3.72
C THR B 264 -3.09 46.83 -4.96
N LEU B 265 -3.67 48.02 -5.04
CA LEU B 265 -3.40 48.98 -6.11
C LEU B 265 -3.94 50.34 -5.72
N PRO B 266 -3.13 51.40 -5.81
CA PRO B 266 -3.61 52.73 -5.44
C PRO B 266 -4.79 53.16 -6.31
N GLU B 267 -5.77 53.80 -5.68
CA GLU B 267 -7.02 54.13 -6.36
C GLU B 267 -6.96 55.42 -7.17
N SER B 268 -5.91 56.23 -7.01
CA SER B 268 -5.82 57.50 -7.72
C SER B 268 -5.19 57.33 -9.11
N CYS B 269 -5.74 56.39 -9.88
CA CYS B 269 -5.31 56.21 -11.26
C CYS B 269 -6.47 55.93 -12.21
N LEU B 270 -7.71 55.88 -11.72
CA LEU B 270 -8.84 55.50 -12.57
C LEU B 270 -9.07 56.49 -13.70
N SER B 271 -8.61 57.74 -13.54
CA SER B 271 -8.72 58.70 -14.62
C SER B 271 -7.93 58.26 -15.84
N LYS B 272 -6.71 57.75 -15.63
CA LYS B 272 -5.90 57.22 -16.73
C LYS B 272 -6.07 55.73 -16.94
N ILE B 273 -6.77 55.03 -16.04
CA ILE B 273 -7.05 53.61 -16.27
C ILE B 273 -7.95 53.43 -17.48
N GLN B 274 -9.00 54.23 -17.58
CA GLN B 274 -9.84 54.19 -18.77
C GLN B 274 -9.08 54.63 -20.02
N GLU B 275 -8.03 55.43 -19.85
CA GLU B 275 -7.18 55.86 -20.96
C GLU B 275 -6.01 54.90 -21.14
N GLN B 276 -6.33 53.61 -21.25
CA GLN B 276 -5.33 52.58 -21.50
C GLN B 276 -5.64 51.80 -22.77
N PHE B 277 -6.42 52.41 -23.67
CA PHE B 277 -6.93 51.77 -24.88
C PHE B 277 -7.94 50.66 -24.53
N LEU B 278 -8.78 50.92 -23.54
CA LEU B 278 -9.84 49.98 -23.18
C LEU B 278 -10.79 49.76 -24.34
N GLN B 279 -11.42 50.83 -24.82
CA GLN B 279 -12.33 50.76 -25.95
C GLN B 279 -11.63 50.33 -27.24
N PRO B 280 -10.46 50.88 -27.59
CA PRO B 280 -9.78 50.40 -28.81
C PRO B 280 -9.50 48.91 -28.81
N GLU B 281 -9.14 48.32 -27.65
CA GLU B 281 -8.92 46.88 -27.61
C GLU B 281 -10.23 46.12 -27.67
N GLY B 282 -11.27 46.64 -27.02
CA GLY B 282 -12.56 45.98 -27.00
C GLY B 282 -13.18 45.94 -25.63
N PHE B 283 -12.44 46.40 -24.62
CA PHE B 283 -12.98 46.46 -23.27
C PHE B 283 -14.11 47.50 -23.21
N ALA B 284 -15.28 47.07 -22.78
CA ALA B 284 -16.45 47.91 -22.69
C ALA B 284 -17.15 47.67 -21.36
N PRO B 285 -17.80 48.69 -20.80
CA PRO B 285 -18.51 48.52 -19.52
C PRO B 285 -19.89 47.93 -19.75
N ILE B 286 -20.09 46.71 -19.27
CA ILE B 286 -21.34 45.99 -19.43
C ILE B 286 -21.92 45.70 -18.05
N GLY B 287 -23.21 45.38 -18.03
CA GLY B 287 -23.88 45.10 -16.78
C GLY B 287 -24.13 46.38 -15.98
N LYS B 288 -24.37 46.18 -14.68
CA LYS B 288 -24.63 47.26 -13.75
C LYS B 288 -23.45 47.41 -12.82
N GLY B 289 -22.97 48.65 -12.65
CA GLY B 289 -21.83 48.91 -11.82
C GLY B 289 -22.19 49.04 -10.35
N VAL B 290 -21.18 49.43 -9.56
CA VAL B 290 -21.23 49.60 -8.11
C VAL B 290 -22.18 48.61 -7.43
N GLN B 291 -22.10 47.34 -7.83
CA GLN B 291 -22.91 46.31 -7.20
C GLN B 291 -22.39 45.99 -5.81
N LEU B 292 -23.29 45.86 -4.85
CA LEU B 292 -22.95 45.56 -3.47
C LEU B 292 -23.13 44.07 -3.22
N THR B 293 -22.13 43.44 -2.61
CA THR B 293 -22.23 42.02 -2.30
C THR B 293 -21.32 41.69 -1.12
N TYR B 294 -21.42 40.45 -0.65
CA TYR B 294 -20.59 39.95 0.43
C TYR B 294 -19.90 38.67 -0.01
N SER B 295 -18.66 38.49 0.43
CA SER B 295 -17.93 37.26 0.16
C SER B 295 -17.45 36.67 1.47
N GLY B 296 -17.76 35.39 1.70
CA GLY B 296 -17.40 34.75 2.95
C GLY B 296 -16.89 33.34 2.69
N THR B 297 -16.24 32.79 3.72
CA THR B 297 -15.71 31.45 3.64
C THR B 297 -16.08 30.65 4.88
N ILE B 298 -16.27 29.34 4.69
CA ILE B 298 -16.69 28.42 5.73
C ILE B 298 -15.63 27.33 5.84
N LYS B 299 -15.23 27.02 7.08
CA LYS B 299 -14.27 25.95 7.34
C LYS B 299 -15.04 24.74 7.86
N ARG B 300 -15.26 23.76 6.98
CA ARG B 300 -16.01 22.56 7.34
C ARG B 300 -15.10 21.58 8.08
N SER B 301 -15.57 20.35 8.26
CA SER B 301 -14.78 19.36 8.98
C SER B 301 -13.59 18.89 8.15
N LYS B 302 -13.74 18.80 6.83
CA LYS B 302 -12.70 18.28 5.96
C LYS B 302 -12.17 19.29 4.96
N ASP B 303 -13.01 20.16 4.42
CA ASP B 303 -12.59 21.09 3.39
C ASP B 303 -13.02 22.52 3.70
N GLN B 304 -12.87 23.41 2.73
CA GLN B 304 -13.31 24.79 2.85
C GLN B 304 -14.30 25.11 1.73
N LEU B 305 -15.24 26.00 2.03
CA LEU B 305 -16.26 26.41 1.08
C LEU B 305 -16.31 27.92 0.99
N HIS B 306 -16.76 28.43 -0.14
CA HIS B 306 -16.87 29.87 -0.37
C HIS B 306 -18.32 30.21 -0.72
N VAL B 307 -18.82 31.29 -0.12
CA VAL B 307 -20.20 31.70 -0.27
C VAL B 307 -20.27 33.14 -0.73
N ASP B 308 -21.13 33.42 -1.70
CA ASP B 308 -21.39 34.77 -2.20
C ASP B 308 -22.77 35.14 -1.67
N LEU B 309 -22.83 36.22 -0.90
CA LEU B 309 -24.10 36.68 -0.33
C LEU B 309 -24.56 37.96 -1.02
N ASP B 310 -25.87 38.06 -1.25
CA ASP B 310 -26.42 39.24 -1.86
C ASP B 310 -26.42 40.41 -0.87
N ASN B 311 -26.78 41.59 -1.36
CA ASN B 311 -26.90 42.75 -0.50
C ASN B 311 -27.96 42.54 0.57
N LYS B 312 -29.03 41.82 0.24
CA LYS B 312 -30.07 41.52 1.22
C LYS B 312 -29.55 40.57 2.30
N GLY B 313 -28.85 39.52 1.90
CA GLY B 313 -28.36 38.53 2.83
C GLY B 313 -28.53 37.11 2.34
N LYS B 314 -29.24 36.95 1.22
CA LYS B 314 -29.41 35.64 0.63
C LYS B 314 -28.12 35.18 -0.04
N VAL B 315 -27.82 33.89 0.10
CA VAL B 315 -26.62 33.30 -0.50
C VAL B 315 -26.86 33.21 -2.00
N LEU B 316 -25.85 33.61 -2.77
CA LEU B 316 -25.97 33.56 -4.23
C LEU B 316 -25.37 32.27 -4.78
N ALA B 317 -24.12 31.98 -4.41
CA ALA B 317 -23.44 30.78 -4.88
C ALA B 317 -22.61 30.20 -3.75
N VAL B 318 -22.51 28.87 -3.73
CA VAL B 318 -21.76 28.13 -2.72
C VAL B 318 -20.82 27.20 -3.49
N ASN B 319 -19.56 27.58 -3.59
CA ASN B 319 -18.57 26.81 -4.33
C ASN B 319 -17.52 26.26 -3.37
N SER B 320 -16.59 25.49 -3.93
CA SER B 320 -15.51 24.88 -3.15
C SER B 320 -14.25 25.74 -3.20
N ALA B 321 -13.29 25.40 -2.35
CA ALA B 321 -12.05 26.15 -2.28
C ALA B 321 -11.26 26.00 -3.57
N TRP B 322 -10.56 27.07 -3.95
CA TRP B 322 -9.79 27.07 -5.19
C TRP B 322 -8.49 26.31 -5.03
N VAL B 323 -8.08 25.63 -6.10
CA VAL B 323 -6.79 24.96 -6.19
C VAL B 323 -6.04 25.54 -7.38
N ASN B 324 -4.78 25.91 -7.15
CA ASN B 324 -3.95 26.54 -8.18
C ASN B 324 -3.06 25.48 -8.82
N LEU B 325 -3.21 25.30 -10.13
CA LEU B 325 -2.41 24.32 -10.87
C LEU B 325 -1.08 24.91 -11.32
N GLN B 326 -1.13 25.98 -12.10
CA GLN B 326 0.07 26.69 -12.55
C GLN B 326 0.19 28.00 -11.80
N THR B 327 1.34 28.20 -11.17
CA THR B 327 1.66 29.43 -10.45
C THR B 327 2.79 30.14 -11.17
N ALA B 328 2.61 31.44 -11.43
CA ALA B 328 3.65 32.27 -12.03
C ALA B 328 3.72 33.56 -11.24
N TRP B 329 4.94 33.97 -10.89
CA TRP B 329 5.17 35.12 -10.02
C TRP B 329 6.13 36.10 -10.68
N CYS B 330 5.84 36.46 -11.93
CA CYS B 330 6.72 37.34 -12.68
C CYS B 330 6.81 38.72 -12.01
N THR B 331 7.93 38.99 -11.36
CA THR B 331 8.10 40.26 -10.67
C THR B 331 8.33 41.38 -11.68
N HIS B 332 8.60 42.58 -11.17
CA HIS B 332 8.68 43.76 -12.02
C HIS B 332 9.62 44.77 -11.39
N ALA B 333 9.66 45.96 -11.98
CA ALA B 333 10.45 47.08 -11.49
C ALA B 333 9.72 47.79 -10.35
N LYS B 334 10.13 49.02 -10.04
CA LYS B 334 9.52 49.78 -8.96
C LYS B 334 7.99 49.80 -9.00
N GLY B 335 7.38 49.55 -10.16
CA GLY B 335 5.95 49.46 -10.26
C GLY B 335 5.41 48.15 -9.72
N PRO B 336 4.13 47.89 -9.94
CA PRO B 336 3.53 46.64 -9.46
C PRO B 336 4.00 45.44 -10.28
N ASP B 337 3.93 44.27 -9.68
CA ASP B 337 4.28 43.02 -10.32
C ASP B 337 3.04 42.14 -10.49
N VAL B 338 3.08 41.27 -11.49
CA VAL B 338 1.94 40.49 -11.91
C VAL B 338 2.19 39.02 -11.58
N ARG B 339 1.13 38.30 -11.20
CA ARG B 339 1.22 36.95 -10.65
C ARG B 339 0.26 36.01 -11.36
N LEU B 340 0.37 35.96 -12.70
CA LEU B 340 -0.44 35.07 -13.54
C LEU B 340 -0.61 33.69 -12.91
N LEU B 341 -1.85 33.17 -12.99
CA LEU B 341 -2.23 31.93 -12.33
C LEU B 341 -3.19 31.15 -13.21
N LEU B 342 -3.23 29.83 -12.98
CA LEU B 342 -4.24 28.97 -13.57
C LEU B 342 -4.95 28.23 -12.45
N ARG B 343 -6.29 28.17 -12.53
CA ARG B 343 -7.09 27.66 -11.43
C ARG B 343 -8.06 26.60 -11.92
N SER B 344 -8.47 25.73 -10.99
CA SER B 344 -9.50 24.73 -11.23
C SER B 344 -10.41 24.69 -10.02
N ARG B 345 -11.67 24.28 -10.25
CA ARG B 345 -12.67 24.26 -9.19
C ARG B 345 -13.06 22.82 -8.88
N PRO B 346 -12.83 22.34 -7.66
CA PRO B 346 -13.17 20.96 -7.32
C PRO B 346 -14.67 20.75 -7.27
N PRO B 347 -15.14 19.52 -7.38
CA PRO B 347 -16.58 19.25 -7.27
C PRO B 347 -17.08 19.39 -5.84
N ILE B 348 -18.40 19.46 -5.71
CA ILE B 348 -19.03 19.61 -4.40
C ILE B 348 -20.38 18.89 -4.44
N ARG B 349 -20.69 18.19 -3.36
CA ARG B 349 -21.99 17.53 -3.23
C ARG B 349 -23.09 18.58 -3.28
N ARG B 350 -24.08 18.38 -4.16
CA ARG B 350 -25.17 19.35 -4.21
C ARG B 350 -26.09 19.21 -2.99
N GLN B 351 -25.97 18.13 -2.23
CA GLN B 351 -26.67 18.09 -0.95
C GLN B 351 -26.16 19.19 -0.02
N ASP B 352 -24.85 19.38 0.02
CA ASP B 352 -24.28 20.47 0.80
C ASP B 352 -24.60 21.82 0.18
N VAL B 353 -24.71 21.88 -1.15
CA VAL B 353 -25.09 23.13 -1.82
C VAL B 353 -26.50 23.54 -1.40
N GLU B 354 -27.43 22.58 -1.40
CA GLU B 354 -28.80 22.88 -1.00
C GLU B 354 -28.89 23.17 0.50
N LEU B 355 -28.09 22.45 1.30
CA LEU B 355 -28.15 22.64 2.74
C LEU B 355 -27.77 24.05 3.15
N PHE B 356 -26.71 24.61 2.54
CA PHE B 356 -26.31 25.97 2.86
C PHE B 356 -27.13 26.98 2.06
N ALA B 357 -28.45 26.81 2.06
CA ALA B 357 -29.37 27.78 1.48
C ALA B 357 -30.58 28.07 2.35
N SER B 358 -30.95 27.17 3.27
CA SER B 358 -32.06 27.40 4.18
C SER B 358 -31.58 27.94 5.52
N THR B 359 -30.52 27.37 6.07
CA THR B 359 -29.96 27.86 7.32
C THR B 359 -29.34 29.23 7.11
N PRO B 360 -29.75 30.26 7.84
CA PRO B 360 -29.15 31.58 7.65
C PRO B 360 -27.67 31.58 8.04
N ILE B 361 -26.89 32.35 7.29
CA ILE B 361 -25.46 32.47 7.54
C ILE B 361 -25.13 33.79 8.23
N ILE B 362 -25.70 34.89 7.73
CA ILE B 362 -25.53 36.22 8.31
C ILE B 362 -26.89 36.85 8.54
N LYS B 363 -26.92 37.78 9.51
CA LYS B 363 -28.08 38.62 9.78
C LYS B 363 -27.63 40.07 9.68
N LEU B 364 -28.35 40.85 8.89
CA LEU B 364 -27.95 42.21 8.54
C LEU B 364 -28.86 43.19 9.29
N ALA B 365 -28.29 43.85 10.31
CA ALA B 365 -29.02 44.86 11.06
C ALA B 365 -28.96 46.19 10.31
N ASP B 366 -29.34 47.28 10.98
CA ASP B 366 -29.34 48.59 10.33
C ASP B 366 -27.93 48.99 9.90
N ASP B 367 -26.95 48.79 10.77
CA ASP B 367 -25.56 49.10 10.45
C ASP B 367 -24.65 47.88 10.59
N ASP B 368 -24.75 47.16 11.70
CA ASP B 368 -23.85 46.04 11.98
C ASP B 368 -24.37 44.75 11.34
N VAL B 369 -23.45 43.84 11.08
CA VAL B 369 -23.77 42.51 10.54
C VAL B 369 -23.28 41.47 11.54
N ALA B 370 -24.06 40.40 11.70
CA ALA B 370 -23.76 39.37 12.67
C ALA B 370 -23.80 38.00 12.00
N ASP B 371 -23.13 37.04 12.62
CA ASP B 371 -23.06 35.66 12.14
C ASP B 371 -24.00 34.79 12.96
N VAL B 372 -24.80 33.97 12.26
CA VAL B 372 -25.80 33.12 12.89
C VAL B 372 -25.58 31.65 12.56
N LEU B 373 -24.50 31.31 11.86
CA LEU B 373 -24.27 29.95 11.41
C LEU B 373 -24.26 28.99 12.58
N PRO B 374 -25.07 27.94 12.56
CA PRO B 374 -25.07 26.97 13.67
C PRO B 374 -23.73 26.29 13.80
N PRO B 375 -23.29 26.01 15.03
CA PRO B 375 -21.98 25.38 15.21
C PRO B 375 -21.83 24.03 14.51
N GLU B 376 -22.93 23.28 14.36
CA GLU B 376 -22.84 21.95 13.76
C GLU B 376 -22.45 22.03 12.29
N HIS B 377 -22.77 23.13 11.62
CA HIS B 377 -22.55 23.21 10.19
C HIS B 377 -21.13 23.67 9.85
N GLY B 378 -20.50 24.42 10.72
CA GLY B 378 -19.16 24.91 10.45
C GLY B 378 -18.87 26.17 11.25
N GLN B 379 -18.04 27.03 10.67
CA GLN B 379 -17.61 28.25 11.33
C GLN B 379 -17.33 29.32 10.28
N LEU B 380 -17.68 30.56 10.62
CA LEU B 380 -17.35 31.72 9.80
C LEU B 380 -15.97 32.22 10.16
N VAL B 381 -15.08 32.28 9.17
CA VAL B 381 -13.69 32.65 9.41
C VAL B 381 -13.24 33.88 8.64
N TYR B 382 -13.90 34.25 7.55
CA TYR B 382 -13.54 35.47 6.82
C TYR B 382 -14.74 35.90 5.98
N LEU B 383 -15.19 37.13 6.21
CA LEU B 383 -16.31 37.71 5.48
C LEU B 383 -16.02 39.18 5.21
N SER B 384 -16.31 39.64 3.99
CA SER B 384 -15.99 41.00 3.60
C SER B 384 -17.05 41.54 2.64
N GLU B 385 -17.09 42.86 2.57
CA GLU B 385 -18.02 43.60 1.72
C GLU B 385 -17.33 44.01 0.43
N ASP B 386 -17.99 43.77 -0.70
CA ASP B 386 -17.41 43.97 -2.03
C ASP B 386 -18.28 44.93 -2.83
N GLU B 387 -17.64 45.91 -3.45
CA GLU B 387 -18.26 46.80 -4.43
C GLU B 387 -17.66 46.46 -5.78
N THR B 388 -18.48 45.91 -6.68
CA THR B 388 -18.00 45.29 -7.90
C THR B 388 -18.53 46.01 -9.13
N ARG B 389 -17.68 46.06 -10.17
CA ARG B 389 -18.10 46.46 -11.51
C ARG B 389 -17.24 45.71 -12.52
N LEU B 390 -17.74 45.61 -13.74
CA LEU B 390 -17.20 44.70 -14.73
C LEU B 390 -17.00 45.39 -16.07
N PHE B 391 -15.98 44.93 -16.80
CA PHE B 391 -15.73 45.30 -18.19
C PHE B 391 -15.38 44.05 -18.98
N GLU B 392 -15.75 44.02 -20.26
CA GLU B 392 -15.62 42.81 -21.05
C GLU B 392 -15.01 43.11 -22.41
N ARG B 393 -14.24 42.17 -22.93
CA ARG B 393 -13.66 42.26 -24.26
C ARG B 393 -13.68 40.89 -24.93
N VAL B 394 -13.98 40.88 -26.23
CA VAL B 394 -13.83 39.69 -27.07
C VAL B 394 -13.01 40.09 -28.29
N SER B 395 -11.86 39.46 -28.47
CA SER B 395 -10.94 39.81 -29.55
C SER B 395 -11.11 38.86 -30.74
N ASP B 396 -12.33 38.88 -31.31
CA ASP B 396 -12.67 38.16 -32.55
C ASP B 396 -12.17 36.72 -32.56
N ARG B 397 -12.01 36.13 -31.38
CA ARG B 397 -11.49 34.77 -31.28
C ARG B 397 -12.27 33.89 -30.32
N GLY B 398 -13.38 34.38 -29.77
CA GLY B 398 -14.13 33.64 -28.79
C GLY B 398 -13.58 33.69 -27.38
N VAL B 399 -12.48 34.41 -27.17
CA VAL B 399 -11.88 34.57 -25.85
C VAL B 399 -12.54 35.75 -25.15
N THR B 400 -12.92 35.57 -23.89
CA THR B 400 -13.61 36.58 -23.12
C THR B 400 -12.65 37.11 -22.05
N ILE B 401 -11.99 38.22 -22.37
CA ILE B 401 -11.08 38.86 -21.42
C ILE B 401 -11.92 39.81 -20.57
N THR B 402 -12.01 39.52 -19.27
CA THR B 402 -12.88 40.24 -18.36
C THR B 402 -12.05 40.96 -17.31
N VAL B 403 -12.40 42.23 -17.07
CA VAL B 403 -11.78 43.04 -16.03
C VAL B 403 -12.80 43.26 -14.93
N ARG B 404 -12.40 43.07 -13.68
CA ARG B 404 -13.31 43.28 -12.57
C ARG B 404 -12.69 44.24 -11.55
N GLU B 405 -13.56 44.95 -10.84
CA GLU B 405 -13.15 45.90 -9.81
C GLU B 405 -13.66 45.44 -8.46
N VAL B 406 -12.78 45.43 -7.47
CA VAL B 406 -13.17 45.09 -6.11
C VAL B 406 -12.53 46.07 -5.12
N LYS B 407 -13.35 46.95 -4.54
CA LYS B 407 -12.92 47.83 -3.46
C LYS B 407 -13.40 47.24 -2.13
N ARG B 408 -12.76 46.14 -1.74
CA ARG B 408 -13.21 45.38 -0.59
C ARG B 408 -12.77 46.03 0.72
N GLN B 409 -13.69 46.03 1.69
CA GLN B 409 -13.40 46.45 3.06
C GLN B 409 -13.68 45.27 3.97
N PRO B 410 -12.66 44.60 4.51
CA PRO B 410 -12.90 43.41 5.34
C PRO B 410 -13.74 43.73 6.56
N LEU B 411 -14.61 42.79 6.93
CA LEU B 411 -15.50 42.94 8.08
C LEU B 411 -15.18 41.94 9.18
N ILE B 412 -15.20 40.64 8.87
CA ILE B 412 -14.90 39.60 9.85
C ILE B 412 -13.62 38.91 9.40
N ILE B 413 -12.57 39.00 10.22
CA ILE B 413 -11.26 38.48 9.89
C ILE B 413 -10.83 37.50 10.97
N LEU B 414 -9.91 36.61 10.57
CA LEU B 414 -9.32 35.63 11.49
C LEU B 414 -7.84 35.88 11.72
N ARG B 415 -7.05 35.96 10.65
CA ARG B 415 -5.64 36.28 10.76
C ARG B 415 -5.45 37.79 10.92
N ASP B 416 -4.20 38.19 11.12
CA ASP B 416 -3.91 39.57 11.48
C ASP B 416 -3.58 40.46 10.29
N GLU B 417 -3.02 39.92 9.22
CA GLU B 417 -2.52 40.75 8.13
C GLU B 417 -3.56 40.97 7.04
N GLU B 418 -4.79 41.32 7.45
CA GLU B 418 -5.78 41.73 6.46
C GLU B 418 -6.67 42.88 6.95
N GLU B 419 -6.23 43.66 7.93
CA GLU B 419 -7.08 44.67 8.57
C GLU B 419 -6.83 46.05 7.95
N ASP B 420 -7.28 46.20 6.71
CA ASP B 420 -7.19 47.47 6.00
C ASP B 420 -8.07 47.45 4.76
N PRO B 421 -8.62 48.59 4.35
CA PRO B 421 -9.35 48.65 3.08
C PRO B 421 -8.42 48.35 1.92
N ARG B 422 -8.94 47.63 0.92
CA ARG B 422 -8.11 47.17 -0.19
C ARG B 422 -8.90 47.25 -1.48
N VAL B 423 -8.38 48.01 -2.45
CA VAL B 423 -8.93 48.06 -3.80
C VAL B 423 -7.95 47.38 -4.73
N GLU B 424 -8.45 46.42 -5.53
CA GLU B 424 -7.56 45.68 -6.39
C GLU B 424 -8.25 45.35 -7.71
N TYR B 425 -7.42 45.07 -8.71
CA TYR B 425 -7.86 44.78 -10.07
C TYR B 425 -7.74 43.28 -10.34
N SER B 426 -8.42 42.83 -11.40
CA SER B 426 -8.36 41.42 -11.75
C SER B 426 -8.76 41.24 -13.21
N LEU B 427 -8.00 40.39 -13.90
CA LEU B 427 -8.26 40.02 -15.29
C LEU B 427 -8.49 38.52 -15.36
N SER B 428 -9.40 38.11 -16.24
CA SER B 428 -9.76 36.70 -16.29
C SER B 428 -10.16 36.30 -17.70
N ALA B 429 -10.08 35.00 -17.96
CA ALA B 429 -10.52 34.40 -19.22
C ALA B 429 -11.27 33.11 -18.87
N HIS B 430 -11.56 32.30 -19.88
CA HIS B 430 -12.27 31.04 -19.68
C HIS B 430 -11.75 30.02 -20.67
N ILE B 431 -11.28 28.88 -20.15
CA ILE B 431 -10.77 27.80 -20.98
C ILE B 431 -11.50 26.51 -20.63
N PRO B 432 -12.57 26.15 -21.33
CA PRO B 432 -13.28 24.89 -21.03
C PRO B 432 -12.46 23.66 -21.37
N ALA B 433 -13.02 22.48 -21.11
CA ALA B 433 -12.29 21.24 -21.33
C ALA B 433 -12.36 20.78 -22.78
N ASN B 434 -12.04 21.67 -23.72
CA ASN B 434 -11.96 21.31 -25.12
C ASN B 434 -10.78 21.95 -25.84
N ALA B 435 -9.98 22.76 -25.15
CA ALA B 435 -8.86 23.45 -25.79
C ALA B 435 -7.71 22.52 -26.15
N ALA B 436 -7.74 21.26 -25.69
CA ALA B 436 -6.69 20.32 -26.02
C ALA B 436 -6.71 19.87 -27.48
N LYS B 437 -7.76 20.21 -28.22
CA LYS B 437 -7.88 19.76 -29.61
C LYS B 437 -8.07 20.91 -30.60
N ALA B 438 -8.77 21.97 -30.21
CA ALA B 438 -9.11 23.05 -31.14
C ALA B 438 -8.51 24.38 -30.75
N THR B 439 -8.71 24.83 -29.52
CA THR B 439 -8.32 26.18 -29.13
C THR B 439 -6.83 26.25 -28.84
N ASP B 440 -6.19 27.31 -29.34
CA ASP B 440 -4.77 27.56 -29.08
C ASP B 440 -4.64 28.18 -27.69
N VAL B 441 -4.19 27.38 -26.72
CA VAL B 441 -4.16 27.84 -25.33
C VAL B 441 -3.09 28.90 -25.14
N ARG B 442 -1.91 28.71 -25.72
CA ARG B 442 -0.79 29.60 -25.45
C ARG B 442 -1.05 31.03 -25.93
N ALA B 443 -1.91 31.19 -26.94
CA ALA B 443 -2.20 32.53 -27.44
C ALA B 443 -2.87 33.39 -26.37
N VAL B 444 -3.79 32.82 -25.60
CA VAL B 444 -4.47 33.57 -24.56
C VAL B 444 -3.49 34.01 -23.48
N GLY B 445 -2.60 33.10 -23.07
CA GLY B 445 -1.60 33.46 -22.07
C GLY B 445 -0.64 34.53 -22.57
N LEU B 446 -0.21 34.42 -23.83
CA LEU B 446 0.67 35.44 -24.39
C LEU B 446 -0.02 36.79 -24.44
N THR B 447 -1.29 36.81 -24.87
CA THR B 447 -2.03 38.07 -24.92
C THR B 447 -2.19 38.68 -23.52
N ALA B 448 -2.53 37.84 -22.54
CA ALA B 448 -2.70 38.34 -21.18
C ALA B 448 -1.40 38.92 -20.63
N PHE B 449 -0.29 38.21 -20.84
CA PHE B 449 1.00 38.71 -20.37
C PHE B 449 1.38 40.00 -21.09
N GLU B 450 1.09 40.09 -22.39
CA GLU B 450 1.42 41.31 -23.13
C GLU B 450 0.61 42.50 -22.63
N LEU B 451 -0.69 42.32 -22.40
CA LEU B 451 -1.53 43.45 -22.01
C LEU B 451 -1.49 43.74 -20.51
N ALA B 452 -0.92 42.84 -19.70
CA ALA B 452 -0.71 43.18 -18.30
C ALA B 452 0.48 44.12 -18.11
N GLY B 453 1.49 44.00 -18.96
CA GLY B 453 2.64 44.89 -18.86
C GLY B 453 2.30 46.33 -19.12
N ARG B 454 1.35 46.59 -20.02
CA ARG B 454 0.89 47.96 -20.27
C ARG B 454 0.32 48.59 -18.99
N LEU B 455 -0.63 47.90 -18.37
CA LEU B 455 -1.26 48.43 -17.16
C LEU B 455 -0.26 48.48 -16.00
N ALA B 456 0.73 47.59 -16.00
CA ALA B 456 1.81 47.70 -15.03
C ALA B 456 2.62 48.98 -15.25
N GLY B 457 2.92 49.30 -16.51
CA GLY B 457 3.70 50.50 -16.79
C GLY B 457 2.96 51.79 -16.50
N LEU B 458 1.66 51.84 -16.82
CA LEU B 458 0.91 53.08 -16.68
C LEU B 458 0.80 53.50 -15.22
N VAL B 459 0.55 52.55 -14.32
CA VAL B 459 0.31 52.88 -12.92
C VAL B 459 1.61 52.74 -12.14
N ALA B 460 2.73 52.58 -12.86
CA ALA B 460 4.01 52.43 -12.19
C ALA B 460 4.43 53.69 -11.46
N GLU B 461 4.07 54.87 -11.99
CA GLU B 461 4.52 56.13 -11.39
C GLU B 461 3.85 56.38 -10.04
N ASP B 462 2.52 56.47 -10.03
CA ASP B 462 1.80 56.76 -8.79
C ASP B 462 1.94 55.63 -7.77
N PHE B 463 2.29 54.42 -8.21
CA PHE B 463 2.52 53.32 -7.29
C PHE B 463 3.72 53.59 -6.37
N VAL B 464 4.60 54.51 -6.76
CA VAL B 464 5.76 54.86 -5.95
C VAL B 464 5.86 56.35 -5.67
N ARG B 465 5.05 57.18 -6.34
CA ARG B 465 5.20 58.63 -6.21
C ARG B 465 4.63 59.16 -4.90
N GLU B 466 3.32 59.00 -4.70
CA GLU B 466 2.66 59.55 -3.52
C GLU B 466 2.12 58.49 -2.57
N TYR B 467 1.65 57.35 -3.08
CA TYR B 467 1.34 56.18 -2.25
C TYR B 467 2.31 55.07 -2.60
N GLY B 468 2.88 54.44 -1.58
CA GLY B 468 3.80 53.34 -1.78
C GLY B 468 5.25 53.78 -1.85
N CYS B 469 6.13 52.82 -1.59
CA CYS B 469 7.57 53.05 -1.65
C CYS B 469 8.23 51.75 -2.08
N GLU B 470 8.87 51.76 -3.24
CA GLU B 470 9.54 50.59 -3.79
C GLU B 470 11.01 50.96 -4.04
N ALA B 471 11.84 50.79 -3.01
CA ALA B 471 13.26 51.12 -3.08
C ALA B 471 14.04 49.85 -3.40
N LYS B 472 14.10 49.52 -4.68
CA LYS B 472 14.83 48.35 -5.17
C LYS B 472 16.28 48.76 -5.42
N LEU B 473 17.17 48.37 -4.52
CA LEU B 473 18.58 48.69 -4.64
C LEU B 473 19.47 47.59 -4.06
N ASP C 45 -26.63 8.84 -9.57
CA ASP C 45 -26.80 9.75 -8.44
C ASP C 45 -26.50 11.20 -8.87
N PHE C 46 -25.33 11.76 -8.59
CA PHE C 46 -25.07 13.17 -8.82
C PHE C 46 -23.70 13.30 -9.46
N SER C 47 -23.20 14.54 -9.52
CA SER C 47 -22.00 14.85 -10.28
C SER C 47 -20.70 14.74 -9.49
N HIS C 48 -20.75 14.47 -8.18
CA HIS C 48 -19.52 14.45 -7.40
C HIS C 48 -18.67 13.22 -7.69
N ILE C 49 -19.28 12.14 -8.18
CA ILE C 49 -18.55 10.93 -8.50
C ILE C 49 -18.02 11.05 -9.92
N THR C 50 -16.70 11.10 -10.07
CA THR C 50 -16.05 11.32 -11.36
C THR C 50 -15.02 10.22 -11.60
N ARG C 51 -14.35 10.31 -12.75
CA ARG C 51 -13.35 9.32 -13.13
C ARG C 51 -12.18 9.31 -12.15
N ASN C 52 -11.74 10.50 -11.73
CA ASN C 52 -10.61 10.58 -10.79
C ASN C 52 -10.95 9.93 -9.46
N THR C 53 -12.17 10.17 -8.95
CA THR C 53 -12.55 9.61 -7.66
C THR C 53 -12.60 8.09 -7.72
N VAL C 54 -13.22 7.54 -8.76
CA VAL C 54 -13.32 6.09 -8.88
C VAL C 54 -11.96 5.47 -9.12
N TRP C 55 -11.10 6.15 -9.88
CA TRP C 55 -9.74 5.65 -10.10
C TRP C 55 -8.95 5.61 -8.80
N GLY C 56 -9.06 6.66 -7.98
CA GLY C 56 -8.40 6.64 -6.69
C GLY C 56 -8.91 5.54 -5.79
N LEU C 57 -10.24 5.38 -5.73
CA LEU C 57 -10.82 4.32 -4.91
C LEU C 57 -10.37 2.94 -5.39
N TRP C 58 -10.31 2.75 -6.70
CA TRP C 58 -9.85 1.48 -7.26
C TRP C 58 -8.39 1.22 -6.91
N ASN C 59 -7.55 2.26 -6.95
CA ASN C 59 -6.14 2.04 -6.65
C ASN C 59 -5.89 1.84 -5.16
N GLU C 60 -6.77 2.35 -4.30
CA GLU C 60 -6.62 2.08 -2.88
C GLU C 60 -7.39 0.84 -2.43
N GLY C 61 -8.03 0.13 -3.35
CA GLY C 61 -8.71 -1.11 -3.02
C GLY C 61 -9.84 -0.93 -2.02
N ASN C 62 -10.69 0.07 -2.25
CA ASN C 62 -11.79 0.37 -1.34
C ASN C 62 -13.07 0.67 -2.10
N LEU C 63 -13.29 -0.01 -3.23
CA LEU C 63 -14.44 0.29 -4.08
C LEU C 63 -15.76 -0.01 -3.38
N PHE C 64 -15.77 -0.93 -2.42
CA PHE C 64 -17.01 -1.30 -1.74
C PHE C 64 -17.53 -0.20 -0.83
N SER C 65 -16.76 0.85 -0.59
CA SER C 65 -17.26 1.97 0.20
C SER C 65 -18.05 2.92 -0.69
N LEU C 66 -19.02 2.39 -1.42
CA LEU C 66 -19.87 3.16 -2.31
C LEU C 66 -21.25 2.52 -2.34
N SER C 67 -22.26 3.35 -2.61
CA SER C 67 -23.63 2.88 -2.65
C SER C 67 -23.97 2.33 -4.03
N VAL C 68 -25.03 1.51 -4.07
CA VAL C 68 -25.45 0.90 -5.33
C VAL C 68 -25.82 1.94 -6.39
N PRO C 69 -26.62 2.98 -6.08
CA PRO C 69 -26.92 3.98 -7.12
C PRO C 69 -25.69 4.67 -7.68
N GLU C 70 -24.67 4.92 -6.85
CA GLU C 70 -23.45 5.54 -7.35
C GLU C 70 -22.77 4.66 -8.38
N LEU C 71 -22.64 3.37 -8.09
CA LEU C 71 -22.02 2.45 -9.03
C LEU C 71 -22.86 2.31 -10.30
N ALA C 72 -24.18 2.27 -10.15
CA ALA C 72 -25.04 2.18 -11.34
C ALA C 72 -24.88 3.41 -12.23
N PHE C 73 -24.83 4.59 -11.62
CA PHE C 73 -24.63 5.82 -12.39
C PHE C 73 -23.28 5.81 -13.08
N PHE C 74 -22.23 5.38 -12.36
CA PHE C 74 -20.90 5.33 -12.96
C PHE C 74 -20.86 4.39 -14.14
N LEU C 75 -21.49 3.23 -14.03
CA LEU C 75 -21.52 2.28 -15.14
C LEU C 75 -22.35 2.79 -16.30
N GLN C 76 -23.46 3.49 -16.01
CA GLN C 76 -24.36 3.95 -17.05
C GLN C 76 -23.86 5.19 -17.77
N GLU C 77 -22.93 5.95 -17.17
CA GLU C 77 -22.45 7.19 -17.77
C GLU C 77 -20.99 7.12 -18.20
N HIS C 78 -20.10 6.66 -17.32
CA HIS C 78 -18.68 6.66 -17.64
C HIS C 78 -18.30 5.44 -18.50
N CYS C 79 -18.59 4.24 -18.01
CA CYS C 79 -18.24 3.03 -18.76
C CYS C 79 -19.12 2.84 -19.98
N ARG C 80 -20.26 3.50 -20.05
CA ARG C 80 -21.18 3.41 -21.19
C ARG C 80 -21.62 1.98 -21.45
N VAL C 81 -22.30 1.40 -20.46
CA VAL C 81 -22.86 0.07 -20.57
C VAL C 81 -24.26 0.18 -21.17
N ALA C 82 -24.73 -0.92 -21.77
CA ALA C 82 -26.03 -0.91 -22.43
C ALA C 82 -27.15 -0.63 -21.43
N ASN C 83 -27.36 -1.52 -20.47
CA ASN C 83 -28.36 -1.32 -19.45
C ASN C 83 -28.05 -2.23 -18.26
N VAL C 84 -28.52 -1.82 -17.08
CA VAL C 84 -28.28 -2.53 -15.84
C VAL C 84 -29.61 -2.79 -15.17
N ASP C 85 -29.83 -4.04 -14.75
CA ASP C 85 -31.02 -4.39 -13.98
C ASP C 85 -30.96 -3.69 -12.63
N PRO C 86 -31.98 -2.91 -12.25
CA PRO C 86 -31.92 -2.23 -10.94
C PRO C 86 -32.22 -3.17 -9.79
N ARG C 87 -31.59 -4.34 -9.81
CA ARG C 87 -31.71 -5.33 -8.73
C ARG C 87 -30.38 -5.92 -8.30
N ALA C 88 -29.31 -5.78 -9.08
CA ALA C 88 -28.03 -6.38 -8.75
C ALA C 88 -27.48 -5.78 -7.45
N LYS C 89 -26.87 -6.65 -6.64
CA LYS C 89 -26.31 -6.23 -5.36
C LYS C 89 -24.91 -5.69 -5.58
N LYS C 90 -24.17 -5.48 -4.47
CA LYS C 90 -22.88 -4.79 -4.56
C LYS C 90 -21.85 -5.60 -5.33
N SER C 91 -21.85 -6.93 -5.17
CA SER C 91 -20.76 -7.73 -5.72
C SER C 91 -20.76 -7.72 -7.24
N ALA C 92 -21.91 -7.92 -7.87
CA ALA C 92 -21.95 -7.97 -9.33
C ALA C 92 -21.55 -6.63 -9.94
N LEU C 93 -22.06 -5.53 -9.39
CA LEU C 93 -21.71 -4.21 -9.91
C LEU C 93 -20.23 -3.91 -9.69
N VAL C 94 -19.70 -4.27 -8.52
CA VAL C 94 -18.29 -4.02 -8.25
C VAL C 94 -17.41 -4.82 -9.22
N ARG C 95 -17.76 -6.09 -9.45
CA ARG C 95 -16.99 -6.91 -10.36
C ARG C 95 -17.05 -6.36 -11.79
N GLN C 96 -18.23 -5.93 -12.22
CA GLN C 96 -18.37 -5.38 -13.57
C GLN C 96 -17.56 -4.11 -13.73
N VAL C 97 -17.66 -3.19 -12.77
CA VAL C 97 -16.89 -1.96 -12.81
C VAL C 97 -15.41 -2.26 -12.83
N GLU C 98 -14.98 -3.22 -12.01
CA GLU C 98 -13.57 -3.55 -11.90
C GLU C 98 -13.03 -4.13 -13.21
N GLU C 99 -13.78 -5.06 -13.82
CA GLU C 99 -13.36 -5.64 -15.08
C GLU C 99 -13.30 -4.59 -16.19
N ILE C 100 -14.30 -3.71 -16.24
CA ILE C 100 -14.30 -2.67 -17.27
C ILE C 100 -13.11 -1.73 -17.08
N LEU C 101 -12.82 -1.36 -15.83
CA LEU C 101 -11.70 -0.46 -15.58
C LEU C 101 -10.37 -1.11 -15.93
N SER C 102 -10.20 -2.38 -15.58
CA SER C 102 -8.93 -3.05 -15.87
C SER C 102 -8.74 -3.28 -17.36
N ALA C 103 -9.82 -3.65 -18.07
CA ALA C 103 -9.70 -3.92 -19.50
C ALA C 103 -9.30 -2.67 -20.27
N GLU C 104 -9.87 -1.52 -19.92
CA GLU C 104 -9.60 -0.28 -20.63
C GLU C 104 -8.31 0.41 -20.15
N GLN C 105 -7.62 -0.15 -19.17
CA GLN C 105 -6.36 0.39 -18.69
C GLN C 105 -5.23 -0.23 -19.51
N GLN C 106 -4.54 0.59 -20.30
CA GLN C 106 -3.49 0.11 -21.18
C GLN C 106 -2.21 0.92 -21.09
N ALA C 107 -2.15 1.90 -20.18
CA ALA C 107 -0.94 2.69 -19.98
C ALA C 107 -0.08 1.98 -18.95
N SER C 108 0.97 1.31 -19.41
CA SER C 108 1.84 0.56 -18.51
C SER C 108 2.56 1.51 -17.56
N ALA C 109 2.56 1.16 -16.27
CA ALA C 109 3.24 1.94 -15.26
C ALA C 109 4.59 1.37 -14.84
N THR C 110 4.83 0.08 -15.10
CA THR C 110 6.07 -0.55 -14.72
C THR C 110 7.19 -0.15 -15.68
N VAL C 111 8.40 -0.01 -15.13
CA VAL C 111 9.60 0.25 -15.91
C VAL C 111 10.54 -0.94 -15.73
N PRO C 112 10.96 -1.59 -16.80
CA PRO C 112 11.78 -2.81 -16.66
C PRO C 112 13.17 -2.52 -16.11
N GLN C 113 13.44 -2.96 -14.90
CA GLN C 113 14.75 -2.77 -14.26
C GLN C 113 15.67 -3.95 -14.52
N GLU C 114 15.87 -4.27 -15.80
CA GLU C 114 16.67 -5.43 -16.18
C GLU C 114 17.20 -5.21 -17.59
N ASP C 115 18.16 -6.05 -17.97
CA ASP C 115 18.74 -6.04 -19.30
C ASP C 115 18.16 -7.19 -20.12
N ASN C 116 17.91 -6.92 -21.40
CA ASN C 116 17.28 -7.92 -22.26
C ASN C 116 17.68 -7.74 -23.71
N PRO C 117 18.30 -8.75 -24.33
CA PRO C 117 18.62 -8.66 -25.76
C PRO C 117 17.40 -8.87 -26.64
N HIS C 118 17.61 -8.95 -27.95
CA HIS C 118 16.58 -9.10 -28.98
C HIS C 118 15.73 -7.85 -29.14
N ALA C 119 15.98 -6.79 -28.37
CA ALA C 119 15.18 -5.57 -28.43
C ALA C 119 15.83 -4.60 -29.40
N ILE C 120 15.07 -4.19 -30.41
CA ILE C 120 15.55 -3.26 -31.44
C ILE C 120 14.92 -1.90 -31.18
N VAL C 121 15.76 -0.86 -31.14
CA VAL C 121 15.30 0.51 -30.94
C VAL C 121 16.11 1.43 -31.84
N VAL C 122 15.46 2.46 -32.37
CA VAL C 122 16.11 3.51 -33.15
C VAL C 122 15.67 4.83 -32.54
N THR C 123 16.46 5.35 -31.60
CA THR C 123 16.17 6.61 -30.94
C THR C 123 17.27 7.64 -31.10
N ASP C 124 18.51 7.28 -30.75
CA ASP C 124 19.61 8.23 -30.84
C ASP C 124 19.94 8.55 -32.30
N TYR C 125 19.84 7.56 -33.18
CA TYR C 125 20.09 7.77 -34.60
C TYR C 125 18.81 7.62 -35.40
N GLU C 133 14.73 15.66 -18.13
CA GLU C 133 15.82 16.44 -17.56
C GLU C 133 15.77 17.88 -18.05
N GLU C 134 15.52 18.06 -19.35
CA GLU C 134 15.45 19.41 -19.92
C GLU C 134 14.31 20.21 -19.30
N ALA C 135 13.15 19.57 -19.12
CA ALA C 135 12.05 20.24 -18.41
C ALA C 135 12.42 20.49 -16.95
N ASP C 136 13.08 19.52 -16.32
CA ASP C 136 13.53 19.68 -14.93
C ASP C 136 14.81 20.47 -14.82
N GLU C 137 15.43 20.86 -15.95
CA GLU C 137 16.64 21.68 -15.88
C GLU C 137 16.36 23.02 -15.22
N TYR C 138 15.22 23.63 -15.53
CA TYR C 138 14.82 24.88 -14.90
C TYR C 138 14.27 24.68 -13.49
N GLY C 139 13.98 23.44 -13.09
CA GLY C 139 13.47 23.15 -11.77
C GLY C 139 12.14 23.81 -11.48
N ASP C 140 11.10 23.42 -12.22
CA ASP C 140 9.80 24.05 -12.11
C ASP C 140 8.66 23.09 -11.78
N TRP C 141 8.81 21.80 -12.10
CA TRP C 141 7.70 20.86 -12.01
C TRP C 141 7.67 20.11 -10.68
N GLY C 142 8.16 20.71 -9.62
CA GLY C 142 8.10 20.08 -8.31
C GLY C 142 9.26 20.54 -7.44
N ALA C 143 9.33 19.92 -6.26
CA ALA C 143 10.38 20.20 -5.29
C ALA C 143 11.27 18.97 -5.20
N GLU C 144 12.46 19.07 -5.79
CA GLU C 144 13.43 17.98 -5.77
C GLU C 144 13.75 17.58 -4.33
N PRO C 145 13.37 16.38 -3.90
CA PRO C 145 13.63 15.97 -2.52
C PRO C 145 15.12 15.86 -2.26
N GLY C 146 15.50 16.15 -1.02
CA GLY C 146 16.91 16.12 -0.64
C GLY C 146 17.76 17.13 -1.37
N PHE C 147 17.28 18.38 -1.43
CA PHE C 147 18.05 19.47 -2.00
C PHE C 147 18.68 20.31 -0.89
N GLU C 148 19.68 21.10 -1.28
CA GLU C 148 20.34 22.09 -0.42
C GLU C 148 21.20 21.41 0.64
N ASP C 149 21.10 20.08 0.74
CA ASP C 149 21.90 19.31 1.70
C ASP C 149 23.17 18.77 1.01
N ARG C 150 23.98 19.70 0.53
CA ARG C 150 25.20 19.36 -0.17
C ARG C 150 26.22 20.47 0.03
N ARG C 151 27.48 20.15 -0.22
CA ARG C 151 28.56 21.12 -0.09
C ARG C 151 28.35 22.28 -1.06
N GLU C 152 28.80 23.46 -0.65
CA GLU C 152 28.59 24.69 -1.41
C GLU C 152 29.50 24.68 -2.64
N LEU C 153 29.06 23.92 -3.65
CA LEU C 153 29.77 23.81 -4.92
C LEU C 153 28.83 24.13 -6.07
N ASP C 154 27.93 25.08 -5.86
CA ASP C 154 26.98 25.46 -6.91
C ASP C 154 27.66 26.30 -8.00
N PHE C 155 28.65 27.10 -7.64
CA PHE C 155 29.28 28.00 -8.60
C PHE C 155 30.38 27.34 -9.43
N MET C 156 30.74 26.09 -9.14
CA MET C 156 31.80 25.40 -9.85
C MET C 156 31.42 23.94 -10.04
N GLU C 157 32.07 23.30 -10.99
CA GLU C 157 31.85 21.88 -11.29
C GLU C 157 33.08 21.10 -10.82
N LEU C 158 32.91 20.32 -9.75
CA LEU C 158 33.98 19.53 -9.17
C LEU C 158 33.65 18.05 -9.33
N SER C 159 34.57 17.30 -9.93
CA SER C 159 34.43 15.86 -10.05
C SER C 159 35.50 15.14 -9.23
N PRO C 160 35.17 14.00 -8.61
CA PRO C 160 36.13 13.26 -7.79
C PRO C 160 37.09 12.43 -8.63
N ARG C 166 45.81 13.63 -7.51
CA ARG C 166 46.79 13.02 -8.39
C ARG C 166 47.17 13.96 -9.53
N TYR C 167 48.40 13.82 -10.01
CA TYR C 167 48.92 14.70 -11.06
C TYR C 167 48.45 14.26 -12.44
N ASP C 168 48.01 15.23 -13.24
CA ASP C 168 47.68 15.01 -14.64
C ASP C 168 47.71 16.33 -15.39
N PRO C 169 48.53 16.45 -16.43
CA PRO C 169 48.55 17.69 -17.22
C PRO C 169 47.35 17.80 -18.13
N LEU C 170 47.03 19.04 -18.49
CA LEU C 170 45.90 19.37 -19.36
C LEU C 170 44.59 18.83 -18.80
N SER C 171 44.47 18.75 -17.48
CA SER C 171 43.29 18.20 -16.81
C SER C 171 42.79 19.21 -15.79
N PRO C 172 41.91 20.12 -16.20
CA PRO C 172 41.35 21.10 -15.25
C PRO C 172 40.58 20.41 -14.14
N ARG C 173 41.00 20.66 -12.90
CA ARG C 173 40.33 20.08 -11.74
C ARG C 173 39.10 20.88 -11.32
N ALA C 174 38.88 22.06 -11.88
CA ALA C 174 37.72 22.87 -11.54
C ALA C 174 37.49 23.87 -12.67
N PHE C 175 36.37 23.76 -13.36
CA PHE C 175 36.01 24.65 -14.45
C PHE C 175 34.92 25.60 -14.01
N GLN C 176 35.00 26.85 -14.50
CA GLN C 176 34.01 27.87 -14.15
C GLN C 176 33.89 28.81 -15.35
N LEU C 177 32.86 28.62 -16.16
CA LEU C 177 32.59 29.52 -17.27
C LEU C 177 31.93 30.80 -16.76
N LEU C 178 32.28 31.92 -17.36
CA LEU C 178 31.77 33.22 -16.96
C LEU C 178 31.44 34.04 -18.20
N HIS C 179 30.62 35.08 -17.99
CA HIS C 179 30.23 35.96 -19.07
C HIS C 179 29.92 37.33 -18.48
N SER C 180 29.94 38.35 -19.34
CA SER C 180 29.70 39.72 -18.90
C SER C 180 28.30 40.21 -19.24
N GLU C 181 27.80 39.88 -20.43
CA GLU C 181 26.46 40.30 -20.81
C GLU C 181 25.40 39.47 -20.12
N THR C 182 25.64 38.17 -19.97
CA THR C 182 24.65 37.23 -19.42
C THR C 182 25.13 36.70 -18.08
N ALA C 183 24.29 36.84 -17.06
CA ALA C 183 24.58 36.32 -15.73
C ALA C 183 23.30 35.74 -15.14
N THR C 184 23.36 34.48 -14.71
CA THR C 184 22.21 33.79 -14.15
C THR C 184 22.28 33.86 -12.63
N ASP C 185 21.94 35.04 -12.11
CA ASP C 185 21.97 35.27 -10.66
C ASP C 185 21.03 36.42 -10.33
N VAL C 186 20.08 36.16 -9.44
CA VAL C 186 19.16 37.18 -8.95
C VAL C 186 19.61 37.66 -7.57
N GLY C 187 19.08 38.82 -7.17
CA GLY C 187 19.46 39.44 -5.92
C GLY C 187 18.26 39.74 -5.05
N ILE C 188 18.55 40.09 -3.80
CA ILE C 188 17.53 40.39 -2.81
C ILE C 188 17.84 41.75 -2.19
N ALA C 189 16.80 42.45 -1.75
CA ALA C 189 16.94 43.76 -1.15
C ALA C 189 15.82 43.99 -0.15
N SER C 190 16.05 44.92 0.77
CA SER C 190 15.08 45.24 1.80
C SER C 190 14.18 46.38 1.37
N ILE C 191 12.99 46.44 1.98
CA ILE C 191 11.98 47.44 1.66
C ILE C 191 11.17 47.72 2.93
N ASP C 192 10.36 48.78 2.88
CA ASP C 192 9.48 49.14 3.99
C ASP C 192 8.03 48.96 3.57
N PRO C 193 7.36 47.87 3.95
CA PRO C 193 6.00 47.61 3.49
C PRO C 193 4.92 48.23 4.37
N SER C 194 5.31 49.19 5.21
CA SER C 194 4.37 49.75 6.18
C SER C 194 3.15 50.38 5.50
N LYS C 195 3.33 50.95 4.30
CA LYS C 195 2.20 51.54 3.60
C LYS C 195 1.18 50.49 3.19
N LEU C 196 1.64 49.30 2.84
CA LEU C 196 0.79 48.32 2.18
C LEU C 196 -0.38 47.93 3.09
N PRO C 197 -1.56 47.65 2.51
CA PRO C 197 -2.75 47.43 3.34
C PRO C 197 -2.75 46.09 4.04
N GLY C 198 -2.12 46.03 5.21
CA GLY C 198 -2.09 44.81 6.00
C GLY C 198 -0.74 44.58 6.66
N GLN C 199 0.32 45.05 6.02
CA GLN C 199 1.68 44.95 6.58
C GLN C 199 2.04 46.23 7.31
N SER C 200 1.22 46.56 8.32
CA SER C 200 1.40 47.75 9.13
C SER C 200 2.15 47.46 10.43
N LYS C 201 2.71 46.27 10.58
CA LYS C 201 3.44 45.91 11.79
C LYS C 201 4.81 45.31 11.51
N VAL C 202 5.15 45.06 10.25
CA VAL C 202 6.45 44.52 9.87
C VAL C 202 7.26 45.64 9.23
N LYS C 203 8.51 45.77 9.65
CA LYS C 203 9.36 46.87 9.20
C LYS C 203 10.28 46.49 8.05
N ASN C 204 10.65 45.22 7.93
CA ASN C 204 11.56 44.77 6.89
C ASN C 204 10.91 43.62 6.12
N ALA C 205 11.03 43.67 4.80
CA ALA C 205 10.50 42.63 3.92
C ALA C 205 11.35 42.57 2.67
N LEU C 206 11.81 41.38 2.31
CA LEU C 206 12.72 41.20 1.20
C LEU C 206 11.96 40.98 -0.10
N ALA C 207 12.50 41.52 -1.19
CA ALA C 207 11.92 41.38 -2.51
C ALA C 207 13.01 41.01 -3.51
N ALA C 208 12.63 40.24 -4.53
CA ALA C 208 13.58 39.76 -5.53
C ALA C 208 13.87 40.85 -6.54
N ILE C 209 15.14 41.23 -6.67
CA ILE C 209 15.57 42.27 -7.60
C ILE C 209 16.72 41.72 -8.44
N HIS C 210 16.72 42.07 -9.73
CA HIS C 210 17.82 41.68 -10.58
C HIS C 210 19.08 42.48 -10.22
N VAL C 211 20.24 41.95 -10.59
CA VAL C 211 21.52 42.53 -10.23
C VAL C 211 22.39 42.69 -11.47
N ALA C 212 23.38 43.57 -11.36
CA ALA C 212 24.33 43.78 -12.44
C ALA C 212 25.20 42.55 -12.61
N PRO C 213 25.47 42.13 -13.86
CA PRO C 213 26.25 40.91 -14.07
C PRO C 213 27.65 40.96 -13.50
N ASN C 214 28.30 42.14 -13.51
CA ASN C 214 29.69 42.22 -13.07
C ASN C 214 29.83 41.88 -11.59
N ASP C 215 28.89 42.36 -10.77
CA ASP C 215 28.95 42.05 -9.34
C ASP C 215 28.80 40.56 -9.09
N ALA C 216 27.88 39.90 -9.80
CA ALA C 216 27.71 38.47 -9.65
C ALA C 216 28.96 37.72 -10.10
N ASN C 217 29.57 38.16 -11.20
CA ASN C 217 30.80 37.54 -11.66
C ASN C 217 31.91 37.67 -10.62
N LYS C 218 32.04 38.86 -10.03
CA LYS C 218 33.05 39.06 -8.99
C LYS C 218 32.77 38.18 -7.78
N MET C 219 31.50 38.06 -7.38
CA MET C 219 31.15 37.22 -6.24
C MET C 219 31.49 35.77 -6.50
N ARG C 220 31.17 35.26 -7.68
CA ARG C 220 31.53 33.89 -8.03
C ARG C 220 33.04 33.70 -8.05
N PHE C 221 33.75 34.70 -8.59
CA PHE C 221 35.21 34.61 -8.67
C PHE C 221 35.82 34.52 -7.27
N ARG C 222 35.37 35.36 -6.34
CA ARG C 222 35.95 35.32 -5.01
C ARG C 222 35.52 34.06 -4.25
N MET C 223 34.29 33.60 -4.49
CA MET C 223 33.85 32.34 -3.88
C MET C 223 34.73 31.18 -4.31
N ALA C 224 35.09 31.13 -5.59
CA ALA C 224 36.02 30.11 -6.06
C ALA C 224 37.43 30.35 -5.52
N PHE C 225 37.83 31.62 -5.38
CA PHE C 225 39.21 31.93 -4.99
C PHE C 225 39.47 31.53 -3.55
N GLU C 226 38.51 31.75 -2.64
CA GLU C 226 38.72 31.32 -1.26
C GLU C 226 38.86 29.81 -1.17
N TRP C 227 38.04 29.06 -1.91
CA TRP C 227 38.15 27.61 -1.94
C TRP C 227 39.52 27.18 -2.47
N CYS C 228 39.97 27.82 -3.56
CA CYS C 228 41.26 27.47 -4.13
C CYS C 228 42.40 27.79 -3.16
N LEU C 229 42.30 28.92 -2.46
CA LEU C 229 43.33 29.29 -1.49
C LEU C 229 43.39 28.28 -0.35
N MET C 230 42.24 27.89 0.18
CA MET C 230 42.22 26.91 1.26
C MET C 230 42.76 25.57 0.79
N ASN C 231 42.38 25.13 -0.41
CA ASN C 231 42.87 23.86 -0.92
C ASN C 231 44.38 23.88 -1.10
N ILE C 232 44.91 24.93 -1.73
CA ILE C 232 46.35 24.99 -2.00
C ILE C 232 47.13 25.17 -0.71
N TRP C 233 46.54 25.80 0.31
CA TRP C 233 47.19 25.88 1.60
C TRP C 233 47.23 24.52 2.29
N ASN C 234 46.15 23.75 2.19
CA ASN C 234 46.14 22.41 2.76
C ASN C 234 47.17 21.51 2.07
N MET C 235 47.25 21.58 0.74
CA MET C 235 48.27 20.81 0.03
C MET C 235 49.67 21.36 0.26
N ASN C 236 49.79 22.69 0.40
CA ASN C 236 51.07 23.37 0.64
C ASN C 236 52.03 23.26 -0.54
N MET C 237 51.51 23.13 -1.75
CA MET C 237 52.34 23.22 -2.93
C MET C 237 52.75 24.66 -3.20
N PRO C 238 53.84 24.88 -3.94
CA PRO C 238 54.17 26.24 -4.38
C PRO C 238 53.07 26.81 -5.25
N GLY C 239 52.49 27.92 -4.82
CA GLY C 239 51.32 28.50 -5.47
C GLY C 239 51.70 29.56 -6.49
N GLU C 240 51.04 29.52 -7.65
CA GLU C 240 51.19 30.53 -8.68
C GLU C 240 49.82 30.90 -9.22
N LEU C 241 49.69 32.14 -9.67
CA LEU C 241 48.45 32.67 -10.24
C LEU C 241 48.77 33.35 -11.55
N ASN C 242 47.99 33.04 -12.59
CA ASN C 242 48.20 33.61 -13.91
C ASN C 242 46.91 34.26 -14.41
N ILE C 243 47.05 35.42 -15.02
CA ILE C 243 45.94 36.12 -15.67
C ILE C 243 46.41 36.41 -17.08
N GLY C 244 45.91 35.63 -18.05
CA GLY C 244 46.37 35.72 -19.42
C GLY C 244 45.35 36.41 -20.31
N ALA C 245 45.85 37.15 -21.30
CA ALA C 245 45.01 37.79 -22.30
C ALA C 245 45.03 36.98 -23.59
N GLY C 246 43.86 36.71 -24.15
CA GLY C 246 43.77 35.95 -25.38
C GLY C 246 42.34 35.56 -25.66
N LYS C 247 42.19 34.80 -26.75
CA LYS C 247 40.88 34.32 -27.20
C LYS C 247 40.73 32.86 -26.80
N ALA C 248 39.59 32.54 -26.18
CA ALA C 248 39.23 31.15 -25.89
C ALA C 248 38.30 30.67 -27.00
N LEU C 249 38.88 30.20 -28.10
CA LEU C 249 38.09 29.72 -29.22
C LEU C 249 37.65 28.29 -28.98
N TYR C 250 36.34 28.05 -29.11
CA TYR C 250 35.77 26.74 -28.84
C TYR C 250 35.51 26.01 -30.16
N TYR C 251 35.14 24.74 -30.03
CA TYR C 251 34.92 23.89 -31.20
C TYR C 251 33.44 23.73 -31.48
N ARG C 252 33.12 23.38 -32.73
CA ARG C 252 31.73 23.33 -33.16
C ARG C 252 30.93 22.26 -32.44
N SER C 253 31.60 21.18 -31.99
CA SER C 253 30.90 20.05 -31.41
C SER C 253 30.40 20.32 -29.99
N VAL C 254 30.55 21.54 -29.47
CA VAL C 254 30.11 21.83 -28.10
C VAL C 254 28.58 21.80 -28.02
N ALA C 255 27.90 22.28 -29.04
CA ALA C 255 26.45 22.45 -29.00
C ALA C 255 25.77 21.08 -29.03
N LYS C 256 25.36 20.60 -27.85
CA LYS C 256 24.60 19.37 -27.78
C LYS C 256 23.20 19.59 -28.32
N GLN C 257 22.62 18.51 -28.88
CA GLN C 257 21.28 18.52 -29.44
C GLN C 257 21.22 19.43 -30.66
N ASN C 258 22.38 19.96 -31.06
CA ASN C 258 22.50 20.88 -32.20
C ASN C 258 21.57 22.09 -32.03
N ARG C 259 21.54 22.64 -30.82
CA ARG C 259 20.77 23.83 -30.52
C ARG C 259 21.69 25.03 -30.34
N ASN C 260 21.08 26.22 -30.28
CA ASN C 260 21.82 27.46 -30.09
C ASN C 260 21.60 28.07 -28.71
N VAL C 261 20.34 28.29 -28.33
CA VAL C 261 20.03 28.88 -27.03
C VAL C 261 20.01 27.79 -25.97
N MET C 262 20.78 27.98 -24.91
CA MET C 262 20.84 27.02 -23.82
C MET C 262 21.25 27.74 -22.54
N PRO C 263 20.80 27.26 -21.39
CA PRO C 263 21.19 27.90 -20.12
C PRO C 263 22.67 27.68 -19.82
N LEU C 264 23.18 28.54 -18.94
CA LEU C 264 24.60 28.49 -18.60
C LEU C 264 24.99 27.17 -17.94
N TRP C 265 24.07 26.56 -17.18
CA TRP C 265 24.40 25.34 -16.44
C TRP C 265 24.78 24.22 -17.41
N THR C 266 23.96 23.99 -18.43
CA THR C 266 24.22 22.88 -19.35
C THR C 266 25.53 23.06 -20.10
N VAL C 267 25.81 24.29 -20.56
CA VAL C 267 27.06 24.53 -21.25
C VAL C 267 28.24 24.38 -20.30
N GLN C 268 28.06 24.74 -19.02
CA GLN C 268 29.13 24.55 -18.05
C GLN C 268 29.45 23.07 -17.87
N LYS C 269 28.40 22.24 -17.71
CA LYS C 269 28.64 20.80 -17.59
C LYS C 269 29.27 20.24 -18.85
N HIS C 270 28.81 20.66 -20.02
CA HIS C 270 29.37 20.15 -21.27
C HIS C 270 30.84 20.51 -21.41
N LEU C 271 31.21 21.75 -21.07
CA LEU C 271 32.60 22.16 -21.12
C LEU C 271 33.45 21.38 -20.12
N TYR C 272 32.91 21.17 -18.92
CA TYR C 272 33.68 20.45 -17.90
C TYR C 272 33.82 18.97 -18.22
N ALA C 273 32.90 18.40 -19.00
CA ALA C 273 32.95 16.96 -19.29
C ALA C 273 33.68 16.67 -20.60
N GLN C 274 33.19 17.21 -21.71
CA GLN C 274 33.74 16.84 -23.01
C GLN C 274 35.01 17.61 -23.35
N HIS C 275 35.16 18.82 -22.80
CA HIS C 275 36.27 19.71 -23.12
C HIS C 275 36.44 19.95 -24.63
N PRO C 276 35.39 20.47 -25.32
CA PRO C 276 35.51 20.81 -26.74
C PRO C 276 35.97 22.25 -26.96
N TYR C 277 37.08 22.63 -26.33
CA TYR C 277 37.53 24.00 -26.34
C TYR C 277 39.06 24.04 -26.41
N ALA C 278 39.58 25.19 -26.83
CA ALA C 278 41.02 25.41 -26.89
C ALA C 278 41.29 26.88 -26.57
N TRP C 279 42.36 27.12 -25.83
CA TRP C 279 42.74 28.48 -25.48
C TRP C 279 43.85 28.98 -26.40
N PHE C 280 43.72 30.22 -26.86
CA PHE C 280 44.68 30.84 -27.74
C PHE C 280 45.09 32.19 -27.14
N ALA C 281 46.39 32.44 -27.06
CA ALA C 281 46.92 33.69 -26.56
C ALA C 281 47.47 34.50 -27.71
N ILE C 282 47.03 35.76 -27.82
CA ILE C 282 47.47 36.63 -28.90
C ILE C 282 47.28 38.08 -28.47
N ALA C 283 48.24 38.93 -28.82
CA ALA C 283 48.14 40.36 -28.63
C ALA C 283 48.57 41.08 -29.89
N SER C 284 48.70 42.41 -29.82
CA SER C 284 49.12 43.21 -30.96
C SER C 284 50.33 44.06 -30.57
N GLU C 285 51.15 44.38 -31.57
CA GLU C 285 52.31 45.24 -31.32
C GLU C 285 51.92 46.70 -31.20
N SER C 286 50.87 47.13 -31.92
CA SER C 286 50.51 48.55 -31.98
C SER C 286 50.09 49.10 -30.61
N ASN C 287 49.67 48.23 -29.69
CA ASN C 287 49.28 48.70 -28.36
C ASN C 287 50.47 48.78 -27.39
N VAL C 288 51.65 48.32 -27.81
CA VAL C 288 52.80 48.28 -26.90
C VAL C 288 53.04 49.67 -26.30
N ALA C 289 53.34 50.64 -27.17
CA ALA C 289 53.49 52.02 -26.69
C ALA C 289 52.28 52.43 -25.87
N ALA C 290 51.09 52.06 -26.32
CA ALA C 290 49.87 52.40 -25.59
C ALA C 290 49.92 51.87 -24.16
N MET C 291 50.26 50.59 -24.00
CA MET C 291 50.30 50.05 -22.63
C MET C 291 51.53 50.55 -21.89
N GLU C 292 52.54 51.04 -22.61
CA GLU C 292 53.61 51.78 -21.94
C GLU C 292 53.04 52.99 -21.21
N SER C 293 52.05 53.65 -21.83
CA SER C 293 51.35 54.71 -21.12
C SER C 293 50.70 54.18 -19.86
N LEU C 294 50.09 52.99 -19.94
CA LEU C 294 49.57 52.34 -18.74
C LEU C 294 50.66 52.15 -17.70
N ALA C 295 51.88 51.84 -18.15
CA ALA C 295 53.02 51.80 -17.24
C ALA C 295 53.17 53.15 -16.53
N ALA C 296 53.21 54.24 -17.30
CA ALA C 296 53.25 55.56 -16.70
C ALA C 296 52.02 55.82 -15.86
N ALA C 297 50.88 55.18 -16.20
CA ALA C 297 49.69 55.31 -15.38
C ALA C 297 49.78 54.49 -14.11
N LEU C 298 50.56 53.40 -14.12
CA LEU C 298 50.64 52.50 -12.98
C LEU C 298 52.07 52.34 -12.45
N ASN C 299 52.94 53.30 -12.74
CA ASN C 299 54.34 53.32 -12.29
C ASN C 299 54.98 51.94 -12.35
N MET C 300 54.86 51.31 -13.53
CA MET C 300 55.57 50.07 -13.78
C MET C 300 57.08 50.33 -13.81
N SER C 301 57.85 49.36 -13.32
CA SER C 301 59.30 49.46 -13.31
C SER C 301 59.90 48.23 -14.00
N ILE C 302 60.92 48.46 -14.82
CA ILE C 302 61.54 47.40 -15.59
C ILE C 302 62.45 46.58 -14.67
N GLN C 303 62.16 45.29 -14.54
CA GLN C 303 63.01 44.36 -13.84
C GLN C 303 63.77 43.43 -14.76
N GLN C 304 63.44 43.42 -16.06
CA GLN C 304 64.13 42.61 -17.04
C GLN C 304 63.84 43.16 -18.43
N GLU C 305 64.88 43.27 -19.25
CA GLU C 305 64.75 43.77 -20.61
C GLU C 305 64.39 42.60 -21.53
N ARG C 306 64.44 42.83 -22.84
CA ARG C 306 64.16 41.79 -23.81
C ARG C 306 65.19 40.68 -23.70
N THR C 307 64.71 39.46 -23.47
CA THR C 307 65.58 38.30 -23.28
C THR C 307 65.17 37.19 -24.23
N THR C 308 66.17 36.56 -24.85
CA THR C 308 65.99 35.44 -25.77
C THR C 308 66.14 34.14 -25.00
N SER C 309 65.11 33.29 -25.04
CA SER C 309 65.15 32.02 -24.33
C SER C 309 64.64 30.90 -25.23
N TYR C 310 65.23 29.72 -25.09
CA TYR C 310 64.86 28.54 -25.88
C TYR C 310 64.03 27.61 -25.00
N LYS C 311 62.71 27.72 -25.10
CA LYS C 311 61.83 26.82 -24.36
C LYS C 311 61.83 25.45 -25.04
N VAL C 312 61.99 24.40 -24.23
CA VAL C 312 61.98 23.03 -24.72
C VAL C 312 61.13 22.18 -23.79
N THR C 313 60.52 21.15 -24.36
CA THR C 313 59.73 20.17 -23.62
C THR C 313 60.51 18.86 -23.62
N ILE C 314 61.26 18.60 -22.56
CA ILE C 314 62.03 17.38 -22.45
C ILE C 314 61.12 16.27 -21.95
N ARG C 315 60.48 15.57 -22.89
CA ARG C 315 59.57 14.49 -22.56
C ARG C 315 60.34 13.22 -22.23
N ARG C 316 59.62 12.20 -21.81
CA ARG C 316 60.23 10.91 -21.49
C ARG C 316 59.17 9.83 -21.60
N MET C 317 59.62 8.58 -21.53
CA MET C 317 58.71 7.44 -21.67
C MET C 317 57.84 7.24 -20.44
N ALA C 318 58.20 7.83 -19.30
CA ALA C 318 57.45 7.67 -18.06
C ALA C 318 56.75 8.96 -17.64
N GLU C 319 57.49 10.05 -17.52
CA GLU C 319 56.94 11.34 -17.13
C GLU C 319 57.37 12.40 -18.15
N PHE C 320 56.88 13.62 -17.97
CA PHE C 320 57.21 14.74 -18.83
C PHE C 320 57.95 15.80 -18.03
N PHE C 321 58.80 16.55 -18.72
CA PHE C 321 59.56 17.63 -18.09
C PHE C 321 59.75 18.75 -19.10
N ASP C 322 60.20 19.90 -18.59
CA ASP C 322 60.41 21.09 -19.43
C ASP C 322 61.72 21.76 -19.03
N CYS C 323 62.24 22.58 -19.94
CA CYS C 323 63.47 23.31 -19.65
C CYS C 323 63.51 24.59 -20.46
N GLU C 324 64.34 25.53 -20.01
CA GLU C 324 64.50 26.84 -20.65
C GLU C 324 65.98 27.06 -20.93
N LEU C 325 66.44 26.61 -22.09
CA LEU C 325 67.83 26.83 -22.49
C LEU C 325 68.10 28.33 -22.60
N ASN C 326 69.26 28.75 -22.09
CA ASN C 326 69.64 30.15 -22.12
C ASN C 326 70.42 30.43 -23.40
N GLY C 327 70.87 31.68 -23.56
CA GLY C 327 71.63 32.03 -24.75
C GLY C 327 72.93 31.25 -24.88
N GLN C 328 73.57 30.95 -23.75
CA GLN C 328 74.77 30.15 -23.74
C GLN C 328 74.47 28.66 -23.97
N LEU C 329 73.20 28.27 -23.96
CA LEU C 329 72.76 26.90 -24.26
C LEU C 329 73.23 25.88 -23.21
N LYS C 330 72.78 26.08 -21.97
CA LYS C 330 72.85 25.04 -20.94
C LYS C 330 71.51 24.95 -20.22
N CYS C 331 71.29 23.83 -19.57
CA CYS C 331 70.06 23.58 -18.81
C CYS C 331 70.28 23.99 -17.36
N THR C 332 69.58 25.04 -16.91
CA THR C 332 69.76 25.52 -15.55
C THR C 332 68.58 25.22 -14.63
N MET C 333 67.43 24.83 -15.16
CA MET C 333 66.31 24.43 -14.32
C MET C 333 65.80 23.07 -14.77
N MET C 334 65.31 22.28 -13.83
CA MET C 334 64.66 21.01 -14.11
C MET C 334 63.38 20.97 -13.29
N ASN C 335 62.25 20.78 -13.97
CA ASN C 335 60.95 20.83 -13.30
C ASN C 335 59.94 20.03 -14.10
N LYS C 336 58.81 19.73 -13.45
CA LYS C 336 57.67 19.06 -14.04
C LYS C 336 56.78 20.08 -14.75
N PRO C 337 55.91 19.62 -15.65
CA PRO C 337 54.94 20.54 -16.26
C PRO C 337 53.94 21.03 -15.23
N TRP C 338 53.33 22.17 -15.54
CA TRP C 338 52.40 22.80 -14.62
C TRP C 338 51.15 21.95 -14.43
N ASP C 339 50.59 22.01 -13.22
CA ASP C 339 49.38 21.27 -12.87
C ASP C 339 48.21 22.24 -12.86
N ARG C 340 47.30 22.09 -13.81
CA ARG C 340 46.14 22.98 -13.93
C ARG C 340 45.15 22.63 -12.82
N PHE C 341 45.03 23.51 -11.83
CA PHE C 341 44.19 23.27 -10.66
C PHE C 341 42.85 24.00 -10.72
N PHE C 342 42.76 25.08 -11.49
CA PHE C 342 41.54 25.87 -11.57
C PHE C 342 41.64 26.78 -12.79
N VAL C 343 40.60 26.77 -13.63
CA VAL C 343 40.57 27.58 -14.85
C VAL C 343 39.25 28.33 -14.89
N SER C 344 39.31 29.62 -15.23
CA SER C 344 38.12 30.44 -15.37
C SER C 344 38.24 31.29 -16.63
N HIS C 345 37.21 31.26 -17.46
CA HIS C 345 37.15 32.03 -18.69
C HIS C 345 36.22 33.22 -18.48
N TYR C 346 36.77 34.43 -18.49
CA TYR C 346 35.96 35.64 -18.49
C TYR C 346 35.86 36.12 -19.93
N ILE C 347 34.70 35.89 -20.54
CA ILE C 347 34.43 36.27 -21.91
C ILE C 347 33.79 37.66 -21.92
N ARG C 348 34.34 38.56 -22.71
CA ARG C 348 33.74 39.86 -22.93
C ARG C 348 33.01 39.87 -24.28
N SER C 349 32.24 40.94 -24.50
CA SER C 349 31.51 41.06 -25.75
C SER C 349 32.45 41.16 -26.94
N LYS C 350 33.53 41.91 -26.81
CA LYS C 350 34.46 42.17 -27.88
C LYS C 350 35.61 41.16 -27.85
N MET C 351 36.66 41.46 -28.62
CA MET C 351 37.79 40.54 -28.76
C MET C 351 38.49 40.21 -27.45
N PRO C 352 38.99 41.19 -26.67
CA PRO C 352 39.83 40.83 -25.51
C PRO C 352 39.06 40.04 -24.47
N ASP C 353 39.54 38.83 -24.20
CA ASP C 353 39.00 37.95 -23.17
C ASP C 353 40.09 37.65 -22.16
N LEU C 354 39.68 37.20 -20.97
CA LEU C 354 40.61 36.96 -19.88
C LEU C 354 40.55 35.51 -19.44
N ARG C 355 41.70 34.94 -19.08
CA ARG C 355 41.75 33.60 -18.53
C ARG C 355 42.47 33.64 -17.19
N TYR C 356 41.79 33.23 -16.13
CA TYR C 356 42.35 33.16 -14.79
C TYR C 356 42.72 31.71 -14.50
N VAL C 357 43.98 31.47 -14.14
CA VAL C 357 44.49 30.12 -13.93
C VAL C 357 45.20 30.07 -12.58
N VAL C 358 44.90 29.03 -11.80
CA VAL C 358 45.63 28.72 -10.58
C VAL C 358 46.33 27.38 -10.81
N ARG C 359 47.66 27.38 -10.72
CA ARG C 359 48.44 26.20 -10.99
C ARG C 359 49.54 26.05 -9.94
N ALA C 360 49.94 24.80 -9.71
CA ALA C 360 50.98 24.48 -8.75
C ALA C 360 51.90 23.43 -9.34
N ARG C 361 53.05 23.24 -8.71
CA ARG C 361 54.05 22.28 -9.16
C ARG C 361 54.30 21.25 -8.07
N HIS C 362 54.17 19.97 -8.43
CA HIS C 362 54.41 18.90 -7.48
C HIS C 362 55.91 18.79 -7.17
N PRO C 363 56.26 18.38 -5.96
CA PRO C 363 57.68 18.26 -5.60
C PRO C 363 58.32 17.04 -6.24
N ILE C 364 59.65 17.08 -6.32
CA ILE C 364 60.44 15.99 -6.88
C ILE C 364 61.76 15.95 -6.15
N LYS C 365 62.22 14.74 -5.84
CA LYS C 365 63.52 14.58 -5.19
C LYS C 365 64.62 15.12 -6.09
N LYS C 366 65.54 15.89 -5.51
CA LYS C 366 66.59 16.54 -6.29
C LYS C 366 67.65 15.55 -6.77
N ARG C 367 67.64 14.31 -6.28
CA ARG C 367 68.64 13.34 -6.71
C ARG C 367 68.52 13.03 -8.20
N ILE C 368 67.31 12.73 -8.66
CA ILE C 368 67.11 12.42 -10.08
C ILE C 368 67.32 13.67 -10.93
N ALA C 369 66.91 14.83 -10.43
CA ALA C 369 67.13 16.07 -11.16
C ALA C 369 68.62 16.34 -11.35
N ASP C 370 69.42 16.12 -10.31
CA ASP C 370 70.86 16.25 -10.43
C ASP C 370 71.42 15.20 -11.38
N ALA C 371 70.86 13.98 -11.36
CA ALA C 371 71.26 12.97 -12.32
C ALA C 371 70.99 13.42 -13.75
N TYR C 372 69.94 14.23 -13.96
CA TYR C 372 69.67 14.76 -15.28
C TYR C 372 70.56 15.98 -15.57
N LEU C 373 70.37 17.06 -14.81
CA LEU C 373 71.07 18.33 -14.97
C LEU C 373 71.36 18.67 -16.43
N GLU C 374 72.65 18.77 -16.77
CA GLU C 374 73.08 19.05 -18.13
C GLU C 374 73.62 17.82 -18.85
N ALA C 375 73.46 16.63 -18.24
CA ALA C 375 73.98 15.42 -18.86
C ALA C 375 73.28 15.13 -20.18
N ASP C 376 72.03 15.56 -20.32
CA ASP C 376 71.31 15.41 -21.58
C ASP C 376 71.70 16.54 -22.52
N ILE C 377 72.35 16.19 -23.63
CA ILE C 377 72.72 17.20 -24.62
C ILE C 377 71.46 17.75 -25.27
N LEU C 378 71.34 19.08 -25.29
CA LEU C 378 70.16 19.74 -25.83
C LEU C 378 70.54 20.87 -26.79
N ARG C 379 71.72 20.80 -27.40
CA ARG C 379 72.15 21.82 -28.34
C ARG C 379 71.19 21.89 -29.52
N SER C 380 70.69 23.09 -29.81
CA SER C 380 69.77 23.32 -30.93
C SER C 380 70.24 24.49 -31.77
N THR C 381 71.56 24.64 -31.90
CA THR C 381 72.11 25.73 -32.69
C THR C 381 71.92 25.46 -34.18
N ARG C 382 72.10 26.51 -34.98
CA ARG C 382 71.96 26.46 -36.43
C ARG C 382 70.54 26.03 -36.84
N ASP C 383 69.55 26.38 -36.02
CA ASP C 383 68.14 26.07 -36.23
C ASP C 383 67.87 24.58 -36.32
N SER C 384 68.84 23.74 -35.99
CA SER C 384 68.68 22.29 -36.02
C SER C 384 68.88 21.73 -34.62
N VAL C 385 67.98 20.86 -34.19
CA VAL C 385 68.04 20.28 -32.86
C VAL C 385 69.03 19.12 -32.87
N GLN C 386 70.30 19.42 -32.57
CA GLN C 386 71.32 18.39 -32.42
C GLN C 386 71.45 17.95 -30.96
N SER C 387 70.32 17.58 -30.37
CA SER C 387 70.27 17.14 -28.98
C SER C 387 70.69 15.69 -28.92
N VAL C 388 71.96 15.45 -28.55
CA VAL C 388 72.49 14.08 -28.51
C VAL C 388 72.15 13.53 -27.13
N LEU C 389 70.91 13.02 -27.03
CA LEU C 389 70.46 12.44 -25.78
C LEU C 389 70.97 11.01 -25.63
N SER C 390 70.93 10.52 -24.39
CA SER C 390 71.17 9.11 -24.16
C SER C 390 70.03 8.31 -24.76
N PRO C 391 70.26 7.02 -25.04
CA PRO C 391 69.22 6.24 -25.73
C PRO C 391 67.88 6.21 -25.02
N GLU C 392 67.83 6.34 -23.70
CA GLU C 392 66.56 6.20 -23.02
C GLU C 392 66.38 7.16 -21.83
N LEU C 393 66.95 8.36 -21.89
CA LEU C 393 66.57 9.33 -20.87
C LEU C 393 65.23 9.98 -21.21
N GLY C 394 64.95 10.18 -22.48
CA GLY C 394 63.76 10.88 -22.90
C GLY C 394 63.90 11.38 -24.32
N ASP C 395 63.02 12.31 -24.67
CA ASP C 395 63.00 12.88 -26.01
C ASP C 395 62.54 14.32 -25.95
N VAL C 396 62.83 15.07 -27.01
CA VAL C 396 62.41 16.45 -27.15
C VAL C 396 61.23 16.49 -28.11
N VAL C 397 60.13 17.10 -27.67
CA VAL C 397 58.88 17.14 -28.42
C VAL C 397 58.67 18.51 -29.07
N TYR C 398 58.78 19.58 -28.30
CA TYR C 398 58.49 20.92 -28.78
C TYR C 398 59.60 21.88 -28.38
N CYS C 399 59.75 22.93 -29.18
CA CYS C 399 60.76 23.95 -28.91
C CYS C 399 60.33 25.28 -29.54
N CYS C 400 60.43 26.35 -28.76
CA CYS C 400 60.02 27.66 -29.23
C CYS C 400 60.94 28.73 -28.65
N GLU C 401 61.24 29.74 -29.48
CA GLU C 401 61.94 30.94 -29.04
C GLU C 401 60.97 31.89 -28.36
N ARG C 402 61.30 32.28 -27.12
CA ARG C 402 60.53 33.25 -26.37
C ARG C 402 61.37 34.52 -26.20
N VAL C 403 60.87 35.62 -26.73
CA VAL C 403 61.40 36.95 -26.41
C VAL C 403 60.57 37.51 -25.27
N VAL C 404 61.22 37.80 -24.15
CA VAL C 404 60.55 38.12 -22.90
C VAL C 404 60.84 39.57 -22.53
N ARG C 405 59.78 40.31 -22.18
CA ARG C 405 59.93 41.66 -21.64
C ARG C 405 58.96 41.80 -20.47
N LYS C 406 59.48 42.07 -19.28
CA LYS C 406 58.65 42.09 -18.09
C LYS C 406 58.94 43.34 -17.26
N TRP C 407 57.92 43.78 -16.53
CA TRP C 407 57.99 44.88 -15.58
C TRP C 407 57.70 44.33 -14.17
N ALA C 408 57.67 45.22 -13.19
CA ALA C 408 57.38 44.80 -11.83
C ALA C 408 56.90 45.99 -11.01
N LYS C 409 56.28 45.67 -9.87
CA LYS C 409 55.82 46.66 -8.91
C LYS C 409 55.47 45.93 -7.62
N LYS C 410 54.96 46.67 -6.64
CA LYS C 410 54.48 46.11 -5.38
C LYS C 410 53.03 46.53 -5.20
N THR C 411 52.13 45.55 -5.17
CA THR C 411 50.71 45.83 -5.08
C THR C 411 50.34 46.38 -3.71
N ALA C 412 49.14 46.95 -3.63
CA ALA C 412 48.64 47.47 -2.36
C ALA C 412 48.48 46.35 -1.33
N THR C 413 48.01 45.18 -1.78
CA THR C 413 47.86 44.04 -0.88
C THR C 413 49.21 43.59 -0.34
N GLY C 414 50.25 43.64 -1.17
CA GLY C 414 51.58 43.26 -0.72
C GLY C 414 52.09 41.98 -1.36
N VAL C 415 51.76 41.77 -2.62
CA VAL C 415 52.23 40.61 -3.39
C VAL C 415 52.83 41.11 -4.69
N THR C 416 53.91 40.47 -5.13
CA THR C 416 54.55 40.87 -6.37
C THR C 416 53.63 40.61 -7.56
N LEU C 417 53.70 41.49 -8.55
CA LEU C 417 52.80 41.47 -9.70
C LEU C 417 53.64 41.64 -10.96
N GLN C 418 53.84 40.56 -11.70
CA GLN C 418 54.72 40.58 -12.87
C GLN C 418 53.87 40.62 -14.14
N LEU C 419 54.06 41.68 -14.93
CA LEU C 419 53.45 41.77 -16.25
C LEU C 419 54.50 41.35 -17.28
N VAL C 420 54.18 40.35 -18.09
CA VAL C 420 55.12 39.91 -19.11
C VAL C 420 54.47 39.97 -20.48
N GLU C 421 55.27 40.42 -21.44
CA GLU C 421 55.00 40.43 -22.87
C GLU C 421 55.96 39.42 -23.49
N THR C 422 55.41 38.42 -24.17
CA THR C 422 56.19 37.32 -24.71
C THR C 422 55.91 37.17 -26.19
N LYS C 423 56.97 37.17 -26.99
CA LYS C 423 56.89 36.94 -28.43
C LYS C 423 57.39 35.52 -28.72
N ARG C 424 56.57 34.74 -29.41
CA ARG C 424 56.82 33.32 -29.58
C ARG C 424 57.13 32.98 -31.04
N THR C 425 58.19 32.19 -31.23
CA THR C 425 58.58 31.66 -32.54
C THR C 425 58.79 30.16 -32.38
N PRO C 426 57.74 29.35 -32.61
CA PRO C 426 57.89 27.90 -32.45
C PRO C 426 58.74 27.32 -33.58
N LEU C 427 59.91 26.79 -33.22
CA LEU C 427 60.84 26.26 -34.21
C LEU C 427 60.68 24.76 -34.41
N ILE C 428 60.70 23.98 -33.33
CA ILE C 428 60.52 22.53 -33.38
C ILE C 428 59.24 22.20 -32.63
N ILE C 429 58.33 21.50 -33.29
CA ILE C 429 57.06 21.11 -32.70
C ILE C 429 56.52 19.93 -33.49
N THR C 430 56.04 18.91 -32.77
CA THR C 430 55.60 17.67 -33.40
C THR C 430 54.11 17.43 -33.32
N LYS C 431 53.44 17.83 -32.22
CA LYS C 431 52.03 17.52 -32.07
C LYS C 431 51.14 18.38 -32.96
N ALA C 432 51.63 19.54 -33.40
CA ALA C 432 50.82 20.43 -34.24
C ALA C 432 51.74 21.27 -35.11
N GLY C 433 51.15 21.89 -36.12
CA GLY C 433 51.90 22.73 -37.03
C GLY C 433 51.91 24.19 -36.64
N ASP C 434 52.36 24.49 -35.42
CA ASP C 434 52.45 25.87 -34.97
C ASP C 434 53.62 26.58 -35.65
N GLU C 435 53.39 27.84 -36.03
CA GLU C 435 54.41 28.62 -36.70
C GLU C 435 54.04 30.10 -36.58
N GLY C 436 55.01 30.96 -36.88
CA GLY C 436 54.78 32.38 -36.92
C GLY C 436 55.11 33.08 -35.62
N GLU C 437 54.94 34.40 -35.65
CA GLU C 437 55.18 35.25 -34.49
C GLU C 437 53.87 35.56 -33.78
N ARG C 438 53.88 35.33 -32.47
CA ARG C 438 52.70 35.61 -31.66
C ARG C 438 53.10 36.39 -30.42
N LEU C 439 52.26 37.34 -30.01
CA LEU C 439 52.51 38.18 -28.85
C LEU C 439 51.47 37.88 -27.80
N GLU C 440 51.92 37.61 -26.57
CA GLU C 440 51.01 37.32 -25.47
C GLU C 440 51.35 38.20 -24.27
N TYR C 441 50.34 38.50 -23.47
CA TYR C 441 50.47 39.34 -22.28
C TYR C 441 49.83 38.64 -21.10
N GLU C 442 50.51 38.64 -19.97
CA GLU C 442 49.91 38.00 -18.80
C GLU C 442 50.53 38.50 -17.50
N TRP C 443 49.73 38.38 -16.44
CA TRP C 443 50.12 38.69 -15.06
C TRP C 443 50.47 37.39 -14.35
N ILE C 444 51.60 37.40 -13.64
CA ILE C 444 51.93 36.36 -12.67
C ILE C 444 51.88 36.97 -11.28
N VAL C 445 51.15 36.33 -10.39
CA VAL C 445 51.05 36.70 -8.98
C VAL C 445 51.10 35.44 -8.14
N PRO C 446 52.15 35.22 -7.36
CA PRO C 446 52.17 34.06 -6.46
C PRO C 446 51.23 34.28 -5.27
N LEU C 447 50.47 33.25 -4.94
CA LEU C 447 49.51 33.36 -3.85
C LEU C 447 50.23 33.57 -2.53
N PRO C 448 49.65 34.36 -1.62
CA PRO C 448 50.27 34.55 -0.31
C PRO C 448 50.29 33.26 0.49
N GLN C 449 51.29 33.14 1.35
CA GLN C 449 51.42 31.95 2.19
C GLN C 449 50.30 31.93 3.23
N GLN C 450 50.06 30.74 3.79
CA GLN C 450 48.99 30.58 4.77
C GLN C 450 49.27 31.38 6.03
N ALA C 451 50.54 31.46 6.43
CA ALA C 451 50.92 32.16 7.66
C ALA C 451 51.06 33.65 7.48
N GLU C 452 50.89 34.18 6.27
CA GLU C 452 51.04 35.61 6.03
C GLU C 452 49.84 36.41 6.52
N ARG C 453 48.74 35.76 6.90
CA ARG C 453 47.56 36.41 7.47
C ARG C 453 47.03 37.52 6.56
N ILE C 454 47.25 37.38 5.25
CA ILE C 454 46.79 38.38 4.30
C ILE C 454 45.30 38.20 4.05
N ASP C 455 44.55 39.31 4.14
CA ASP C 455 43.11 39.25 3.89
C ASP C 455 42.83 38.83 2.45
N ILE C 456 41.70 38.16 2.26
CA ILE C 456 41.43 37.45 1.02
C ILE C 456 40.51 38.23 0.09
N ALA C 457 39.46 38.85 0.63
CA ALA C 457 38.46 39.49 -0.21
C ALA C 457 39.05 40.66 -0.99
N ALA C 458 39.75 41.56 -0.30
CA ALA C 458 40.30 42.73 -0.97
C ALA C 458 41.35 42.33 -2.00
N LEU C 459 42.14 41.30 -1.71
CA LEU C 459 43.12 40.82 -2.68
C LEU C 459 42.44 40.34 -3.96
N THR C 460 41.37 39.55 -3.82
CA THR C 460 40.65 39.05 -4.99
C THR C 460 40.02 40.21 -5.77
N ASP C 461 39.42 41.17 -5.08
CA ASP C 461 38.82 42.31 -5.76
C ASP C 461 39.88 43.12 -6.51
N GLU C 462 41.03 43.35 -5.87
CA GLU C 462 42.10 44.10 -6.52
C GLU C 462 42.61 43.37 -7.75
N LEU C 463 42.77 42.05 -7.67
CA LEU C 463 43.20 41.28 -8.83
C LEU C 463 42.18 41.36 -9.96
N TRP C 464 40.89 41.27 -9.61
CA TRP C 464 39.85 41.36 -10.63
C TRP C 464 39.87 42.72 -11.32
N GLU C 465 39.98 43.79 -10.54
CA GLU C 465 40.02 45.12 -11.13
C GLU C 465 41.30 45.38 -11.92
N TYR C 466 42.42 44.78 -11.51
CA TYR C 466 43.65 44.92 -12.29
C TYR C 466 43.54 44.18 -13.61
N GLY C 467 42.91 43.00 -13.60
CA GLY C 467 42.63 42.31 -14.85
C GLY C 467 41.73 43.12 -15.75
N ASN C 468 40.71 43.77 -15.16
CA ASN C 468 39.84 44.65 -15.95
C ASN C 468 40.63 45.82 -16.53
N LYS C 469 41.55 46.39 -15.75
CA LYS C 469 42.37 47.49 -16.25
C LYS C 469 43.25 47.05 -17.41
N LEU C 470 43.88 45.87 -17.29
CA LEU C 470 44.68 45.35 -18.40
C LEU C 470 43.81 45.09 -19.62
N ALA C 471 42.59 44.58 -19.41
CA ALA C 471 41.66 44.39 -20.52
C ALA C 471 41.36 45.70 -21.21
N ALA C 472 41.10 46.76 -20.43
CA ALA C 472 40.79 48.06 -21.01
C ALA C 472 42.00 48.67 -21.71
N ALA C 473 43.21 48.37 -21.23
CA ALA C 473 44.41 48.92 -21.86
C ALA C 473 44.56 48.43 -23.29
N LEU C 474 44.32 47.13 -23.53
CA LEU C 474 44.38 46.56 -24.86
C LEU C 474 42.99 46.35 -25.45
N GLU C 475 41.96 46.94 -24.85
CA GLU C 475 40.61 46.84 -25.40
C GLU C 475 40.53 47.42 -26.80
N GLU C 476 41.13 48.59 -27.00
CA GLU C 476 41.31 49.15 -28.33
C GLU C 476 42.61 48.70 -28.99
N GLY C 477 43.45 47.97 -28.26
CA GLY C 477 44.69 47.47 -28.84
C GLY C 477 44.51 46.28 -29.76
N MET C 478 43.36 45.62 -29.70
CA MET C 478 43.03 44.50 -30.58
C MET C 478 41.92 44.90 -31.56
N GLU C 479 41.94 46.16 -32.00
CA GLU C 479 40.95 46.69 -32.92
C GLU C 479 41.31 46.44 -34.38
N GLU C 480 42.42 45.76 -34.64
CA GLU C 480 42.92 45.61 -36.01
C GLU C 480 41.92 44.85 -36.88
N LEU C 481 41.66 43.58 -36.55
CA LEU C 481 40.82 42.74 -37.38
C LEU C 481 39.36 42.81 -36.95
N MET C 482 38.47 42.49 -37.89
CA MET C 482 37.04 42.46 -37.63
C MET C 482 36.70 41.12 -36.97
N VAL C 483 36.91 41.07 -35.65
CA VAL C 483 36.66 39.85 -34.90
C VAL C 483 35.17 39.50 -34.94
N HIS C 484 34.31 40.48 -34.70
CA HIS C 484 32.87 40.24 -34.71
C HIS C 484 32.22 40.88 -35.92
N ASN D 3 -1.34 8.58 -32.81
CA ASN D 3 -1.92 7.76 -31.75
C ASN D 3 -0.91 7.33 -30.67
N PRO D 4 0.30 6.91 -31.05
CA PRO D 4 1.31 6.63 -30.01
C PRO D 4 1.60 7.81 -29.10
N PHE D 5 1.56 9.03 -29.63
CA PHE D 5 1.79 10.19 -28.78
C PHE D 5 0.69 10.31 -27.74
N GLU D 6 -0.56 10.02 -28.11
CA GLU D 6 -1.65 10.10 -27.14
C GLU D 6 -1.49 9.07 -26.04
N LYS D 7 -1.04 7.86 -26.39
CA LYS D 7 -0.75 6.86 -25.37
C LYS D 7 0.37 7.32 -24.44
N VAL D 8 1.43 7.90 -25.00
CA VAL D 8 2.53 8.40 -24.19
C VAL D 8 2.05 9.50 -23.25
N ALA D 9 1.21 10.41 -23.77
CA ALA D 9 0.68 11.49 -22.95
C ALA D 9 -0.20 10.96 -21.83
N ARG D 10 -1.05 9.98 -22.12
CA ARG D 10 -1.87 9.36 -21.09
C ARG D 10 -0.99 8.74 -20.00
N GLY D 11 0.02 7.98 -20.42
CA GLY D 11 0.90 7.35 -19.44
C GLY D 11 1.63 8.36 -18.57
N ILE D 12 2.17 9.42 -19.19
CA ILE D 12 2.89 10.44 -18.44
C ILE D 12 1.95 11.17 -17.49
N ALA D 13 0.76 11.53 -17.95
CA ALA D 13 -0.19 12.26 -17.11
C ALA D 13 -0.60 11.42 -15.91
N PHE D 14 -0.90 10.14 -16.13
CA PHE D 14 -1.33 9.32 -15.00
C PHE D 14 -0.17 8.97 -14.07
N LYS D 15 1.05 8.85 -14.60
CA LYS D 15 2.20 8.68 -13.73
C LYS D 15 2.41 9.89 -12.84
N MET D 16 2.30 11.09 -13.41
CA MET D 16 2.47 12.30 -12.62
C MET D 16 1.33 12.45 -11.60
N ARG D 17 0.12 12.06 -11.98
CA ARG D 17 -0.99 12.06 -11.02
C ARG D 17 -0.72 11.10 -9.87
N SER D 18 -0.26 9.88 -10.17
CA SER D 18 0.05 8.90 -9.13
C SER D 18 1.25 9.30 -8.30
N LYS D 19 2.08 10.23 -8.78
CA LYS D 19 3.19 10.71 -7.98
C LYS D 19 2.74 11.50 -6.75
N VAL D 20 1.50 11.99 -6.74
CA VAL D 20 1.00 12.81 -5.64
C VAL D 20 0.17 11.93 -4.71
N HIS D 21 0.55 11.91 -3.43
CA HIS D 21 -0.18 11.16 -2.41
C HIS D 21 0.16 11.78 -1.05
N LYS D 22 -0.19 11.07 0.02
CA LYS D 22 -0.02 11.58 1.37
C LYS D 22 1.37 11.30 1.95
N GLN D 23 2.25 10.64 1.20
CA GLN D 23 3.61 10.38 1.65
C GLN D 23 4.63 11.28 0.97
N GLY D 24 4.19 12.34 0.30
CA GLY D 24 5.12 13.24 -0.36
C GLY D 24 5.97 13.99 0.63
N TYR D 25 7.15 14.41 0.15
CA TYR D 25 8.09 15.15 1.00
C TYR D 25 7.50 16.49 1.41
N SER D 26 6.98 17.24 0.44
CA SER D 26 6.41 18.55 0.75
C SER D 26 5.19 18.44 1.66
N ASN D 27 4.33 17.47 1.40
CA ASN D 27 3.15 17.29 2.26
C ASN D 27 3.55 16.91 3.67
N THR D 28 4.57 16.05 3.83
CA THR D 28 5.08 15.74 5.15
C THR D 28 5.65 16.99 5.83
N VAL D 29 6.33 17.83 5.06
CA VAL D 29 6.91 19.05 5.63
C VAL D 29 5.80 19.98 6.14
N MET D 30 4.75 20.18 5.34
CA MET D 30 3.62 20.99 5.81
C MET D 30 2.93 20.36 7.02
N ALA D 31 2.79 19.03 7.02
CA ALA D 31 2.16 18.37 8.17
C ALA D 31 2.97 18.59 9.44
N GLN D 32 4.30 18.46 9.36
CA GLN D 32 5.12 18.69 10.54
C GLN D 32 5.15 20.16 10.93
N GLN D 33 5.02 21.07 9.95
CA GLN D 33 4.88 22.48 10.28
C GLN D 33 3.60 22.74 11.07
N ALA D 34 2.50 22.09 10.66
CA ALA D 34 1.27 22.20 11.43
C ALA D 34 1.40 21.53 12.80
N ARG D 35 2.26 20.52 12.92
CA ARG D 35 2.50 19.86 14.19
C ARG D 35 3.20 20.77 15.20
N ARG D 36 3.91 21.80 14.73
CA ARG D 36 4.67 22.66 15.62
C ARG D 36 3.75 23.36 16.62
N LEU D 37 4.15 23.35 17.89
CA LEU D 37 3.35 23.95 18.94
C LEU D 37 3.56 25.46 19.00
N SER D 38 2.56 26.14 19.55
CA SER D 38 2.64 27.58 19.71
C SER D 38 3.62 27.95 20.83
N PRO D 39 4.11 29.19 20.84
CA PRO D 39 4.98 29.61 21.95
C PRO D 39 4.32 29.47 23.32
N THR D 40 3.02 29.73 23.42
CA THR D 40 2.29 29.51 24.65
C THR D 40 1.89 28.06 24.86
N GLY D 41 1.96 27.23 23.82
CA GLY D 41 1.60 25.83 23.96
C GLY D 41 2.50 25.09 24.93
N LEU D 42 3.81 25.37 24.88
CA LEU D 42 4.74 24.71 25.79
C LEU D 42 4.39 25.02 27.23
N LEU D 43 4.15 26.30 27.56
CA LEU D 43 3.80 26.66 28.92
C LEU D 43 2.42 26.11 29.30
N ALA D 44 1.52 25.95 28.33
CA ALA D 44 0.23 25.32 28.63
C ALA D 44 0.41 23.86 29.03
N MET D 45 1.26 23.11 28.30
CA MET D 45 1.56 21.75 28.71
C MET D 45 2.26 21.70 30.07
N GLU D 46 3.16 22.65 30.35
CA GLU D 46 3.79 22.68 31.67
C GLU D 46 2.75 22.93 32.77
N ARG D 47 1.81 23.83 32.51
CA ARG D 47 0.74 24.08 33.48
C ARG D 47 -0.11 22.83 33.70
N LEU D 48 -0.43 22.12 32.62
CA LEU D 48 -1.21 20.89 32.75
C LEU D 48 -0.44 19.84 33.55
N THR D 49 0.86 19.72 33.31
CA THR D 49 1.67 18.78 34.08
C THR D 49 1.71 19.16 35.55
N GLU D 50 1.85 20.45 35.85
CA GLU D 50 1.86 20.90 37.23
C GLU D 50 0.53 20.61 37.91
N LEU D 51 -0.58 20.82 37.21
CA LEU D 51 -1.89 20.50 37.76
C LEU D 51 -2.01 18.99 38.00
N THR D 52 -1.54 18.18 37.06
CA THR D 52 -1.63 16.73 37.19
C THR D 52 -0.77 16.22 38.36
N ALA D 53 0.33 16.90 38.66
CA ALA D 53 1.24 16.45 39.69
C ALA D 53 0.62 16.45 41.09
N LEU D 54 -0.48 17.18 41.29
CA LEU D 54 -1.09 17.30 42.61
C LEU D 54 -2.35 16.45 42.79
N GLN D 55 -2.89 15.90 41.71
CA GLN D 55 -4.15 15.17 41.81
C GLN D 55 -4.00 13.93 42.69
N GLN D 56 -2.89 13.20 42.53
CA GLN D 56 -2.69 11.99 43.32
C GLN D 56 -2.44 12.33 44.79
N ARG D 57 -1.69 13.39 45.05
CA ARG D 57 -1.44 13.79 46.44
C ARG D 57 -2.73 14.20 47.13
N HIS D 58 -3.59 14.94 46.43
CA HIS D 58 -4.87 15.33 47.02
C HIS D 58 -5.81 14.15 47.16
N GLN D 59 -5.75 13.19 46.23
CA GLN D 59 -6.60 12.01 46.30
C GLN D 59 -6.16 11.02 47.37
N CYS D 60 -4.90 11.08 47.79
CA CYS D 60 -4.40 10.17 48.81
C CYS D 60 -4.36 10.79 50.20
N THR D 61 -3.63 11.91 50.36
CA THR D 61 -3.41 12.45 51.70
C THR D 61 -4.63 13.19 52.25
N PHE D 62 -5.46 13.78 51.40
CA PHE D 62 -6.58 14.61 51.82
C PHE D 62 -6.13 15.81 52.63
N ASP D 63 -4.87 16.22 52.45
CA ASP D 63 -4.33 17.32 53.24
C ASP D 63 -4.96 18.64 52.80
N PRO D 64 -5.22 19.55 53.73
CA PRO D 64 -5.78 20.85 53.36
C PRO D 64 -4.70 21.81 52.90
N ALA D 65 -5.16 22.97 52.40
CA ALA D 65 -4.35 24.05 51.85
C ALA D 65 -3.64 23.66 50.55
N LEU D 66 -3.75 22.41 50.12
CA LEU D 66 -3.20 22.02 48.82
C LEU D 66 -4.02 22.60 47.68
N ARG D 67 -5.33 22.75 47.87
CA ARG D 67 -6.17 23.39 46.87
C ARG D 67 -5.75 24.85 46.67
N SER D 68 -5.42 25.53 47.76
CA SER D 68 -4.84 26.86 47.66
C SER D 68 -3.49 26.79 46.95
N LYS D 69 -3.23 27.78 46.10
CA LYS D 69 -2.10 27.87 45.18
C LYS D 69 -2.23 26.85 44.05
N ALA D 70 -3.22 25.97 44.09
CA ALA D 70 -3.54 25.08 42.99
C ALA D 70 -4.77 25.51 42.21
N THR D 71 -5.71 26.20 42.86
CA THR D 71 -6.80 26.85 42.13
C THR D 71 -6.32 28.13 41.47
N GLN D 72 -5.44 28.88 42.13
CA GLN D 72 -4.93 30.12 41.55
C GLN D 72 -4.08 29.87 40.31
N ILE D 73 -3.28 28.81 40.33
CA ILE D 73 -2.41 28.51 39.18
C ILE D 73 -3.24 28.19 37.95
N LEU D 74 -4.46 27.69 38.13
CA LEU D 74 -5.38 27.45 37.03
C LEU D 74 -6.34 28.62 36.80
N ARG D 75 -6.28 29.66 37.63
CA ARG D 75 -7.14 30.82 37.45
C ARG D 75 -6.86 31.49 36.11
N THR D 76 -5.57 31.66 35.77
CA THR D 76 -5.15 32.24 34.51
C THR D 76 -4.48 31.14 33.70
N LEU D 77 -5.29 30.39 32.96
CA LEU D 77 -4.78 29.32 32.10
C LEU D 77 -4.99 29.70 30.65
N PRO D 78 -3.95 30.08 29.92
CA PRO D 78 -4.14 30.54 28.54
C PRO D 78 -4.28 29.40 27.54
N LEU D 79 -4.55 28.20 28.05
CA LEU D 79 -4.69 27.02 27.19
C LEU D 79 -5.94 27.17 26.33
N LEU D 80 -5.76 27.48 25.05
CA LEU D 80 -6.85 27.57 24.09
C LEU D 80 -6.75 26.51 23.02
N SER D 81 -5.61 26.43 22.33
CA SER D 81 -5.32 25.34 21.39
C SER D 81 -6.41 25.18 20.34
N ILE D 82 -6.80 26.29 19.72
CA ILE D 82 -7.83 26.25 18.69
C ILE D 82 -7.27 25.47 17.50
N ASP D 83 -7.85 24.29 17.26
CA ASP D 83 -7.48 23.42 16.14
C ASP D 83 -6.00 23.05 16.13
N GLU D 84 -5.34 23.13 17.27
CA GLU D 84 -3.99 22.58 17.41
C GLU D 84 -4.01 21.12 17.83
N ASP D 85 -5.04 20.71 18.56
CA ASP D 85 -5.31 19.31 18.87
C ASP D 85 -6.76 19.02 18.51
N PRO D 86 -7.02 18.56 17.28
CA PRO D 86 -8.41 18.32 16.87
C PRO D 86 -8.96 17.03 17.45
N TYR D 87 -8.73 16.82 18.75
CA TYR D 87 -9.29 15.71 19.50
C TYR D 87 -9.75 16.10 20.90
N PHE D 88 -9.40 17.30 21.37
CA PHE D 88 -9.85 17.86 22.65
C PHE D 88 -9.35 17.05 23.85
N THR D 89 -8.38 16.15 23.65
CA THR D 89 -7.93 15.32 24.76
C THR D 89 -7.30 16.16 25.86
N HIS D 90 -6.54 17.19 25.50
CA HIS D 90 -6.02 18.10 26.51
C HIS D 90 -7.12 18.93 27.13
N THR D 91 -8.10 19.35 26.32
CA THR D 91 -9.25 20.07 26.86
C THR D 91 -10.05 19.20 27.80
N GLN D 92 -10.26 17.93 27.45
CA GLN D 92 -10.95 17.02 28.35
C GLN D 92 -10.16 16.81 29.64
N ARG D 93 -8.84 16.69 29.53
CA ARG D 93 -8.01 16.53 30.72
C ARG D 93 -8.13 17.73 31.64
N ALA D 94 -8.07 18.94 31.08
CA ALA D 94 -8.20 20.15 31.88
C ALA D 94 -9.59 20.24 32.49
N LEU D 95 -10.63 19.88 31.74
CA LEU D 95 -11.99 19.90 32.27
C LEU D 95 -12.14 18.95 33.44
N ARG D 96 -11.60 17.74 33.32
CA ARG D 96 -11.68 16.78 34.42
C ARG D 96 -10.89 17.28 35.63
N LEU D 97 -9.72 17.86 35.41
CA LEU D 97 -8.91 18.37 36.51
C LEU D 97 -9.64 19.50 37.24
N ALA D 98 -10.30 20.39 36.49
CA ALA D 98 -11.11 21.42 37.12
C ALA D 98 -12.32 20.83 37.83
N ALA D 99 -12.87 19.72 37.31
CA ALA D 99 -14.00 19.07 37.96
C ALA D 99 -13.60 18.51 39.33
N TYR D 100 -12.42 17.88 39.41
CA TYR D 100 -12.01 17.30 40.69
C TYR D 100 -11.68 18.36 41.73
N PHE D 101 -11.25 19.54 41.29
CA PHE D 101 -10.85 20.60 42.21
C PHE D 101 -11.99 21.51 42.63
N GLY D 102 -13.21 21.22 42.21
CA GLY D 102 -14.34 22.08 42.51
C GLY D 102 -14.42 23.33 41.67
N ALA D 103 -13.60 23.44 40.63
CA ALA D 103 -13.61 24.61 39.75
C ALA D 103 -14.82 24.52 38.84
N VAL D 104 -15.87 25.27 39.18
CA VAL D 104 -17.13 25.26 38.44
C VAL D 104 -17.45 26.65 37.89
N ASP D 105 -17.34 27.68 38.73
CA ASP D 105 -17.74 29.03 38.37
C ASP D 105 -16.58 29.90 37.91
N LEU D 106 -15.38 29.33 37.78
CA LEU D 106 -14.25 30.12 37.32
C LEU D 106 -14.36 30.37 35.82
N PRO D 107 -13.85 31.52 35.34
CA PRO D 107 -13.96 31.83 33.91
C PRO D 107 -13.24 30.85 33.00
N VAL D 108 -12.24 30.12 33.51
CA VAL D 108 -11.53 29.15 32.67
C VAL D 108 -12.47 28.03 32.23
N THR D 109 -13.28 27.53 33.17
CA THR D 109 -14.23 26.47 32.83
C THR D 109 -15.26 26.97 31.82
N TYR D 110 -15.75 28.20 32.00
CA TYR D 110 -16.72 28.76 31.06
C TYR D 110 -16.10 28.94 29.68
N ALA D 111 -14.83 29.35 29.63
CA ALA D 111 -14.14 29.48 28.35
C ALA D 111 -13.98 28.12 27.68
N LEU D 112 -13.66 27.09 28.46
CA LEU D 112 -13.55 25.75 27.90
C LEU D 112 -14.89 25.28 27.33
N ILE D 113 -15.98 25.52 28.07
CA ILE D 113 -17.30 25.13 27.59
C ILE D 113 -17.67 25.93 26.34
N ASN D 114 -17.27 27.20 26.29
CA ASN D 114 -17.53 28.01 25.10
C ASN D 114 -16.75 27.47 23.90
N GLN D 115 -15.51 27.05 24.12
CA GLN D 115 -14.77 26.40 23.04
C GLN D 115 -15.47 25.14 22.58
N HIS D 116 -15.96 24.34 23.52
CA HIS D 116 -16.69 23.12 23.18
C HIS D 116 -17.92 23.43 22.33
N THR D 117 -18.68 24.44 22.72
CA THR D 117 -19.91 24.77 22.01
C THR D 117 -19.68 25.53 20.72
N LYS D 118 -18.49 26.12 20.53
CA LYS D 118 -18.18 26.81 19.29
C LYS D 118 -17.47 25.93 18.27
N ASN D 119 -16.82 24.87 18.72
CA ASN D 119 -16.17 23.91 17.83
C ASN D 119 -16.96 22.61 17.72
N ALA D 120 -18.28 22.73 17.72
CA ALA D 120 -19.16 21.56 17.73
C ALA D 120 -19.54 21.10 16.33
N PHE D 121 -18.54 20.89 15.47
CA PHE D 121 -18.76 20.23 14.19
C PHE D 121 -17.65 19.24 13.84
N MET D 122 -16.70 19.01 14.73
CA MET D 122 -15.67 17.99 14.53
C MET D 122 -15.59 17.01 15.71
N LEU D 123 -16.61 17.01 16.57
CA LEU D 123 -16.64 16.08 17.70
C LEU D 123 -17.17 14.73 17.23
N ASP D 124 -16.47 13.66 17.60
CA ASP D 124 -16.92 12.32 17.28
C ASP D 124 -17.69 11.75 18.46
N ALA D 125 -18.11 10.48 18.34
CA ALA D 125 -18.95 9.87 19.37
C ALA D 125 -18.23 9.74 20.70
N PHE D 126 -16.98 9.30 20.68
CA PHE D 126 -16.26 9.05 21.94
C PHE D 126 -16.02 10.34 22.70
N SER D 127 -15.55 11.39 22.02
CA SER D 127 -15.24 12.64 22.71
C SER D 127 -16.49 13.26 23.31
N MET D 128 -17.61 13.21 22.57
CA MET D 128 -18.85 13.78 23.09
C MET D 128 -19.43 12.94 24.22
N ALA D 129 -19.29 11.62 24.15
CA ALA D 129 -19.72 10.78 25.26
C ALA D 129 -18.92 11.07 26.51
N SER D 130 -17.60 11.29 26.36
CA SER D 130 -16.77 11.65 27.49
C SER D 130 -17.13 13.03 28.03
N PHE D 131 -17.46 13.97 27.14
CA PHE D 131 -17.84 15.30 27.57
C PHE D 131 -19.16 15.29 28.34
N PHE D 132 -20.11 14.46 27.91
CA PHE D 132 -21.37 14.34 28.63
C PHE D 132 -21.27 13.47 29.88
N TYR D 133 -20.24 12.63 29.99
CA TYR D 133 -19.97 11.97 31.27
C TYR D 133 -19.66 12.99 32.35
N THR D 134 -18.81 13.96 32.05
CA THR D 134 -18.64 15.12 32.91
C THR D 134 -19.74 16.13 32.56
N LEU D 135 -19.67 17.32 33.14
CA LEU D 135 -20.70 18.36 33.00
C LEU D 135 -22.00 17.92 33.67
N ALA D 136 -22.04 16.67 34.14
CA ALA D 136 -23.08 16.16 35.01
C ALA D 136 -22.59 16.02 36.45
N LYS D 137 -21.34 15.61 36.62
CA LYS D 137 -20.70 15.71 37.93
C LYS D 137 -20.56 17.17 38.34
N LEU D 138 -20.31 18.05 37.37
CA LEU D 138 -20.28 19.49 37.59
C LEU D 138 -21.66 20.04 37.27
N LYS D 139 -22.48 20.25 38.29
CA LYS D 139 -23.83 20.76 38.12
C LYS D 139 -23.76 22.25 37.78
N HIS D 140 -23.42 22.53 36.52
CA HIS D 140 -23.31 23.90 36.06
C HIS D 140 -24.68 24.56 36.08
N PRO D 141 -24.76 25.84 36.46
CA PRO D 141 -26.06 26.53 36.48
C PRO D 141 -26.70 26.66 35.11
N GLN D 142 -25.95 26.55 34.03
CA GLN D 142 -26.45 26.79 32.67
C GLN D 142 -26.31 25.55 31.80
N THR D 143 -26.62 24.37 32.36
CA THR D 143 -26.56 23.15 31.58
C THR D 143 -27.63 23.11 30.49
N LYS D 144 -28.78 23.75 30.73
CA LYS D 144 -29.89 23.66 29.78
C LYS D 144 -29.51 24.25 28.42
N GLU D 145 -28.89 25.43 28.43
CA GLU D 145 -28.52 26.06 27.16
C GLU D 145 -27.43 25.28 26.43
N ILE D 146 -26.45 24.76 27.17
CA ILE D 146 -25.39 23.96 26.56
C ILE D 146 -25.98 22.72 25.90
N VAL D 147 -26.87 22.04 26.60
CA VAL D 147 -27.50 20.84 26.05
C VAL D 147 -28.36 21.20 24.83
N GLY D 148 -29.07 22.32 24.90
CA GLY D 148 -29.88 22.73 23.76
C GLY D 148 -29.05 23.04 22.53
N ILE D 149 -27.87 23.64 22.72
CA ILE D 149 -26.99 23.93 21.59
C ILE D 149 -26.41 22.63 21.04
N LEU D 150 -25.96 21.73 21.92
CA LEU D 150 -25.28 20.52 21.47
C LEU D 150 -26.22 19.44 20.95
N LEU D 151 -27.52 19.53 21.26
CA LEU D 151 -28.44 18.45 20.89
C LEU D 151 -28.52 18.17 19.39
N PRO D 152 -28.57 19.15 18.49
CA PRO D 152 -28.62 18.80 17.06
C PRO D 152 -27.45 17.99 16.58
N ARG D 153 -26.30 18.06 17.26
CA ARG D 153 -25.17 17.21 16.91
C ARG D 153 -25.35 15.79 17.43
N LEU D 154 -26.18 15.61 18.46
CA LEU D 154 -26.40 14.28 19.02
C LEU D 154 -26.98 13.33 17.97
N ARG D 155 -27.96 13.81 17.21
CA ARG D 155 -28.62 12.99 16.20
C ARG D 155 -27.70 12.60 15.06
N GLU D 156 -26.53 13.22 14.94
CA GLU D 156 -25.58 12.88 13.89
C GLU D 156 -24.61 11.78 14.32
N VAL D 157 -24.10 11.85 15.55
CA VAL D 157 -23.14 10.87 16.04
C VAL D 157 -23.80 9.89 17.01
N ALA D 158 -25.14 9.79 16.98
CA ALA D 158 -25.83 8.84 17.86
C ALA D 158 -25.50 7.39 17.56
N PRO D 159 -25.56 6.90 16.30
CA PRO D 159 -25.38 5.46 16.09
C PRO D 159 -23.93 5.01 16.12
N GLU D 160 -23.15 5.53 17.07
CA GLU D 160 -21.78 5.06 17.29
C GLU D 160 -21.44 5.00 18.77
N LEU D 161 -22.44 4.92 19.64
CA LEU D 161 -22.24 5.02 21.08
C LEU D 161 -22.38 3.64 21.72
N ILE D 162 -21.43 3.30 22.59
CA ILE D 162 -21.58 2.12 23.41
C ILE D 162 -22.81 2.28 24.30
N ALA D 163 -23.44 1.16 24.65
CA ALA D 163 -24.62 1.21 25.51
C ALA D 163 -24.27 1.74 26.90
N ARG D 164 -23.09 1.39 27.42
CA ARG D 164 -22.69 1.81 28.76
C ARG D 164 -22.54 3.32 28.88
N GLU D 165 -22.40 4.04 27.76
CA GLU D 165 -22.42 5.50 27.79
C GLU D 165 -23.75 6.07 27.33
N ALA D 166 -24.51 5.34 26.52
CA ALA D 166 -25.87 5.74 26.21
C ALA D 166 -26.73 5.78 27.46
N VAL D 167 -26.43 4.93 28.44
CA VAL D 167 -27.17 4.95 29.71
C VAL D 167 -27.02 6.30 30.39
N HIS D 168 -25.78 6.77 30.53
CA HIS D 168 -25.55 8.08 31.16
C HIS D 168 -26.06 9.21 30.29
N ILE D 169 -25.95 9.09 28.98
CA ILE D 169 -26.50 10.10 28.08
C ILE D 169 -28.00 10.28 28.34
N LEU D 170 -28.73 9.16 28.40
CA LEU D 170 -30.16 9.23 28.62
C LEU D 170 -30.49 9.70 30.03
N ARG D 171 -29.68 9.33 31.03
CA ARG D 171 -29.90 9.84 32.38
C ARG D 171 -29.80 11.36 32.41
N LEU D 172 -28.75 11.91 31.82
CA LEU D 172 -28.58 13.36 31.79
C LEU D 172 -29.70 14.03 31.00
N LEU D 173 -30.08 13.44 29.86
CA LEU D 173 -31.12 14.05 29.03
C LEU D 173 -32.50 13.98 29.66
N CYS D 174 -32.75 12.98 30.51
CA CYS D 174 -34.06 12.83 31.13
C CYS D 174 -34.15 13.48 32.50
N SER D 175 -33.03 13.81 33.14
CA SER D 175 -33.09 14.48 34.43
C SER D 175 -33.45 15.95 34.31
N ILE D 176 -33.41 16.53 33.11
CA ILE D 176 -33.70 17.94 32.89
C ILE D 176 -34.88 18.15 31.95
N GLN D 177 -35.63 17.09 31.65
CA GLN D 177 -36.83 17.11 30.81
C GLN D 177 -36.55 17.60 29.39
N MET D 178 -35.29 17.71 28.99
CA MET D 178 -34.93 18.19 27.66
C MET D 178 -34.94 17.07 26.63
N ALA D 179 -34.97 15.81 27.05
CA ALA D 179 -34.86 14.68 26.12
C ALA D 179 -35.99 14.70 25.11
N ASP D 180 -35.63 14.53 23.84
CA ASP D 180 -36.58 14.48 22.74
C ASP D 180 -36.69 13.06 22.19
N ALA D 181 -37.79 12.80 21.50
CA ALA D 181 -38.03 11.48 20.91
C ALA D 181 -37.45 11.39 19.51
N GLN D 182 -36.17 11.72 19.37
CA GLN D 182 -35.46 11.56 18.10
C GLN D 182 -34.16 10.79 18.24
N LEU D 183 -33.41 10.99 19.32
CA LEU D 183 -32.25 10.17 19.60
C LEU D 183 -32.60 8.93 20.42
N VAL D 184 -33.71 8.98 21.16
CA VAL D 184 -34.14 7.83 21.95
C VAL D 184 -34.41 6.64 21.04
N LYS D 185 -35.08 6.88 19.90
CA LYS D 185 -35.33 5.78 18.98
C LYS D 185 -34.05 5.24 18.38
N VAL D 186 -33.05 6.10 18.16
CA VAL D 186 -31.77 5.64 17.62
C VAL D 186 -31.07 4.73 18.64
N VAL D 187 -31.03 5.16 19.90
CA VAL D 187 -30.39 4.34 20.93
C VAL D 187 -31.15 3.02 21.11
N THR D 188 -32.48 3.08 21.07
CA THR D 188 -33.28 1.86 21.20
C THR D 188 -33.02 0.92 20.03
N GLU D 189 -32.90 1.45 18.82
CA GLU D 189 -32.59 0.63 17.66
C GLU D 189 -31.22 -0.04 17.82
N THR D 190 -30.22 0.72 18.28
CA THR D 190 -28.90 0.13 18.49
C THR D 190 -28.96 -0.99 19.53
N VAL D 191 -29.63 -0.75 20.65
CA VAL D 191 -29.69 -1.74 21.72
C VAL D 191 -30.43 -2.99 21.25
N VAL D 192 -31.56 -2.82 20.55
CA VAL D 192 -32.32 -3.97 20.10
C VAL D 192 -31.60 -4.71 18.99
N ALA D 193 -30.74 -4.02 18.23
CA ALA D 193 -29.96 -4.71 17.20
C ALA D 193 -28.83 -5.53 17.81
N THR D 194 -28.14 -4.99 18.81
CA THR D 194 -27.02 -5.67 19.44
C THR D 194 -27.42 -6.40 20.72
N ALA D 195 -28.64 -6.93 20.77
CA ALA D 195 -29.12 -7.65 21.95
C ALA D 195 -28.50 -9.03 22.10
N ALA D 196 -27.80 -9.54 21.08
CA ALA D 196 -27.22 -10.86 21.17
C ALA D 196 -26.12 -10.92 22.23
N ASP D 197 -25.27 -9.90 22.29
CA ASP D 197 -24.14 -9.86 23.24
C ASP D 197 -24.07 -8.45 23.81
N VAL D 198 -24.75 -8.24 24.93
CA VAL D 198 -24.75 -6.96 25.64
C VAL D 198 -25.02 -7.26 27.11
N PRO D 199 -24.30 -6.64 28.04
CA PRO D 199 -24.51 -6.95 29.46
C PRO D 199 -25.96 -6.74 29.88
N LEU D 200 -26.48 -7.68 30.66
CA LEU D 200 -27.88 -7.63 31.06
C LEU D 200 -28.16 -6.44 31.99
N ARG D 201 -27.17 -6.05 32.79
CA ARG D 201 -27.35 -4.88 33.64
C ARG D 201 -27.64 -3.63 32.81
N ASP D 202 -26.90 -3.46 31.71
CA ASP D 202 -27.12 -2.31 30.84
C ASP D 202 -28.51 -2.34 30.22
N ALA D 203 -28.95 -3.52 29.76
CA ALA D 203 -30.26 -3.63 29.16
C ALA D 203 -31.37 -3.31 30.17
N ARG D 204 -31.23 -3.82 31.40
CA ARG D 204 -32.20 -3.50 32.44
C ARG D 204 -32.22 -2.01 32.74
N GLN D 205 -31.04 -1.39 32.85
CA GLN D 205 -30.99 0.04 33.11
C GLN D 205 -31.65 0.84 32.00
N CYS D 206 -31.37 0.47 30.74
CA CYS D 206 -31.96 1.19 29.61
C CYS D 206 -33.47 1.00 29.55
N ALA D 207 -33.95 -0.19 29.90
CA ALA D 207 -35.39 -0.41 29.89
C ALA D 207 -36.08 0.36 31.02
N PHE D 208 -35.42 0.46 32.17
CA PHE D 208 -36.04 1.15 33.30
C PHE D 208 -36.01 2.67 33.12
N ILE D 209 -34.92 3.20 32.57
CA ILE D 209 -34.68 4.64 32.64
C ILE D 209 -35.73 5.42 31.85
N LEU D 210 -36.07 4.95 30.65
CA LEU D 210 -37.04 5.64 29.81
C LEU D 210 -38.44 5.03 29.90
N SER D 211 -38.69 4.24 30.96
CA SER D 211 -40.01 3.62 31.11
C SER D 211 -41.08 4.63 31.45
N GLU D 212 -40.73 5.68 32.19
CA GLU D 212 -41.74 6.65 32.63
C GLU D 212 -42.34 7.42 31.45
N THR D 213 -41.51 7.84 30.49
CA THR D 213 -41.98 8.69 29.42
C THR D 213 -42.37 7.90 28.17
N PHE D 214 -41.48 7.05 27.66
CA PHE D 214 -41.74 6.27 26.45
C PHE D 214 -41.83 4.80 26.82
N PRO D 215 -43.04 4.24 26.97
CA PRO D 215 -43.15 2.84 27.39
C PRO D 215 -42.86 1.83 26.28
N GLU D 216 -43.22 2.13 25.03
CA GLU D 216 -43.09 1.14 23.96
C GLU D 216 -41.63 0.78 23.69
N GLU D 217 -40.74 1.78 23.73
CA GLU D 217 -39.32 1.49 23.52
C GLU D 217 -38.77 0.60 24.63
N ALA D 218 -39.18 0.85 25.88
CA ALA D 218 -38.76 0.00 26.97
C ALA D 218 -39.31 -1.41 26.80
N GLN D 219 -40.55 -1.53 26.33
CA GLN D 219 -41.12 -2.85 26.07
C GLN D 219 -40.32 -3.61 25.02
N ARG D 220 -39.95 -2.92 23.93
CA ARG D 220 -39.17 -3.57 22.89
C ARG D 220 -37.79 -3.98 23.40
N ILE D 221 -37.16 -3.11 24.20
CA ILE D 221 -35.86 -3.45 24.78
C ILE D 221 -35.97 -4.68 25.66
N LEU D 222 -37.01 -4.75 26.50
CA LEU D 222 -37.19 -5.91 27.36
C LEU D 222 -37.46 -7.17 26.56
N GLY D 223 -38.27 -7.06 25.51
CA GLY D 223 -38.54 -8.22 24.66
C GLY D 223 -37.34 -8.69 23.88
N ALA D 224 -36.37 -7.80 23.63
CA ALA D 224 -35.16 -8.21 22.93
C ALA D 224 -34.31 -9.18 23.75
N VAL D 225 -34.30 -9.03 25.08
CA VAL D 225 -33.43 -9.81 25.95
C VAL D 225 -34.23 -10.63 26.97
N GLU D 226 -35.53 -10.81 26.75
CA GLU D 226 -36.36 -11.59 27.65
C GLU D 226 -35.80 -13.00 27.87
N HIS D 227 -35.46 -13.71 26.80
CA HIS D 227 -35.03 -15.10 26.95
C HIS D 227 -33.71 -15.19 27.71
N ARG D 228 -32.75 -14.32 27.38
CA ARG D 228 -31.48 -14.32 28.10
C ARG D 228 -31.68 -13.97 29.56
N LEU D 229 -32.55 -13.01 29.85
CA LEU D 229 -32.80 -12.63 31.24
C LEU D 229 -33.44 -13.78 32.01
N CYS D 230 -34.37 -14.50 31.38
CA CYS D 230 -34.98 -15.66 32.04
C CYS D 230 -33.94 -16.74 32.32
N ASP D 231 -33.07 -17.02 31.33
CA ASP D 231 -32.02 -18.01 31.55
C ASP D 231 -31.08 -17.59 32.67
N ASP D 232 -30.74 -16.30 32.72
CA ASP D 232 -29.86 -15.80 33.78
C ASP D 232 -30.52 -15.94 35.14
N ILE D 233 -31.79 -15.55 35.25
CA ILE D 233 -32.48 -15.61 36.53
C ILE D 233 -32.76 -17.05 36.96
N ASP D 234 -32.71 -18.00 36.02
CA ASP D 234 -32.87 -19.40 36.39
C ASP D 234 -31.55 -20.05 36.81
N MET D 235 -30.51 -19.92 35.98
CA MET D 235 -29.27 -20.66 36.21
C MET D 235 -28.34 -20.01 37.23
N ASN D 236 -28.59 -18.76 37.62
CA ASN D 236 -27.69 -18.10 38.56
C ASN D 236 -27.82 -18.70 39.95
N ALA D 237 -26.83 -18.40 40.80
CA ALA D 237 -26.74 -18.97 42.14
C ALA D 237 -26.73 -17.94 43.25
N ASP D 238 -26.03 -16.82 43.07
CA ASP D 238 -25.94 -15.83 44.14
C ASP D 238 -27.29 -15.17 44.37
N ALA D 239 -27.64 -15.00 45.65
CA ALA D 239 -28.95 -14.49 46.01
C ALA D 239 -29.07 -12.99 45.74
N ASN D 240 -27.99 -12.24 45.96
CA ASN D 240 -28.06 -10.79 45.85
C ASN D 240 -28.36 -10.35 44.43
N GLU D 241 -27.63 -10.89 43.45
CA GLU D 241 -27.81 -10.47 42.07
C GLU D 241 -29.18 -10.87 41.54
N VAL D 242 -29.64 -12.08 41.85
CA VAL D 242 -30.95 -12.52 41.39
C VAL D 242 -32.05 -11.70 42.05
N LYS D 243 -31.87 -11.34 43.32
CA LYS D 243 -32.84 -10.50 44.01
C LYS D 243 -32.93 -9.13 43.35
N THR D 244 -31.79 -8.52 43.07
CA THR D 244 -31.79 -7.22 42.41
C THR D 244 -32.42 -7.31 41.02
N THR D 245 -32.12 -8.39 40.28
CA THR D 245 -32.67 -8.55 38.94
C THR D 245 -34.19 -8.69 38.98
N ILE D 246 -34.72 -9.52 39.88
CA ILE D 246 -36.17 -9.71 39.92
C ILE D 246 -36.85 -8.43 40.38
N LEU D 247 -36.26 -7.73 41.37
CA LEU D 247 -36.86 -6.48 41.82
C LEU D 247 -36.90 -5.46 40.69
N ASP D 248 -35.80 -5.33 39.94
CA ASP D 248 -35.76 -4.34 38.87
C ASP D 248 -36.72 -4.70 37.74
N VAL D 249 -36.77 -5.98 37.35
CA VAL D 249 -37.66 -6.37 36.27
C VAL D 249 -39.12 -6.23 36.69
N CYS D 250 -39.42 -6.50 37.96
CA CYS D 250 -40.77 -6.30 38.46
C CYS D 250 -41.14 -4.82 38.44
N ARG D 251 -40.20 -3.96 38.82
CA ARG D 251 -40.45 -2.52 38.76
C ARG D 251 -40.69 -2.07 37.33
N VAL D 252 -39.91 -2.57 36.37
CA VAL D 252 -40.11 -2.19 34.98
C VAL D 252 -41.47 -2.66 34.48
N VAL D 253 -41.85 -3.89 34.80
CA VAL D 253 -43.13 -4.42 34.35
C VAL D 253 -44.28 -3.62 34.95
N SER D 254 -44.19 -3.29 36.24
CA SER D 254 -45.24 -2.50 36.87
C SER D 254 -45.33 -1.11 36.27
N ALA D 255 -44.18 -0.47 36.02
CA ALA D 255 -44.19 0.88 35.45
C ALA D 255 -44.77 0.89 34.05
N THR D 256 -44.41 -0.09 33.23
CA THR D 256 -44.89 -0.14 31.85
C THR D 256 -46.32 -0.66 31.74
N CYS D 257 -46.87 -1.25 32.81
CA CYS D 257 -48.22 -1.81 32.81
C CYS D 257 -48.39 -2.92 31.77
N LYS D 258 -47.33 -3.68 31.54
CA LYS D 258 -47.38 -4.82 30.62
C LYS D 258 -46.16 -5.70 30.89
N GLY D 259 -46.29 -6.99 30.61
CA GLY D 259 -45.22 -7.92 30.87
C GLY D 259 -45.31 -9.21 30.08
N PRO D 260 -44.16 -9.69 29.61
CA PRO D 260 -44.14 -10.97 28.90
C PRO D 260 -44.48 -12.14 29.81
N ARG D 261 -44.99 -13.20 29.19
CA ARG D 261 -45.47 -14.35 29.97
C ARG D 261 -44.34 -15.16 30.57
N ARG D 262 -43.37 -15.55 29.74
CA ARG D 262 -42.30 -16.45 30.20
C ARG D 262 -41.44 -15.79 31.27
N LEU D 263 -41.13 -14.51 31.10
CA LEU D 263 -40.34 -13.80 32.10
C LEU D 263 -41.09 -13.74 33.43
N LEU D 264 -42.40 -13.50 33.39
CA LEU D 264 -43.18 -13.48 34.62
C LEU D 264 -43.20 -14.84 35.29
N ASN D 265 -43.33 -15.92 34.51
CA ASN D 265 -43.31 -17.26 35.09
C ASN D 265 -41.97 -17.54 35.78
N SER D 266 -40.86 -17.22 35.10
CA SER D 266 -39.55 -17.45 35.69
C SER D 266 -39.34 -16.61 36.94
N VAL D 267 -39.78 -15.35 36.92
CA VAL D 267 -39.68 -14.49 38.09
C VAL D 267 -40.51 -15.06 39.23
N ALA D 268 -41.68 -15.63 38.91
CA ALA D 268 -42.52 -16.25 39.93
C ALA D 268 -41.80 -17.38 40.62
N ARG D 269 -41.25 -18.33 39.85
CA ARG D 269 -40.59 -19.46 40.48
C ARG D 269 -39.36 -19.02 41.27
N ARG D 270 -38.60 -18.08 40.72
CA ARG D 270 -37.42 -17.59 41.44
C ARG D 270 -37.81 -16.91 42.75
N SER D 271 -38.88 -16.11 42.73
CA SER D 271 -39.34 -15.45 43.95
C SER D 271 -39.81 -16.49 44.97
N MET D 272 -40.36 -17.61 44.50
CA MET D 272 -40.67 -18.70 45.41
C MET D 272 -39.41 -19.31 46.01
N GLU D 273 -38.34 -19.48 45.22
CA GLU D 273 -37.15 -20.12 45.76
C GLU D 273 -36.40 -19.19 46.72
N LEU D 274 -36.59 -17.87 46.57
CA LEU D 274 -35.85 -16.87 47.33
C LEU D 274 -36.64 -16.37 48.58
N LEU D 275 -37.56 -17.18 49.09
CA LEU D 275 -38.46 -16.73 50.16
C LEU D 275 -37.75 -16.22 51.41
N PRO D 276 -36.63 -16.84 51.82
CA PRO D 276 -36.07 -16.35 53.09
C PRO D 276 -35.49 -14.95 53.01
N GLN D 277 -34.78 -14.63 51.94
CA GLN D 277 -34.11 -13.34 51.86
C GLN D 277 -35.08 -12.22 51.48
N LEU D 278 -36.34 -12.54 51.25
CA LEU D 278 -37.30 -11.53 50.81
C LEU D 278 -37.58 -10.56 51.95
N THR D 279 -37.20 -9.30 51.76
CA THR D 279 -37.64 -8.24 52.64
C THR D 279 -39.12 -7.95 52.39
N PRO D 280 -39.81 -7.34 53.36
CA PRO D 280 -41.23 -7.03 53.13
C PRO D 280 -41.49 -6.17 51.90
N LEU D 281 -40.61 -5.20 51.64
CA LEU D 281 -40.76 -4.39 50.43
C LEU D 281 -40.52 -5.22 49.17
N ASP D 282 -39.61 -6.21 49.24
CA ASP D 282 -39.40 -7.10 48.11
C ASP D 282 -40.67 -7.87 47.79
N VAL D 283 -41.32 -8.43 48.80
CA VAL D 283 -42.57 -9.15 48.59
C VAL D 283 -43.63 -8.21 48.06
N ALA D 284 -43.71 -6.99 48.62
CA ALA D 284 -44.70 -6.02 48.16
C ALA D 284 -44.52 -5.72 46.68
N PHE D 285 -43.29 -5.46 46.25
CA PHE D 285 -43.05 -5.12 44.85
C PHE D 285 -43.27 -6.32 43.94
N VAL D 286 -42.88 -7.51 44.38
CA VAL D 286 -43.08 -8.70 43.57
C VAL D 286 -44.57 -8.94 43.34
N LEU D 287 -45.38 -8.78 44.39
CA LEU D 287 -46.82 -8.95 44.22
C LEU D 287 -47.43 -7.80 43.43
N LYS D 288 -46.89 -6.59 43.57
CA LYS D 288 -47.39 -5.44 42.81
C LYS D 288 -47.15 -5.64 41.32
N ALA D 289 -46.03 -6.28 40.95
CA ALA D 289 -45.73 -6.49 39.54
C ALA D 289 -46.82 -7.32 38.85
N PHE D 290 -47.33 -8.34 39.53
CA PHE D 290 -48.41 -9.13 38.97
C PHE D 290 -49.70 -8.34 38.91
N HIS D 291 -49.85 -7.31 39.74
CA HIS D 291 -50.92 -6.36 39.57
C HIS D 291 -50.57 -5.37 38.47
N LEU D 292 -51.57 -4.61 38.02
CA LEU D 292 -51.46 -3.70 36.88
C LEU D 292 -50.96 -4.40 35.62
N SER D 293 -51.02 -5.74 35.60
CA SER D 293 -50.66 -6.52 34.43
C SER D 293 -51.65 -7.63 34.11
N SER D 294 -52.60 -7.92 35.00
CA SER D 294 -53.65 -8.92 34.75
C SER D 294 -53.06 -10.28 34.41
N TYR D 295 -52.06 -10.70 35.17
CA TYR D 295 -51.47 -12.03 35.04
C TYR D 295 -51.76 -12.82 36.30
N ARG D 296 -52.33 -14.02 36.14
CA ARG D 296 -52.76 -14.85 37.24
C ARG D 296 -51.71 -15.93 37.52
N HIS D 297 -51.23 -15.98 38.77
CA HIS D 297 -50.43 -17.08 39.26
C HIS D 297 -51.03 -17.46 40.61
N LEU D 298 -52.05 -18.32 40.58
CA LEU D 298 -52.80 -18.63 41.80
C LEU D 298 -51.91 -19.25 42.86
N ARG D 299 -51.03 -20.18 42.46
CA ARG D 299 -50.09 -20.75 43.40
C ARG D 299 -49.23 -19.67 44.04
N LEU D 300 -48.73 -18.74 43.22
CA LEU D 300 -47.91 -17.66 43.75
C LEU D 300 -48.70 -16.79 44.73
N LEU D 301 -49.93 -16.44 44.35
CA LEU D 301 -50.75 -15.59 45.22
C LEU D 301 -50.96 -16.25 46.58
N ARG D 302 -51.42 -17.49 46.57
CA ARG D 302 -51.72 -18.19 47.83
C ARG D 302 -50.45 -18.39 48.65
N VAL D 303 -49.36 -18.81 48.00
CA VAL D 303 -48.13 -19.11 48.75
C VAL D 303 -47.56 -17.85 49.36
N LEU D 304 -47.55 -16.74 48.61
CA LEU D 304 -46.99 -15.50 49.13
C LEU D 304 -47.89 -14.93 50.24
N SER D 305 -49.20 -15.04 50.09
CA SER D 305 -50.10 -14.60 51.15
C SER D 305 -49.88 -15.41 52.43
N SER D 306 -49.69 -16.72 52.30
CA SER D 306 -49.40 -17.54 53.47
C SER D 306 -48.06 -17.19 54.08
N SER D 307 -47.03 -16.99 53.24
CA SER D 307 -45.69 -16.70 53.73
C SER D 307 -45.59 -15.31 54.33
N LEU D 308 -46.53 -14.41 54.02
CA LEU D 308 -46.57 -13.13 54.70
C LEU D 308 -46.75 -13.33 56.20
N ALA D 309 -47.68 -14.21 56.60
CA ALA D 309 -47.81 -14.72 57.96
C ALA D 309 -47.95 -13.63 59.00
N ALA D 310 -48.29 -12.40 58.59
CA ALA D 310 -48.43 -11.26 59.49
C ALA D 310 -47.16 -11.07 60.32
N SER D 311 -46.01 -11.20 59.66
CA SER D 311 -44.72 -11.03 60.30
C SER D 311 -44.25 -9.59 60.06
N PHE D 312 -44.40 -8.74 61.07
CA PHE D 312 -44.06 -7.34 60.96
C PHE D 312 -42.82 -7.01 61.78
N PRO D 313 -42.05 -5.98 61.39
CA PRO D 313 -40.93 -5.55 62.23
C PRO D 313 -41.37 -5.16 63.64
N THR D 314 -40.96 -5.94 64.64
CA THR D 314 -41.36 -5.76 66.03
C THR D 314 -42.87 -5.79 66.21
N SER D 315 -43.60 -6.34 65.23
CA SER D 315 -45.06 -6.40 65.19
C SER D 315 -45.71 -5.02 65.24
N ASN D 316 -44.93 -3.96 65.09
CA ASN D 316 -45.41 -2.58 65.13
C ASN D 316 -44.92 -1.82 63.89
N VAL D 317 -45.08 -2.44 62.72
CA VAL D 317 -44.60 -1.84 61.49
C VAL D 317 -45.32 -0.52 61.22
N THR D 318 -44.57 0.47 60.74
CA THR D 318 -45.13 1.79 60.43
C THR D 318 -45.53 1.90 58.96
N LYS D 319 -44.57 1.77 58.04
CA LYS D 319 -44.87 1.83 56.62
C LYS D 319 -44.27 0.69 55.81
N GLU D 320 -43.44 -0.17 56.42
CA GLU D 320 -42.80 -1.24 55.64
C GLU D 320 -43.81 -2.22 55.08
N HIS D 321 -44.98 -2.36 55.71
CA HIS D 321 -46.00 -3.27 55.21
C HIS D 321 -47.36 -2.56 55.13
N GLY D 322 -47.36 -1.23 55.06
CA GLY D 322 -48.59 -0.48 54.82
C GLY D 322 -48.95 -0.44 53.35
N LEU D 323 -48.04 0.09 52.52
CA LEU D 323 -48.20 -0.04 51.08
C LEU D 323 -48.23 -1.50 50.67
N ALA D 324 -47.46 -2.34 51.35
CA ALA D 324 -47.55 -3.78 51.11
C ALA D 324 -48.93 -4.31 51.44
N ALA D 325 -49.52 -3.82 52.54
CA ALA D 325 -50.89 -4.22 52.86
C ALA D 325 -51.86 -3.81 51.76
N SER D 326 -51.73 -2.58 51.27
CA SER D 326 -52.59 -2.10 50.20
C SER D 326 -52.44 -2.97 48.95
N ILE D 327 -51.19 -3.28 48.59
CA ILE D 327 -50.95 -4.14 47.43
C ILE D 327 -51.57 -5.51 47.64
N VAL D 328 -51.45 -6.06 48.85
CA VAL D 328 -51.98 -7.38 49.13
C VAL D 328 -53.50 -7.39 48.94
N VAL D 329 -54.19 -6.42 49.56
CA VAL D 329 -55.65 -6.45 49.48
C VAL D 329 -56.10 -6.17 48.04
N GLN D 330 -55.45 -5.23 47.36
CA GLN D 330 -55.82 -4.93 45.98
C GLN D 330 -55.63 -6.13 45.07
N SER D 331 -54.51 -6.85 45.23
CA SER D 331 -54.26 -8.04 44.42
C SER D 331 -55.27 -9.14 44.71
N LEU D 332 -55.53 -9.41 46.00
CA LEU D 332 -56.48 -10.47 46.32
C LEU D 332 -57.90 -10.11 45.90
N ALA D 333 -58.21 -8.81 45.83
CA ALA D 333 -59.52 -8.40 45.32
C ALA D 333 -59.58 -8.50 43.80
N HIS D 334 -58.46 -8.19 43.12
CA HIS D 334 -58.44 -8.29 41.66
C HIS D 334 -58.63 -9.72 41.20
N PHE D 335 -57.99 -10.67 41.89
CA PHE D 335 -58.14 -12.10 41.62
C PHE D 335 -58.77 -12.73 42.86
N TYR D 336 -60.09 -12.78 42.87
CA TYR D 336 -60.82 -13.22 44.06
C TYR D 336 -60.48 -14.66 44.42
N LEU D 337 -60.41 -14.93 45.73
CA LEU D 337 -60.07 -16.23 46.25
C LEU D 337 -60.60 -16.32 47.68
N SER D 338 -60.25 -17.42 48.37
CA SER D 338 -60.68 -17.63 49.74
C SER D 338 -59.50 -18.18 50.54
N GLY D 339 -59.73 -18.39 51.83
CA GLY D 339 -58.72 -18.95 52.71
C GLY D 339 -57.75 -17.96 53.30
N CYS D 340 -57.84 -16.67 52.94
CA CYS D 340 -56.95 -15.65 53.44
C CYS D 340 -57.58 -14.79 54.53
N GLU D 341 -58.70 -15.25 55.10
CA GLU D 341 -59.45 -14.42 56.05
C GLU D 341 -58.61 -14.08 57.27
N GLU D 342 -57.92 -15.06 57.85
CA GLU D 342 -57.13 -14.81 59.05
C GLU D 342 -55.98 -13.84 58.76
N VAL D 343 -55.24 -14.07 57.68
CA VAL D 343 -54.15 -13.16 57.33
C VAL D 343 -54.68 -11.77 57.09
N VAL D 344 -55.81 -11.67 56.38
CA VAL D 344 -56.39 -10.36 56.07
C VAL D 344 -56.77 -9.62 57.34
N VAL D 345 -57.42 -10.31 58.28
CA VAL D 345 -57.91 -9.62 59.47
C VAL D 345 -56.75 -9.21 60.38
N THR D 346 -55.74 -10.08 60.55
CA THR D 346 -54.59 -9.68 61.36
C THR D 346 -53.83 -8.54 60.71
N LEU D 347 -53.69 -8.57 59.37
CA LEU D 347 -53.02 -7.47 58.69
C LEU D 347 -53.79 -6.17 58.83
N VAL D 348 -55.11 -6.20 58.70
CA VAL D 348 -55.91 -5.00 58.86
C VAL D 348 -55.77 -4.45 60.28
N ASN D 349 -55.81 -5.33 61.27
CA ASN D 349 -55.65 -4.89 62.66
C ASN D 349 -54.28 -4.25 62.88
N ALA D 350 -53.23 -4.86 62.33
CA ALA D 350 -51.88 -4.34 62.54
C ALA D 350 -51.57 -3.11 61.70
N SER D 351 -52.34 -2.86 60.63
CA SER D 351 -52.04 -1.76 59.72
C SER D 351 -52.94 -0.55 59.92
N VAL D 352 -54.13 -0.72 60.49
CA VAL D 352 -55.05 0.41 60.64
C VAL D 352 -54.45 1.47 61.55
N ASN D 353 -53.68 1.06 62.56
CA ASN D 353 -53.01 2.03 63.42
C ASN D 353 -51.97 2.83 62.67
N VAL D 354 -51.42 2.30 61.58
CA VAL D 354 -50.39 2.98 60.81
C VAL D 354 -50.83 3.23 59.37
N LEU D 355 -52.14 3.23 59.12
CA LEU D 355 -52.68 3.45 57.78
C LEU D 355 -53.19 4.88 57.61
N GLU D 356 -52.49 5.84 58.21
CA GLU D 356 -52.89 7.24 58.11
C GLU D 356 -52.85 7.76 56.67
N GLY D 357 -52.12 7.09 55.78
CA GLY D 357 -52.11 7.49 54.40
C GLY D 357 -53.45 7.29 53.72
N LEU D 358 -53.62 7.98 52.59
CA LEU D 358 -54.88 7.90 51.85
C LEU D 358 -55.12 6.53 51.25
N ASN D 359 -54.09 5.67 51.21
CA ASN D 359 -54.25 4.33 50.67
C ASN D 359 -55.29 3.52 51.41
N LEU D 360 -55.60 3.89 52.66
CA LEU D 360 -56.68 3.25 53.40
C LEU D 360 -57.96 3.25 52.57
N ALA D 361 -58.26 4.36 51.89
CA ALA D 361 -59.43 4.42 51.04
C ALA D 361 -59.43 3.30 50.02
N LEU D 362 -58.29 3.12 49.33
CA LEU D 362 -58.16 2.00 48.39
C LEU D 362 -58.49 0.69 49.08
N THR D 363 -57.91 0.48 50.27
CA THR D 363 -58.17 -0.74 51.03
C THR D 363 -59.68 -0.93 51.22
N LEU D 364 -60.37 0.15 51.59
CA LEU D 364 -61.82 0.08 51.78
C LEU D 364 -62.49 -0.52 50.55
N LEU D 365 -62.14 -0.01 49.37
CA LEU D 365 -62.69 -0.55 48.13
C LEU D 365 -62.44 -2.04 48.06
N ALA D 366 -61.18 -2.46 48.23
CA ALA D 366 -60.86 -3.88 48.21
C ALA D 366 -61.77 -4.62 49.18
N CYS D 367 -61.91 -4.09 50.40
CA CYS D 367 -62.71 -4.77 51.41
C CYS D 367 -64.14 -4.96 50.94
N VAL D 368 -64.76 -3.91 50.39
CA VAL D 368 -66.13 -4.10 49.95
C VAL D 368 -66.16 -5.05 48.74
N ARG D 369 -65.15 -4.97 47.88
CA ARG D 369 -65.08 -5.90 46.77
C ARG D 369 -64.82 -7.32 47.24
N LEU D 370 -64.38 -7.51 48.48
CA LEU D 370 -64.24 -8.84 49.07
C LEU D 370 -65.46 -9.24 49.90
N ARG D 371 -66.42 -8.33 50.10
CA ARG D 371 -67.59 -8.68 50.90
C ARG D 371 -68.50 -9.66 50.19
N CYS D 372 -68.40 -9.77 48.86
CA CYS D 372 -69.29 -10.66 48.11
C CYS D 372 -69.04 -12.12 48.46
N VAL D 373 -67.78 -12.50 48.65
CA VAL D 373 -67.42 -13.91 48.87
C VAL D 373 -66.77 -14.15 50.22
N SER D 374 -66.39 -13.11 50.97
CA SER D 374 -65.72 -13.27 52.26
C SER D 374 -66.47 -12.47 53.32
N PRO D 375 -67.48 -13.06 53.95
CA PRO D 375 -68.19 -12.35 55.03
C PRO D 375 -67.31 -12.01 56.22
N GLY D 376 -66.30 -12.83 56.52
CA GLY D 376 -65.46 -12.61 57.70
C GLY D 376 -64.65 -11.33 57.65
N VAL D 377 -64.57 -10.68 56.51
CA VAL D 377 -63.89 -9.39 56.41
C VAL D 377 -64.71 -8.29 57.08
N ASP D 378 -66.02 -8.51 57.27
CA ASP D 378 -66.92 -7.47 57.76
C ASP D 378 -66.46 -6.80 59.06
N PRO D 379 -66.03 -7.52 60.10
CA PRO D 379 -65.53 -6.82 61.29
C PRO D 379 -64.34 -5.91 60.99
N ALA D 380 -63.43 -6.34 60.11
CA ALA D 380 -62.29 -5.50 59.77
C ALA D 380 -62.73 -4.19 59.15
N VAL D 381 -63.71 -4.25 58.25
CA VAL D 381 -64.30 -3.02 57.70
C VAL D 381 -64.83 -2.16 58.83
N ASP D 382 -65.49 -2.78 59.81
CA ASP D 382 -65.92 -2.05 61.00
C ASP D 382 -64.74 -1.34 61.65
N ALA D 383 -63.64 -2.08 61.83
CA ALA D 383 -62.42 -1.45 62.32
C ALA D 383 -61.95 -0.38 61.35
N LEU D 384 -61.98 -0.67 60.06
CA LEU D 384 -61.66 0.35 59.07
C LEU D 384 -62.66 1.49 59.07
N CYS D 385 -63.88 1.25 59.57
CA CYS D 385 -64.87 2.30 59.73
C CYS D 385 -64.81 2.96 61.10
N SER D 386 -63.89 2.53 61.96
CA SER D 386 -63.75 3.09 63.29
C SER D 386 -62.31 3.45 63.64
N GLY D 387 -61.41 3.46 62.65
CA GLY D 387 -60.02 3.76 62.92
C GLY D 387 -59.81 5.23 63.22
N ALA D 388 -58.79 5.50 64.03
CA ALA D 388 -58.41 6.88 64.34
C ALA D 388 -58.09 7.70 63.10
N PRO D 389 -57.40 7.18 62.06
CA PRO D 389 -57.20 8.01 60.86
C PRO D 389 -58.49 8.52 60.24
N MET D 390 -59.55 7.71 60.21
CA MET D 390 -60.81 8.21 59.69
C MET D 390 -61.43 9.24 60.63
N ARG D 391 -61.27 9.08 61.94
CA ARG D 391 -61.75 10.09 62.87
C ARG D 391 -61.07 11.43 62.62
N ARG D 392 -59.76 11.41 62.37
CA ARG D 392 -59.06 12.65 62.03
C ARG D 392 -59.52 13.18 60.68
N TYR D 393 -59.75 12.30 59.70
CA TYR D 393 -60.14 12.73 58.37
C TYR D 393 -61.54 13.31 58.34
N VAL D 394 -62.38 12.93 59.31
CA VAL D 394 -63.75 13.44 59.36
C VAL D 394 -63.74 14.96 59.50
N HIS D 395 -62.83 15.49 60.31
CA HIS D 395 -62.75 16.94 60.51
C HIS D 395 -62.39 17.65 59.21
N ASN D 396 -61.31 17.23 58.57
CA ASN D 396 -60.84 17.86 57.34
C ASN D 396 -60.63 16.79 56.28
N ALA D 397 -61.24 16.97 55.11
CA ALA D 397 -61.07 16.06 53.99
C ALA D 397 -59.77 16.38 53.26
N HIS D 398 -58.77 15.51 53.42
CA HIS D 398 -57.47 15.75 52.81
C HIS D 398 -57.56 15.76 51.29
N SER D 399 -58.22 14.77 50.72
CA SER D 399 -58.40 14.66 49.28
C SER D 399 -59.88 14.45 48.98
N MET D 400 -60.41 15.24 48.05
CA MET D 400 -61.83 15.11 47.70
C MET D 400 -62.07 13.88 46.84
N GLN D 401 -61.07 13.45 46.08
CA GLN D 401 -61.15 12.14 45.42
C GLN D 401 -61.26 11.02 46.45
N VAL D 402 -60.47 11.11 47.52
CA VAL D 402 -60.59 10.15 48.61
C VAL D 402 -61.98 10.26 49.24
N THR D 403 -62.51 11.48 49.34
CA THR D 403 -63.87 11.63 49.87
C THR D 403 -64.88 10.91 48.99
N SER D 404 -64.75 11.04 47.67
CA SER D 404 -65.69 10.37 46.77
C SER D 404 -65.57 8.85 46.86
N ARG D 405 -64.35 8.34 46.86
CA ARG D 405 -64.15 6.89 46.94
C ARG D 405 -64.64 6.34 48.27
N ILE D 406 -64.40 7.08 49.36
CA ILE D 406 -64.92 6.71 50.67
C ILE D 406 -66.44 6.72 50.68
N LEU D 407 -67.05 7.73 50.06
CA LEU D 407 -68.51 7.76 49.99
C LEU D 407 -69.04 6.54 49.24
N TYR D 408 -68.40 6.19 48.11
CA TYR D 408 -68.85 5.03 47.35
C TYR D 408 -68.72 3.74 48.16
N GLY D 409 -67.55 3.52 48.77
CA GLY D 409 -67.36 2.32 49.56
C GLY D 409 -68.28 2.25 50.77
N LEU D 410 -68.48 3.39 51.44
CA LEU D 410 -69.37 3.45 52.58
C LEU D 410 -70.81 3.17 52.19
N ALA D 411 -71.23 3.67 51.02
CA ALA D 411 -72.59 3.40 50.54
C ALA D 411 -72.77 1.94 50.15
N HIS D 412 -71.78 1.36 49.46
CA HIS D 412 -71.89 -0.04 49.06
C HIS D 412 -71.80 -0.97 50.27
N ALA D 413 -71.14 -0.54 51.33
CA ALA D 413 -71.11 -1.29 52.58
C ALA D 413 -72.37 -1.06 53.42
N GLY D 414 -73.25 -0.17 52.99
CA GLY D 414 -74.48 0.09 53.73
C GLY D 414 -74.30 0.87 55.00
N ARG D 415 -73.17 1.57 55.15
CA ARG D 415 -72.89 2.31 56.38
C ARG D 415 -73.51 3.71 56.34
N CYS D 416 -74.85 3.74 56.26
CA CYS D 416 -75.57 4.99 56.34
C CYS D 416 -76.73 4.88 57.32
N ARG D 417 -76.57 4.06 58.36
CA ARG D 417 -77.62 3.77 59.32
C ARG D 417 -77.35 4.35 60.70
N SER D 418 -76.19 4.06 61.27
CA SER D 418 -75.88 4.49 62.62
C SER D 418 -75.66 6.01 62.67
N ASP D 419 -75.84 6.56 63.88
CA ASP D 419 -75.65 7.99 64.08
C ASP D 419 -74.21 8.42 63.83
N GLU D 420 -73.24 7.56 64.17
CA GLU D 420 -71.86 7.86 63.84
C GLU D 420 -71.64 7.89 62.34
N GLU D 421 -72.27 6.95 61.62
CA GLU D 421 -72.18 6.97 60.16
C GLU D 421 -72.79 8.23 59.58
N VAL D 422 -73.90 8.70 60.16
CA VAL D 422 -74.51 9.95 59.72
C VAL D 422 -73.57 11.12 59.99
N ALA D 423 -72.98 11.16 61.19
CA ALA D 423 -72.06 12.24 61.55
C ALA D 423 -70.78 12.19 60.73
N ILE D 424 -70.48 11.06 60.10
CA ILE D 424 -69.36 10.98 59.17
C ILE D 424 -69.77 11.44 57.77
N VAL D 425 -70.92 10.95 57.29
CA VAL D 425 -71.33 11.21 55.91
C VAL D 425 -71.72 12.67 55.71
N LEU D 426 -72.49 13.24 56.65
CA LEU D 426 -72.97 14.61 56.50
C LEU D 426 -71.88 15.63 56.23
N PRO D 427 -70.75 15.63 56.95
CA PRO D 427 -69.66 16.55 56.55
C PRO D 427 -69.17 16.34 55.13
N LEU D 428 -69.10 15.09 54.68
CA LEU D 428 -68.63 14.83 53.32
C LEU D 428 -69.63 15.37 52.28
N LEU D 429 -70.92 15.14 52.50
CA LEU D 429 -71.93 15.65 51.56
C LEU D 429 -71.94 17.17 51.56
N LYS D 430 -71.82 17.79 52.74
CA LYS D 430 -71.77 19.24 52.82
C LYS D 430 -70.53 19.79 52.12
N SER D 431 -69.39 19.10 52.28
CA SER D 431 -68.18 19.53 51.58
C SER D 431 -68.32 19.43 50.08
N VAL D 432 -68.93 18.34 49.60
CA VAL D 432 -69.15 18.19 48.16
C VAL D 432 -70.08 19.28 47.64
N VAL D 433 -71.12 19.61 48.42
CA VAL D 433 -72.02 20.70 48.04
C VAL D 433 -71.27 22.02 47.98
N ARG D 434 -70.41 22.27 48.97
CA ARG D 434 -69.62 23.49 49.02
C ARG D 434 -68.33 23.42 48.21
N THR D 435 -68.06 22.28 47.56
CA THR D 435 -66.85 22.13 46.77
C THR D 435 -66.89 23.09 45.59
N PRO D 436 -65.90 23.97 45.43
CA PRO D 436 -65.96 24.95 44.34
C PRO D 436 -65.69 24.32 42.99
N GLY D 437 -66.41 24.79 41.98
CA GLY D 437 -66.20 24.36 40.61
C GLY D 437 -66.86 23.04 40.30
N ALA D 438 -66.83 22.69 39.02
CA ALA D 438 -67.38 21.42 38.57
C ALA D 438 -66.44 20.27 38.92
N LEU D 439 -67.03 19.10 39.11
CA LEU D 439 -66.26 17.92 39.50
C LEU D 439 -65.46 17.38 38.33
N ARG D 440 -64.36 16.70 38.65
CA ARG D 440 -63.54 16.06 37.64
C ARG D 440 -64.26 14.85 37.07
N ASP D 441 -63.79 14.40 35.89
CA ASP D 441 -64.49 13.36 35.14
C ASP D 441 -64.63 12.08 35.97
N ASP D 442 -63.51 11.56 36.47
CA ASP D 442 -63.58 10.41 37.37
C ASP D 442 -64.33 10.78 38.63
N CYS D 443 -64.12 11.99 39.15
CA CYS D 443 -64.81 12.43 40.36
C CYS D 443 -66.30 12.54 40.12
N ARG D 444 -66.71 13.17 39.02
CA ARG D 444 -68.14 13.31 38.76
C ARG D 444 -68.78 11.96 38.52
N GLY D 445 -68.08 11.03 37.88
CA GLY D 445 -68.59 9.67 37.76
C GLY D 445 -68.76 8.99 39.10
N PHE D 446 -67.80 9.18 40.01
CA PHE D 446 -67.89 8.56 41.33
C PHE D 446 -69.06 9.11 42.13
N LEU D 447 -69.24 10.44 42.12
CA LEU D 447 -70.41 11.00 42.81
C LEU D 447 -71.71 10.61 42.14
N LEU D 448 -71.74 10.47 40.81
CA LEU D 448 -72.95 9.99 40.16
C LEU D 448 -73.31 8.59 40.61
N ASP D 449 -72.31 7.70 40.66
CA ASP D 449 -72.56 6.35 41.16
C ASP D 449 -73.01 6.37 42.61
N ALA D 450 -72.37 7.21 43.43
CA ALA D 450 -72.73 7.29 44.84
C ALA D 450 -74.17 7.77 45.04
N VAL D 451 -74.57 8.81 44.30
CA VAL D 451 -75.93 9.32 44.47
C VAL D 451 -76.95 8.34 43.90
N THR D 452 -76.60 7.63 42.82
CA THR D 452 -77.50 6.59 42.32
C THR D 452 -77.70 5.48 43.34
N ALA D 453 -76.61 5.05 43.98
CA ALA D 453 -76.71 4.03 45.01
C ALA D 453 -77.52 4.53 46.20
N LEU D 454 -77.29 5.78 46.60
CA LEU D 454 -78.03 6.34 47.74
C LEU D 454 -79.51 6.44 47.44
N GLY D 455 -79.87 6.85 46.22
CA GLY D 455 -81.26 6.83 45.82
C GLY D 455 -81.84 5.43 45.81
N ALA D 456 -81.06 4.45 45.36
CA ALA D 456 -81.47 3.06 45.47
C ALA D 456 -81.44 2.55 46.90
N ASP D 457 -80.73 3.24 47.80
CA ASP D 457 -80.63 2.85 49.19
C ASP D 457 -81.78 3.46 49.96
N GLY D 458 -82.80 2.66 50.26
CA GLY D 458 -83.94 3.13 51.03
C GLY D 458 -83.67 3.30 52.51
N GLU D 459 -82.53 2.83 53.00
CA GLU D 459 -82.22 2.95 54.43
C GLU D 459 -81.95 4.39 54.84
N CYS D 460 -81.73 5.29 53.88
CA CYS D 460 -81.50 6.69 54.21
C CYS D 460 -82.79 7.36 54.65
N SER D 461 -83.03 7.37 55.96
CA SER D 461 -84.25 7.94 56.52
C SER D 461 -84.05 9.30 57.17
N ASN D 462 -82.81 9.69 57.44
CA ASN D 462 -82.53 10.99 58.03
C ASN D 462 -82.93 12.09 57.05
N ASP D 463 -83.91 12.90 57.42
CA ASP D 463 -84.44 13.90 56.49
C ASP D 463 -83.39 14.94 56.14
N ALA D 464 -82.57 15.34 57.11
CA ALA D 464 -81.47 16.24 56.80
C ALA D 464 -80.48 15.58 55.84
N LEU D 465 -80.17 14.31 56.05
CA LEU D 465 -79.29 13.59 55.15
C LEU D 465 -79.89 13.48 53.75
N GLN D 466 -81.19 13.21 53.67
CA GLN D 466 -81.85 13.12 52.36
C GLN D 466 -81.85 14.46 51.66
N GLU D 467 -82.09 15.55 52.40
CA GLU D 467 -82.04 16.88 51.79
C GLU D 467 -80.63 17.20 51.31
N GLN D 468 -79.61 16.83 52.09
CA GLN D 468 -78.23 17.03 51.64
C GLN D 468 -77.94 16.21 50.38
N VAL D 469 -78.46 14.98 50.31
CA VAL D 469 -78.30 14.17 49.11
C VAL D 469 -78.94 14.85 47.92
N ARG D 470 -80.12 15.44 48.11
CA ARG D 470 -80.76 16.21 47.05
C ARG D 470 -79.90 17.40 46.63
N LYS D 471 -79.27 18.06 47.61
CA LYS D 471 -78.39 19.19 47.28
C LYS D 471 -77.22 18.73 46.42
N VAL D 472 -76.62 17.59 46.77
CA VAL D 472 -75.57 17.03 45.91
C VAL D 472 -76.11 16.69 44.53
N TYR D 473 -77.36 16.20 44.47
CA TYR D 473 -77.97 15.89 43.18
C TYR D 473 -78.02 17.14 42.32
N GLU D 474 -78.55 18.25 42.87
CA GLU D 474 -78.63 19.48 42.07
C GLU D 474 -77.26 20.04 41.77
N ARG D 475 -76.29 19.89 42.67
CA ARG D 475 -74.93 20.37 42.40
C ARG D 475 -74.32 19.61 41.22
N LEU D 476 -74.47 18.29 41.22
CA LEU D 476 -73.95 17.49 40.11
C LEU D 476 -74.70 17.79 38.82
N SER D 477 -76.00 18.05 38.90
CA SER D 477 -76.76 18.43 37.71
C SER D 477 -76.28 19.77 37.15
N GLN D 478 -75.98 20.72 38.04
CA GLN D 478 -75.42 22.00 37.59
C GLN D 478 -74.06 21.80 36.95
N ASP D 479 -73.25 20.90 37.52
CA ASP D 479 -72.01 20.53 36.86
C ASP D 479 -72.27 19.93 35.47
N GLY D 480 -73.36 19.19 35.34
CA GLY D 480 -73.76 18.57 34.09
C GLY D 480 -74.65 19.39 33.19
N GLY D 481 -75.01 20.61 33.59
CA GLY D 481 -75.79 21.47 32.73
C GLY D 481 -76.88 22.28 33.41
N LYS D 482 -77.45 21.75 34.50
CA LYS D 482 -78.50 22.46 35.22
C LYS D 482 -77.94 23.66 35.98
N THR E 336 -46.12 -33.61 -16.65
CA THR E 336 -45.28 -34.37 -15.72
C THR E 336 -44.86 -33.48 -14.54
N THR E 337 -45.08 -32.18 -14.67
CA THR E 337 -44.70 -31.25 -13.62
C THR E 337 -45.57 -31.40 -12.37
N SER E 338 -46.80 -31.90 -12.54
CA SER E 338 -47.70 -32.05 -11.39
C SER E 338 -47.16 -33.05 -10.38
N ARG E 339 -46.63 -34.18 -10.86
CA ARG E 339 -46.07 -35.17 -9.96
C ARG E 339 -44.88 -34.61 -9.18
N ALA E 340 -44.02 -33.85 -9.87
CA ALA E 340 -42.90 -33.22 -9.20
C ALA E 340 -43.36 -32.22 -8.15
N TYR E 341 -44.39 -31.42 -8.48
CA TYR E 341 -44.91 -30.46 -7.53
C TYR E 341 -45.43 -31.17 -6.28
N SER E 342 -46.22 -32.23 -6.48
CA SER E 342 -46.80 -32.95 -5.35
C SER E 342 -45.73 -33.60 -4.49
N MET E 343 -44.72 -34.19 -5.12
CA MET E 343 -43.66 -34.83 -4.35
C MET E 343 -42.82 -33.79 -3.61
N LEU E 344 -42.64 -32.61 -4.18
CA LEU E 344 -41.97 -31.52 -3.46
C LEU E 344 -42.80 -31.10 -2.26
N LEU E 345 -44.11 -30.93 -2.43
CA LEU E 345 -44.98 -30.56 -1.32
C LEU E 345 -44.99 -31.63 -0.24
N LEU E 346 -44.78 -32.88 -0.62
CA LEU E 346 -44.66 -33.94 0.38
C LEU E 346 -43.36 -33.86 1.17
N GLY E 347 -42.44 -32.98 0.78
CA GLY E 347 -41.18 -32.82 1.48
C GLY E 347 -40.08 -33.74 1.03
N GLN E 348 -40.26 -34.45 -0.09
CA GLN E 348 -39.26 -35.39 -0.55
C GLN E 348 -38.17 -34.66 -1.34
N ARG E 349 -37.03 -35.34 -1.49
CA ARG E 349 -35.90 -34.77 -2.19
C ARG E 349 -36.02 -34.98 -3.70
N LEU E 350 -35.53 -34.00 -4.46
CA LEU E 350 -35.49 -34.15 -5.91
C LEU E 350 -34.33 -35.04 -6.33
N SER E 351 -34.41 -35.52 -7.56
CA SER E 351 -33.32 -36.22 -8.22
C SER E 351 -32.86 -35.40 -9.42
N GLU E 352 -31.60 -35.59 -9.80
CA GLU E 352 -31.02 -34.78 -10.88
C GLU E 352 -31.69 -35.03 -12.22
N ASP E 353 -32.36 -36.17 -12.39
CA ASP E 353 -33.08 -36.42 -13.64
C ASP E 353 -34.41 -35.68 -13.69
N ILE E 354 -35.02 -35.41 -12.53
CA ILE E 354 -36.36 -34.82 -12.52
C ILE E 354 -36.32 -33.38 -13.05
N MET E 355 -35.28 -32.63 -12.71
CA MET E 355 -35.19 -31.25 -13.20
C MET E 355 -35.06 -31.23 -14.72
N PHE E 356 -34.23 -32.11 -15.27
CA PHE E 356 -34.10 -32.18 -16.72
C PHE E 356 -35.40 -32.65 -17.37
N ASP E 357 -36.13 -33.56 -16.73
CA ASP E 357 -37.41 -34.02 -17.26
C ASP E 357 -38.45 -32.90 -17.23
N VAL E 358 -38.43 -32.05 -16.20
CA VAL E 358 -39.43 -30.99 -16.10
C VAL E 358 -39.06 -29.78 -16.94
N VAL E 359 -37.79 -29.61 -17.31
CA VAL E 359 -37.43 -28.57 -18.27
C VAL E 359 -38.18 -28.80 -19.58
N GLN E 360 -37.92 -29.92 -20.23
CA GLN E 360 -38.69 -30.45 -21.37
C GLN E 360 -39.21 -29.35 -22.29
N GLU E 361 -38.34 -28.39 -22.61
CA GLU E 361 -38.67 -27.28 -23.50
C GLU E 361 -39.91 -26.56 -22.95
N GLN E 362 -39.70 -25.82 -21.87
CA GLN E 362 -40.78 -25.15 -21.16
C GLN E 362 -41.29 -23.95 -21.93
N SER E 363 -41.95 -24.20 -23.06
CA SER E 363 -42.57 -23.19 -23.91
C SER E 363 -44.08 -23.18 -23.68
N GLU E 364 -44.80 -22.50 -24.57
CA GLU E 364 -46.24 -22.31 -24.42
C GLU E 364 -46.97 -23.63 -24.77
N THR E 365 -48.29 -23.53 -24.92
CA THR E 365 -49.18 -24.67 -25.14
C THR E 365 -49.22 -25.60 -23.92
N ILE E 366 -49.39 -24.98 -22.74
CA ILE E 366 -49.54 -25.72 -21.49
C ILE E 366 -50.36 -24.78 -20.60
N PRO E 367 -51.16 -25.28 -19.66
CA PRO E 367 -51.90 -24.36 -18.78
C PRO E 367 -50.98 -23.51 -17.93
N VAL E 368 -51.47 -22.31 -17.58
CA VAL E 368 -50.66 -21.36 -16.82
C VAL E 368 -50.31 -21.89 -15.44
N ASP E 369 -51.19 -22.72 -14.85
CA ASP E 369 -50.88 -23.32 -13.57
C ASP E 369 -49.66 -24.22 -13.66
N VAL E 370 -49.46 -24.87 -14.81
CA VAL E 370 -48.26 -25.68 -15.00
C VAL E 370 -47.02 -24.80 -15.01
N ALA E 371 -47.10 -23.63 -15.64
CA ALA E 371 -45.98 -22.69 -15.59
C ALA E 371 -45.72 -22.24 -14.16
N ALA E 372 -46.78 -21.99 -13.39
CA ALA E 372 -46.62 -21.57 -12.00
C ALA E 372 -45.94 -22.65 -11.18
N GLN E 373 -46.34 -23.91 -11.36
CA GLN E 373 -45.70 -24.97 -10.57
C GLN E 373 -44.29 -25.23 -11.03
N ALA E 374 -44.00 -25.05 -12.31
CA ALA E 374 -42.61 -25.11 -12.77
C ALA E 374 -41.77 -24.02 -12.12
N ALA E 375 -42.34 -22.82 -12.00
CA ALA E 375 -41.64 -21.74 -11.30
C ALA E 375 -41.41 -22.11 -9.83
N CYS E 376 -42.41 -22.70 -9.18
CA CYS E 376 -42.24 -23.13 -7.80
C CYS E 376 -41.11 -24.15 -7.68
N LEU E 377 -41.08 -25.13 -8.58
CA LEU E 377 -40.05 -26.17 -8.52
C LEU E 377 -38.67 -25.57 -8.76
N PHE E 378 -38.55 -24.64 -9.71
CA PHE E 378 -37.26 -24.06 -10.04
C PHE E 378 -36.81 -22.99 -9.06
N ALA E 379 -37.72 -22.47 -8.22
CA ALA E 379 -37.32 -21.43 -7.28
C ALA E 379 -36.28 -21.92 -6.29
N GLU E 380 -36.47 -23.12 -5.75
CA GLU E 380 -35.50 -23.65 -4.79
C GLU E 380 -34.15 -23.91 -5.44
N LYS E 381 -34.15 -24.44 -6.67
CA LYS E 381 -32.91 -24.78 -7.36
C LYS E 381 -32.47 -23.58 -8.20
N GLY E 382 -31.85 -22.61 -7.53
CA GLY E 382 -31.31 -21.45 -8.20
C GLY E 382 -32.38 -20.46 -8.61
N ASP E 383 -31.94 -19.45 -9.35
CA ASP E 383 -32.84 -18.42 -9.83
C ASP E 383 -33.73 -18.95 -10.95
N ILE E 384 -34.96 -18.47 -10.99
CA ILE E 384 -35.92 -18.89 -12.01
C ILE E 384 -35.44 -18.44 -13.38
N PRO E 385 -35.48 -19.29 -14.40
CA PRO E 385 -35.03 -18.86 -15.74
C PRO E 385 -35.90 -17.74 -16.29
N GLU E 386 -35.27 -16.91 -17.15
CA GLU E 386 -35.95 -15.74 -17.69
C GLU E 386 -37.13 -16.13 -18.58
N GLY E 387 -37.01 -17.24 -19.30
CA GLY E 387 -38.09 -17.68 -20.16
C GLY E 387 -39.36 -17.97 -19.37
N VAL E 388 -39.22 -18.65 -18.23
CA VAL E 388 -40.39 -18.91 -17.39
C VAL E 388 -40.99 -17.61 -16.89
N ILE E 389 -40.15 -16.65 -16.52
CA ILE E 389 -40.64 -15.37 -16.01
C ILE E 389 -41.46 -14.66 -17.07
N LEU E 390 -40.92 -14.57 -18.30
CA LEU E 390 -41.64 -13.87 -19.36
C LEU E 390 -42.91 -14.62 -19.75
N ARG E 391 -42.86 -15.95 -19.74
CA ARG E 391 -44.05 -16.73 -20.10
C ARG E 391 -45.15 -16.57 -19.06
N LEU E 392 -44.78 -16.49 -17.77
CA LEU E 392 -45.80 -16.30 -16.74
C LEU E 392 -46.32 -14.88 -16.71
N SER E 393 -45.48 -13.90 -17.07
CA SER E 393 -45.93 -12.52 -17.12
C SER E 393 -46.80 -12.25 -18.36
N ALA E 394 -46.60 -13.00 -19.44
CA ALA E 394 -47.33 -12.75 -20.67
C ALA E 394 -48.66 -13.52 -20.75
N GLU E 395 -48.67 -14.78 -20.32
CA GLU E 395 -49.85 -15.63 -20.45
C GLU E 395 -50.82 -15.48 -19.30
N LEU E 396 -50.52 -14.64 -18.32
CA LEU E 396 -51.38 -14.48 -17.15
C LEU E 396 -52.68 -13.79 -17.55
N GLU E 397 -53.76 -14.54 -17.64
CA GLU E 397 -55.09 -14.00 -17.88
C GLU E 397 -56.04 -14.28 -16.73
N HIS E 398 -56.15 -15.54 -16.30
CA HIS E 398 -56.92 -15.92 -15.13
C HIS E 398 -56.15 -16.98 -14.38
N ILE E 399 -56.23 -16.96 -13.05
CA ILE E 399 -55.43 -17.81 -12.20
C ILE E 399 -56.34 -18.64 -11.32
N SER E 400 -56.14 -19.97 -11.35
CA SER E 400 -56.83 -20.86 -10.45
C SER E 400 -56.30 -20.68 -9.03
N PRO E 401 -57.09 -21.01 -8.00
CA PRO E 401 -56.60 -20.88 -6.61
C PRO E 401 -55.30 -21.60 -6.35
N GLN E 402 -55.14 -22.80 -6.92
CA GLN E 402 -53.85 -23.47 -6.85
C GLN E 402 -52.77 -22.65 -7.55
N GLY E 403 -53.14 -21.99 -8.64
CA GLY E 403 -52.21 -21.08 -9.29
C GLY E 403 -51.81 -19.91 -8.40
N VAL E 404 -52.77 -19.37 -7.63
CA VAL E 404 -52.43 -18.29 -6.71
C VAL E 404 -51.50 -18.78 -5.62
N THR E 405 -51.75 -20.00 -5.09
CA THR E 405 -50.85 -20.56 -4.09
C THR E 405 -49.45 -20.74 -4.66
N ALA E 406 -49.35 -21.25 -5.89
CA ALA E 406 -48.04 -21.40 -6.52
C ALA E 406 -47.38 -20.04 -6.73
N PHE E 407 -48.15 -19.04 -7.13
CA PHE E 407 -47.60 -17.71 -7.37
C PHE E 407 -47.02 -17.13 -6.09
N VAL E 408 -47.75 -17.21 -4.99
CA VAL E 408 -47.26 -16.64 -3.74
C VAL E 408 -46.08 -17.45 -3.21
N ARG E 409 -46.10 -18.77 -3.39
CA ARG E 409 -44.94 -19.58 -2.98
C ARG E 409 -43.69 -19.17 -3.76
N ALA E 410 -43.83 -18.99 -5.08
CA ALA E 410 -42.68 -18.59 -5.88
C ALA E 410 -42.21 -17.19 -5.49
N ALA E 411 -43.14 -16.28 -5.21
CA ALA E 411 -42.75 -14.94 -4.80
C ALA E 411 -41.99 -14.96 -3.48
N ARG E 412 -42.45 -15.77 -2.52
CA ARG E 412 -41.81 -15.81 -1.22
C ARG E 412 -40.48 -16.55 -1.26
N ARG E 413 -40.34 -17.53 -2.14
CA ARG E 413 -39.14 -18.37 -2.14
C ARG E 413 -38.03 -17.84 -3.04
N ASP E 414 -38.33 -16.96 -3.98
CA ASP E 414 -37.31 -16.46 -4.89
C ASP E 414 -36.38 -15.48 -4.15
N SER E 415 -35.08 -15.67 -4.33
CA SER E 415 -34.10 -14.79 -3.71
C SER E 415 -33.69 -13.64 -4.62
N SER E 416 -33.69 -13.85 -5.93
CA SER E 416 -33.32 -12.80 -6.88
C SER E 416 -34.38 -11.72 -7.02
N GLY E 417 -35.59 -11.96 -6.51
CA GLY E 417 -36.66 -10.99 -6.69
C GLY E 417 -37.22 -10.93 -8.08
N ALA E 418 -37.03 -11.98 -8.88
CA ALA E 418 -37.53 -11.98 -10.25
C ALA E 418 -39.05 -11.97 -10.32
N LEU E 419 -39.74 -12.38 -9.26
CA LEU E 419 -41.19 -12.36 -9.23
C LEU E 419 -41.76 -11.12 -8.57
N LEU E 420 -40.93 -10.33 -7.89
CA LEU E 420 -41.39 -9.05 -7.34
C LEU E 420 -41.99 -8.14 -8.40
N PRO E 421 -41.42 -7.97 -9.60
CA PRO E 421 -42.19 -7.37 -10.69
C PRO E 421 -43.16 -8.39 -11.25
N HIS E 422 -44.30 -7.88 -11.73
CA HIS E 422 -45.47 -8.66 -12.12
C HIS E 422 -46.19 -9.18 -10.87
N TYR E 423 -45.59 -8.98 -9.69
CA TYR E 423 -46.30 -9.16 -8.44
C TYR E 423 -47.16 -7.94 -8.13
N ALA E 424 -46.77 -6.77 -8.62
CA ALA E 424 -47.64 -5.61 -8.56
C ALA E 424 -48.82 -5.76 -9.52
N ALA E 425 -48.61 -6.46 -10.64
CA ALA E 425 -49.71 -6.71 -11.57
C ALA E 425 -50.80 -7.55 -10.92
N VAL E 426 -50.41 -8.57 -10.17
CA VAL E 426 -51.35 -9.37 -9.39
C VAL E 426 -50.96 -9.21 -7.93
N LEU E 427 -51.52 -8.20 -7.28
CA LEU E 427 -51.28 -7.97 -5.85
C LEU E 427 -52.30 -8.80 -5.10
N ASN E 428 -51.88 -10.01 -4.70
CA ASN E 428 -52.69 -10.97 -3.96
C ASN E 428 -54.06 -11.21 -4.60
N ARG E 429 -54.17 -10.96 -5.90
CA ARG E 429 -55.44 -10.99 -6.62
C ARG E 429 -56.42 -9.97 -6.00
N PHE E 430 -56.04 -8.71 -6.14
CA PHE E 430 -56.85 -7.61 -5.63
C PHE E 430 -58.25 -7.60 -6.25
N THR E 431 -58.41 -8.19 -7.42
CA THR E 431 -59.73 -8.36 -8.02
C THR E 431 -60.58 -9.36 -7.24
N GLU E 432 -60.00 -10.04 -6.25
CA GLU E 432 -60.71 -10.97 -5.38
C GLU E 432 -61.19 -12.17 -6.18
N ARG E 433 -62.49 -12.45 -6.12
CA ARG E 433 -63.10 -13.62 -6.74
C ARG E 433 -62.48 -14.93 -6.23
N ASP E 434 -61.76 -14.88 -5.11
CA ASP E 434 -61.19 -16.06 -4.48
C ASP E 434 -61.98 -16.47 -3.26
N LEU E 435 -62.19 -15.56 -2.30
CA LEU E 435 -63.01 -15.87 -1.15
C LEU E 435 -64.45 -16.09 -1.59
N CYS E 436 -65.19 -16.86 -0.78
CA CYS E 436 -66.52 -17.39 -1.08
C CYS E 436 -66.57 -18.07 -2.44
N ASP E 437 -65.42 -18.50 -2.97
CA ASP E 437 -65.35 -19.19 -4.24
C ASP E 437 -64.41 -20.40 -4.21
N THR E 438 -63.68 -20.62 -3.12
CA THR E 438 -62.74 -21.71 -3.00
C THR E 438 -63.04 -22.53 -1.74
N PRO E 439 -62.68 -23.81 -1.73
CA PRO E 439 -62.85 -24.62 -0.51
C PRO E 439 -61.93 -24.15 0.61
N LEU E 440 -62.34 -24.47 1.83
CA LEU E 440 -61.59 -24.04 3.01
C LEU E 440 -60.19 -24.63 3.04
N GLU E 441 -60.00 -25.80 2.44
CA GLU E 441 -58.67 -26.41 2.41
C GLU E 441 -57.68 -25.54 1.65
N THR E 442 -58.14 -24.92 0.56
CA THR E 442 -57.27 -23.99 -0.16
C THR E 442 -56.92 -22.79 0.71
N LEU E 443 -57.86 -22.36 1.57
CA LEU E 443 -57.54 -21.28 2.51
C LEU E 443 -56.48 -21.72 3.51
N LEU E 444 -56.54 -22.96 3.98
CA LEU E 444 -55.47 -23.45 4.85
C LEU E 444 -54.13 -23.49 4.11
N GLN E 445 -54.15 -23.92 2.84
CA GLN E 445 -52.91 -23.91 2.06
C GLN E 445 -52.36 -22.49 1.93
N MET E 446 -53.25 -21.52 1.71
CA MET E 446 -52.86 -20.12 1.72
C MET E 446 -52.21 -19.73 3.03
N CYS E 447 -52.82 -20.17 4.14
CA CYS E 447 -52.32 -19.80 5.47
C CYS E 447 -50.92 -20.36 5.70
N GLU E 448 -50.71 -21.63 5.36
CA GLU E 448 -49.37 -22.21 5.56
C GLU E 448 -48.35 -21.62 4.60
N VAL E 449 -48.71 -21.36 3.34
CA VAL E 449 -47.73 -20.81 2.42
C VAL E 449 -47.37 -19.38 2.80
N PHE E 450 -48.29 -18.65 3.43
CA PHE E 450 -47.96 -17.32 3.94
C PHE E 450 -47.02 -17.37 5.13
N ALA E 451 -46.96 -18.50 5.84
CA ALA E 451 -46.09 -18.62 7.00
C ALA E 451 -44.62 -18.76 6.64
N LEU E 452 -44.29 -18.99 5.37
CA LEU E 452 -42.90 -19.13 4.96
C LEU E 452 -42.17 -17.80 5.19
N PRO E 453 -40.93 -17.84 5.68
CA PRO E 453 -40.19 -16.59 5.91
C PRO E 453 -39.98 -15.81 4.62
N ALA E 454 -40.07 -14.49 4.74
CA ALA E 454 -39.89 -13.62 3.59
C ALA E 454 -38.42 -13.54 3.20
N PRO E 455 -38.12 -13.23 1.94
CA PRO E 455 -36.73 -13.05 1.54
C PRO E 455 -36.08 -11.88 2.26
N ARG E 456 -34.78 -11.99 2.48
CA ARG E 456 -34.02 -10.95 3.17
C ARG E 456 -33.95 -9.68 2.35
N ILE E 466 -46.44 -0.90 -1.11
CA ILE E 466 -45.78 -2.02 -1.74
C ILE E 466 -46.09 -3.31 -0.97
N ASN E 467 -46.55 -3.15 0.27
CA ASN E 467 -46.93 -4.27 1.12
C ASN E 467 -48.33 -4.14 1.70
N GLU E 468 -49.02 -3.03 1.44
CA GLU E 468 -50.37 -2.85 1.96
C GLU E 468 -51.34 -3.87 1.36
N SER E 469 -51.04 -4.36 0.16
CA SER E 469 -51.86 -5.42 -0.43
C SER E 469 -51.84 -6.67 0.43
N GLN E 470 -50.69 -6.96 1.05
CA GLN E 470 -50.62 -8.09 1.96
C GLN E 470 -51.58 -7.90 3.13
N SER E 471 -51.65 -6.68 3.68
CA SER E 471 -52.58 -6.42 4.77
C SER E 471 -54.03 -6.55 4.30
N LYS E 472 -54.33 -6.06 3.10
CA LYS E 472 -55.69 -6.19 2.58
C LYS E 472 -56.09 -7.65 2.44
N PHE E 473 -55.18 -8.47 1.89
CA PHE E 473 -55.44 -9.90 1.77
C PHE E 473 -55.61 -10.55 3.15
N GLN E 474 -54.79 -10.15 4.11
CA GLN E 474 -54.88 -10.72 5.45
C GLN E 474 -56.22 -10.42 6.10
N LYS E 475 -56.66 -9.16 6.04
CA LYS E 475 -57.96 -8.83 6.64
C LYS E 475 -59.11 -9.48 5.89
N ALA E 476 -59.03 -9.56 4.56
CA ALA E 476 -60.10 -10.21 3.79
C ALA E 476 -60.21 -11.68 4.17
N LEU E 477 -59.07 -12.36 4.29
CA LEU E 477 -59.08 -13.75 4.71
C LEU E 477 -59.56 -13.91 6.14
N ILE E 478 -59.23 -12.97 7.02
CA ILE E 478 -59.74 -13.03 8.38
C ILE E 478 -61.25 -12.95 8.40
N VAL E 479 -61.82 -12.03 7.61
CA VAL E 479 -63.27 -11.90 7.54
C VAL E 479 -63.89 -13.17 6.95
N ARG E 480 -63.28 -13.72 5.90
CA ARG E 480 -63.83 -14.92 5.28
C ARG E 480 -63.81 -16.11 6.25
N LEU E 481 -62.71 -16.27 6.99
CA LEU E 481 -62.62 -17.34 7.97
C LEU E 481 -63.62 -17.13 9.10
N PHE E 482 -63.80 -15.89 9.55
CA PHE E 482 -64.83 -15.59 10.54
C PHE E 482 -66.20 -16.02 10.04
N SER E 483 -66.51 -15.68 8.79
CA SER E 483 -67.81 -16.02 8.23
C SER E 483 -68.02 -17.53 8.17
N VAL E 484 -67.01 -18.27 7.69
CA VAL E 484 -67.22 -19.71 7.52
C VAL E 484 -67.28 -20.42 8.87
N ILE E 485 -66.39 -20.09 9.80
CA ILE E 485 -66.37 -20.78 11.09
C ILE E 485 -67.42 -20.26 12.06
N GLN E 486 -68.12 -19.17 11.71
CA GLN E 486 -69.21 -18.71 12.56
C GLN E 486 -70.34 -19.73 12.61
N GLY E 487 -70.65 -20.37 11.48
CA GLY E 487 -71.79 -21.26 11.41
C GLY E 487 -71.47 -22.74 11.34
N SER E 488 -70.51 -23.19 12.15
CA SER E 488 -70.16 -24.59 12.21
C SER E 488 -69.82 -24.97 13.64
N ARG E 489 -70.20 -26.19 14.04
CA ARG E 489 -69.97 -26.71 15.38
C ARG E 489 -69.26 -28.05 15.25
N ASP E 490 -67.93 -28.02 15.19
CA ASP E 490 -67.13 -29.23 15.08
C ASP E 490 -65.75 -28.91 15.65
N VAL E 491 -65.44 -29.46 16.83
CA VAL E 491 -64.24 -29.03 17.56
C VAL E 491 -62.98 -29.15 16.71
N PRO E 492 -62.67 -30.29 16.08
CA PRO E 492 -61.45 -30.36 15.27
C PRO E 492 -61.42 -29.33 14.14
N PHE E 493 -62.58 -28.94 13.63
CA PHE E 493 -62.60 -27.98 12.53
C PHE E 493 -62.04 -26.63 12.97
N LEU E 494 -62.55 -26.11 14.07
CA LEU E 494 -62.06 -24.84 14.58
C LEU E 494 -60.62 -24.98 15.05
N CYS E 495 -60.28 -26.11 15.65
CA CYS E 495 -58.89 -26.32 16.05
C CYS E 495 -57.94 -26.22 14.87
N LYS E 496 -58.29 -26.85 13.75
CA LYS E 496 -57.42 -26.80 12.58
C LYS E 496 -57.43 -25.40 11.94
N VAL E 497 -58.56 -24.70 11.99
CA VAL E 497 -58.54 -23.34 11.44
C VAL E 497 -57.71 -22.42 12.33
N ALA E 498 -57.70 -22.65 13.64
CA ALA E 498 -56.81 -21.90 14.51
C ALA E 498 -55.35 -22.20 14.21
N LYS E 499 -55.04 -23.48 13.96
CA LYS E 499 -53.69 -23.82 13.49
C LYS E 499 -53.36 -23.05 12.22
N ALA E 500 -54.33 -22.90 11.33
CA ALA E 500 -54.10 -22.17 10.09
C ALA E 500 -53.79 -20.71 10.35
N VAL E 501 -54.56 -20.07 11.23
CA VAL E 501 -54.44 -18.62 11.41
C VAL E 501 -53.41 -18.36 12.49
N ARG E 502 -52.69 -19.41 12.91
CA ARG E 502 -51.66 -19.26 13.93
C ARG E 502 -50.59 -18.24 13.52
N ALA E 503 -50.40 -18.02 12.23
CA ALA E 503 -49.46 -17.01 11.78
C ALA E 503 -49.94 -15.61 12.20
N PHE E 504 -48.99 -14.69 12.31
CA PHE E 504 -49.32 -13.35 12.78
C PHE E 504 -50.11 -12.59 11.71
N ASP E 505 -51.44 -12.65 11.83
CA ASP E 505 -52.32 -12.02 10.88
C ASP E 505 -53.27 -11.01 11.52
N ALA E 506 -53.79 -11.31 12.70
CA ALA E 506 -54.75 -10.47 13.38
C ALA E 506 -54.20 -10.03 14.74
N ASN E 507 -55.04 -9.35 15.52
CA ASN E 507 -54.72 -8.97 16.88
C ASN E 507 -55.28 -9.96 17.90
N ASP E 508 -55.33 -11.23 17.55
CA ASP E 508 -55.76 -12.32 18.42
C ASP E 508 -57.23 -12.24 18.82
N GLU E 509 -58.05 -11.53 18.03
CA GLU E 509 -59.48 -11.52 18.30
C GLU E 509 -60.16 -12.80 17.81
N LEU E 510 -59.69 -13.37 16.70
CA LEU E 510 -60.26 -14.61 16.20
C LEU E 510 -60.02 -15.78 17.16
N ILE E 511 -58.80 -15.88 17.67
CA ILE E 511 -58.50 -16.93 18.65
C ILE E 511 -59.30 -16.70 19.94
N GLN E 512 -59.51 -15.43 20.31
CA GLN E 512 -60.34 -15.15 21.48
C GLN E 512 -61.77 -15.61 21.27
N PHE E 513 -62.33 -15.35 20.09
CA PHE E 513 -63.68 -15.81 19.78
C PHE E 513 -63.75 -17.33 19.79
N VAL E 514 -62.75 -18.00 19.22
CA VAL E 514 -62.75 -19.46 19.16
C VAL E 514 -62.69 -20.03 20.57
N CYS E 515 -61.82 -19.48 21.42
CA CYS E 515 -61.74 -19.95 22.80
C CYS E 515 -63.04 -19.71 23.56
N SER E 516 -63.66 -18.55 23.36
CA SER E 516 -64.93 -18.26 24.00
C SER E 516 -66.00 -19.26 23.57
N SER E 517 -66.06 -19.57 22.27
CA SER E 517 -67.06 -20.52 21.79
C SER E 517 -66.83 -21.91 22.33
N ILE E 518 -65.58 -22.39 22.32
CA ILE E 518 -65.31 -23.74 22.79
C ILE E 518 -65.56 -23.84 24.29
N CYS E 519 -65.27 -22.77 25.05
CA CYS E 519 -65.63 -22.77 26.47
C CYS E 519 -67.15 -22.71 26.66
N ALA E 520 -67.86 -22.04 25.76
CA ALA E 520 -69.31 -21.93 25.88
C ALA E 520 -70.01 -23.24 25.55
N GLN E 521 -69.38 -24.10 24.74
CA GLN E 521 -69.99 -25.39 24.45
C GLN E 521 -70.18 -26.22 25.72
N GLY E 522 -69.16 -26.23 26.59
CA GLY E 522 -69.28 -26.85 27.90
C GLY E 522 -69.09 -28.35 27.92
N ALA E 523 -68.87 -28.99 26.79
CA ALA E 523 -68.63 -30.44 26.72
C ALA E 523 -67.15 -30.65 26.43
N LEU E 524 -66.40 -31.01 27.46
CA LEU E 524 -64.95 -31.14 27.38
C LEU E 524 -64.55 -32.58 27.69
N SER E 525 -64.51 -33.42 26.66
CA SER E 525 -63.98 -34.76 26.80
C SER E 525 -62.45 -34.72 26.77
N GLU E 526 -61.84 -35.87 27.10
CA GLU E 526 -60.38 -35.92 27.19
C GLU E 526 -59.72 -35.63 25.85
N CYS E 527 -60.25 -36.17 24.76
CA CYS E 527 -59.67 -35.93 23.44
C CYS E 527 -59.81 -34.46 23.05
N GLU E 528 -61.00 -33.90 23.25
CA GLU E 528 -61.20 -32.48 22.94
C GLU E 528 -60.36 -31.60 23.85
N ALA E 529 -60.20 -31.99 25.11
CA ALA E 529 -59.35 -31.23 26.02
C ALA E 529 -57.90 -31.23 25.55
N LEU E 530 -57.41 -32.40 25.11
CA LEU E 530 -56.04 -32.46 24.61
C LEU E 530 -55.86 -31.64 23.35
N ILE E 531 -56.83 -31.68 22.43
CA ILE E 531 -56.72 -30.89 21.22
C ILE E 531 -56.79 -29.40 21.53
N ALA E 532 -57.60 -29.01 22.51
CA ALA E 532 -57.66 -27.61 22.92
C ALA E 532 -56.35 -27.17 23.57
N PHE E 533 -55.72 -28.06 24.35
CA PHE E 533 -54.39 -27.74 24.86
C PHE E 533 -53.40 -27.57 23.72
N ASP E 534 -53.53 -28.40 22.68
CA ASP E 534 -52.67 -28.26 21.51
C ASP E 534 -52.84 -26.90 20.85
N MET E 535 -54.11 -26.46 20.66
CA MET E 535 -54.31 -25.17 20.02
C MET E 535 -53.79 -24.02 20.89
N ILE E 536 -54.04 -24.08 22.19
CA ILE E 536 -53.63 -22.96 23.05
C ILE E 536 -52.11 -22.90 23.15
N ARG E 537 -51.43 -24.05 23.05
CA ARG E 537 -49.97 -24.02 23.05
C ARG E 537 -49.43 -23.53 21.71
N CYS E 538 -50.06 -23.96 20.60
CA CYS E 538 -49.58 -23.55 19.29
C CYS E 538 -49.77 -22.05 19.07
N CYS E 539 -50.89 -21.50 19.53
CA CYS E 539 -51.15 -20.08 19.35
C CYS E 539 -50.43 -19.20 20.36
N ASP E 540 -49.90 -19.77 21.44
CA ASP E 540 -49.24 -19.02 22.51
C ASP E 540 -50.17 -17.94 23.07
N PHE E 541 -51.27 -18.40 23.65
CA PHE E 541 -52.33 -17.52 24.12
C PHE E 541 -52.78 -17.99 25.49
N VAL E 542 -53.35 -17.07 26.26
CA VAL E 542 -53.82 -17.35 27.61
C VAL E 542 -55.27 -16.88 27.75
N TYR E 543 -56.14 -17.77 28.21
CA TYR E 543 -57.53 -17.44 28.48
C TYR E 543 -57.93 -18.08 29.79
N GLU E 544 -58.62 -17.33 30.65
CA GLU E 544 -58.89 -17.78 32.01
C GLU E 544 -60.01 -18.82 32.11
N PRO E 545 -61.21 -18.54 31.60
CA PRO E 545 -62.30 -19.53 31.76
C PRO E 545 -62.01 -20.86 31.08
N LEU E 546 -61.27 -20.84 29.97
CA LEU E 546 -60.90 -22.10 29.32
C LEU E 546 -60.03 -22.94 30.24
N LEU E 547 -59.06 -22.32 30.91
CA LEU E 547 -58.25 -23.04 31.89
C LEU E 547 -59.10 -23.55 33.05
N ASP E 548 -60.04 -22.71 33.51
CA ASP E 548 -60.90 -23.11 34.62
C ASP E 548 -61.73 -24.34 34.26
N ALA E 549 -62.28 -24.36 33.05
CA ALA E 549 -63.05 -25.52 32.61
C ALA E 549 -62.17 -26.73 32.34
N MET E 550 -60.92 -26.50 31.92
CA MET E 550 -60.02 -27.60 31.57
C MET E 550 -59.48 -28.31 32.80
N GLU E 551 -59.27 -27.59 33.89
CA GLU E 551 -58.60 -28.17 35.05
C GLU E 551 -59.24 -29.45 35.58
N PRO E 552 -60.57 -29.54 35.79
CA PRO E 552 -61.12 -30.76 36.41
C PRO E 552 -60.89 -32.02 35.60
N VAL E 553 -60.96 -31.95 34.27
CA VAL E 553 -60.76 -33.15 33.45
C VAL E 553 -59.34 -33.67 33.63
N PHE E 554 -58.36 -32.77 33.59
CA PHE E 554 -56.98 -33.18 33.76
C PHE E 554 -56.72 -33.67 35.18
N ARG E 555 -57.39 -33.07 36.17
CA ARG E 555 -57.28 -33.57 37.54
C ARG E 555 -57.79 -35.00 37.64
N ARG E 556 -58.93 -35.29 37.00
CA ARG E 556 -59.47 -36.64 37.01
C ARG E 556 -58.51 -37.60 36.32
N LEU E 557 -57.95 -37.19 35.18
CA LEU E 557 -57.02 -38.06 34.45
C LEU E 557 -55.78 -38.37 35.28
N VAL E 558 -55.22 -37.34 35.94
CA VAL E 558 -54.04 -37.55 36.77
C VAL E 558 -54.37 -38.45 37.95
N GLU E 559 -55.55 -38.26 38.55
CA GLU E 559 -55.96 -39.13 39.66
C GLU E 559 -56.09 -40.58 39.22
N SER E 560 -56.69 -40.80 38.04
CA SER E 560 -56.83 -42.17 37.53
C SER E 560 -55.48 -42.78 37.24
N VAL E 561 -54.56 -42.02 36.65
CA VAL E 561 -53.24 -42.54 36.34
C VAL E 561 -52.46 -42.82 37.63
N SER E 562 -52.65 -42.01 38.66
CA SER E 562 -52.06 -42.30 39.96
C SER E 562 -52.62 -43.60 40.53
N ALA E 563 -53.93 -43.79 40.43
CA ALA E 563 -54.53 -45.06 40.83
C ALA E 563 -54.14 -46.19 39.88
N MET E 564 -53.67 -45.85 38.67
CA MET E 564 -53.25 -46.86 37.71
C MET E 564 -52.04 -47.63 38.20
N LEU E 565 -51.30 -47.05 39.15
CA LEU E 565 -50.12 -47.70 39.71
C LEU E 565 -50.49 -48.91 40.56
N GLU E 566 -49.57 -49.36 41.41
CA GLU E 566 -49.85 -50.57 42.18
C GLU E 566 -51.06 -50.37 43.08
N GLY E 567 -51.94 -51.37 43.08
CA GLY E 567 -53.24 -51.22 43.72
C GLY E 567 -54.27 -50.68 42.76
N LYS E 568 -55.34 -51.45 42.54
CA LYS E 568 -56.37 -51.09 41.56
C LYS E 568 -55.76 -50.86 40.18
N SER E 569 -54.79 -51.69 39.82
CA SER E 569 -54.06 -51.53 38.56
C SER E 569 -54.73 -52.37 37.48
N THR E 570 -55.70 -51.76 36.81
CA THR E 570 -56.37 -52.35 35.65
C THR E 570 -55.82 -51.65 34.42
N ILE E 571 -54.85 -52.30 33.76
CA ILE E 571 -54.06 -51.64 32.73
C ILE E 571 -54.93 -51.25 31.55
N ASN E 572 -54.81 -49.99 31.14
CA ASN E 572 -55.52 -49.45 29.98
C ASN E 572 -54.54 -48.59 29.18
N ASP E 573 -54.39 -48.91 27.89
CA ASP E 573 -53.36 -48.27 27.09
C ASP E 573 -53.72 -46.83 26.73
N VAL E 574 -54.98 -46.58 26.40
CA VAL E 574 -55.37 -45.25 25.92
C VAL E 574 -55.21 -44.22 27.03
N GLU E 575 -55.49 -44.60 28.27
CA GLU E 575 -55.32 -43.69 29.40
C GLU E 575 -53.86 -43.26 29.53
N VAL E 576 -52.94 -44.23 29.44
CA VAL E 576 -51.52 -43.92 29.54
C VAL E 576 -51.07 -43.06 28.37
N ARG E 577 -51.57 -43.35 27.16
CA ARG E 577 -51.21 -42.54 26.01
C ARG E 577 -51.68 -41.09 26.16
N ARG E 578 -52.91 -40.90 26.64
CA ARG E 578 -53.42 -39.56 26.84
C ARG E 578 -52.65 -38.81 27.92
N CYS E 579 -52.31 -39.51 29.01
CA CYS E 579 -51.50 -38.88 30.05
C CYS E 579 -50.13 -38.48 29.52
N ALA E 580 -49.52 -39.34 28.69
CA ALA E 580 -48.23 -39.01 28.11
C ALA E 580 -48.33 -37.81 27.19
N CYS E 581 -49.40 -37.73 26.39
CA CYS E 581 -49.58 -36.58 25.52
C CYS E 581 -49.74 -35.29 26.32
N PHE E 582 -50.53 -35.33 27.39
CA PHE E 582 -50.70 -34.15 28.23
C PHE E 582 -49.38 -33.74 28.87
N ALA E 583 -48.61 -34.71 29.36
CA ALA E 583 -47.32 -34.39 29.96
C ALA E 583 -46.37 -33.79 28.93
N THR E 584 -46.37 -34.33 27.71
CA THR E 584 -45.52 -33.78 26.65
C THR E 584 -45.90 -32.33 26.34
N LEU E 585 -47.19 -32.05 26.23
CA LEU E 585 -47.61 -30.68 25.93
C LEU E 585 -47.26 -29.73 27.08
N GLN E 586 -47.53 -30.13 28.32
CA GLN E 586 -47.19 -29.31 29.47
C GLN E 586 -45.68 -29.12 29.62
N SER E 587 -44.88 -30.05 29.08
CA SER E 587 -43.43 -29.92 29.19
C SER E 587 -42.92 -28.66 28.52
N GLU E 588 -43.60 -28.17 27.49
CA GLU E 588 -43.19 -26.97 26.80
C GLU E 588 -44.11 -25.77 27.01
N PHE E 589 -45.42 -26.00 27.21
CA PHE E 589 -46.30 -24.86 27.45
C PHE E 589 -45.98 -24.17 28.77
N ASP E 590 -45.70 -24.94 29.82
CA ASP E 590 -45.36 -24.41 31.14
C ASP E 590 -46.46 -23.49 31.67
N CYS E 591 -47.66 -24.05 31.77
CA CYS E 591 -48.80 -23.28 32.27
C CYS E 591 -48.62 -22.97 33.75
N PRO E 592 -48.94 -21.75 34.19
CA PRO E 592 -48.84 -21.44 35.63
C PRO E 592 -49.87 -22.17 36.47
N ASP E 593 -50.95 -22.67 35.88
CA ASP E 593 -52.01 -23.34 36.65
C ASP E 593 -51.96 -24.85 36.56
N PHE E 594 -51.47 -25.40 35.46
CA PHE E 594 -51.33 -26.85 35.31
C PHE E 594 -49.99 -27.33 35.84
N GLU E 595 -49.67 -26.96 37.08
CA GLU E 595 -48.38 -27.30 37.67
C GLU E 595 -48.48 -28.24 38.86
N THR E 596 -49.57 -28.19 39.63
CA THR E 596 -49.75 -29.15 40.71
C THR E 596 -49.96 -30.55 40.18
N LEU E 597 -50.68 -30.68 39.06
CA LEU E 597 -50.93 -31.98 38.46
C LEU E 597 -49.64 -32.64 38.01
N ALA E 598 -48.80 -31.88 37.30
CA ALA E 598 -47.53 -32.44 36.82
C ALA E 598 -46.61 -32.79 37.98
N SER E 599 -46.56 -31.94 39.01
CA SER E 599 -45.74 -32.24 40.17
C SER E 599 -46.20 -33.50 40.87
N LEU E 600 -47.52 -33.65 41.04
CA LEU E 600 -48.04 -34.88 41.67
C LEU E 600 -47.73 -36.10 40.82
N LEU E 601 -47.87 -35.98 39.50
CA LEU E 601 -47.60 -37.12 38.62
C LEU E 601 -46.14 -37.54 38.71
N VAL E 602 -45.21 -36.58 38.64
CA VAL E 602 -43.80 -36.93 38.69
C VAL E 602 -43.42 -37.46 40.07
N HIS E 603 -44.00 -36.90 41.13
CA HIS E 603 -43.73 -37.40 42.47
C HIS E 603 -44.22 -38.84 42.63
N THR E 604 -45.41 -39.14 42.10
CA THR E 604 -45.92 -40.50 42.15
C THR E 604 -45.04 -41.46 41.37
N VAL E 605 -44.60 -41.06 40.18
CA VAL E 605 -43.81 -41.94 39.32
C VAL E 605 -42.43 -42.19 39.94
N GLU E 606 -41.83 -41.15 40.54
CA GLU E 606 -40.44 -41.25 40.97
C GLU E 606 -40.25 -42.31 42.05
N LYS E 607 -41.14 -42.36 43.03
CA LYS E 607 -40.93 -43.22 44.19
C LYS E 607 -41.47 -44.63 44.03
N ASN E 608 -42.19 -44.91 42.94
CA ASN E 608 -42.82 -46.22 42.73
C ASN E 608 -42.56 -46.71 41.31
N VAL E 609 -41.30 -46.67 40.88
CA VAL E 609 -40.93 -47.14 39.54
C VAL E 609 -40.65 -48.63 39.66
N THR E 610 -41.72 -49.43 39.57
CA THR E 610 -41.62 -50.87 39.63
C THR E 610 -42.15 -51.56 38.38
N GLY E 611 -43.39 -51.27 37.99
CA GLY E 611 -43.99 -51.93 36.85
C GLY E 611 -44.84 -51.00 35.99
N CYS E 612 -44.52 -49.71 36.03
CA CYS E 612 -45.27 -48.73 35.25
C CYS E 612 -45.10 -49.01 33.76
N PRO E 613 -46.12 -48.69 32.95
CA PRO E 613 -46.04 -48.98 31.52
C PRO E 613 -44.88 -48.24 30.86
N VAL E 614 -44.29 -48.88 29.85
CA VAL E 614 -43.09 -48.35 29.21
C VAL E 614 -43.37 -47.03 28.51
N GLU E 615 -44.58 -46.84 27.98
CA GLU E 615 -44.91 -45.63 27.23
C GLU E 615 -44.85 -44.37 28.10
N LEU E 616 -45.03 -44.51 29.42
CA LEU E 616 -45.14 -43.33 30.28
C LEU E 616 -43.78 -42.67 30.52
N ILE E 617 -42.72 -43.46 30.67
CA ILE E 617 -41.44 -42.96 31.16
C ILE E 617 -40.77 -41.94 30.24
N PRO E 618 -40.75 -42.11 28.91
CA PRO E 618 -40.17 -41.05 28.07
C PRO E 618 -40.82 -39.69 28.27
N SER E 619 -42.15 -39.65 28.38
CA SER E 619 -42.84 -38.37 28.56
C SER E 619 -42.53 -37.76 29.92
N VAL E 620 -42.54 -38.57 30.98
CA VAL E 620 -42.24 -38.03 32.30
C VAL E 620 -40.79 -37.59 32.37
N GLY E 621 -39.89 -38.24 31.65
CA GLY E 621 -38.51 -37.77 31.57
C GLY E 621 -38.39 -36.45 30.86
N LEU E 622 -39.10 -36.30 29.74
CA LEU E 622 -39.13 -35.02 29.04
C LEU E 622 -39.66 -33.91 29.94
N LEU E 623 -40.67 -34.23 30.75
CA LEU E 623 -41.17 -33.26 31.72
C LEU E 623 -40.14 -32.99 32.82
N CYS E 624 -39.38 -34.01 33.21
CA CYS E 624 -38.36 -33.84 34.23
C CYS E 624 -37.22 -32.96 33.73
N VAL E 625 -36.99 -32.91 32.42
CA VAL E 625 -36.01 -31.99 31.87
C VAL E 625 -36.39 -30.55 32.22
N ARG E 626 -37.68 -30.22 32.05
CA ARG E 626 -38.20 -28.96 32.55
C ARG E 626 -38.27 -28.99 34.07
N THR E 627 -38.33 -27.79 34.67
CA THR E 627 -38.39 -27.56 36.11
C THR E 627 -37.12 -28.00 36.83
N ARG E 628 -36.06 -28.35 36.08
CA ARG E 628 -34.75 -28.69 36.65
C ARG E 628 -34.86 -29.82 37.68
N ARG E 629 -35.31 -30.97 37.20
CA ARG E 629 -35.45 -32.17 38.03
C ARG E 629 -34.28 -33.10 37.76
N THR E 630 -33.39 -33.25 38.74
CA THR E 630 -32.29 -34.19 38.62
C THR E 630 -32.68 -35.60 39.02
N SER E 631 -33.91 -35.79 39.52
CA SER E 631 -34.39 -37.12 39.88
C SER E 631 -34.63 -38.01 38.67
N ALA E 632 -34.60 -37.45 37.46
CA ALA E 632 -34.73 -38.27 36.26
C ALA E 632 -33.57 -39.25 36.12
N LEU E 633 -32.44 -38.98 36.75
CA LEU E 633 -31.34 -39.93 36.77
C LEU E 633 -31.78 -41.21 37.47
N TYR E 634 -31.09 -42.31 37.14
CA TYR E 634 -31.36 -43.65 37.66
C TYR E 634 -32.83 -44.04 37.52
N ILE E 635 -33.57 -43.37 36.62
CA ILE E 635 -34.96 -43.71 36.34
C ILE E 635 -35.07 -44.03 34.86
N VAL E 636 -34.77 -43.04 34.01
CA VAL E 636 -34.73 -43.27 32.57
C VAL E 636 -33.45 -43.99 32.22
N GLY E 637 -33.56 -45.06 31.43
CA GLY E 637 -32.44 -45.90 31.09
C GLY E 637 -32.11 -46.95 32.14
N ASN E 638 -32.33 -46.64 33.42
CA ASN E 638 -32.12 -47.64 34.47
C ASN E 638 -33.05 -48.82 34.28
N LYS E 639 -34.31 -48.56 33.97
CA LYS E 639 -35.24 -49.62 33.59
C LYS E 639 -35.31 -49.83 32.10
N LEU E 640 -35.05 -48.77 31.32
CA LEU E 640 -35.13 -48.84 29.86
C LEU E 640 -33.75 -49.04 29.26
N GLU E 641 -33.27 -50.28 29.32
CA GLU E 641 -32.00 -50.64 28.70
C GLU E 641 -32.18 -51.41 27.40
N GLY E 642 -32.95 -52.49 27.42
CA GLY E 642 -33.13 -53.30 26.24
C GLY E 642 -34.57 -53.68 25.95
N ASN E 643 -35.49 -53.18 26.77
CA ASN E 643 -36.91 -53.48 26.62
C ASN E 643 -37.67 -52.41 25.84
N MET E 644 -36.95 -51.48 25.21
CA MET E 644 -37.58 -50.40 24.46
C MET E 644 -38.10 -50.85 23.10
N GLN E 645 -38.11 -52.16 22.82
CA GLN E 645 -38.66 -52.65 21.56
C GLN E 645 -40.18 -52.52 21.50
N GLN E 646 -40.85 -52.39 22.64
CA GLN E 646 -42.30 -52.35 22.69
C GLN E 646 -42.88 -50.95 22.60
N LEU E 647 -42.04 -49.93 22.50
CA LEU E 647 -42.53 -48.56 22.40
C LEU E 647 -43.30 -48.34 21.09
N SER E 648 -44.31 -47.49 21.16
CA SER E 648 -45.10 -47.15 19.98
C SER E 648 -44.32 -46.19 19.09
N ASP E 649 -44.89 -45.91 17.92
CA ASP E 649 -44.24 -44.99 16.97
C ASP E 649 -44.11 -43.60 17.57
N ASP E 650 -45.14 -43.14 18.30
CA ASP E 650 -45.09 -41.81 18.90
C ASP E 650 -44.04 -41.74 20.00
N ALA E 651 -43.86 -42.84 20.75
CA ALA E 651 -42.95 -42.82 21.89
C ALA E 651 -41.51 -42.56 21.45
N ILE E 652 -41.11 -43.11 20.30
CA ILE E 652 -39.74 -42.96 19.83
C ILE E 652 -39.42 -41.51 19.54
N GLY E 653 -40.41 -40.74 19.06
CA GLY E 653 -40.16 -39.33 18.78
C GLY E 653 -39.75 -38.55 20.01
N GLU E 654 -40.51 -38.68 21.09
CA GLU E 654 -40.13 -37.95 22.31
C GLU E 654 -38.92 -38.58 22.98
N LEU E 655 -38.68 -39.88 22.78
CA LEU E 655 -37.45 -40.47 23.28
C LEU E 655 -36.23 -39.83 22.60
N ALA E 656 -36.30 -39.66 21.28
CA ALA E 656 -35.21 -38.97 20.58
C ALA E 656 -35.08 -37.53 21.02
N ARG E 657 -36.21 -36.82 21.14
CA ARG E 657 -36.17 -35.44 21.57
C ARG E 657 -35.57 -35.29 22.96
N LEU E 658 -35.77 -36.30 23.82
CA LEU E 658 -35.14 -36.30 25.13
C LEU E 658 -33.65 -36.59 25.04
N LEU E 659 -33.26 -37.55 24.21
CA LEU E 659 -31.86 -37.94 24.14
C LEU E 659 -30.99 -36.84 23.54
N VAL E 660 -31.51 -36.10 22.56
CA VAL E 660 -30.76 -35.01 21.96
C VAL E 660 -30.72 -33.82 22.92
N GLY E 661 -31.34 -33.98 24.09
CA GLY E 661 -31.29 -32.97 25.11
C GLY E 661 -30.00 -33.02 25.90
N THR E 662 -30.08 -33.03 27.22
CA THR E 662 -28.88 -33.09 28.05
C THR E 662 -28.15 -34.41 27.81
N GLU E 663 -26.86 -34.31 27.48
CA GLU E 663 -26.08 -35.47 27.11
C GLU E 663 -25.80 -36.39 28.29
N ASN E 664 -25.95 -35.89 29.53
CA ASN E 664 -25.61 -36.69 30.71
C ASN E 664 -26.38 -38.00 30.76
N LEU E 665 -27.60 -38.03 30.23
CA LEU E 665 -28.42 -39.24 30.24
C LEU E 665 -28.32 -40.03 28.94
N ALA E 666 -27.32 -39.76 28.11
CA ALA E 666 -27.08 -40.50 26.88
C ALA E 666 -25.83 -41.35 27.06
N THR E 667 -25.99 -42.67 26.94
CA THR E 667 -24.90 -43.61 27.11
C THR E 667 -24.69 -44.39 25.82
N LYS E 668 -23.56 -45.13 25.78
CA LYS E 668 -23.22 -45.91 24.59
C LYS E 668 -24.25 -47.02 24.34
N GLU E 669 -24.57 -47.79 25.38
CA GLU E 669 -25.54 -48.88 25.22
C GLU E 669 -26.90 -48.34 24.83
N LEU E 670 -27.33 -47.25 25.47
CA LEU E 670 -28.62 -46.65 25.14
C LEU E 670 -28.64 -46.19 23.68
N ALA E 671 -27.57 -45.53 23.23
CA ALA E 671 -27.52 -45.06 21.86
C ALA E 671 -27.53 -46.23 20.87
N VAL E 672 -26.79 -47.30 21.17
CA VAL E 672 -26.74 -48.45 20.26
C VAL E 672 -28.12 -49.10 20.16
N GLU E 673 -28.77 -49.30 21.32
CA GLU E 673 -30.10 -49.89 21.30
C GLU E 673 -31.10 -48.99 20.59
N PHE E 674 -30.97 -47.68 20.77
CA PHE E 674 -31.85 -46.74 20.10
C PHE E 674 -31.68 -46.82 18.58
N GLN E 675 -30.43 -46.88 18.12
CA GLN E 675 -30.18 -46.99 16.68
C GLN E 675 -30.72 -48.30 16.13
N SER E 676 -30.55 -49.39 16.86
CA SER E 676 -31.12 -50.67 16.43
C SER E 676 -32.65 -50.59 16.33
N VAL E 677 -33.28 -49.98 17.33
CA VAL E 677 -34.73 -49.86 17.33
C VAL E 677 -35.19 -49.02 16.13
N VAL E 678 -34.54 -47.89 15.89
CA VAL E 678 -35.01 -47.00 14.83
C VAL E 678 -34.80 -47.65 13.46
N VAL E 679 -33.68 -48.37 13.27
CA VAL E 679 -33.47 -49.02 11.98
C VAL E 679 -34.48 -50.15 11.78
N SER E 680 -34.82 -50.86 12.87
CA SER E 680 -35.86 -51.88 12.77
C SER E 680 -37.20 -51.25 12.39
N ARG E 681 -37.51 -50.06 12.92
CA ARG E 681 -38.75 -49.40 12.55
C ARG E 681 -38.72 -48.89 11.12
N LEU E 682 -37.56 -48.45 10.62
CA LEU E 682 -37.47 -48.07 9.21
C LEU E 682 -37.67 -49.27 8.30
N LEU E 683 -37.21 -50.45 8.72
CA LEU E 683 -37.33 -51.63 7.86
C LEU E 683 -38.80 -51.94 7.56
N ARG E 684 -39.67 -51.83 8.56
CA ARG E 684 -41.08 -52.10 8.38
C ARG E 684 -41.78 -50.89 7.75
N GLN E 685 -43.10 -50.97 7.63
CA GLN E 685 -43.90 -49.87 7.09
C GLN E 685 -44.20 -48.88 8.22
N GLN E 686 -45.05 -47.89 7.93
CA GLN E 686 -45.37 -46.81 8.86
C GLN E 686 -44.09 -46.12 9.35
N SER E 687 -43.34 -45.60 8.38
CA SER E 687 -42.04 -45.02 8.67
C SER E 687 -42.17 -43.76 9.52
N LEU E 688 -41.20 -43.59 10.42
CA LEU E 688 -41.17 -42.43 11.29
C LEU E 688 -40.87 -41.17 10.49
N PRO E 689 -41.27 -40.00 10.99
CA PRO E 689 -40.92 -38.76 10.32
C PRO E 689 -39.41 -38.58 10.30
N PRO E 690 -38.88 -37.88 9.30
CA PRO E 690 -37.41 -37.76 9.18
C PRO E 690 -36.77 -37.07 10.36
N ASP E 691 -37.54 -36.31 11.15
CA ASP E 691 -36.99 -35.62 12.30
C ASP E 691 -36.41 -36.63 13.30
N VAL E 692 -37.15 -37.71 13.57
CA VAL E 692 -36.71 -38.70 14.54
C VAL E 692 -35.46 -39.42 14.05
N VAL E 693 -35.45 -39.82 12.77
CA VAL E 693 -34.30 -40.53 12.22
C VAL E 693 -33.07 -39.64 12.24
N ALA E 694 -33.24 -38.37 11.86
CA ALA E 694 -32.12 -37.44 11.87
C ALA E 694 -31.58 -37.23 13.27
N LEU E 695 -32.47 -37.12 14.27
CA LEU E 695 -32.00 -36.95 15.64
C LEU E 695 -31.27 -38.20 16.13
N SER E 696 -31.75 -39.38 15.75
CA SER E 696 -31.03 -40.60 16.12
C SER E 696 -29.64 -40.63 15.48
N ALA E 697 -29.55 -40.17 14.23
CA ALA E 697 -28.24 -40.08 13.58
C ALA E 697 -27.33 -39.11 14.32
N VAL E 698 -27.88 -37.99 14.76
CA VAL E 698 -27.09 -37.03 15.54
C VAL E 698 -26.61 -37.66 16.84
N VAL E 699 -27.48 -38.42 17.50
CA VAL E 699 -27.10 -39.08 18.76
C VAL E 699 -25.97 -40.07 18.51
N TRP E 700 -26.06 -40.85 17.44
CA TRP E 700 -25.00 -41.78 17.11
C TRP E 700 -23.69 -41.06 16.81
N LEU E 701 -23.77 -39.97 16.03
CA LEU E 701 -22.56 -39.26 15.61
C LEU E 701 -21.88 -38.56 16.79
N ARG E 702 -22.66 -38.08 17.75
CA ARG E 702 -22.08 -37.40 18.90
C ARG E 702 -21.14 -38.30 19.69
N GLN E 703 -21.40 -39.62 19.68
CA GLN E 703 -20.57 -40.53 20.44
C GLN E 703 -19.15 -40.57 19.90
N GLY E 704 -18.99 -40.61 18.59
CA GLY E 704 -17.66 -40.55 17.98
C GLY E 704 -17.10 -41.93 17.71
N ASP E 705 -15.87 -42.16 18.17
CA ASP E 705 -15.16 -43.40 17.88
C ASP E 705 -15.55 -44.56 18.78
N LYS E 706 -16.27 -44.30 19.87
CA LYS E 706 -16.68 -45.39 20.76
C LYS E 706 -17.64 -46.36 20.10
N VAL E 707 -18.25 -45.96 18.98
CA VAL E 707 -19.13 -46.85 18.23
C VAL E 707 -18.60 -46.96 16.81
N GLY E 708 -19.25 -47.78 15.98
CA GLY E 708 -18.79 -48.02 14.64
C GLY E 708 -19.29 -47.01 13.63
N THR E 709 -19.91 -47.49 12.55
CA THR E 709 -20.40 -46.63 11.48
C THR E 709 -21.90 -46.82 11.34
N ILE E 710 -22.62 -45.71 11.16
CA ILE E 710 -24.06 -45.77 10.90
C ILE E 710 -24.36 -46.61 9.66
N ASP E 711 -25.55 -47.20 9.67
CA ASP E 711 -26.00 -48.01 8.55
C ASP E 711 -26.25 -47.14 7.32
N GLU E 712 -26.00 -47.73 6.15
CA GLU E 712 -26.28 -47.02 4.91
C GLU E 712 -27.76 -46.76 4.71
N ARG E 713 -28.63 -47.57 5.33
CA ARG E 713 -30.06 -47.34 5.22
C ARG E 713 -30.47 -46.04 5.88
N SER E 714 -29.90 -45.73 7.05
CA SER E 714 -30.22 -44.47 7.72
C SER E 714 -29.75 -43.27 6.90
N VAL E 715 -28.56 -43.37 6.31
CA VAL E 715 -28.07 -42.28 5.46
C VAL E 715 -28.96 -42.11 4.24
N ASP E 716 -29.39 -43.23 3.64
CA ASP E 716 -30.31 -43.15 2.50
C ASP E 716 -31.62 -42.50 2.91
N TYR E 717 -32.12 -42.84 4.10
CA TYR E 717 -33.37 -42.23 4.57
C TYR E 717 -33.19 -40.74 4.80
N ILE E 718 -32.06 -40.33 5.35
CA ILE E 718 -31.82 -38.90 5.59
C ILE E 718 -31.72 -38.15 4.27
N ILE E 719 -31.03 -38.73 3.28
CA ILE E 719 -30.87 -38.07 1.99
C ILE E 719 -32.24 -37.82 1.36
N LYS E 720 -33.10 -38.83 1.36
CA LYS E 720 -34.47 -38.63 0.95
C LYS E 720 -35.23 -37.83 2.01
N TRP E 721 -36.33 -37.21 1.59
CA TRP E 721 -37.15 -36.38 2.47
C TRP E 721 -36.29 -35.31 3.15
N MET E 722 -35.33 -34.77 2.41
CA MET E 722 -34.37 -33.84 3.00
C MET E 722 -35.04 -32.55 3.46
N TYR E 723 -35.99 -32.03 2.67
CA TYR E 723 -36.61 -30.76 2.99
C TYR E 723 -37.61 -30.84 4.14
N ALA E 724 -37.97 -32.04 4.57
CA ALA E 724 -38.85 -32.17 5.74
C ALA E 724 -38.10 -32.01 7.06
N ILE E 725 -36.78 -31.86 7.01
CA ILE E 725 -35.96 -31.74 8.21
C ILE E 725 -35.88 -30.27 8.60
N GLY E 726 -36.14 -29.98 9.87
CA GLY E 726 -36.15 -28.61 10.34
C GLY E 726 -34.76 -27.99 10.39
N SER E 727 -34.75 -26.67 10.54
CA SER E 727 -33.49 -25.93 10.53
C SER E 727 -32.61 -26.31 11.72
N SER E 728 -33.21 -26.50 12.89
CA SER E 728 -32.42 -26.88 14.06
C SER E 728 -31.76 -28.23 13.87
N VAL E 729 -32.47 -29.18 13.26
CA VAL E 729 -31.88 -30.49 12.99
C VAL E 729 -30.77 -30.38 11.95
N TYR E 730 -30.94 -29.49 10.96
CA TYR E 730 -29.87 -29.24 10.00
C TYR E 730 -28.63 -28.71 10.68
N THR E 731 -28.79 -27.75 11.59
CA THR E 731 -27.65 -27.21 12.32
C THR E 731 -27.00 -28.28 13.19
N ASP E 732 -27.80 -29.12 13.84
CA ASP E 732 -27.25 -30.20 14.65
C ASP E 732 -26.44 -31.18 13.81
N LEU E 733 -26.96 -31.56 12.64
CA LEU E 733 -26.22 -32.46 11.76
C LEU E 733 -24.92 -31.83 11.28
N CYS E 734 -24.98 -30.55 10.89
CA CYS E 734 -23.76 -29.89 10.41
C CYS E 734 -22.73 -29.75 11.52
N LEU E 735 -23.18 -29.57 12.76
CA LEU E 735 -22.26 -29.47 13.87
C LEU E 735 -21.67 -30.82 14.26
N ALA E 736 -22.45 -31.90 14.10
CA ALA E 736 -22.04 -33.21 14.58
C ALA E 736 -21.32 -34.05 13.54
N VAL E 737 -21.40 -33.71 12.26
CA VAL E 737 -20.79 -34.56 11.24
C VAL E 737 -19.27 -34.59 11.35
N HIS E 738 -18.65 -33.63 12.02
CA HIS E 738 -17.20 -33.56 12.09
C HIS E 738 -16.60 -34.32 13.26
N LEU E 739 -17.41 -34.82 14.19
CA LEU E 739 -16.88 -35.46 15.38
C LEU E 739 -16.56 -36.93 15.18
N SER E 740 -16.99 -37.53 14.07
CA SER E 740 -16.70 -38.93 13.77
C SER E 740 -16.12 -39.03 12.37
N ALA E 741 -15.36 -40.10 12.15
CA ALA E 741 -14.71 -40.35 10.87
C ALA E 741 -15.56 -41.31 10.03
N SER E 742 -15.05 -41.67 8.86
CA SER E 742 -15.71 -42.60 7.94
C SER E 742 -17.10 -42.12 7.56
N VAL E 743 -17.24 -40.82 7.35
CA VAL E 743 -18.48 -40.21 6.88
C VAL E 743 -18.16 -39.40 5.64
N GLU E 744 -18.58 -39.89 4.48
CA GLU E 744 -18.28 -39.20 3.23
C GLU E 744 -19.52 -38.96 2.37
N SER E 745 -20.46 -39.90 2.34
CA SER E 745 -21.67 -39.69 1.56
C SER E 745 -22.60 -38.69 2.24
N LEU E 746 -22.75 -38.79 3.55
CA LEU E 746 -23.61 -37.87 4.27
C LEU E 746 -23.11 -36.44 4.17
N SER E 747 -21.80 -36.24 4.30
CA SER E 747 -21.24 -34.90 4.17
C SER E 747 -21.43 -34.35 2.76
N ASN E 748 -21.22 -35.19 1.74
CA ASN E 748 -21.41 -34.74 0.37
C ASN E 748 -22.86 -34.35 0.11
N ALA E 749 -23.80 -35.13 0.63
CA ALA E 749 -25.21 -34.77 0.52
C ALA E 749 -25.60 -33.64 1.46
N LEU E 750 -24.74 -33.28 2.40
CA LEU E 750 -25.05 -32.22 3.36
C LEU E 750 -24.76 -30.84 2.77
N ILE E 751 -23.58 -30.67 2.16
CA ILE E 751 -23.31 -29.44 1.41
C ILE E 751 -23.79 -29.73 -0.01
N ASP E 752 -25.11 -29.70 -0.17
CA ASP E 752 -25.77 -29.58 -1.46
C ASP E 752 -26.98 -28.67 -1.40
N ASP E 753 -27.58 -28.48 -0.23
CA ASP E 753 -28.78 -27.68 -0.05
C ASP E 753 -28.51 -26.31 0.55
N LEU E 754 -27.28 -26.05 0.98
CA LEU E 754 -26.95 -24.76 1.60
C LEU E 754 -27.30 -23.56 0.74
N PRO E 755 -27.00 -23.53 -0.57
CA PRO E 755 -27.42 -22.37 -1.37
C PRO E 755 -28.91 -22.14 -1.35
N ARG E 756 -29.72 -23.21 -1.31
CA ARG E 756 -31.16 -23.05 -1.20
C ARG E 756 -31.63 -22.82 0.23
N ARG E 757 -30.78 -23.07 1.22
CA ARG E 757 -31.15 -22.92 2.61
C ARG E 757 -30.70 -21.61 3.22
N LEU E 758 -30.22 -20.67 2.39
CA LEU E 758 -29.68 -19.43 2.92
C LEU E 758 -30.74 -18.58 3.62
N GLU E 759 -31.92 -18.49 3.02
CA GLU E 759 -32.96 -17.58 3.51
C GLU E 759 -33.87 -18.21 4.56
N LEU E 760 -33.70 -19.49 4.87
CA LEU E 760 -34.61 -20.20 5.76
C LEU E 760 -34.06 -20.39 7.16
N LEU E 761 -32.98 -19.71 7.52
CA LEU E 761 -32.40 -19.85 8.85
C LEU E 761 -31.77 -18.54 9.29
N THR E 762 -31.69 -18.35 10.59
CA THR E 762 -31.16 -17.12 11.16
C THR E 762 -29.65 -17.04 10.95
N THR E 763 -29.10 -15.86 11.25
CA THR E 763 -27.68 -15.63 11.04
C THR E 763 -26.83 -16.53 11.93
N ASN E 764 -27.26 -16.74 13.18
CA ASN E 764 -26.52 -17.61 14.09
C ASN E 764 -26.45 -19.04 13.54
N GLU E 765 -27.57 -19.54 13.01
CA GLU E 765 -27.57 -20.87 12.41
C GLU E 765 -26.67 -20.90 11.17
N MET E 766 -26.67 -19.80 10.39
CA MET E 766 -25.78 -19.72 9.24
C MET E 766 -24.33 -19.88 9.66
N ALA E 767 -23.91 -19.10 10.66
CA ALA E 767 -22.52 -19.17 11.12
C ALA E 767 -22.19 -20.55 11.66
N ASN E 768 -23.09 -21.12 12.48
CA ASN E 768 -22.81 -22.43 13.06
C ASN E 768 -22.71 -23.51 11.99
N ALA E 769 -23.62 -23.50 11.01
CA ALA E 769 -23.56 -24.49 9.94
C ALA E 769 -22.30 -24.33 9.09
N ILE E 770 -21.94 -23.09 8.75
CA ILE E 770 -20.77 -22.86 7.91
C ILE E 770 -19.51 -23.31 8.63
N PHE E 771 -19.43 -23.05 9.95
CA PHE E 771 -18.26 -23.52 10.69
C PHE E 771 -18.27 -25.04 10.84
N GLY E 772 -19.44 -25.64 11.01
CA GLY E 772 -19.52 -27.08 11.15
C GLY E 772 -19.13 -27.82 9.90
N LEU E 773 -19.44 -27.27 8.73
CA LEU E 773 -19.04 -27.88 7.47
C LEU E 773 -17.59 -27.57 7.10
N GLY E 774 -16.87 -26.82 7.92
CA GLY E 774 -15.51 -26.46 7.63
C GLY E 774 -14.45 -27.48 8.00
N GLU E 775 -14.84 -28.63 8.53
CA GLU E 775 -13.90 -29.69 8.91
C GLU E 775 -13.96 -30.91 8.00
N VAL E 776 -15.13 -31.25 7.47
CA VAL E 776 -15.22 -32.41 6.59
C VAL E 776 -15.12 -32.01 5.12
N SER E 777 -15.69 -30.85 4.76
CA SER E 777 -15.58 -30.39 3.38
C SER E 777 -14.14 -30.03 3.02
N ASP E 778 -13.36 -29.54 3.99
CA ASP E 778 -11.95 -29.31 3.76
C ASP E 778 -11.22 -30.63 3.51
N MET E 779 -11.58 -31.68 4.24
CA MET E 779 -11.06 -33.01 3.94
C MET E 779 -11.45 -33.43 2.53
N GLY E 780 -12.65 -33.06 2.10
CA GLY E 780 -13.04 -33.25 0.71
C GLY E 780 -12.27 -32.34 -0.22
N ALA E 781 -12.50 -31.04 -0.10
CA ALA E 781 -11.80 -30.02 -0.91
C ALA E 781 -11.92 -30.29 -2.40
N ARG E 782 -13.05 -30.88 -2.80
CA ARG E 782 -13.28 -31.21 -4.20
C ARG E 782 -13.74 -29.97 -4.97
N LEU E 783 -13.72 -30.09 -6.30
CA LEU E 783 -14.20 -28.99 -7.13
C LEU E 783 -15.70 -28.78 -6.97
N SER E 784 -16.45 -29.86 -6.72
CA SER E 784 -17.89 -29.74 -6.51
C SER E 784 -18.23 -28.94 -5.25
N HIS E 785 -17.28 -28.79 -4.34
CA HIS E 785 -17.46 -27.96 -3.16
C HIS E 785 -17.00 -26.53 -3.36
N GLN E 786 -16.66 -26.15 -4.59
CA GLN E 786 -16.25 -24.78 -4.88
C GLN E 786 -17.46 -23.90 -5.20
N LEU E 787 -18.19 -24.24 -6.27
CA LEU E 787 -19.28 -23.40 -6.74
C LEU E 787 -20.26 -23.07 -5.63
N VAL E 788 -20.73 -24.11 -4.91
CA VAL E 788 -21.61 -23.90 -3.77
C VAL E 788 -21.02 -22.85 -2.85
N ALA E 789 -19.79 -23.10 -2.38
CA ALA E 789 -19.11 -22.13 -1.51
C ALA E 789 -19.11 -20.75 -2.16
N GLU E 790 -18.72 -20.69 -3.44
CA GLU E 790 -18.69 -19.41 -4.14
C GLU E 790 -20.03 -18.70 -4.02
N ARG E 791 -21.12 -19.40 -4.33
CA ARG E 791 -22.42 -18.77 -4.25
C ARG E 791 -22.68 -18.25 -2.85
N CYS E 792 -22.42 -19.07 -1.84
CA CYS E 792 -22.64 -18.65 -0.47
C CYS E 792 -21.87 -17.36 -0.19
N SER E 793 -20.62 -17.30 -0.63
CA SER E 793 -19.81 -16.11 -0.40
C SER E 793 -20.55 -14.87 -0.85
N ASP E 794 -21.07 -14.90 -2.09
CA ASP E 794 -21.75 -13.71 -2.62
C ASP E 794 -22.87 -13.29 -1.68
N TYR E 795 -23.71 -14.24 -1.26
CA TYR E 795 -24.82 -13.89 -0.41
C TYR E 795 -24.34 -13.22 0.86
N VAL E 796 -23.28 -13.75 1.46
CA VAL E 796 -22.82 -13.24 2.73
C VAL E 796 -22.37 -11.79 2.59
N VAL E 797 -21.83 -11.41 1.42
CA VAL E 797 -21.36 -10.05 1.24
C VAL E 797 -22.45 -9.12 0.73
N ASP E 798 -23.60 -9.66 0.32
CA ASP E 798 -24.70 -8.78 -0.10
C ASP E 798 -25.44 -8.23 1.10
N HIS E 799 -26.01 -9.11 1.92
CA HIS E 799 -26.71 -8.70 3.13
C HIS E 799 -25.79 -8.81 4.34
N SER E 800 -24.69 -8.06 4.28
CA SER E 800 -23.71 -8.03 5.35
C SER E 800 -23.99 -6.93 6.37
N GLN E 801 -25.07 -6.16 6.18
CA GLN E 801 -25.45 -5.13 7.14
C GLN E 801 -26.36 -5.64 8.24
N GLU E 802 -26.77 -6.91 8.17
CA GLU E 802 -27.61 -7.52 9.20
C GLU E 802 -26.80 -8.30 10.23
N PHE E 803 -25.48 -8.36 10.10
CA PHE E 803 -24.62 -9.05 11.05
C PHE E 803 -24.16 -8.05 12.10
N TRP E 804 -24.70 -8.16 13.31
CA TRP E 804 -24.38 -7.24 14.39
C TRP E 804 -23.64 -7.91 15.54
N SER E 805 -23.17 -9.14 15.35
CA SER E 805 -22.53 -9.90 16.41
C SER E 805 -21.09 -10.22 16.00
N GLY E 806 -20.14 -9.98 16.92
CA GLY E 806 -18.75 -10.29 16.63
C GLY E 806 -18.48 -11.77 16.51
N LYS E 807 -19.05 -12.58 17.41
CA LYS E 807 -18.80 -14.01 17.39
C LYS E 807 -19.33 -14.65 16.12
N VAL E 808 -20.53 -14.24 15.68
CA VAL E 808 -21.10 -14.79 14.46
C VAL E 808 -20.21 -14.45 13.27
N ILE E 809 -19.76 -13.20 13.19
CA ILE E 809 -18.92 -12.77 12.07
C ILE E 809 -17.62 -13.57 12.04
N ALA E 810 -16.97 -13.70 13.20
CA ALA E 810 -15.68 -14.37 13.24
C ALA E 810 -15.81 -15.86 12.95
N ARG E 811 -16.84 -16.51 13.48
CA ARG E 811 -17.04 -17.93 13.21
C ARG E 811 -17.36 -18.15 11.74
N LEU E 812 -18.15 -17.27 11.13
CA LEU E 812 -18.42 -17.37 9.70
C LEU E 812 -17.13 -17.20 8.88
N LEU E 813 -16.28 -16.24 9.27
CA LEU E 813 -15.03 -16.05 8.57
C LEU E 813 -14.13 -17.27 8.70
N TYR E 814 -14.07 -17.88 9.89
CA TYR E 814 -13.26 -19.08 10.07
C TYR E 814 -13.81 -20.24 9.24
N GLY E 815 -15.13 -20.37 9.18
CA GLY E 815 -15.71 -21.42 8.35
C GLY E 815 -15.40 -21.24 6.88
N PHE E 816 -15.46 -20.00 6.40
CA PHE E 816 -15.11 -19.74 5.01
C PHE E 816 -13.61 -19.90 4.76
N SER E 817 -12.78 -19.67 5.78
CA SER E 817 -11.34 -19.84 5.62
C SER E 817 -10.96 -21.31 5.57
N ARG E 818 -11.61 -22.15 6.37
CA ARG E 818 -11.39 -23.58 6.29
C ARG E 818 -12.23 -24.22 5.19
N MET E 819 -12.18 -23.62 4.00
CA MET E 819 -12.87 -24.17 2.84
C MET E 819 -12.09 -23.94 1.56
N HIS E 820 -10.84 -23.45 1.65
CA HIS E 820 -10.04 -23.09 0.48
C HIS E 820 -10.79 -22.12 -0.43
N CYS E 821 -11.44 -21.14 0.17
CA CYS E 821 -12.14 -20.06 -0.53
C CYS E 821 -11.46 -18.74 -0.14
N THR E 822 -10.42 -18.38 -0.88
CA THR E 822 -9.67 -17.15 -0.63
C THR E 822 -10.15 -16.07 -1.58
N LYS E 823 -10.63 -14.96 -1.04
CA LYS E 823 -11.16 -13.86 -1.84
C LYS E 823 -10.64 -12.55 -1.27
N ARG E 824 -11.16 -11.45 -1.81
CA ARG E 824 -10.86 -10.11 -1.36
C ARG E 824 -12.08 -9.35 -0.89
N SER E 825 -13.23 -9.57 -1.53
CA SER E 825 -14.44 -8.83 -1.16
C SER E 825 -14.89 -9.17 0.25
N LEU E 826 -14.96 -10.47 0.56
CA LEU E 826 -15.51 -10.91 1.85
C LEU E 826 -14.70 -10.35 3.01
N TYR E 827 -13.39 -10.55 2.99
CA TYR E 827 -12.56 -10.10 4.10
C TYR E 827 -12.51 -8.59 4.18
N ASN E 828 -12.48 -7.90 3.03
CA ASN E 828 -12.49 -6.44 3.04
C ASN E 828 -13.75 -5.91 3.69
N VAL E 829 -14.90 -6.46 3.34
CA VAL E 829 -16.16 -5.94 3.91
C VAL E 829 -16.26 -6.29 5.39
N PHE E 830 -15.87 -7.51 5.77
CA PHE E 830 -16.04 -7.91 7.16
C PHE E 830 -14.91 -7.44 8.07
N ALA E 831 -13.86 -6.83 7.53
CA ALA E 831 -12.90 -6.13 8.37
C ALA E 831 -13.34 -4.71 8.68
N THR E 832 -14.31 -4.18 7.94
CA THR E 832 -14.89 -2.88 8.21
C THR E 832 -16.17 -2.99 9.03
N ARG E 833 -17.02 -3.96 8.70
CA ARG E 833 -18.23 -4.20 9.50
C ARG E 833 -17.89 -4.57 10.93
N LEU E 834 -16.70 -5.14 11.16
CA LEU E 834 -16.26 -5.48 12.51
C LEU E 834 -15.57 -4.32 13.21
N ALA E 835 -15.31 -3.22 12.52
CA ALA E 835 -14.59 -2.09 13.10
C ALA E 835 -15.51 -1.04 13.71
N HIS E 836 -16.82 -1.22 13.63
CA HIS E 836 -17.74 -0.29 14.25
C HIS E 836 -17.61 -0.32 15.77
N ARG E 837 -17.83 0.83 16.40
CA ARG E 837 -17.81 0.89 17.86
C ARG E 837 -18.83 -0.03 18.50
N PRO E 838 -20.09 -0.09 18.07
CA PRO E 838 -21.02 -1.05 18.69
C PRO E 838 -20.66 -2.50 18.41
N VAL E 839 -20.24 -2.82 17.20
CA VAL E 839 -19.86 -4.20 16.88
C VAL E 839 -18.60 -4.59 17.65
N PHE E 840 -17.63 -3.68 17.73
CA PHE E 840 -16.46 -3.91 18.56
C PHE E 840 -16.85 -3.76 20.03
N SER E 841 -15.85 -3.92 20.90
CA SER E 841 -16.05 -3.84 22.36
C SER E 841 -17.07 -4.86 22.85
N LEU E 842 -17.22 -5.97 22.13
CA LEU E 842 -18.07 -7.07 22.56
C LEU E 842 -17.40 -8.42 22.35
N LEU E 843 -16.09 -8.45 22.20
CA LEU E 843 -15.34 -9.68 21.95
C LEU E 843 -14.53 -10.04 23.18
N ASP E 844 -14.48 -11.34 23.50
CA ASP E 844 -13.85 -11.78 24.75
C ASP E 844 -13.24 -13.17 24.52
N GLN E 845 -11.92 -13.20 24.32
CA GLN E 845 -11.13 -14.43 24.23
C GLN E 845 -11.63 -15.36 23.14
N GLU E 846 -12.59 -14.92 22.34
CA GLU E 846 -13.14 -15.66 21.23
C GLU E 846 -13.74 -14.62 20.29
N ALA E 847 -13.81 -14.97 19.01
CA ALA E 847 -14.05 -14.05 17.90
C ALA E 847 -12.87 -13.11 17.70
N ILE E 848 -11.86 -13.16 18.57
CA ILE E 848 -10.58 -12.53 18.32
C ILE E 848 -9.54 -13.54 17.87
N SER E 849 -9.46 -14.69 18.55
CA SER E 849 -8.59 -15.76 18.10
C SER E 849 -9.10 -16.37 16.80
N PHE E 850 -10.41 -16.61 16.71
CA PHE E 850 -10.98 -17.14 15.47
C PHE E 850 -10.76 -16.17 14.32
N ALA E 851 -11.01 -14.88 14.55
CA ALA E 851 -10.82 -13.89 13.50
C ALA E 851 -9.36 -13.77 13.11
N ILE E 852 -8.46 -13.78 14.09
CA ILE E 852 -7.02 -13.67 13.80
C ILE E 852 -6.57 -14.87 12.97
N ALA E 853 -7.02 -16.07 13.34
CA ALA E 853 -6.64 -17.26 12.58
C ALA E 853 -7.21 -17.21 11.16
N ALA E 854 -8.47 -16.79 11.03
CA ALA E 854 -9.07 -16.71 9.71
C ALA E 854 -8.37 -15.67 8.83
N PHE E 855 -7.89 -14.58 9.42
CA PHE E 855 -7.15 -13.58 8.66
C PHE E 855 -5.76 -14.07 8.28
N GLY E 856 -5.07 -14.72 9.22
CA GLY E 856 -3.72 -15.19 8.96
C GLY E 856 -3.64 -16.42 8.10
N ARG E 857 -4.76 -17.12 7.91
CA ARG E 857 -4.78 -18.26 7.01
C ARG E 857 -4.88 -17.86 5.54
N VAL E 858 -5.19 -16.59 5.26
CA VAL E 858 -5.35 -16.11 3.89
C VAL E 858 -4.54 -14.86 3.60
N LYS E 859 -3.81 -14.32 4.58
CA LYS E 859 -2.91 -13.19 4.40
C LYS E 859 -3.66 -11.96 3.88
N TYR E 860 -4.55 -11.45 4.73
CA TYR E 860 -5.27 -10.20 4.50
C TYR E 860 -5.16 -9.29 5.72
N LEU E 861 -3.94 -9.09 6.18
CA LEU E 861 -3.71 -8.25 7.35
C LEU E 861 -4.28 -6.86 7.16
N ASP E 862 -5.03 -6.38 8.14
CA ASP E 862 -5.55 -5.02 8.17
C ASP E 862 -4.89 -4.29 9.33
N LYS E 863 -4.28 -3.13 9.03
CA LYS E 863 -3.28 -2.56 9.93
C LYS E 863 -3.91 -2.10 11.25
N LYS E 864 -4.83 -1.13 11.18
CA LYS E 864 -5.39 -0.57 12.41
C LYS E 864 -6.21 -1.60 13.18
N LEU E 865 -6.97 -2.43 12.47
CA LEU E 865 -7.74 -3.47 13.14
C LEU E 865 -6.82 -4.45 13.87
N PHE E 866 -5.71 -4.84 13.24
CA PHE E 866 -4.76 -5.71 13.91
C PHE E 866 -4.08 -5.01 15.08
N ASP E 867 -3.85 -3.70 14.97
CA ASP E 867 -3.28 -2.96 16.08
C ASP E 867 -4.21 -3.01 17.29
N ARG E 868 -5.51 -2.77 17.06
CA ARG E 868 -6.47 -2.84 18.17
C ARG E 868 -6.56 -4.26 18.72
N PHE E 869 -6.51 -5.27 17.84
CA PHE E 869 -6.51 -6.65 18.31
C PHE E 869 -5.33 -6.93 19.22
N THR E 870 -4.13 -6.50 18.81
CA THR E 870 -2.93 -6.73 19.61
C THR E 870 -3.01 -6.00 20.94
N ARG E 871 -3.51 -4.76 20.93
CA ARG E 871 -3.65 -4.04 22.20
C ARG E 871 -4.62 -4.76 23.13
N TRP E 872 -5.74 -5.24 22.60
CA TRP E 872 -6.69 -5.96 23.44
C TRP E 872 -6.06 -7.22 24.02
N ILE E 873 -5.41 -8.03 23.18
CA ILE E 873 -4.86 -9.28 23.69
C ILE E 873 -3.64 -9.04 24.58
N LEU E 874 -3.05 -7.85 24.51
CA LEU E 874 -2.01 -7.48 25.47
C LEU E 874 -2.61 -7.09 26.80
N ASP E 875 -3.77 -6.41 26.79
CA ASP E 875 -4.38 -5.98 28.03
C ASP E 875 -4.82 -7.17 28.88
N HIS E 876 -5.56 -8.10 28.28
CA HIS E 876 -5.98 -9.33 28.96
C HIS E 876 -5.25 -10.50 28.31
N SER E 877 -4.12 -10.89 28.90
CA SER E 877 -3.29 -11.93 28.31
C SER E 877 -3.11 -13.12 29.24
N LYS E 878 -3.20 -12.87 30.56
CA LYS E 878 -2.93 -13.92 31.54
C LYS E 878 -4.05 -14.94 31.65
N ASP E 879 -5.13 -14.78 30.89
CA ASP E 879 -6.30 -15.64 30.99
C ASP E 879 -6.73 -16.14 29.62
N LEU E 880 -5.78 -16.62 28.83
CA LEU E 880 -6.06 -17.22 27.54
C LEU E 880 -5.87 -18.73 27.64
N ASN E 881 -6.96 -19.47 27.44
CA ASN E 881 -6.93 -20.92 27.52
C ASN E 881 -6.07 -21.50 26.39
N ALA E 882 -5.57 -22.71 26.62
CA ALA E 882 -4.86 -23.43 25.58
C ALA E 882 -5.76 -23.65 24.37
N ALA E 883 -5.15 -24.07 23.27
CA ALA E 883 -5.78 -24.20 21.96
C ALA E 883 -6.26 -22.87 21.41
N GLU E 884 -5.91 -21.77 22.06
CA GLU E 884 -6.14 -20.43 21.53
C GLU E 884 -4.85 -19.66 21.29
N LEU E 885 -3.80 -19.91 22.09
CA LEU E 885 -2.48 -19.38 21.77
C LEU E 885 -1.98 -19.95 20.45
N LEU E 886 -2.20 -21.25 20.23
CA LEU E 886 -1.83 -21.85 18.96
C LEU E 886 -2.63 -21.27 17.80
N LEU E 887 -3.87 -20.87 18.07
CA LEU E 887 -4.72 -20.32 17.02
C LEU E 887 -4.42 -18.86 16.71
N THR E 888 -3.70 -18.16 17.58
CA THR E 888 -3.36 -16.77 17.34
C THR E 888 -1.91 -16.56 16.95
N ILE E 889 -0.99 -17.40 17.43
CA ILE E 889 0.42 -17.24 17.07
C ILE E 889 0.62 -17.51 15.58
N ARG E 890 0.04 -18.58 15.07
CA ARG E 890 0.12 -18.85 13.64
C ARG E 890 -0.53 -17.75 12.83
N GLY E 891 -1.69 -17.26 13.27
CA GLY E 891 -2.40 -16.24 12.51
C GLY E 891 -1.65 -14.92 12.47
N VAL E 892 -0.99 -14.55 13.57
CA VAL E 892 -0.24 -13.29 13.61
C VAL E 892 1.17 -13.45 13.06
N SER E 893 1.66 -14.68 12.88
CA SER E 893 2.98 -14.87 12.28
C SER E 893 2.91 -15.11 10.78
N ARG E 894 1.76 -15.54 10.25
CA ARG E 894 1.65 -15.71 8.81
C ARG E 894 1.42 -14.40 8.08
N VAL E 895 1.17 -13.30 8.79
CA VAL E 895 0.99 -11.99 8.18
C VAL E 895 2.21 -11.11 8.35
N MET E 896 3.31 -11.68 8.86
CA MET E 896 4.59 -10.99 8.98
C MET E 896 4.46 -9.70 9.79
N LEU E 897 4.12 -9.87 11.06
CA LEU E 897 4.11 -8.79 12.05
C LEU E 897 5.24 -9.03 13.03
N LEU E 898 6.15 -8.07 13.13
CA LEU E 898 7.32 -8.19 14.01
C LEU E 898 7.09 -7.30 15.23
N ASN E 899 6.43 -7.85 16.25
CA ASN E 899 6.24 -7.19 17.53
C ASN E 899 7.04 -7.95 18.59
N ASP E 900 7.65 -7.20 19.50
CA ASP E 900 8.48 -7.82 20.52
C ASP E 900 7.70 -8.18 21.79
N GLN E 901 6.94 -7.22 22.32
CA GLN E 901 6.22 -7.46 23.56
C GLN E 901 5.13 -8.53 23.39
N LEU E 902 4.39 -8.46 22.28
CA LEU E 902 3.33 -9.43 22.05
C LEU E 902 3.88 -10.84 21.91
N TYR E 903 4.95 -11.00 21.12
CA TYR E 903 5.54 -12.32 20.95
C TYR E 903 6.17 -12.82 22.25
N ASP E 904 6.76 -11.91 23.03
CA ASP E 904 7.30 -12.30 24.33
C ASP E 904 6.20 -12.84 25.24
N ASP E 905 5.09 -12.12 25.32
CA ASP E 905 3.99 -12.55 26.19
C ASP E 905 3.42 -13.89 25.73
N LEU E 906 3.19 -14.03 24.42
CA LEU E 906 2.62 -15.28 23.91
C LEU E 906 3.57 -16.45 24.11
N GLY E 907 4.88 -16.22 23.90
CA GLY E 907 5.85 -17.28 24.13
C GLY E 907 5.90 -17.71 25.58
N SER E 908 5.88 -16.74 26.50
CA SER E 908 5.88 -17.09 27.92
C SER E 908 4.62 -17.87 28.29
N LYS E 909 3.47 -17.42 27.82
CA LYS E 909 2.23 -18.13 28.12
C LYS E 909 2.24 -19.55 27.57
N ALA E 910 2.72 -19.72 26.34
CA ALA E 910 2.78 -21.05 25.75
C ALA E 910 3.77 -21.95 26.49
N ALA E 911 4.89 -21.37 26.92
CA ALA E 911 5.87 -22.15 27.68
C ALA E 911 5.31 -22.59 29.03
N GLU E 912 4.47 -21.76 29.65
CA GLU E 912 3.88 -22.14 30.93
C GLU E 912 3.02 -23.39 30.79
N LYS E 913 2.22 -23.48 29.74
CA LYS E 913 1.31 -24.59 29.51
C LYS E 913 1.86 -25.44 28.38
N VAL E 914 2.49 -26.57 28.72
CA VAL E 914 3.16 -27.42 27.75
C VAL E 914 2.46 -28.76 27.58
N LYS E 915 1.91 -29.32 28.66
CA LYS E 915 1.33 -30.65 28.59
C LYS E 915 0.06 -30.70 27.77
N GLU E 916 -0.66 -29.57 27.66
CA GLU E 916 -1.91 -29.55 26.90
C GLU E 916 -1.65 -29.68 25.41
N PHE E 917 -0.57 -29.11 24.91
CA PHE E 917 -0.28 -29.13 23.48
C PHE E 917 0.14 -30.52 23.04
N PRO E 918 -0.51 -31.11 22.04
CA PRO E 918 -0.05 -32.40 21.51
C PRO E 918 1.16 -32.22 20.60
N ILE E 919 1.59 -33.33 19.99
CA ILE E 919 2.86 -33.37 19.27
C ILE E 919 2.83 -32.45 18.05
N GLU E 920 1.80 -32.59 17.21
CA GLU E 920 1.73 -31.78 16.01
C GLU E 920 1.57 -30.30 16.35
N SER E 921 0.84 -30.00 17.42
CA SER E 921 0.76 -28.62 17.87
C SER E 921 2.12 -28.09 18.29
N GLN E 922 2.92 -28.94 18.93
CA GLN E 922 4.28 -28.53 19.30
C GLN E 922 5.11 -28.22 18.07
N CYS E 923 5.04 -29.08 17.06
CA CYS E 923 5.80 -28.85 15.84
C CYS E 923 5.37 -27.56 15.14
N VAL E 924 4.06 -27.33 15.07
CA VAL E 924 3.56 -26.13 14.39
C VAL E 924 3.92 -24.88 15.18
N LEU E 925 3.84 -24.93 16.51
CA LEU E 925 4.20 -23.77 17.32
C LEU E 925 5.68 -23.46 17.22
N LEU E 926 6.52 -24.48 17.06
CA LEU E 926 7.94 -24.20 16.84
C LEU E 926 8.18 -23.62 15.45
N SER E 927 7.51 -24.16 14.44
CA SER E 927 7.70 -23.66 13.08
C SER E 927 7.18 -22.24 12.91
N SER E 928 6.18 -21.85 13.69
CA SER E 928 5.62 -20.51 13.55
C SER E 928 6.63 -19.45 13.99
N PHE E 929 7.25 -19.64 15.15
CA PHE E 929 8.34 -18.75 15.56
C PHE E 929 9.52 -18.87 14.61
N GLY E 930 9.81 -20.09 14.15
CA GLY E 930 10.96 -20.29 13.28
C GLY E 930 10.86 -19.57 11.95
N SER E 931 9.65 -19.41 11.42
CA SER E 931 9.49 -18.85 10.09
C SER E 931 9.93 -17.38 10.04
N LEU E 932 9.50 -16.59 11.01
CA LEU E 932 9.82 -15.16 10.99
C LEU E 932 11.30 -14.92 11.27
N GLY E 933 11.85 -15.59 12.28
CA GLY E 933 13.21 -15.35 12.71
C GLY E 933 13.34 -14.84 14.13
N VAL E 934 12.24 -14.68 14.85
CA VAL E 934 12.30 -14.26 16.24
C VAL E 934 12.87 -15.40 17.08
N GLU E 935 13.48 -15.06 18.21
CA GLU E 935 14.16 -16.03 19.06
C GLU E 935 13.57 -15.99 20.46
N HIS E 936 13.44 -17.18 21.06
CA HIS E 936 12.98 -17.29 22.45
C HIS E 936 13.63 -18.52 23.05
N GLU E 937 14.52 -18.31 24.02
CA GLU E 937 15.26 -19.41 24.63
C GLU E 937 14.35 -20.27 25.49
N ARG E 938 13.51 -19.65 26.31
CA ARG E 938 12.67 -20.40 27.24
C ARG E 938 11.70 -21.30 26.51
N LEU E 939 11.05 -20.78 25.46
CA LEU E 939 10.08 -21.59 24.73
C LEU E 939 10.73 -22.82 24.12
N ALA E 940 11.86 -22.63 23.42
CA ALA E 940 12.51 -23.78 22.78
C ALA E 940 13.01 -24.78 23.81
N SER E 941 13.63 -24.29 24.89
CA SER E 941 14.17 -25.19 25.91
C SER E 941 13.07 -26.00 26.56
N ARG E 942 11.94 -25.37 26.89
CA ARG E 942 10.85 -26.08 27.52
C ARG E 942 10.07 -26.95 26.53
N MET E 943 10.13 -26.63 25.25
CA MET E 943 9.25 -27.26 24.27
C MET E 943 9.91 -28.41 23.52
N VAL E 944 11.24 -28.43 23.43
CA VAL E 944 11.92 -29.56 22.79
C VAL E 944 11.98 -30.78 23.70
N SER E 945 11.85 -30.59 25.01
CA SER E 945 11.86 -31.72 25.93
C SER E 945 10.69 -32.66 25.67
N SER E 946 9.50 -32.09 25.47
CA SER E 946 8.32 -32.91 25.21
C SER E 946 8.45 -33.66 23.89
N ILE E 947 8.98 -33.00 22.85
CA ILE E 947 9.12 -33.66 21.56
C ILE E 947 10.21 -34.73 21.62
N ALA E 948 11.18 -34.57 22.51
CA ALA E 948 12.20 -35.62 22.69
C ALA E 948 11.64 -36.80 23.46
N GLU E 949 10.85 -36.56 24.51
CA GLU E 949 10.31 -37.65 25.31
C GLU E 949 9.29 -38.47 24.53
N ASN E 950 8.45 -37.81 23.73
CA ASN E 950 7.43 -38.46 22.92
C ASN E 950 7.90 -38.71 21.50
N ARG E 951 9.20 -39.01 21.36
CA ARG E 951 9.80 -39.19 20.04
C ARG E 951 9.15 -40.33 19.26
N GLU E 952 8.82 -41.43 19.94
CA GLU E 952 8.36 -42.64 19.27
C GLU E 952 7.02 -42.48 18.55
N GLU E 953 6.27 -41.42 18.84
CA GLU E 953 4.96 -41.23 18.20
C GLU E 953 5.04 -40.42 16.92
N LEU E 954 6.24 -40.03 16.49
CA LEU E 954 6.39 -39.28 15.26
C LEU E 954 6.09 -40.18 14.06
N THR E 955 5.52 -39.60 13.00
CA THR E 955 5.14 -40.40 11.84
C THR E 955 6.37 -40.97 11.12
N ASP E 956 7.42 -40.18 10.96
CA ASP E 956 8.70 -40.67 10.48
C ASP E 956 9.78 -39.66 10.87
N ALA E 957 10.97 -39.81 10.28
CA ALA E 957 12.10 -38.93 10.59
C ALA E 957 12.05 -37.59 9.89
N THR E 958 11.19 -37.45 8.86
CA THR E 958 11.08 -36.18 8.17
C THR E 958 10.61 -35.07 9.10
N LYS E 959 9.63 -35.38 9.95
CA LYS E 959 9.19 -34.41 10.94
C LYS E 959 10.30 -34.07 11.91
N ALA E 960 11.14 -35.05 12.26
CA ALA E 960 12.26 -34.78 13.16
C ALA E 960 13.25 -33.81 12.53
N VAL E 961 13.61 -34.03 11.27
CA VAL E 961 14.56 -33.12 10.64
C VAL E 961 13.92 -31.74 10.43
N ASP E 962 12.61 -31.70 10.19
CA ASP E 962 11.92 -30.42 10.07
C ASP E 962 11.96 -29.65 11.39
N VAL E 963 11.73 -30.36 12.51
CA VAL E 963 11.82 -29.72 13.82
C VAL E 963 13.23 -29.20 14.07
N ILE E 964 14.24 -29.99 13.71
CA ILE E 964 15.62 -29.57 13.90
C ILE E 964 15.91 -28.32 13.08
N THR E 965 15.46 -28.29 11.83
CA THR E 965 15.68 -27.11 10.98
C THR E 965 15.00 -25.88 11.55
N SER E 966 13.73 -26.02 11.94
CA SER E 966 13.00 -24.89 12.50
C SER E 966 13.65 -24.41 13.78
N LEU E 967 14.20 -25.32 14.57
CA LEU E 967 14.91 -24.93 15.78
C LEU E 967 16.20 -24.19 15.45
N TRP E 968 16.87 -24.60 14.36
CA TRP E 968 18.05 -23.87 13.92
C TRP E 968 17.71 -22.44 13.53
N SER E 969 16.60 -22.26 12.79
CA SER E 969 16.24 -20.94 12.31
C SER E 969 15.95 -19.95 13.43
N MET E 970 15.67 -20.43 14.64
CA MET E 970 15.31 -19.58 15.77
C MET E 970 16.52 -19.11 16.56
N ASN E 971 17.73 -19.29 16.02
CA ASN E 971 18.97 -18.90 16.71
C ASN E 971 19.09 -19.62 18.05
N TYR E 972 19.02 -20.94 18.01
CA TYR E 972 19.23 -21.79 19.17
C TYR E 972 20.40 -22.72 18.90
N ASP E 973 21.30 -22.85 19.86
CA ASP E 973 22.46 -23.70 19.70
C ASP E 973 22.02 -25.14 19.48
N VAL E 974 22.50 -25.75 18.39
CA VAL E 974 22.12 -27.12 18.07
C VAL E 974 23.06 -28.14 18.71
N GLU E 975 24.22 -27.69 19.21
CA GLU E 975 25.13 -28.53 19.98
C GLU E 975 24.79 -28.57 21.46
N ASP E 976 23.53 -28.28 21.81
CA ASP E 976 23.07 -28.21 23.19
C ASP E 976 22.82 -29.60 23.76
N ASP E 977 22.08 -29.67 24.87
CA ASP E 977 21.85 -30.88 25.63
C ASP E 977 21.35 -32.04 24.78
N LYS E 978 21.42 -33.26 25.34
CA LYS E 978 21.31 -34.51 24.59
C LYS E 978 19.94 -34.73 23.95
N HIS E 979 19.00 -33.80 24.03
CA HIS E 979 17.72 -34.01 23.37
C HIS E 979 17.86 -33.92 21.84
N VAL E 980 18.62 -32.93 21.37
CA VAL E 980 18.92 -32.87 19.94
C VAL E 980 19.74 -34.08 19.52
N ALA E 981 20.62 -34.56 20.41
CA ALA E 981 21.37 -35.77 20.12
C ALA E 981 20.44 -36.98 19.99
N GLN E 982 19.43 -37.07 20.85
CA GLN E 982 18.46 -38.15 20.74
C GLN E 982 17.69 -38.07 19.43
N LEU E 983 17.28 -36.86 19.04
CA LEU E 983 16.59 -36.69 17.76
C LEU E 983 17.47 -37.13 16.60
N ALA E 984 18.74 -36.71 16.61
CA ALA E 984 19.66 -37.06 15.54
C ALA E 984 19.90 -38.57 15.49
N ASP E 985 20.06 -39.20 16.65
CA ASP E 985 20.29 -40.64 16.68
C ASP E 985 19.07 -41.41 16.21
N TRP E 986 17.87 -40.92 16.54
CA TRP E 986 16.65 -41.56 16.03
C TRP E 986 16.56 -41.42 14.52
N VAL E 987 16.92 -40.25 13.99
CA VAL E 987 16.96 -40.09 12.53
C VAL E 987 17.96 -41.06 11.92
N VAL E 988 19.12 -41.22 12.56
CA VAL E 988 20.15 -42.12 12.04
C VAL E 988 19.65 -43.55 12.01
N GLN E 989 19.02 -44.00 13.10
CA GLN E 989 18.59 -45.39 13.20
C GLN E 989 17.55 -45.75 12.15
N ARG E 990 16.65 -44.81 11.84
CA ARG E 990 15.62 -45.03 10.83
C ARG E 990 15.86 -44.14 9.61
N ALA E 991 17.11 -44.04 9.18
CA ALA E 991 17.47 -43.19 8.05
C ALA E 991 17.16 -43.85 6.73
N GLU E 992 15.92 -44.33 6.57
CA GLU E 992 15.44 -44.87 5.31
C GLU E 992 14.21 -44.14 4.78
N GLU E 993 13.54 -43.34 5.60
CA GLU E 993 12.36 -42.60 5.18
C GLU E 993 12.68 -41.17 4.76
N LEU E 994 13.94 -40.78 4.76
CA LEU E 994 14.31 -39.44 4.33
C LEU E 994 14.13 -39.29 2.82
N THR E 995 13.96 -38.04 2.39
CA THR E 995 13.80 -37.73 0.98
C THR E 995 14.77 -36.63 0.56
N ASP E 996 14.60 -36.10 -0.65
CA ASP E 996 15.53 -35.09 -1.16
C ASP E 996 15.51 -33.83 -0.31
N GLU E 997 14.32 -33.31 -0.01
CA GLU E 997 14.22 -32.06 0.74
C GLU E 997 14.81 -32.20 2.13
N SER E 998 14.51 -33.30 2.82
CA SER E 998 15.05 -33.50 4.17
C SER E 998 16.57 -33.58 4.16
N ILE E 999 17.13 -34.32 3.20
CA ILE E 999 18.58 -34.44 3.11
C ILE E 999 19.20 -33.07 2.82
N GLY E 1000 18.62 -32.31 1.91
CA GLY E 1000 19.14 -30.99 1.61
C GLY E 1000 19.13 -30.06 2.81
N LYS E 1001 17.99 -30.02 3.53
CA LYS E 1001 17.89 -29.15 4.70
C LYS E 1001 18.86 -29.58 5.79
N LEU E 1002 19.00 -30.88 6.03
CA LEU E 1002 19.92 -31.36 7.05
C LEU E 1002 21.36 -31.05 6.68
N CYS E 1003 21.71 -31.20 5.40
CA CYS E 1003 23.05 -30.86 4.95
C CYS E 1003 23.32 -29.37 5.14
N LEU E 1004 22.34 -28.52 4.84
CA LEU E 1004 22.50 -27.09 5.07
C LEU E 1004 22.73 -26.80 6.55
N VAL E 1005 21.95 -27.43 7.43
CA VAL E 1005 22.10 -27.19 8.86
C VAL E 1005 23.48 -27.61 9.33
N LEU E 1006 23.94 -28.79 8.91
CA LEU E 1006 25.26 -29.26 9.34
C LEU E 1006 26.37 -28.37 8.80
N SER E 1007 26.28 -27.97 7.53
CA SER E 1007 27.32 -27.12 6.95
C SER E 1007 27.39 -25.77 7.64
N ASP E 1008 26.23 -25.19 7.98
CA ASP E 1008 26.24 -23.89 8.63
C ASP E 1008 26.70 -23.98 10.07
N THR E 1009 26.24 -25.00 10.80
CA THR E 1009 26.47 -25.07 12.24
C THR E 1009 27.83 -25.65 12.61
N ASN E 1010 28.53 -26.29 11.66
CA ASN E 1010 29.81 -26.95 11.92
C ASN E 1010 29.66 -28.05 12.98
N TRP E 1011 28.88 -29.06 12.61
CA TRP E 1011 28.58 -30.19 13.49
C TRP E 1011 29.43 -31.39 13.05
N ARG E 1012 30.33 -31.83 13.94
CA ARG E 1012 31.30 -32.87 13.62
C ARG E 1012 30.72 -34.29 13.69
N HIS E 1013 29.49 -34.44 14.17
CA HIS E 1013 28.91 -35.75 14.43
C HIS E 1013 28.78 -36.56 13.14
N VAL E 1014 29.65 -37.56 12.97
CA VAL E 1014 29.82 -38.26 11.70
C VAL E 1014 28.74 -39.29 11.38
N PRO E 1015 28.22 -40.09 12.33
CA PRO E 1015 27.33 -41.19 11.90
C PRO E 1015 26.15 -40.73 11.08
N LEU E 1016 25.60 -39.55 11.40
CA LEU E 1016 24.55 -38.99 10.56
C LEU E 1016 25.06 -38.61 9.18
N VAL E 1017 26.33 -38.19 9.07
CA VAL E 1017 26.91 -37.91 7.76
C VAL E 1017 27.05 -39.19 6.95
N ARG E 1018 27.51 -40.27 7.60
CA ARG E 1018 27.58 -41.57 6.92
C ARG E 1018 26.22 -42.04 6.48
N ALA E 1019 25.20 -41.85 7.33
CA ALA E 1019 23.84 -42.22 6.97
C ALA E 1019 23.35 -41.38 5.79
N ILE E 1020 23.68 -40.09 5.77
CA ILE E 1020 23.30 -39.22 4.65
C ILE E 1020 23.93 -39.71 3.36
N ALA E 1021 25.23 -40.05 3.41
CA ALA E 1021 25.90 -40.55 2.21
C ALA E 1021 25.25 -41.84 1.72
N GLU E 1022 25.00 -42.78 2.63
CA GLU E 1022 24.41 -44.05 2.23
C GLU E 1022 23.00 -43.86 1.66
N GLN E 1023 22.20 -43.00 2.29
CA GLN E 1023 20.86 -42.73 1.79
C GLN E 1023 20.88 -42.01 0.46
N SER E 1024 21.85 -41.13 0.23
CA SER E 1024 22.01 -40.51 -1.08
C SER E 1024 22.32 -41.57 -2.13
N VAL E 1025 23.20 -42.51 -1.79
CA VAL E 1025 23.52 -43.59 -2.72
C VAL E 1025 22.27 -44.40 -3.05
N ARG E 1026 21.50 -44.76 -2.02
CA ARG E 1026 20.30 -45.55 -2.24
C ARG E 1026 19.27 -44.78 -3.06
N LEU E 1027 19.11 -43.49 -2.78
CA LEU E 1027 18.16 -42.67 -3.53
C LEU E 1027 18.56 -42.57 -5.00
N GLN E 1028 19.86 -42.37 -5.26
CA GLN E 1028 20.34 -42.36 -6.64
C GLN E 1028 20.16 -43.72 -7.31
N GLY E 1029 20.17 -44.79 -6.52
CA GLY E 1029 19.97 -46.11 -7.08
C GLY E 1029 18.64 -46.26 -7.80
N GLN E 1030 17.63 -45.51 -7.40
CA GLN E 1030 16.32 -45.54 -8.04
C GLN E 1030 15.99 -44.24 -8.76
N GLN E 1031 17.01 -43.49 -9.18
CA GLN E 1031 16.87 -42.28 -10.01
C GLN E 1031 15.79 -41.33 -9.49
N SER E 1032 15.78 -41.13 -8.17
CA SER E 1032 14.83 -40.23 -7.52
C SER E 1032 15.56 -39.23 -6.65
N ILE E 1033 16.60 -38.60 -7.22
CA ILE E 1033 17.37 -37.56 -6.54
C ILE E 1033 17.56 -36.40 -7.49
N SER E 1034 17.89 -35.24 -6.91
CA SER E 1034 18.12 -34.02 -7.67
C SER E 1034 19.60 -33.64 -7.65
N PRO E 1035 20.09 -32.99 -8.71
CA PRO E 1035 21.51 -32.61 -8.73
C PRO E 1035 21.92 -31.69 -7.59
N LYS E 1036 21.02 -30.82 -7.13
CA LYS E 1036 21.36 -29.91 -6.04
C LYS E 1036 21.64 -30.67 -4.75
N CYS E 1037 20.85 -31.71 -4.47
CA CYS E 1037 21.10 -32.52 -3.28
C CYS E 1037 22.45 -33.22 -3.36
N CYS E 1038 22.80 -33.74 -4.54
CA CYS E 1038 24.11 -34.35 -4.71
C CYS E 1038 25.23 -33.34 -4.50
N ARG E 1039 25.05 -32.13 -5.04
CA ARG E 1039 26.03 -31.07 -4.83
C ARG E 1039 26.19 -30.76 -3.35
N GLU E 1040 25.07 -30.67 -2.62
CA GLU E 1040 25.13 -30.33 -1.20
C GLU E 1040 25.81 -31.44 -0.39
N VAL E 1041 25.49 -32.70 -0.68
CA VAL E 1041 26.11 -33.78 0.08
C VAL E 1041 27.60 -33.88 -0.23
N LEU E 1042 27.98 -33.69 -1.50
CA LEU E 1042 29.39 -33.67 -1.82
C LEU E 1042 30.10 -32.50 -1.15
N ASP E 1043 29.43 -31.36 -1.06
CA ASP E 1043 30.01 -30.19 -0.40
C ASP E 1043 30.27 -30.45 1.07
N VAL E 1044 29.27 -31.00 1.78
CA VAL E 1044 29.46 -31.23 3.21
C VAL E 1044 30.49 -32.32 3.44
N LEU E 1045 30.51 -33.36 2.58
CA LEU E 1045 31.53 -34.38 2.69
C LEU E 1045 32.93 -33.80 2.50
N GLY E 1046 33.10 -32.94 1.50
CA GLY E 1046 34.40 -32.32 1.28
C GLY E 1046 34.81 -31.40 2.42
N THR E 1047 33.85 -30.67 3.00
CA THR E 1047 34.18 -29.80 4.12
C THR E 1047 34.58 -30.60 5.35
N PHE E 1048 33.92 -31.73 5.59
CA PHE E 1048 34.17 -32.50 6.80
C PHE E 1048 35.22 -33.59 6.63
N MET E 1049 35.76 -33.76 5.42
CA MET E 1049 36.88 -34.67 5.16
C MET E 1049 36.52 -36.12 5.50
N ILE E 1050 35.53 -36.64 4.79
CA ILE E 1050 35.18 -38.06 4.82
C ILE E 1050 35.25 -38.59 3.39
N HIS E 1051 35.95 -39.71 3.20
CA HIS E 1051 36.20 -40.21 1.85
C HIS E 1051 34.94 -40.83 1.24
N HIS E 1052 34.47 -41.94 1.81
CA HIS E 1052 33.26 -42.64 1.36
C HIS E 1052 33.25 -42.81 -0.15
N GLN E 1053 34.20 -43.62 -0.63
CA GLN E 1053 34.40 -43.79 -2.07
C GLN E 1053 33.12 -44.23 -2.78
N GLY E 1054 32.30 -45.05 -2.13
CA GLY E 1054 31.07 -45.49 -2.76
C GLY E 1054 30.14 -44.35 -3.12
N ALA E 1055 30.00 -43.38 -2.22
CA ALA E 1055 29.18 -42.21 -2.51
C ALA E 1055 29.85 -41.28 -3.51
N ARG E 1056 31.18 -41.17 -3.44
CA ARG E 1056 31.89 -40.28 -4.36
C ARG E 1056 31.79 -40.76 -5.79
N GLU E 1057 31.77 -42.09 -6.01
CA GLU E 1057 31.83 -42.61 -7.36
C GLU E 1057 30.56 -42.29 -8.15
N ASN E 1058 29.41 -42.79 -7.69
CA ASN E 1058 28.21 -42.77 -8.51
C ASN E 1058 27.49 -41.43 -8.51
N LEU E 1059 27.81 -40.54 -7.56
CA LEU E 1059 27.16 -39.23 -7.51
C LEU E 1059 27.95 -38.15 -8.24
N SER E 1060 29.12 -38.48 -8.77
CA SER E 1060 29.98 -37.47 -9.37
C SER E 1060 29.34 -36.83 -10.60
N ALA E 1061 28.77 -37.64 -11.49
CA ALA E 1061 28.20 -37.11 -12.71
C ALA E 1061 26.98 -36.24 -12.42
N LEU E 1062 26.21 -36.61 -11.41
CA LEU E 1062 25.05 -35.80 -11.04
C LEU E 1062 25.47 -34.50 -10.36
N GLY E 1063 26.50 -34.55 -9.51
CA GLY E 1063 26.91 -33.37 -8.79
C GLY E 1063 27.69 -32.37 -9.61
N ARG E 1064 28.43 -32.84 -10.61
CA ARG E 1064 29.25 -31.93 -11.41
C ARG E 1064 28.45 -31.17 -12.46
N SER E 1065 27.24 -31.62 -12.77
CA SER E 1065 26.45 -31.01 -13.83
C SER E 1065 25.82 -29.69 -13.42
N ILE E 1066 25.84 -29.32 -12.15
CA ILE E 1066 25.19 -28.11 -11.68
C ILE E 1066 26.23 -27.04 -11.38
N SER E 1067 27.41 -27.45 -10.93
CA SER E 1067 28.44 -26.51 -10.53
C SER E 1067 29.39 -26.13 -11.66
N LYS E 1068 29.64 -27.05 -12.58
CA LYS E 1068 30.61 -26.80 -13.65
C LYS E 1068 29.96 -25.92 -14.72
N GLU E 1069 30.52 -24.72 -14.91
CA GLU E 1069 30.02 -23.80 -15.91
C GLU E 1069 30.69 -24.09 -17.24
N ARG E 1070 29.89 -24.35 -18.26
CA ARG E 1070 30.36 -24.80 -19.56
C ARG E 1070 30.10 -23.74 -20.62
N ILE E 1071 31.14 -23.38 -21.36
CA ILE E 1071 31.01 -22.42 -22.44
C ILE E 1071 30.50 -23.14 -23.68
N GLN E 1072 29.46 -22.58 -24.31
CA GLN E 1072 28.89 -23.16 -25.51
C GLN E 1072 29.81 -22.88 -26.70
N LEU E 1073 30.27 -23.94 -27.35
CA LEU E 1073 31.22 -23.83 -28.44
C LEU E 1073 30.59 -24.30 -29.75
N SER E 1074 31.00 -23.68 -30.85
CA SER E 1074 30.52 -24.04 -32.16
C SER E 1074 31.24 -25.30 -32.67
N GLU E 1075 30.65 -25.92 -33.70
CA GLU E 1075 31.18 -27.17 -34.22
C GLU E 1075 32.59 -27.01 -34.77
N GLU E 1076 32.92 -25.85 -35.33
CA GLU E 1076 34.27 -25.62 -35.83
C GLU E 1076 35.29 -25.67 -34.71
N GLU E 1077 34.98 -25.03 -33.58
CA GLU E 1077 35.88 -25.13 -32.43
C GLU E 1077 35.90 -26.54 -31.86
N GLU E 1078 34.79 -27.27 -31.96
CA GLU E 1078 34.79 -28.66 -31.52
C GLU E 1078 35.77 -29.49 -32.35
N GLN E 1079 35.76 -29.31 -33.68
CA GLN E 1079 36.68 -30.07 -34.52
C GLN E 1079 38.12 -29.60 -34.31
N HIS E 1080 38.34 -28.31 -34.04
CA HIS E 1080 39.67 -27.85 -33.70
C HIS E 1080 40.16 -28.51 -32.42
N LEU E 1081 39.29 -28.63 -31.41
CA LEU E 1081 39.65 -29.32 -30.18
C LEU E 1081 39.95 -30.78 -30.45
N GLN E 1082 39.14 -31.43 -31.28
CA GLN E 1082 39.40 -32.83 -31.63
C GLN E 1082 40.77 -32.98 -32.29
N LEU E 1083 41.14 -32.03 -33.14
CA LEU E 1083 42.50 -32.03 -33.69
C LEU E 1083 43.53 -31.83 -32.59
N LEU E 1084 43.21 -31.00 -31.59
CA LEU E 1084 44.17 -30.70 -30.54
C LEU E 1084 44.42 -31.91 -29.64
N LEU E 1085 43.35 -32.58 -29.22
CA LEU E 1085 43.50 -33.75 -28.36
C LEU E 1085 43.09 -35.03 -29.08
N LEU F 11 38.70 -26.48 -6.89
CA LEU F 11 37.86 -26.41 -8.07
C LEU F 11 37.99 -25.07 -8.78
N HIS F 12 38.63 -24.11 -8.11
CA HIS F 12 38.96 -22.82 -8.71
C HIS F 12 40.44 -22.81 -9.09
N ALA F 13 40.73 -22.52 -10.36
CA ALA F 13 42.08 -22.55 -10.88
C ALA F 13 42.45 -21.17 -11.44
N PHE F 14 43.65 -20.72 -11.09
CA PHE F 14 44.15 -19.41 -11.49
C PHE F 14 45.41 -19.58 -12.31
N VAL F 15 45.48 -18.89 -13.46
CA VAL F 15 46.67 -18.83 -14.29
C VAL F 15 46.92 -17.38 -14.67
N ARG F 16 48.15 -17.10 -15.09
CA ARG F 16 48.56 -15.76 -15.50
C ARG F 16 49.11 -15.79 -16.91
N SER F 17 48.67 -14.85 -17.74
CA SER F 17 49.17 -14.76 -19.10
C SER F 17 50.60 -14.22 -19.10
N PRO F 18 51.42 -14.66 -20.05
CA PRO F 18 52.82 -14.20 -20.11
C PRO F 18 52.92 -12.79 -20.66
N HIS F 19 54.08 -12.18 -20.41
CA HIS F 19 54.41 -10.86 -20.93
C HIS F 19 55.22 -11.01 -22.19
N TYR F 20 54.73 -10.47 -23.31
CA TYR F 20 55.38 -10.67 -24.60
C TYR F 20 56.63 -9.81 -24.75
N ARG F 21 56.63 -8.61 -24.17
CA ARG F 21 57.75 -7.70 -24.39
C ARG F 21 58.99 -8.10 -23.59
N THR F 22 58.79 -8.59 -22.36
CA THR F 22 59.91 -8.87 -21.46
C THR F 22 60.23 -10.36 -21.34
N ILE F 23 59.66 -11.20 -22.19
CA ILE F 23 59.95 -12.63 -22.14
C ILE F 23 61.37 -12.85 -22.66
N PRO F 24 62.24 -13.49 -21.88
CA PRO F 24 63.63 -13.67 -22.31
C PRO F 24 63.85 -14.96 -23.09
N SER F 25 64.68 -14.85 -24.12
CA SER F 25 65.11 -16.00 -24.88
C SER F 25 66.33 -16.63 -24.23
N ALA F 26 66.58 -17.90 -24.56
CA ALA F 26 67.73 -18.65 -24.06
C ALA F 26 67.72 -18.70 -22.53
N GLY F 27 66.69 -19.39 -22.02
CA GLY F 27 66.52 -19.58 -20.60
C GLY F 27 67.70 -20.31 -19.96
N PRO F 28 67.62 -20.54 -18.64
CA PRO F 28 68.79 -21.05 -17.92
C PRO F 28 69.08 -22.52 -18.20
N ASN F 29 69.08 -22.89 -19.48
CA ASN F 29 69.51 -24.21 -19.90
C ASN F 29 70.32 -24.22 -21.18
N GLY F 30 70.61 -23.04 -21.76
CA GLY F 30 71.43 -22.97 -22.96
C GLY F 30 70.68 -23.16 -24.26
N ILE F 31 69.36 -23.21 -24.25
CA ILE F 31 68.56 -23.40 -25.45
C ILE F 31 67.67 -22.18 -25.63
N VAL F 32 67.70 -21.60 -26.83
CA VAL F 32 66.85 -20.44 -27.11
C VAL F 32 65.38 -20.86 -27.16
N VAL F 33 64.50 -19.87 -26.98
CA VAL F 33 63.06 -20.09 -27.00
C VAL F 33 62.44 -19.13 -28.00
N ASN F 34 61.23 -19.49 -28.45
CA ASN F 34 60.48 -18.68 -29.40
C ASN F 34 59.44 -17.88 -28.61
N ARG F 35 59.53 -16.56 -28.71
CA ARG F 35 58.62 -15.69 -27.94
C ARG F 35 57.17 -15.86 -28.38
N ASP F 36 56.94 -15.95 -29.70
CA ASP F 36 55.58 -16.07 -30.20
C ASP F 36 54.96 -17.41 -29.83
N MET F 37 55.77 -18.46 -29.74
CA MET F 37 55.23 -19.81 -29.57
C MET F 37 54.63 -19.98 -28.18
N LEU F 38 55.20 -19.33 -27.17
CA LEU F 38 54.61 -19.34 -25.83
C LEU F 38 53.20 -18.78 -25.86
N VAL F 39 53.01 -17.61 -26.47
CA VAL F 39 51.70 -16.99 -26.53
C VAL F 39 50.75 -17.85 -27.35
N HIS F 40 51.25 -18.46 -28.42
CA HIS F 40 50.41 -19.34 -29.23
C HIS F 40 49.92 -20.53 -28.42
N GLN F 41 50.80 -21.14 -27.62
CA GLN F 41 50.43 -22.34 -26.87
C GLN F 41 49.59 -22.04 -25.65
N PHE F 42 49.71 -20.83 -25.09
CA PHE F 42 49.01 -20.55 -23.83
C PHE F 42 47.50 -20.60 -23.98
N ARG F 43 46.97 -20.09 -25.09
CA ARG F 43 45.52 -20.09 -25.29
C ARG F 43 44.99 -21.51 -25.46
N ASP F 44 45.72 -22.36 -26.17
CA ASP F 44 45.31 -23.75 -26.30
C ASP F 44 45.39 -24.46 -24.95
N PHE F 45 46.39 -24.14 -24.13
CA PHE F 45 46.43 -24.67 -22.77
C PHE F 45 45.20 -24.22 -21.98
N TYR F 46 44.81 -22.95 -22.12
CA TYR F 46 43.64 -22.45 -21.43
C TYR F 46 42.39 -23.24 -21.83
N LYS F 47 42.22 -23.46 -23.14
CA LYS F 47 41.05 -24.20 -23.62
C LYS F 47 41.05 -25.63 -23.08
N THR F 48 42.21 -26.30 -23.11
CA THR F 48 42.28 -27.66 -22.57
C THR F 48 41.97 -27.68 -21.09
N LEU F 49 42.50 -26.71 -20.33
CA LEU F 49 42.26 -26.67 -18.89
C LEU F 49 40.78 -26.45 -18.59
N GLN F 50 40.13 -25.57 -19.34
CA GLN F 50 38.72 -25.31 -19.09
C GLN F 50 37.79 -26.38 -19.66
N HIS F 51 38.32 -27.30 -20.48
CA HIS F 51 37.53 -28.43 -20.93
C HIS F 51 37.83 -29.72 -20.19
N CYS F 52 39.03 -29.87 -19.63
CA CYS F 52 39.49 -31.15 -19.09
C CYS F 52 38.70 -31.65 -17.89
N SER F 53 37.69 -30.91 -17.42
CA SER F 53 36.77 -31.33 -16.38
C SER F 53 37.46 -31.63 -15.05
N LEU F 54 38.68 -31.15 -14.85
CA LEU F 54 39.35 -31.29 -13.57
C LEU F 54 39.16 -30.08 -12.67
N VAL F 55 38.90 -28.91 -13.25
CA VAL F 55 38.71 -27.68 -12.49
C VAL F 55 37.35 -27.09 -12.85
N ASP F 56 36.64 -26.58 -11.84
CA ASP F 56 35.32 -26.01 -12.07
C ASP F 56 35.40 -24.70 -12.85
N LYS F 57 36.31 -23.81 -12.46
CA LYS F 57 36.41 -22.50 -13.08
C LYS F 57 37.87 -22.13 -13.28
N VAL F 58 38.12 -21.34 -14.32
CA VAL F 58 39.44 -20.79 -14.60
C VAL F 58 39.30 -19.28 -14.73
N HIS F 59 40.20 -18.54 -14.09
CA HIS F 59 40.21 -17.09 -14.13
C HIS F 59 41.54 -16.61 -14.69
N LEU F 60 41.47 -15.59 -15.55
CA LEU F 60 42.63 -15.10 -16.28
C LEU F 60 43.22 -13.91 -15.53
N MET F 61 44.37 -14.11 -14.89
CA MET F 61 45.03 -13.05 -14.16
C MET F 61 45.61 -12.01 -15.13
N SER F 62 45.80 -10.80 -14.62
CA SER F 62 46.28 -9.70 -15.46
C SER F 62 47.77 -9.90 -15.78
N GLU F 63 48.28 -9.02 -16.64
CA GLU F 63 49.67 -9.10 -17.09
C GLU F 63 50.58 -8.37 -16.12
N ARG F 64 51.80 -8.90 -15.96
CA ARG F 64 52.83 -8.27 -15.16
C ARG F 64 54.16 -8.42 -15.87
N PRO F 65 55.10 -7.49 -15.63
CA PRO F 65 56.36 -7.51 -16.40
C PRO F 65 57.23 -8.74 -16.15
N SER F 66 57.49 -9.06 -14.89
CA SER F 66 58.42 -10.14 -14.56
C SER F 66 57.88 -11.48 -15.06
N VAL F 67 58.76 -12.24 -15.72
CA VAL F 67 58.36 -13.57 -16.18
C VAL F 67 58.33 -14.56 -15.02
N GLU F 68 59.13 -14.31 -13.97
CA GLU F 68 59.07 -15.13 -12.77
C GLU F 68 57.73 -14.99 -12.06
N ALA F 69 56.94 -13.97 -12.41
CA ALA F 69 55.59 -13.84 -11.89
C ALA F 69 54.60 -14.76 -12.58
N LEU F 70 55.01 -15.44 -13.65
CA LEU F 70 54.14 -16.39 -14.32
C LEU F 70 53.81 -17.59 -13.46
N ARG F 71 54.62 -17.85 -12.42
CA ARG F 71 54.36 -18.93 -11.47
C ARG F 71 53.26 -18.47 -10.54
N VAL F 72 52.01 -18.79 -10.90
CA VAL F 72 50.86 -18.40 -10.08
C VAL F 72 50.92 -19.08 -8.72
N ALA F 73 51.45 -20.30 -8.67
CA ALA F 73 51.53 -21.06 -7.43
C ALA F 73 52.70 -20.57 -6.58
N ASP F 74 53.05 -21.37 -5.56
CA ASP F 74 54.16 -21.05 -4.64
C ASP F 74 53.80 -19.89 -3.72
N GLN F 75 52.50 -19.62 -3.57
CA GLN F 75 52.04 -18.58 -2.64
C GLN F 75 51.15 -19.15 -1.56
N MET F 76 50.21 -20.02 -1.95
CA MET F 76 49.08 -20.32 -1.09
C MET F 76 48.48 -21.66 -1.51
N VAL F 77 48.37 -22.57 -0.54
CA VAL F 77 48.00 -23.96 -0.79
C VAL F 77 46.64 -24.23 -0.15
N SER F 78 45.80 -24.98 -0.85
CA SER F 78 44.49 -25.38 -0.37
C SER F 78 44.52 -26.85 0.05
N ILE F 79 44.35 -27.10 1.34
CA ILE F 79 44.23 -28.46 1.85
C ILE F 79 42.77 -28.86 2.10
N GLY F 80 41.94 -27.94 2.57
CA GLY F 80 40.53 -28.21 2.75
C GLY F 80 39.69 -26.97 2.54
N ALA F 81 38.68 -26.77 3.37
CA ALA F 81 37.91 -25.53 3.30
C ALA F 81 38.76 -24.31 3.61
N THR F 82 39.85 -24.49 4.34
CA THR F 82 40.74 -23.40 4.72
C THR F 82 41.95 -23.35 3.79
N PHE F 83 42.64 -22.22 3.81
CA PHE F 83 43.80 -21.95 2.98
C PHE F 83 45.05 -21.91 3.85
N LEU F 84 46.21 -21.87 3.19
CA LEU F 84 47.48 -21.72 3.90
C LEU F 84 48.42 -20.88 3.04
N GLU F 85 48.70 -19.66 3.47
CA GLU F 85 49.68 -18.82 2.78
C GLU F 85 51.09 -19.34 3.02
N MET F 86 51.98 -19.09 2.06
CA MET F 86 53.34 -19.57 2.22
C MET F 86 54.19 -18.58 3.00
N PRO F 87 55.21 -19.06 3.71
CA PRO F 87 56.07 -18.15 4.47
C PRO F 87 56.87 -17.24 3.55
N LEU F 88 57.16 -16.04 4.06
CA LEU F 88 57.96 -15.06 3.32
C LEU F 88 59.43 -15.29 3.68
N THR F 89 60.13 -16.03 2.82
CA THR F 89 61.55 -16.33 3.01
C THR F 89 62.19 -16.40 1.63
N GLY F 90 62.87 -15.32 1.24
CA GLY F 90 63.46 -15.21 -0.07
C GLY F 90 62.50 -14.80 -1.16
N MET F 91 61.23 -14.60 -0.85
CA MET F 91 60.23 -14.18 -1.81
C MET F 91 59.83 -12.72 -1.65
N GLU F 92 60.56 -11.96 -0.83
CA GLU F 92 60.21 -10.57 -0.58
C GLU F 92 60.29 -9.72 -1.84
N HIS F 93 61.25 -10.02 -2.72
CA HIS F 93 61.49 -9.21 -3.91
C HIS F 93 60.28 -9.13 -4.83
N ARG F 94 59.35 -10.08 -4.74
CA ARG F 94 58.12 -10.04 -5.52
C ARG F 94 56.88 -9.97 -4.64
N ALA F 95 57.03 -9.70 -3.34
CA ALA F 95 55.87 -9.70 -2.45
C ALA F 95 54.75 -8.81 -2.98
N THR F 96 55.11 -7.69 -3.61
CA THR F 96 54.12 -6.76 -4.15
C THR F 96 53.13 -7.49 -5.06
N GLU F 97 53.63 -8.24 -6.04
CA GLU F 97 52.70 -8.88 -6.97
C GLU F 97 51.86 -9.93 -6.26
N PHE F 98 52.40 -10.54 -5.19
CA PHE F 98 51.61 -11.47 -4.39
C PHE F 98 50.32 -10.80 -3.92
N MET F 99 50.42 -9.55 -3.48
CA MET F 99 49.24 -8.80 -3.07
C MET F 99 48.16 -8.85 -4.14
N GLU F 100 48.55 -8.57 -5.39
CA GLU F 100 47.57 -8.55 -6.46
C GLU F 100 46.87 -9.89 -6.59
N SER F 101 47.62 -10.97 -6.54
CA SER F 101 47.03 -12.30 -6.70
C SER F 101 45.89 -12.49 -5.73
N MET F 102 46.12 -12.21 -4.45
CA MET F 102 45.10 -12.43 -3.45
C MET F 102 43.79 -11.77 -3.85
N ARG F 103 43.88 -10.63 -4.50
CA ARG F 103 42.66 -9.93 -4.86
C ARG F 103 41.81 -10.88 -5.65
N TYR F 104 42.36 -11.43 -6.72
CA TYR F 104 41.57 -12.30 -7.60
C TYR F 104 40.95 -13.44 -6.80
N VAL F 105 41.71 -13.99 -5.85
CA VAL F 105 41.17 -15.05 -5.01
C VAL F 105 39.99 -14.53 -4.23
N ARG F 106 40.18 -13.42 -3.53
CA ARG F 106 39.11 -12.85 -2.73
C ARG F 106 37.97 -12.35 -3.59
N GLY F 107 38.24 -12.14 -4.87
CA GLY F 107 37.21 -11.67 -5.78
C GLY F 107 36.04 -12.61 -5.79
N ALA F 108 36.31 -13.91 -5.77
CA ALA F 108 35.23 -14.90 -5.80
C ALA F 108 35.33 -15.88 -4.64
N GLY F 109 36.07 -15.53 -3.60
CA GLY F 109 36.24 -16.43 -2.48
C GLY F 109 36.57 -15.76 -1.17
N GLY F 110 36.39 -16.47 -0.07
CA GLY F 110 36.68 -15.91 1.24
C GLY F 110 38.15 -16.00 1.60
N PRO F 111 38.53 -15.40 2.72
CA PRO F 111 39.93 -15.39 3.13
C PRO F 111 40.31 -16.64 3.93
N SER F 112 39.33 -17.44 4.32
CA SER F 112 39.60 -18.63 5.11
C SER F 112 40.39 -18.30 6.38
N THR F 113 41.39 -19.12 6.71
CA THR F 113 42.15 -18.91 7.94
C THR F 113 43.35 -17.99 7.74
N LEU F 114 43.67 -17.68 6.50
CA LEU F 114 44.82 -16.82 6.21
C LEU F 114 46.12 -17.42 6.73
N ALA F 115 46.09 -18.70 7.09
CA ALA F 115 47.30 -19.38 7.54
C ALA F 115 48.03 -18.62 8.63
N SER F 116 47.30 -17.83 9.42
CA SER F 116 47.93 -17.14 10.53
C SER F 116 48.76 -18.13 11.31
N TYR F 117 48.21 -19.32 11.52
CA TYR F 117 48.93 -20.35 12.25
C TYR F 117 50.19 -20.82 11.53
N LEU F 118 50.21 -20.77 10.19
CA LEU F 118 51.34 -21.27 9.43
C LEU F 118 52.37 -20.19 9.11
N GLN F 119 51.92 -19.03 8.64
CA GLN F 119 52.86 -17.96 8.29
C GLN F 119 53.62 -17.47 9.52
N ASP F 120 52.95 -17.35 10.65
CA ASP F 120 53.55 -16.83 11.88
C ASP F 120 54.05 -17.92 12.81
N THR F 121 54.50 -19.04 12.24
CA THR F 121 55.02 -20.16 13.03
C THR F 121 56.52 -20.06 13.27
N GLU F 122 56.94 -18.98 13.91
CA GLU F 122 58.34 -18.78 14.25
C GLU F 122 59.18 -18.85 12.99
N ASN F 123 59.89 -19.95 12.77
CA ASN F 123 60.66 -20.14 11.54
C ASN F 123 59.95 -21.13 10.64
N CYS F 124 59.75 -20.74 9.37
CA CYS F 124 59.02 -21.56 8.43
C CYS F 124 59.76 -21.64 7.10
N ARG F 125 59.75 -22.83 6.51
CA ARG F 125 60.28 -23.06 5.17
C ARG F 125 59.31 -23.99 4.46
N CYS F 126 58.42 -23.43 3.65
CA CYS F 126 57.42 -24.21 2.94
C CYS F 126 57.36 -23.77 1.49
N ASN F 127 56.95 -24.69 0.63
CA ASN F 127 56.82 -24.44 -0.80
C ASN F 127 55.61 -25.20 -1.29
N SER F 128 54.80 -24.55 -2.12
CA SER F 128 53.63 -25.20 -2.70
C SER F 128 54.06 -26.37 -3.58
N GLY F 129 53.80 -27.59 -3.12
CA GLY F 129 54.24 -28.77 -3.82
C GLY F 129 54.89 -29.77 -2.89
N ASP F 130 55.38 -29.29 -1.75
CA ASP F 130 55.87 -30.20 -0.72
C ASP F 130 54.72 -30.88 0.00
N VAL F 131 53.56 -30.23 0.04
CA VAL F 131 52.37 -30.77 0.70
C VAL F 131 51.41 -31.25 -0.38
N VAL F 132 51.11 -32.54 -0.37
CA VAL F 132 50.16 -33.12 -1.32
C VAL F 132 49.09 -33.88 -0.54
N CYS F 133 47.82 -33.58 -0.82
CA CYS F 133 46.72 -34.24 -0.15
C CYS F 133 46.51 -35.63 -0.73
N LEU F 134 45.83 -36.46 0.05
CA LEU F 134 45.54 -37.85 -0.30
C LEU F 134 44.28 -38.26 0.44
N PRO F 135 43.57 -39.28 -0.04
CA PRO F 135 42.43 -39.79 0.71
C PRO F 135 42.82 -40.11 2.15
N ASN F 136 42.13 -39.48 3.09
CA ASN F 136 42.40 -39.54 4.53
C ASN F 136 43.90 -39.49 4.83
N GLY F 137 44.60 -38.59 4.14
CA GLY F 137 46.03 -38.48 4.33
C GLY F 137 46.59 -37.18 3.81
N ILE F 138 47.74 -36.82 4.37
CA ILE F 138 48.52 -35.68 3.92
C ILE F 138 49.97 -36.18 3.77
N ALA F 139 50.67 -35.67 2.77
CA ALA F 139 52.06 -36.06 2.54
C ALA F 139 52.94 -34.83 2.46
N VAL F 140 53.99 -34.81 3.29
CA VAL F 140 54.92 -33.70 3.37
C VAL F 140 56.30 -34.21 2.96
N GLY F 141 56.87 -33.60 1.92
CA GLY F 141 58.15 -34.01 1.38
C GLY F 141 59.35 -33.42 2.11
N HIS F 142 59.70 -33.98 3.26
CA HIS F 142 60.80 -33.45 4.06
C HIS F 142 62.13 -33.56 3.31
N GLY F 143 62.64 -32.42 2.86
CA GLY F 143 63.91 -32.40 2.16
C GLY F 143 64.63 -31.09 2.38
N PRO F 144 65.18 -30.51 1.30
CA PRO F 144 65.87 -29.22 1.41
C PRO F 144 64.95 -28.01 1.35
N ARG F 145 63.63 -28.21 1.32
CA ARG F 145 62.68 -27.12 1.23
C ARG F 145 61.74 -27.03 2.42
N THR F 146 61.47 -28.13 3.11
CA THR F 146 60.52 -28.17 4.22
C THR F 146 61.20 -28.65 5.48
N ASN F 147 60.92 -27.99 6.60
CA ASN F 147 61.46 -28.36 7.89
C ASN F 147 60.53 -29.33 8.61
N ALA F 148 61.01 -29.86 9.73
CA ALA F 148 60.17 -30.70 10.58
C ALA F 148 59.18 -29.89 11.39
N VAL F 149 59.43 -28.59 11.59
CA VAL F 149 58.50 -27.74 12.32
C VAL F 149 57.18 -27.63 11.57
N ALA F 150 57.25 -27.56 10.23
CA ALA F 150 56.04 -27.54 9.44
C ALA F 150 55.26 -28.84 9.60
N HIS F 151 55.96 -29.98 9.64
CA HIS F 151 55.28 -31.25 9.85
C HIS F 151 54.62 -31.31 11.21
N THR F 152 55.29 -30.78 12.25
CA THR F 152 54.69 -30.73 13.57
C THR F 152 53.46 -29.83 13.59
N THR F 153 53.52 -28.69 12.89
CA THR F 153 52.37 -27.79 12.84
C THR F 153 51.19 -28.45 12.13
N LEU F 154 51.45 -29.19 11.05
CA LEU F 154 50.37 -29.91 10.38
C LEU F 154 49.84 -31.05 11.24
N LYS F 155 50.73 -31.72 11.99
CA LYS F 155 50.31 -32.69 13.00
C LYS F 155 49.37 -32.06 14.01
N GLN F 156 49.64 -30.81 14.40
CA GLN F 156 48.76 -30.13 15.34
C GLN F 156 47.43 -29.75 14.70
N LEU F 157 47.45 -29.31 13.44
CA LEU F 157 46.28 -28.71 12.84
C LEU F 157 45.36 -29.74 12.16
N PHE F 158 45.87 -30.42 11.13
CA PHE F 158 45.03 -31.20 10.23
C PHE F 158 44.90 -32.66 10.63
N GLU F 159 45.03 -32.97 11.92
CA GLU F 159 45.10 -34.35 12.38
C GLU F 159 43.88 -34.71 13.22
N VAL F 160 43.27 -35.84 12.91
CA VAL F 160 42.19 -36.41 13.70
C VAL F 160 42.29 -37.93 13.60
N LYS F 161 42.04 -38.62 14.71
CA LYS F 161 42.25 -40.06 14.83
C LYS F 161 41.04 -40.71 15.48
N ASP F 162 40.35 -41.55 14.73
CA ASP F 162 39.20 -42.30 15.22
C ASP F 162 38.82 -43.32 14.15
N ASP F 163 37.75 -44.08 14.42
CA ASP F 163 37.28 -45.07 13.47
C ASP F 163 36.86 -44.42 12.15
N GLN F 164 36.12 -43.32 12.24
CA GLN F 164 35.71 -42.58 11.06
C GLN F 164 36.39 -41.23 10.90
N PHE F 165 36.80 -40.59 12.01
CA PHE F 165 37.68 -39.43 11.94
C PHE F 165 39.12 -39.91 11.78
N SER F 166 39.41 -40.48 10.61
CA SER F 166 40.73 -41.04 10.32
C SER F 166 41.43 -40.12 9.33
N PHE F 167 42.52 -39.49 9.79
CA PHE F 167 43.36 -38.65 8.94
C PHE F 167 44.80 -38.86 9.36
N ASP F 168 45.70 -38.91 8.39
CA ASP F 168 47.09 -39.25 8.66
C ASP F 168 48.01 -38.30 7.93
N VAL F 169 49.24 -38.16 8.45
CA VAL F 169 50.28 -37.34 7.85
C VAL F 169 51.54 -38.19 7.69
N PHE F 170 52.14 -38.12 6.51
CA PHE F 170 53.31 -38.92 6.15
C PHE F 170 54.46 -37.98 5.86
N THR F 171 55.54 -38.08 6.63
CA THR F 171 56.76 -37.34 6.36
C THR F 171 57.66 -38.20 5.49
N LEU F 172 57.84 -37.79 4.23
CA LEU F 172 58.60 -38.58 3.27
C LEU F 172 60.01 -38.02 3.13
N GLU F 173 61.01 -38.87 3.32
CA GLU F 173 62.39 -38.46 3.18
C GLU F 173 62.81 -38.46 1.71
N GLN F 174 63.65 -37.49 1.35
CA GLN F 174 64.16 -37.41 -0.01
C GLN F 174 65.55 -36.77 0.04
N GLU F 175 66.30 -36.98 -1.04
CA GLU F 175 67.67 -36.50 -1.12
C GLU F 175 67.70 -34.99 -1.39
N GLY F 176 68.88 -34.41 -1.24
CA GLY F 176 69.03 -32.97 -1.41
C GLY F 176 68.78 -32.50 -2.83
N ASP F 177 69.19 -33.30 -3.81
CA ASP F 177 69.06 -32.93 -5.21
C ASP F 177 67.70 -33.25 -5.80
N ALA F 178 66.80 -33.85 -5.01
CA ALA F 178 65.49 -34.20 -5.51
C ALA F 178 64.64 -32.96 -5.73
N PRO F 179 63.78 -32.97 -6.75
CA PRO F 179 62.84 -31.86 -6.95
C PRO F 179 61.74 -31.89 -5.91
N PRO F 180 60.89 -30.86 -5.85
CA PRO F 180 59.79 -30.86 -4.87
C PRO F 180 58.90 -32.09 -5.02
N LEU F 181 58.22 -32.43 -3.93
CA LEU F 181 57.50 -33.69 -3.85
C LEU F 181 56.40 -33.78 -4.92
N GLY F 182 55.61 -32.71 -5.05
CA GLY F 182 54.49 -32.74 -5.97
C GLY F 182 54.88 -32.76 -7.43
N ASP F 183 56.16 -32.60 -7.75
CA ASP F 183 56.58 -32.59 -9.13
C ASP F 183 56.57 -33.98 -9.74
N TYR F 184 57.25 -34.94 -9.12
CA TYR F 184 57.43 -36.25 -9.74
C TYR F 184 56.32 -37.24 -9.35
N PHE F 185 56.17 -37.50 -8.06
CA PHE F 185 55.17 -38.47 -7.59
C PHE F 185 53.89 -37.74 -7.24
N GLY F 186 52.81 -38.05 -7.97
CA GLY F 186 51.52 -37.43 -7.75
C GLY F 186 50.46 -38.46 -7.40
N PHE F 187 49.20 -38.14 -7.62
CA PHE F 187 48.12 -39.04 -7.26
C PHE F 187 46.87 -38.68 -8.06
N ALA F 188 46.12 -39.71 -8.46
CA ALA F 188 44.87 -39.55 -9.16
C ALA F 188 43.81 -40.40 -8.48
N GLY F 189 42.55 -39.99 -8.63
CA GLY F 189 41.47 -40.61 -7.90
C GLY F 189 41.30 -42.07 -8.23
N SER F 190 40.52 -42.74 -7.38
CA SER F 190 40.25 -44.19 -7.48
C SER F 190 41.55 -44.99 -7.38
N ASN F 191 42.18 -44.89 -6.20
CA ASN F 191 43.33 -45.70 -5.77
C ASN F 191 44.35 -45.95 -6.89
N VAL F 192 44.72 -44.89 -7.59
CA VAL F 192 45.77 -44.93 -8.60
C VAL F 192 46.85 -43.93 -8.22
N LEU F 193 48.10 -44.37 -8.22
CA LEU F 193 49.23 -43.57 -7.76
C LEU F 193 50.26 -43.50 -8.87
N LEU F 194 50.57 -42.29 -9.32
CA LEU F 194 51.48 -42.06 -10.45
C LEU F 194 52.87 -41.77 -9.91
N THR F 195 53.89 -42.44 -10.48
CA THR F 195 55.25 -42.23 -10.00
C THR F 195 56.25 -42.30 -11.15
N TRP F 196 57.26 -41.45 -11.08
CA TRP F 196 58.39 -41.53 -12.00
C TRP F 196 59.18 -42.82 -11.78
N LYS F 197 59.75 -43.36 -12.85
CA LYS F 197 60.56 -44.57 -12.76
C LYS F 197 62.04 -44.24 -12.59
N ASP F 198 62.35 -43.40 -11.61
CA ASP F 198 63.73 -43.03 -11.29
C ASP F 198 64.00 -43.33 -9.82
N GLU F 199 65.19 -42.92 -9.37
CA GLU F 199 65.58 -43.17 -7.99
C GLU F 199 64.66 -42.44 -7.01
N HIS F 200 64.33 -41.18 -7.30
CA HIS F 200 63.47 -40.40 -6.41
C HIS F 200 62.10 -41.04 -6.30
N GLY F 201 61.53 -41.45 -7.44
CA GLY F 201 60.20 -42.05 -7.41
C GLY F 201 60.17 -43.38 -6.68
N LEU F 202 61.19 -44.22 -6.92
CA LEU F 202 61.26 -45.50 -6.20
C LEU F 202 61.41 -45.29 -4.71
N LEU F 203 62.26 -44.33 -4.31
CA LEU F 203 62.42 -44.05 -2.88
C LEU F 203 61.12 -43.56 -2.27
N ALA F 204 60.41 -42.68 -2.96
CA ALA F 204 59.13 -42.18 -2.44
C ALA F 204 58.11 -43.29 -2.33
N VAL F 205 58.05 -44.17 -3.34
CA VAL F 205 57.10 -45.28 -3.29
C VAL F 205 57.43 -46.22 -2.13
N ASP F 206 58.71 -46.52 -1.92
CA ASP F 206 59.10 -47.39 -0.81
C ASP F 206 58.75 -46.74 0.52
N GLN F 207 59.02 -45.44 0.67
CA GLN F 207 58.70 -44.74 1.90
C GLN F 207 57.19 -44.76 2.17
N TYR F 208 56.39 -44.58 1.13
CA TYR F 208 54.94 -44.65 1.30
C TYR F 208 54.50 -46.07 1.64
N GLN F 209 55.11 -47.07 1.02
CA GLN F 209 54.73 -48.46 1.27
C GLN F 209 55.02 -48.87 2.71
N GLN F 210 56.13 -48.40 3.27
CA GLN F 210 56.42 -48.72 4.66
C GLN F 210 55.41 -48.10 5.62
N LYS F 211 54.61 -47.14 5.15
CA LYS F 211 53.60 -46.47 5.97
C LYS F 211 52.22 -46.93 5.56
N GLN F 212 51.41 -47.33 6.55
CA GLN F 212 50.03 -47.76 6.33
C GLN F 212 49.93 -48.83 5.24
N PRO F 213 50.35 -50.07 5.53
CA PRO F 213 50.27 -51.12 4.50
C PRO F 213 48.86 -51.41 4.01
N HIS F 214 47.83 -51.05 4.78
CA HIS F 214 46.45 -51.37 4.43
C HIS F 214 45.87 -50.44 3.38
N THR F 215 46.65 -49.51 2.83
CA THR F 215 46.11 -48.57 1.86
C THR F 215 45.65 -49.27 0.58
N GLU F 216 46.41 -50.25 0.11
CA GLU F 216 46.11 -50.96 -1.13
C GLU F 216 46.04 -49.99 -2.31
N MET F 217 47.18 -49.35 -2.58
CA MET F 217 47.28 -48.31 -3.60
C MET F 217 48.02 -48.86 -4.81
N ASN F 218 47.31 -48.98 -5.94
CA ASN F 218 47.94 -49.38 -7.19
C ASN F 218 48.89 -48.29 -7.65
N VAL F 219 49.97 -48.71 -8.32
CA VAL F 219 51.04 -47.80 -8.73
C VAL F 219 51.28 -47.96 -10.23
N VAL F 220 51.37 -46.82 -10.93
CA VAL F 220 51.66 -46.78 -12.36
C VAL F 220 52.90 -45.92 -12.55
N TYR F 221 53.82 -46.41 -13.39
CA TYR F 221 55.13 -45.79 -13.58
C TYR F 221 55.18 -44.99 -14.86
N LEU F 222 55.90 -43.86 -14.82
CA LEU F 222 56.10 -43.00 -15.97
C LEU F 222 57.59 -42.71 -16.11
N GLU F 223 58.03 -42.53 -17.36
CA GLU F 223 59.43 -42.23 -17.61
C GLU F 223 59.81 -40.88 -16.99
N PRO F 224 61.03 -40.77 -16.46
CA PRO F 224 61.40 -39.55 -15.74
C PRO F 224 61.43 -38.33 -16.64
N GLY F 225 61.20 -37.17 -16.04
CA GLY F 225 61.17 -35.92 -16.76
C GLY F 225 59.83 -35.56 -17.36
N CYS F 226 58.73 -36.16 -16.88
CA CYS F 226 57.40 -35.89 -17.40
C CYS F 226 56.62 -35.05 -16.39
N HIS F 227 56.04 -33.96 -16.86
CA HIS F 227 55.20 -33.09 -16.04
C HIS F 227 53.75 -33.49 -16.21
N PHE F 228 53.05 -33.71 -15.10
CA PHE F 228 51.65 -34.09 -15.14
C PHE F 228 50.91 -33.42 -14.00
N LEU F 229 49.64 -33.15 -14.23
CA LEU F 229 48.77 -32.49 -13.26
C LEU F 229 47.60 -33.41 -12.93
N SER F 230 47.38 -33.66 -11.64
CA SER F 230 46.28 -34.50 -11.20
C SER F 230 45.90 -34.07 -9.79
N PHE F 231 44.60 -33.96 -9.53
CA PHE F 231 44.10 -33.46 -8.26
C PHE F 231 43.05 -34.40 -7.69
N TYR F 232 43.09 -34.59 -6.38
CA TYR F 232 42.09 -35.38 -5.68
C TYR F 232 40.72 -34.76 -5.89
N GLY F 233 40.52 -33.55 -5.37
CA GLY F 233 39.26 -32.85 -5.52
C GLY F 233 38.12 -33.45 -4.73
N VAL F 234 37.12 -32.64 -4.38
CA VAL F 234 35.93 -33.17 -3.75
C VAL F 234 35.17 -34.08 -4.72
N ASP F 235 35.23 -33.75 -6.01
CA ASP F 235 34.64 -34.58 -7.05
C ASP F 235 35.57 -35.75 -7.39
N HIS F 236 34.98 -36.78 -7.98
CA HIS F 236 35.73 -37.93 -8.49
C HIS F 236 35.73 -37.88 -10.01
N THR F 237 36.92 -37.99 -10.60
CA THR F 237 37.05 -37.94 -12.05
C THR F 237 38.20 -38.84 -12.47
N ILE F 238 38.09 -39.40 -13.68
CA ILE F 238 39.14 -40.22 -14.25
C ILE F 238 39.76 -39.50 -15.44
N ASP F 239 40.79 -38.71 -15.18
CA ASP F 239 41.48 -37.96 -16.22
C ASP F 239 42.80 -37.45 -15.65
N VAL F 240 43.78 -37.27 -16.53
CA VAL F 240 45.08 -36.74 -16.16
C VAL F 240 45.56 -35.85 -17.30
N LEU F 241 46.36 -34.85 -16.94
CA LEU F 241 46.98 -33.96 -17.91
C LEU F 241 48.44 -34.37 -18.06
N VAL F 242 48.86 -34.68 -19.29
CA VAL F 242 50.21 -35.18 -19.54
C VAL F 242 50.83 -34.37 -20.67
N GLN F 243 52.13 -34.13 -20.58
CA GLN F 243 52.85 -33.44 -21.65
C GLN F 243 52.81 -34.25 -22.93
N LYS F 244 52.66 -33.55 -24.07
CA LYS F 244 52.59 -34.23 -25.35
C LYS F 244 53.99 -34.58 -25.86
N GLY F 245 54.77 -35.26 -25.02
CA GLY F 245 56.09 -35.71 -25.38
C GLY F 245 56.22 -37.21 -25.39
N TYR F 246 56.73 -37.76 -24.29
CA TYR F 246 56.93 -39.18 -24.14
C TYR F 246 55.62 -39.95 -24.33
N GLU F 247 55.59 -40.81 -25.34
CA GLU F 247 54.37 -41.52 -25.70
C GLU F 247 54.08 -42.69 -24.78
N ARG F 248 55.11 -43.35 -24.26
CA ARG F 248 54.91 -44.58 -23.50
C ARG F 248 54.14 -44.34 -22.20
N SER F 249 54.31 -43.16 -21.60
CA SER F 249 53.59 -42.85 -20.37
C SER F 249 52.09 -42.85 -20.59
N MET F 250 51.63 -42.34 -21.74
CA MET F 250 50.21 -42.31 -22.03
C MET F 250 49.62 -43.72 -22.05
N ASP F 251 50.30 -44.65 -22.73
CA ASP F 251 49.84 -46.03 -22.75
C ASP F 251 49.89 -46.66 -21.36
N SER F 252 50.97 -46.38 -20.62
CA SER F 252 51.12 -46.97 -19.29
C SER F 252 49.99 -46.54 -18.36
N ILE F 253 49.59 -45.28 -18.43
CA ILE F 253 48.52 -44.81 -17.56
C ILE F 253 47.14 -45.18 -18.11
N ALA F 254 46.99 -45.29 -19.43
CA ALA F 254 45.70 -45.65 -20.01
C ALA F 254 45.39 -47.13 -19.82
N ALA F 255 46.41 -47.98 -19.67
CA ALA F 255 46.18 -49.40 -19.44
C ALA F 255 45.47 -49.65 -18.11
N ALA F 256 45.53 -48.72 -17.18
CA ALA F 256 44.90 -48.86 -15.88
C ALA F 256 43.48 -48.31 -15.84
N GLY F 257 42.96 -47.83 -16.96
CA GLY F 257 41.60 -47.30 -16.99
C GLY F 257 41.49 -45.81 -16.78
N LEU F 258 42.58 -45.06 -16.88
CA LEU F 258 42.58 -43.62 -16.70
C LEU F 258 42.72 -42.94 -18.06
N ASN F 259 41.82 -42.02 -18.37
CA ASN F 259 41.86 -41.32 -19.64
C ASN F 259 42.93 -40.24 -19.60
N PRO F 260 43.94 -40.27 -20.47
CA PRO F 260 44.93 -39.20 -20.51
C PRO F 260 44.56 -38.10 -21.51
N ILE F 261 45.06 -36.90 -21.23
CA ILE F 261 44.83 -35.74 -22.07
C ILE F 261 46.18 -35.08 -22.36
N PRO F 262 46.60 -34.99 -23.62
CA PRO F 262 47.92 -34.42 -23.92
C PRO F 262 47.88 -32.90 -24.07
N VAL F 263 48.94 -32.26 -23.60
CA VAL F 263 49.12 -30.81 -23.73
C VAL F 263 50.59 -30.54 -24.04
N GLN F 264 50.82 -29.47 -24.78
CA GLN F 264 52.15 -29.15 -25.29
C GLN F 264 52.84 -28.15 -24.35
N TRP F 265 54.01 -28.54 -23.82
CA TRP F 265 54.79 -27.72 -22.91
C TRP F 265 56.29 -27.78 -23.22
N SER F 266 56.67 -27.89 -24.49
CA SER F 266 58.10 -27.98 -24.80
C SER F 266 58.83 -26.70 -24.42
N GLU F 267 58.38 -25.57 -24.98
CA GLU F 267 59.07 -24.30 -24.76
C GLU F 267 59.02 -23.88 -23.30
N MET F 268 57.86 -24.04 -22.66
CA MET F 268 57.77 -23.69 -21.25
C MET F 268 58.55 -24.66 -20.37
N ASP F 269 58.73 -25.91 -20.82
CA ASP F 269 59.63 -26.82 -20.12
C ASP F 269 61.07 -26.31 -20.20
N LYS F 270 61.49 -25.82 -21.37
CA LYS F 270 62.82 -25.22 -21.46
C LYS F 270 62.92 -23.96 -20.61
N LEU F 271 61.80 -23.24 -20.44
CA LEU F 271 61.77 -22.15 -19.47
C LEU F 271 61.97 -22.67 -18.05
N GLY F 272 61.42 -23.84 -17.76
CA GLY F 272 61.51 -24.42 -16.43
C GLY F 272 60.28 -24.20 -15.59
N ILE F 273 59.11 -24.45 -16.18
CA ILE F 273 57.83 -24.22 -15.51
C ILE F 273 57.03 -25.51 -15.57
N SER F 274 56.58 -25.98 -14.42
CA SER F 274 55.92 -27.27 -14.30
C SER F 274 54.41 -27.12 -14.15
N MET F 275 53.72 -28.25 -14.32
CA MET F 275 52.25 -28.26 -14.21
C MET F 275 51.79 -27.76 -12.85
N ARG F 276 52.53 -28.09 -11.78
CA ARG F 276 52.11 -27.71 -10.44
C ARG F 276 52.07 -26.20 -10.27
N ALA F 277 53.06 -25.51 -10.84
CA ALA F 277 53.16 -24.06 -10.69
C ALA F 277 52.45 -23.30 -11.81
N ALA F 278 51.88 -24.00 -12.79
CA ALA F 278 51.20 -23.32 -13.88
C ALA F 278 49.78 -22.91 -13.49
N VAL F 279 49.18 -23.62 -12.54
CA VAL F 279 47.82 -23.33 -12.08
C VAL F 279 47.82 -23.27 -10.56
N LEU F 280 46.76 -22.68 -10.01
CA LEU F 280 46.57 -22.57 -8.57
C LEU F 280 45.22 -23.16 -8.18
N PRO F 281 45.18 -24.40 -7.68
CA PRO F 281 43.90 -24.99 -7.29
C PRO F 281 43.40 -24.41 -5.97
N LEU F 282 42.09 -24.27 -5.88
CA LEU F 282 41.45 -23.73 -4.68
C LEU F 282 40.08 -24.36 -4.51
N LYS F 283 39.63 -24.44 -3.26
CA LYS F 283 38.29 -24.91 -2.93
C LYS F 283 37.52 -23.76 -2.30
N PHE F 284 36.35 -23.47 -2.87
CA PHE F 284 35.49 -22.40 -2.39
C PHE F 284 34.16 -22.99 -1.96
N PHE F 285 33.73 -22.64 -0.75
CA PHE F 285 32.51 -23.18 -0.16
C PHE F 285 31.63 -22.04 0.33
N LYS F 286 30.50 -22.39 0.94
CA LYS F 286 29.57 -21.40 1.45
C LYS F 286 29.31 -21.63 2.94
N VAL G 58 4.93 0.39 16.87
CA VAL G 58 4.25 -0.60 17.69
C VAL G 58 4.02 -1.88 16.88
N SER G 59 4.11 -1.76 15.55
CA SER G 59 3.92 -2.90 14.66
C SER G 59 4.56 -2.57 13.32
N HIS G 60 5.45 -3.43 12.84
CA HIS G 60 6.07 -3.25 11.54
C HIS G 60 5.89 -4.49 10.68
N LEU G 61 6.55 -4.53 9.54
CA LEU G 61 6.52 -5.69 8.66
C LEU G 61 7.94 -6.22 8.50
N SER G 62 8.09 -7.53 8.55
CA SER G 62 9.40 -8.16 8.41
C SER G 62 9.94 -7.89 7.02
N ALA G 63 10.94 -7.00 6.92
CA ALA G 63 11.39 -6.51 5.62
C ALA G 63 12.01 -7.61 4.77
N ARG G 64 12.66 -8.60 5.39
CA ARG G 64 13.28 -9.67 4.60
C ARG G 64 12.24 -10.53 3.90
N ASN G 65 11.23 -10.99 4.66
CA ASN G 65 10.15 -11.76 4.04
C ASN G 65 9.33 -10.89 3.08
N ILE G 66 9.22 -9.60 3.38
CA ILE G 66 8.55 -8.68 2.45
C ILE G 66 9.32 -8.62 1.13
N ALA G 67 10.65 -8.57 1.20
CA ALA G 67 11.46 -8.57 -0.01
C ALA G 67 11.30 -9.87 -0.79
N THR G 68 11.25 -11.00 -0.08
CA THR G 68 11.04 -12.28 -0.76
C THR G 68 9.68 -12.31 -1.47
N GLU G 69 8.62 -11.85 -0.79
CA GLU G 69 7.30 -11.81 -1.40
C GLU G 69 7.27 -10.85 -2.58
N ALA G 70 7.96 -9.72 -2.47
CA ALA G 70 8.02 -8.78 -3.59
C ALA G 70 8.74 -9.38 -4.78
N LEU G 71 9.81 -10.15 -4.53
CA LEU G 71 10.49 -10.84 -5.62
C LEU G 71 9.57 -11.82 -6.31
N GLN G 72 8.84 -12.62 -5.53
CA GLN G 72 7.89 -13.56 -6.12
C GLN G 72 6.80 -12.82 -6.91
N MET G 73 6.33 -11.69 -6.37
CA MET G 73 5.29 -10.93 -7.05
C MET G 73 5.79 -10.37 -8.38
N LYS G 74 7.02 -9.86 -8.40
CA LYS G 74 7.60 -9.37 -9.65
C LYS G 74 7.76 -10.50 -10.66
N LYS G 75 8.23 -11.66 -10.20
CA LYS G 75 8.41 -12.79 -11.12
C LYS G 75 7.07 -13.23 -11.70
N LEU G 76 6.02 -13.24 -10.88
CA LEU G 76 4.70 -13.62 -11.39
C LEU G 76 4.13 -12.57 -12.34
N HIS G 77 4.32 -11.29 -12.03
CA HIS G 77 3.80 -10.22 -12.86
C HIS G 77 4.49 -10.18 -14.22
N GLN G 78 5.81 -10.42 -14.23
CA GLN G 78 6.59 -10.25 -15.47
C GLN G 78 6.36 -11.40 -16.44
N GLU G 79 6.17 -12.62 -15.94
CA GLU G 79 6.13 -13.80 -16.78
C GLU G 79 4.71 -14.20 -17.22
N ARG G 80 3.67 -13.48 -16.78
CA ARG G 80 2.31 -13.88 -17.07
C ARG G 80 1.57 -12.92 -18.00
N GLY G 81 2.00 -11.66 -18.08
CA GLY G 81 1.31 -10.70 -18.92
C GLY G 81 1.16 -9.36 -18.24
N GLY G 82 0.98 -9.37 -16.93
CA GLY G 82 0.99 -8.14 -16.16
C GLY G 82 -0.36 -7.47 -15.97
N ASN G 83 -1.33 -8.20 -15.43
CA ASN G 83 -2.59 -7.57 -15.06
C ASN G 83 -2.33 -6.55 -13.95
N PRO G 84 -2.98 -5.40 -13.98
CA PRO G 84 -2.66 -4.34 -13.00
C PRO G 84 -2.96 -4.73 -11.55
N MET G 85 -3.68 -5.83 -11.32
CA MET G 85 -3.92 -6.29 -9.95
C MET G 85 -2.62 -6.56 -9.21
N LEU G 86 -1.66 -7.22 -9.87
CA LEU G 86 -0.40 -7.51 -9.21
C LEU G 86 0.35 -6.22 -8.89
N ALA G 87 0.32 -5.24 -9.80
CA ALA G 87 0.98 -3.97 -9.53
C ALA G 87 0.36 -3.26 -8.33
N GLN G 88 -0.98 -3.19 -8.28
CA GLN G 88 -1.62 -2.54 -7.15
C GLN G 88 -1.37 -3.28 -5.85
N GLN G 89 -1.39 -4.62 -5.89
CA GLN G 89 -1.10 -5.40 -4.71
C GLN G 89 0.30 -5.13 -4.19
N ALA G 90 1.29 -5.10 -5.10
CA ALA G 90 2.66 -4.85 -4.71
C ALA G 90 2.83 -3.44 -4.15
N ARG G 91 2.18 -2.45 -4.77
CA ARG G 91 2.29 -1.08 -4.28
C ARG G 91 1.67 -0.96 -2.89
N ARG G 92 0.50 -1.59 -2.68
CA ARG G 92 -0.13 -1.54 -1.38
C ARG G 92 0.74 -2.19 -0.31
N VAL G 93 1.35 -3.34 -0.63
CA VAL G 93 2.19 -4.01 0.35
C VAL G 93 3.45 -3.19 0.64
N LEU G 94 4.08 -2.66 -0.41
CA LEU G 94 5.36 -1.98 -0.25
C LEU G 94 5.23 -0.58 0.36
N PHE G 95 4.07 0.06 0.24
CA PHE G 95 3.91 1.40 0.80
C PHE G 95 4.03 1.38 2.31
N ALA G 96 3.45 0.37 2.97
CA ALA G 96 3.53 0.27 4.42
C ALA G 96 4.88 -0.22 4.92
N THR G 97 5.65 -0.89 4.06
CA THR G 97 6.97 -1.37 4.46
C THR G 97 7.89 -0.20 4.76
N SER G 98 8.72 -0.35 5.79
CA SER G 98 9.63 0.71 6.20
C SER G 98 10.86 0.10 6.85
N ILE G 99 12.01 0.29 6.23
CA ILE G 99 13.26 -0.14 6.85
C ILE G 99 13.48 0.65 8.14
N ALA G 100 13.87 -0.06 9.19
CA ALA G 100 13.83 0.46 10.54
C ALA G 100 14.99 -0.14 11.32
N GLY G 101 14.89 -0.14 12.65
CA GLY G 101 15.95 -0.64 13.50
C GLY G 101 16.29 -2.10 13.30
N GLN G 102 15.69 -2.73 12.29
CA GLN G 102 16.13 -4.04 11.85
C GLN G 102 17.53 -3.95 11.27
N ASN G 103 18.08 -5.10 10.87
CA ASN G 103 19.47 -5.16 10.45
C ASN G 103 19.62 -5.76 9.06
N LEU G 104 18.85 -5.25 8.10
CA LEU G 104 18.91 -5.75 6.73
C LEU G 104 20.31 -5.65 6.17
N ASP G 105 20.75 -6.72 5.52
CA ASP G 105 22.07 -6.77 4.90
C ASP G 105 21.99 -6.13 3.51
N ALA G 106 23.08 -6.24 2.74
CA ALA G 106 23.14 -5.55 1.45
C ALA G 106 22.11 -6.09 0.46
N ARG G 107 21.93 -7.42 0.44
CA ARG G 107 21.01 -8.00 -0.54
C ARG G 107 19.57 -7.58 -0.28
N SER G 108 19.14 -7.59 0.98
CA SER G 108 17.75 -7.32 1.32
C SER G 108 17.36 -5.86 1.11
N VAL G 109 18.33 -4.97 0.89
CA VAL G 109 18.03 -3.58 0.55
C VAL G 109 18.00 -3.38 -0.95
N ALA G 110 18.96 -3.96 -1.67
CA ALA G 110 18.98 -3.86 -3.11
C ALA G 110 17.75 -4.52 -3.73
N LEU G 111 17.33 -5.66 -3.19
CA LEU G 111 16.15 -6.34 -3.72
C LEU G 111 14.91 -5.45 -3.58
N LEU G 112 14.73 -4.86 -2.40
CA LEU G 112 13.57 -3.99 -2.18
C LEU G 112 13.62 -2.77 -3.08
N LEU G 113 14.79 -2.14 -3.21
CA LEU G 113 14.91 -0.99 -4.09
C LEU G 113 14.59 -1.36 -5.53
N ASN G 114 15.10 -2.49 -6.00
CA ASN G 114 14.85 -2.93 -7.36
C ASN G 114 13.38 -3.16 -7.61
N THR G 115 12.71 -3.91 -6.73
CA THR G 115 11.30 -4.19 -6.92
C THR G 115 10.47 -2.91 -6.83
N ALA G 116 10.80 -2.02 -5.89
CA ALA G 116 10.04 -0.79 -5.74
C ALA G 116 10.14 0.08 -6.98
N VAL G 117 11.35 0.23 -7.53
CA VAL G 117 11.49 1.02 -8.75
C VAL G 117 10.82 0.33 -9.93
N TYR G 118 10.85 -1.01 -9.95
CA TYR G 118 10.17 -1.73 -11.03
C TYR G 118 8.68 -1.47 -11.02
N PHE G 119 8.06 -1.47 -9.84
CA PHE G 119 6.61 -1.34 -9.73
C PHE G 119 6.13 0.11 -9.81
N GLY G 120 6.94 1.03 -10.30
CA GLY G 120 6.49 2.39 -10.52
C GLY G 120 6.52 3.27 -9.30
N MET G 121 7.69 3.43 -8.69
CA MET G 121 7.87 4.27 -7.52
C MET G 121 9.05 5.21 -7.74
N GLU G 122 8.94 6.41 -7.18
CA GLU G 122 10.01 7.40 -7.27
C GLU G 122 10.39 7.89 -5.88
N SER G 123 11.17 8.97 -5.81
CA SER G 123 11.62 9.50 -4.53
C SER G 123 10.47 10.04 -3.69
N ASP G 124 9.25 10.10 -4.22
CA ASP G 124 8.11 10.53 -3.42
C ASP G 124 7.80 9.53 -2.31
N ALA G 125 7.93 8.24 -2.59
CA ALA G 125 7.60 7.22 -1.61
C ALA G 125 8.57 7.23 -0.45
N LYS G 126 8.07 6.84 0.73
CA LYS G 126 8.91 6.79 1.92
C LYS G 126 10.00 5.72 1.77
N LEU G 127 9.63 4.55 1.24
CA LEU G 127 10.58 3.45 1.16
C LEU G 127 11.75 3.78 0.27
N VAL G 128 11.51 4.44 -0.87
CA VAL G 128 12.60 4.79 -1.77
C VAL G 128 13.56 5.76 -1.09
N ARG G 129 13.02 6.75 -0.37
CA ARG G 129 13.87 7.70 0.33
C ARG G 129 14.69 7.03 1.42
N GLU G 130 14.09 6.08 2.13
CA GLU G 130 14.80 5.38 3.20
C GLU G 130 15.81 4.40 2.64
N CYS G 131 15.59 3.93 1.42
CA CYS G 131 16.47 2.95 0.81
C CYS G 131 17.59 3.57 0.00
N ILE G 132 17.44 4.84 -0.43
CA ILE G 132 18.55 5.53 -1.07
C ILE G 132 19.61 5.90 -0.06
N ASP G 133 19.23 6.07 1.20
CA ASP G 133 20.19 6.07 2.30
C ASP G 133 20.61 4.62 2.57
N TYR G 134 21.56 4.45 3.49
CA TYR G 134 22.23 3.17 3.74
C TYR G 134 23.12 2.83 2.54
N CYS G 135 23.05 3.67 1.50
CA CYS G 135 24.00 3.66 0.40
C CYS G 135 24.82 4.93 0.32
N LEU G 136 24.27 6.07 0.77
CA LEU G 136 25.08 7.26 0.95
C LEU G 136 26.14 7.06 2.03
N LYS G 137 25.75 6.41 3.13
CA LYS G 137 26.62 6.29 4.31
C LYS G 137 27.28 4.94 4.45
N ASN G 138 26.66 3.86 3.96
CA ASN G 138 27.25 2.52 4.02
C ASN G 138 27.61 2.11 2.60
N ASP G 139 28.83 2.46 2.19
CA ASP G 139 29.27 2.22 0.81
C ASP G 139 30.09 0.94 0.68
N LYS G 140 30.83 0.56 1.72
CA LYS G 140 31.69 -0.62 1.63
C LYS G 140 30.88 -1.90 1.50
N LEU G 141 29.63 -1.89 1.95
CA LEU G 141 28.82 -3.11 1.92
C LEU G 141 28.51 -3.54 0.50
N ILE G 142 28.44 -2.58 -0.44
CA ILE G 142 28.10 -2.89 -1.81
C ILE G 142 29.20 -3.74 -2.43
N THR G 143 28.82 -4.85 -3.04
CA THR G 143 29.73 -5.75 -3.72
C THR G 143 29.43 -5.80 -5.20
N VAL G 144 30.31 -6.46 -5.96
CA VAL G 144 30.17 -6.51 -7.41
C VAL G 144 28.91 -7.26 -7.81
N ASP G 145 28.49 -8.23 -6.99
CA ASP G 145 27.26 -8.97 -7.29
C ASP G 145 26.04 -8.08 -7.21
N VAL G 146 26.01 -7.16 -6.24
CA VAL G 146 24.86 -6.28 -6.05
C VAL G 146 25.11 -4.86 -6.54
N LEU G 147 26.25 -4.60 -7.20
CA LEU G 147 26.51 -3.26 -7.72
C LEU G 147 25.58 -2.91 -8.89
N PRO G 148 25.47 -3.74 -9.94
CA PRO G 148 24.60 -3.34 -11.06
C PRO G 148 23.15 -3.14 -10.67
N ILE G 149 22.63 -3.92 -9.72
CA ILE G 149 21.24 -3.78 -9.30
C ILE G 149 21.00 -2.38 -8.75
N VAL G 150 21.84 -1.95 -7.82
CA VAL G 150 21.69 -0.62 -7.23
C VAL G 150 21.93 0.45 -8.27
N VAL G 151 22.96 0.29 -9.11
CA VAL G 151 23.31 1.34 -10.06
C VAL G 151 22.18 1.56 -11.07
N THR G 152 21.62 0.48 -11.61
CA THR G 152 20.54 0.61 -12.57
C THR G 152 19.20 0.91 -11.89
N ALA G 153 19.09 0.69 -10.58
CA ALA G 153 17.89 1.10 -9.87
C ALA G 153 17.87 2.61 -9.67
N CYS G 154 18.99 3.20 -9.32
CA CYS G 154 19.09 4.65 -9.11
C CYS G 154 19.52 5.38 -10.37
N ALA G 155 18.81 5.14 -11.47
CA ALA G 155 19.11 5.78 -12.74
C ALA G 155 18.00 6.72 -13.18
N THR G 156 16.76 6.24 -13.27
CA THR G 156 15.64 7.08 -13.66
C THR G 156 15.18 8.01 -12.54
N LEU G 157 15.68 7.83 -11.32
CA LEU G 157 15.33 8.72 -10.23
C LEU G 157 15.91 10.11 -10.48
N LYS G 158 15.11 11.14 -10.21
CA LYS G 158 15.50 12.52 -10.49
C LYS G 158 16.06 13.23 -9.27
N SER G 159 16.15 12.56 -8.12
CA SER G 159 16.64 13.20 -6.91
C SER G 159 18.14 13.50 -7.02
N ARG G 160 18.56 14.55 -6.31
CA ARG G 160 19.97 14.88 -6.26
C ARG G 160 20.76 13.78 -5.57
N ASP G 161 20.24 13.25 -4.45
CA ASP G 161 20.90 12.15 -3.75
C ASP G 161 20.96 10.89 -4.60
N ALA G 162 20.08 10.76 -5.59
CA ALA G 162 20.14 9.63 -6.51
C ALA G 162 21.22 9.78 -7.56
N ARG G 163 21.86 10.94 -7.65
CA ARG G 163 22.97 11.15 -8.57
C ARG G 163 24.32 11.17 -7.88
N GLU G 164 24.36 11.36 -6.57
CA GLU G 164 25.62 11.25 -5.84
C GLU G 164 26.05 9.79 -5.71
N VAL G 165 25.09 8.90 -5.43
CA VAL G 165 25.39 7.49 -5.24
C VAL G 165 26.14 6.95 -6.45
N ILE G 166 25.60 7.23 -7.65
CA ILE G 166 26.22 6.75 -8.88
C ILE G 166 27.69 7.16 -8.92
N GLU G 167 27.96 8.42 -8.58
CA GLU G 167 29.33 8.91 -8.59
C GLU G 167 30.21 8.00 -7.75
N MET G 168 29.81 7.75 -6.50
CA MET G 168 30.59 6.88 -5.63
C MET G 168 30.81 5.53 -6.29
N GLN G 169 29.74 4.95 -6.85
CA GLN G 169 29.86 3.64 -7.48
C GLN G 169 30.90 3.69 -8.60
N ALA G 170 30.89 4.75 -9.41
CA ALA G 170 31.88 4.87 -10.47
C ALA G 170 33.28 4.72 -9.92
N GLN G 171 33.58 5.42 -8.83
CA GLN G 171 34.89 5.31 -8.22
C GLN G 171 35.17 3.87 -7.82
N LYS G 172 34.22 3.24 -7.13
CA LYS G 172 34.43 1.88 -6.67
C LYS G 172 34.47 0.89 -7.82
N ALA G 173 34.10 1.31 -9.03
CA ALA G 173 34.31 0.46 -10.20
C ALA G 173 35.62 0.79 -10.91
N ALA G 174 36.05 2.05 -10.85
CA ALA G 174 37.22 2.46 -11.64
C ALA G 174 38.47 1.69 -11.22
N ARG G 175 38.67 1.50 -9.92
CA ARG G 175 39.81 0.75 -9.44
C ARG G 175 39.58 -0.76 -9.44
N ASN G 176 38.38 -1.22 -9.80
CA ASN G 176 38.07 -2.64 -9.80
C ASN G 176 37.67 -3.16 -11.17
N ALA G 177 37.90 -2.39 -12.23
CA ALA G 177 37.61 -2.88 -13.57
C ALA G 177 38.60 -3.94 -14.03
N LYS G 178 39.67 -4.17 -13.27
CA LYS G 178 40.68 -5.16 -13.64
C LYS G 178 40.37 -6.53 -13.05
N PHE G 179 39.85 -6.60 -11.84
CA PHE G 179 39.60 -7.86 -11.15
C PHE G 179 38.14 -8.27 -11.29
N LEU G 180 37.71 -8.53 -12.53
CA LEU G 180 36.35 -8.97 -12.81
C LEU G 180 36.38 -10.08 -13.85
N ASP G 181 35.33 -10.89 -13.82
CA ASP G 181 35.12 -11.92 -14.84
C ASP G 181 34.33 -11.31 -16.00
N ALA G 182 33.87 -12.15 -16.93
CA ALA G 182 33.13 -11.64 -18.08
C ALA G 182 31.73 -11.18 -17.68
N LYS G 183 31.01 -12.00 -16.91
CA LYS G 183 29.63 -11.69 -16.56
C LYS G 183 29.55 -10.41 -15.73
N ASP G 184 30.44 -10.27 -14.75
CA ASP G 184 30.43 -9.06 -13.93
C ASP G 184 30.74 -7.83 -14.78
N VAL G 185 31.69 -7.95 -15.71
CA VAL G 185 32.05 -6.82 -16.56
C VAL G 185 30.88 -6.39 -17.41
N THR G 186 30.21 -7.34 -18.05
CA THR G 186 29.11 -6.97 -18.93
C THR G 186 27.92 -6.43 -18.13
N ASN G 187 27.66 -7.00 -16.95
CA ASN G 187 26.58 -6.47 -16.11
C ASN G 187 26.87 -5.05 -15.67
N ILE G 188 28.11 -4.78 -15.26
CA ILE G 188 28.46 -3.43 -14.81
C ILE G 188 28.38 -2.43 -15.95
N ILE G 189 28.87 -2.81 -17.13
CA ILE G 189 28.79 -1.93 -18.29
C ILE G 189 27.33 -1.64 -18.65
N SER G 190 26.49 -2.67 -18.65
CA SER G 190 25.08 -2.46 -18.96
C SER G 190 24.42 -1.56 -17.93
N ALA G 191 24.76 -1.73 -16.64
CA ALA G 191 24.18 -0.89 -15.60
C ALA G 191 24.61 0.56 -15.76
N PHE G 192 25.88 0.80 -16.07
CA PHE G 192 26.36 2.17 -16.17
C PHE G 192 25.99 2.84 -17.49
N SER G 193 25.59 2.07 -18.50
CA SER G 193 25.21 2.67 -19.78
C SER G 193 24.00 3.58 -19.64
N LYS G 194 22.99 3.14 -18.88
CA LYS G 194 21.72 3.86 -18.84
C LYS G 194 21.77 5.14 -18.02
N THR G 195 22.72 5.24 -17.08
CA THR G 195 22.73 6.38 -16.17
C THR G 195 23.08 7.67 -16.90
N GLY G 196 24.13 7.66 -17.70
CA GLY G 196 24.55 8.82 -18.46
C GLY G 196 25.87 9.43 -18.04
N ILE G 197 26.57 8.84 -17.07
CA ILE G 197 27.88 9.37 -16.68
C ILE G 197 28.88 9.12 -17.80
N ASN G 198 29.95 9.91 -17.81
CA ASN G 198 30.99 9.85 -18.83
C ASN G 198 32.37 9.84 -18.21
N HIS G 199 32.54 9.10 -17.12
CA HIS G 199 33.85 8.93 -16.50
C HIS G 199 34.78 8.22 -17.48
N GLU G 200 35.83 8.92 -17.92
CA GLU G 200 36.67 8.40 -19.00
C GLU G 200 37.60 7.29 -18.52
N LYS G 201 38.15 7.43 -17.31
CA LYS G 201 39.08 6.41 -16.81
C LYS G 201 38.39 5.07 -16.64
N LEU G 202 37.17 5.08 -16.12
CA LEU G 202 36.42 3.83 -15.95
C LEU G 202 36.19 3.15 -17.29
N PHE G 203 35.80 3.92 -18.31
CA PHE G 203 35.53 3.34 -19.61
C PHE G 203 36.80 2.80 -20.25
N ALA G 204 37.92 3.51 -20.08
CA ALA G 204 39.18 3.01 -20.61
C ALA G 204 39.58 1.70 -19.94
N PHE G 205 39.46 1.64 -18.60
CA PHE G 205 39.81 0.41 -17.90
C PHE G 205 38.93 -0.75 -18.33
N LEU G 206 37.62 -0.52 -18.45
CA LEU G 206 36.72 -1.60 -18.83
C LEU G 206 36.94 -2.03 -20.27
N SER G 207 37.28 -1.08 -21.16
CA SER G 207 37.62 -1.45 -22.52
C SER G 207 38.87 -2.31 -22.56
N ARG G 208 39.87 -1.98 -21.77
CA ARG G 208 41.05 -2.82 -21.71
C ARG G 208 40.66 -4.21 -21.27
N ARG G 209 39.94 -4.29 -20.15
CA ARG G 209 39.59 -5.61 -19.61
C ARG G 209 38.82 -6.43 -20.63
N VAL G 210 37.90 -5.80 -21.36
CA VAL G 210 37.14 -6.52 -22.39
C VAL G 210 38.08 -7.01 -23.48
N GLN G 211 39.02 -6.17 -23.89
CA GLN G 211 39.99 -6.60 -24.91
C GLN G 211 40.82 -7.78 -24.42
N THR G 212 41.26 -7.72 -23.16
CA THR G 212 42.05 -8.83 -22.61
C THR G 212 41.24 -10.12 -22.55
N LEU G 213 39.97 -10.03 -22.12
CA LEU G 213 39.15 -11.22 -22.00
C LEU G 213 38.78 -11.80 -23.36
N ALA G 214 38.67 -10.94 -24.39
CA ALA G 214 38.26 -11.42 -25.70
C ALA G 214 39.39 -12.07 -26.47
N ARG G 215 40.63 -12.02 -25.96
CA ARG G 215 41.74 -12.65 -26.67
C ARG G 215 41.54 -14.16 -26.76
N VAL G 216 41.19 -14.79 -25.65
CA VAL G 216 40.79 -16.19 -25.62
C VAL G 216 39.30 -16.25 -25.37
N GLY G 217 38.59 -17.00 -26.21
CA GLY G 217 37.13 -17.00 -26.20
C GLY G 217 36.50 -17.21 -24.85
N GLU G 218 35.87 -16.16 -24.31
CA GLU G 218 35.23 -16.25 -23.01
C GLU G 218 33.90 -15.52 -22.96
N PHE G 219 33.30 -15.22 -24.11
CA PHE G 219 32.01 -14.53 -24.18
C PHE G 219 31.03 -15.39 -24.97
N GLU G 220 29.92 -15.75 -24.34
CA GLU G 220 28.86 -16.44 -25.05
C GLU G 220 28.18 -15.48 -26.03
N ALA G 221 27.39 -16.05 -26.93
CA ALA G 221 26.72 -15.22 -27.92
C ALA G 221 25.46 -14.59 -27.35
N ALA G 222 25.58 -14.01 -26.15
CA ALA G 222 24.53 -13.19 -25.56
C ALA G 222 25.04 -11.93 -24.91
N HIS G 223 26.32 -11.84 -24.55
CA HIS G 223 26.88 -10.66 -23.92
C HIS G 223 27.55 -9.71 -24.90
N LEU G 224 27.91 -10.19 -26.09
CA LEU G 224 28.46 -9.30 -27.10
C LEU G 224 27.44 -8.25 -27.50
N VAL G 225 26.16 -8.64 -27.64
CA VAL G 225 25.11 -7.69 -27.97
C VAL G 225 24.99 -6.65 -26.86
N ILE G 226 25.01 -7.09 -25.61
CA ILE G 226 24.86 -6.16 -24.49
C ILE G 226 26.02 -5.17 -24.46
N LEU G 227 27.25 -5.68 -24.62
CA LEU G 227 28.42 -4.81 -24.56
C LEU G 227 28.41 -3.81 -25.71
N ALA G 228 28.15 -4.27 -26.93
CA ALA G 228 28.15 -3.37 -28.08
C ALA G 228 27.05 -2.33 -27.95
N ASN G 229 25.85 -2.73 -27.53
CA ASN G 229 24.75 -1.78 -27.38
C ASN G 229 25.08 -0.75 -26.31
N ALA G 230 25.64 -1.18 -25.18
CA ALA G 230 25.95 -0.25 -24.10
C ALA G 230 27.02 0.75 -24.53
N PHE G 231 28.08 0.28 -25.20
CA PHE G 231 29.12 1.20 -25.64
C PHE G 231 28.58 2.16 -26.71
N SER G 232 27.77 1.66 -27.65
CA SER G 232 27.24 2.53 -28.69
C SER G 232 26.31 3.59 -28.13
N ARG G 233 25.42 3.21 -27.20
CA ARG G 233 24.55 4.21 -26.58
C ARG G 233 25.35 5.17 -25.71
N LEU G 234 26.43 4.69 -25.09
CA LEU G 234 27.27 5.53 -24.24
C LEU G 234 28.03 6.59 -25.02
N ARG G 235 28.06 6.50 -26.35
CA ARG G 235 28.77 7.44 -27.21
C ARG G 235 30.27 7.47 -26.88
N TYR G 236 30.89 6.31 -27.04
CA TYR G 236 32.33 6.16 -26.85
C TYR G 236 32.84 5.26 -27.96
N ARG G 237 33.87 5.73 -28.67
CA ARG G 237 34.34 5.06 -29.87
C ARG G 237 35.79 4.61 -29.70
N ASP G 238 36.06 3.38 -30.16
CA ASP G 238 37.41 2.83 -30.14
C ASP G 238 37.50 1.76 -31.22
N LYS G 239 38.49 1.88 -32.09
CA LYS G 239 38.65 0.91 -33.16
C LYS G 239 39.02 -0.46 -32.62
N PHE G 240 39.92 -0.51 -31.63
CA PHE G 240 40.42 -1.79 -31.15
C PHE G 240 39.33 -2.61 -30.45
N LEU G 241 38.54 -1.98 -29.59
CA LEU G 241 37.51 -2.70 -28.87
C LEU G 241 36.46 -3.26 -29.82
N PHE G 242 35.96 -2.43 -30.74
CA PHE G 242 34.95 -2.90 -31.67
C PHE G 242 35.51 -3.96 -32.62
N GLY G 243 36.77 -3.82 -33.02
CA GLY G 243 37.40 -4.86 -33.81
C GLY G 243 37.48 -6.19 -33.07
N ALA G 244 37.83 -6.14 -31.78
CA ALA G 244 37.90 -7.36 -30.98
C ALA G 244 36.52 -7.99 -30.83
N ILE G 245 35.50 -7.17 -30.58
CA ILE G 245 34.15 -7.70 -30.46
C ILE G 245 33.69 -8.34 -31.77
N ALA G 246 33.98 -7.67 -32.90
CA ALA G 246 33.62 -8.24 -34.19
C ALA G 246 34.34 -9.56 -34.43
N ARG G 247 35.62 -9.63 -34.09
CA ARG G 247 36.38 -10.86 -34.27
C ARG G 247 35.82 -11.99 -33.41
N ARG G 248 35.48 -11.70 -32.15
CA ARG G 248 34.93 -12.73 -31.28
C ARG G 248 33.57 -13.20 -31.77
N ALA G 249 32.72 -12.27 -32.24
CA ALA G 249 31.46 -12.68 -32.84
C ALA G 249 31.69 -13.52 -34.09
N MET G 250 32.76 -13.21 -34.82
CA MET G 250 33.09 -13.97 -36.02
C MET G 250 33.54 -15.38 -35.69
N SER G 251 34.24 -15.55 -34.57
CA SER G 251 34.73 -16.88 -34.21
C SER G 251 33.59 -17.84 -33.91
N LEU G 252 32.54 -17.37 -33.23
CA LEU G 252 31.40 -18.21 -32.90
C LEU G 252 30.48 -18.31 -34.12
N ARG G 253 30.94 -19.08 -35.10
CA ARG G 253 30.18 -19.25 -36.32
C ARG G 253 28.96 -20.15 -36.06
N GLU G 254 27.83 -19.77 -36.67
CA GLU G 254 26.61 -20.56 -36.69
C GLU G 254 25.92 -20.59 -35.32
N ARG G 255 26.58 -20.03 -34.29
CA ARG G 255 25.95 -19.93 -32.98
C ARG G 255 25.05 -18.70 -32.90
N VAL G 256 25.47 -17.59 -33.48
CA VAL G 256 24.68 -16.36 -33.46
C VAL G 256 23.55 -16.50 -34.46
N THR G 257 22.32 -16.41 -33.97
CA THR G 257 21.15 -16.39 -34.84
C THR G 257 20.89 -14.98 -35.34
N VAL G 258 19.89 -14.85 -36.22
CA VAL G 258 19.51 -13.53 -36.72
C VAL G 258 19.02 -12.65 -35.58
N ASN G 259 18.21 -13.21 -34.67
CA ASN G 259 17.70 -12.47 -33.53
C ASN G 259 18.81 -11.95 -32.64
N GLU G 260 19.99 -12.56 -32.69
CA GLU G 260 21.16 -12.08 -31.97
C GLU G 260 22.18 -11.40 -32.87
N LEU G 261 21.93 -11.35 -34.18
CA LEU G 261 22.83 -10.68 -35.11
C LEU G 261 22.40 -9.26 -35.43
N VAL G 262 21.11 -9.03 -35.68
CA VAL G 262 20.65 -7.68 -36.05
C VAL G 262 21.01 -6.63 -35.01
N PRO G 263 20.83 -6.85 -33.70
CA PRO G 263 21.21 -5.80 -32.74
C PRO G 263 22.67 -5.42 -32.80
N LEU G 264 23.57 -6.37 -33.06
CA LEU G 264 24.99 -6.03 -33.21
C LEU G 264 25.20 -5.09 -34.38
N ILE G 265 24.54 -5.37 -35.51
CA ILE G 265 24.65 -4.49 -36.68
C ILE G 265 24.11 -3.10 -36.36
N VAL G 266 22.98 -3.04 -35.64
CA VAL G 266 22.40 -1.75 -35.29
C VAL G 266 23.36 -0.96 -34.41
N ALA G 267 23.95 -1.62 -33.40
CA ALA G 267 24.86 -0.94 -32.49
C ALA G 267 26.10 -0.45 -33.23
N PHE G 268 26.65 -1.28 -34.12
CA PHE G 268 27.83 -0.87 -34.87
C PHE G 268 27.52 0.29 -35.81
N SER G 269 26.33 0.28 -36.42
CA SER G 269 25.96 1.36 -37.33
C SER G 269 25.68 2.65 -36.59
N LYS G 270 25.20 2.58 -35.35
CA LYS G 270 24.93 3.79 -34.57
C LYS G 270 26.20 4.59 -34.31
N ILE G 271 27.37 3.97 -34.47
CA ILE G 271 28.66 4.63 -34.30
C ILE G 271 29.33 4.64 -35.67
N GLY G 272 28.54 4.83 -36.71
CA GLY G 272 28.94 4.65 -38.09
C GLY G 272 30.20 5.36 -38.55
N LEU G 273 30.77 6.23 -37.72
CA LEU G 273 32.03 6.87 -38.06
C LEU G 273 33.15 5.83 -37.96
N LYS G 274 33.22 4.94 -38.95
CA LYS G 274 34.16 3.83 -38.94
C LYS G 274 34.84 3.69 -40.29
N ASP G 275 35.53 2.59 -40.51
CA ASP G 275 36.24 2.30 -41.74
C ASP G 275 35.65 1.08 -42.43
N PRO G 276 35.85 0.94 -43.74
CA PRO G 276 35.35 -0.26 -44.45
C PRO G 276 36.09 -1.53 -44.05
N LYS G 277 35.77 -2.63 -44.75
CA LYS G 277 36.32 -3.97 -44.54
C LYS G 277 35.71 -4.62 -43.30
N LEU G 278 34.95 -3.85 -42.52
CA LEU G 278 34.19 -4.39 -41.41
C LEU G 278 32.74 -4.64 -41.78
N SER G 279 32.07 -3.65 -42.36
CA SER G 279 30.75 -3.87 -42.92
C SER G 279 30.79 -4.77 -44.14
N LYS G 280 31.94 -4.86 -44.81
CA LYS G 280 32.11 -5.80 -45.92
C LYS G 280 31.84 -7.23 -45.47
N ARG G 281 32.44 -7.62 -44.34
CA ARG G 281 32.24 -8.98 -43.84
C ARG G 281 30.84 -9.17 -43.29
N PHE G 282 30.29 -8.13 -42.65
CA PHE G 282 28.92 -8.22 -42.14
C PHE G 282 27.92 -8.38 -43.28
N ALA G 283 28.24 -7.87 -44.47
CA ALA G 283 27.38 -8.10 -45.62
C ALA G 283 27.33 -9.57 -45.99
N THR G 284 28.47 -10.26 -45.88
CA THR G 284 28.51 -11.68 -46.21
C THR G 284 27.62 -12.50 -45.27
N LYS G 285 27.67 -12.21 -43.98
CA LYS G 285 26.86 -12.96 -43.01
C LYS G 285 25.38 -12.68 -43.21
N ALA G 286 25.03 -11.44 -43.57
CA ALA G 286 23.62 -11.08 -43.74
C ALA G 286 22.97 -11.82 -44.90
N MET G 287 23.77 -12.45 -45.76
CA MET G 287 23.21 -13.15 -46.92
C MET G 287 22.28 -14.28 -46.50
N GLU G 288 22.70 -15.09 -45.53
CA GLU G 288 21.98 -16.30 -45.17
C GLU G 288 21.00 -16.13 -44.01
N TYR G 289 20.92 -14.93 -43.44
CA TYR G 289 20.01 -14.67 -42.32
C TYR G 289 18.80 -13.86 -42.74
N VAL G 290 18.55 -13.71 -44.04
CA VAL G 290 17.42 -12.92 -44.53
C VAL G 290 16.12 -13.70 -44.51
N ASP G 291 16.19 -15.04 -44.56
CA ASP G 291 14.99 -15.85 -44.75
C ASP G 291 14.06 -15.80 -43.54
N GLN G 292 14.59 -16.02 -42.33
CA GLN G 292 13.78 -16.26 -41.15
C GLN G 292 13.67 -15.03 -40.25
N MET G 293 13.62 -13.83 -40.83
CA MET G 293 13.52 -12.61 -40.06
C MET G 293 12.32 -11.79 -40.53
N ASN G 294 11.67 -11.11 -39.58
CA ASN G 294 10.44 -10.40 -39.87
C ASN G 294 10.73 -8.94 -40.25
N ALA G 295 9.66 -8.19 -40.48
CA ALA G 295 9.80 -6.85 -41.07
C ALA G 295 10.54 -5.89 -40.15
N GLU G 296 10.47 -6.09 -38.83
CA GLU G 296 11.10 -5.17 -37.91
C GLU G 296 12.61 -5.15 -38.10
N GLN G 297 13.25 -6.32 -38.04
CA GLN G 297 14.68 -6.36 -38.27
C GLN G 297 15.02 -6.02 -39.72
N VAL G 298 14.13 -6.32 -40.65
CA VAL G 298 14.31 -5.90 -42.04
C VAL G 298 14.55 -4.40 -42.10
N ALA G 299 13.59 -3.62 -41.61
CA ALA G 299 13.69 -2.17 -41.66
C ALA G 299 14.88 -1.67 -40.84
N SER G 300 15.11 -2.26 -39.66
CA SER G 300 16.18 -1.77 -38.80
C SER G 300 17.54 -1.98 -39.44
N MET G 301 17.84 -3.20 -39.90
CA MET G 301 19.11 -3.46 -40.55
C MET G 301 19.22 -2.72 -41.87
N PHE G 302 18.10 -2.43 -42.54
CA PHE G 302 18.17 -1.67 -43.77
C PHE G 302 18.61 -0.24 -43.48
N MET G 303 18.05 0.38 -42.43
CA MET G 303 18.51 1.69 -42.01
C MET G 303 19.96 1.65 -41.56
N ALA G 304 20.36 0.58 -40.87
CA ALA G 304 21.75 0.46 -40.42
C ALA G 304 22.71 0.41 -41.60
N PHE G 305 22.41 -0.43 -42.59
CA PHE G 305 23.25 -0.52 -43.79
C PHE G 305 23.26 0.78 -44.56
N ALA G 306 22.13 1.50 -44.59
CA ALA G 306 22.12 2.81 -45.22
C ALA G 306 23.06 3.77 -44.50
N TYR G 307 23.06 3.73 -43.16
CA TYR G 307 23.94 4.60 -42.40
C TYR G 307 25.40 4.19 -42.48
N PHE G 308 25.68 2.93 -42.84
CA PHE G 308 27.06 2.53 -43.06
C PHE G 308 27.70 3.28 -44.22
N GLY G 309 26.92 3.59 -45.26
CA GLY G 309 27.42 4.38 -46.36
C GLY G 309 28.14 3.60 -47.45
N ILE G 310 27.88 2.30 -47.57
CA ILE G 310 28.48 1.46 -48.59
C ILE G 310 27.37 0.85 -49.44
N ARG G 311 27.52 0.95 -50.75
CA ARG G 311 26.51 0.45 -51.69
C ARG G 311 26.64 -1.06 -51.81
N TYR G 312 25.66 -1.79 -51.29
CA TYR G 312 25.60 -3.25 -51.36
C TYR G 312 24.49 -3.61 -52.33
N ASP G 313 24.83 -3.70 -53.62
CA ASP G 313 23.82 -3.94 -54.64
C ASP G 313 23.13 -5.28 -54.44
N GLN G 314 23.90 -6.33 -54.18
CA GLN G 314 23.30 -7.66 -54.03
C GLN G 314 22.49 -7.76 -52.74
N LEU G 315 23.00 -7.17 -51.65
CA LEU G 315 22.28 -7.22 -50.38
C LEU G 315 20.99 -6.41 -50.46
N PHE G 316 21.06 -5.22 -51.04
CA PHE G 316 19.86 -4.42 -51.21
C PHE G 316 18.86 -5.13 -52.13
N GLY G 317 19.35 -5.77 -53.18
CA GLY G 317 18.46 -6.49 -54.07
C GLY G 317 17.75 -7.64 -53.40
N VAL G 318 18.49 -8.44 -52.62
CA VAL G 318 17.86 -9.57 -51.95
C VAL G 318 16.91 -9.08 -50.85
N LEU G 319 17.25 -7.97 -50.19
CA LEU G 319 16.34 -7.40 -49.19
C LEU G 319 15.05 -6.94 -49.85
N THR G 320 15.14 -6.29 -51.01
CA THR G 320 13.94 -5.88 -51.73
C THR G 320 13.12 -7.10 -52.16
N ASN G 321 13.81 -8.15 -52.63
CA ASN G 321 13.11 -9.34 -53.08
C ASN G 321 12.35 -10.02 -51.94
N ARG G 322 12.97 -10.11 -50.76
CA ARG G 322 12.35 -10.80 -49.64
C ARG G 322 11.37 -9.91 -48.88
N ALA G 323 11.46 -8.59 -49.02
CA ALA G 323 10.64 -7.69 -48.21
C ALA G 323 9.19 -7.65 -48.67
N VAL G 324 8.91 -7.97 -49.94
CA VAL G 324 7.55 -7.79 -50.46
C VAL G 324 6.59 -8.84 -49.91
N GLU G 325 7.09 -10.00 -49.47
CA GLU G 325 6.19 -11.03 -48.93
C GLU G 325 5.53 -10.56 -47.64
N LEU G 326 6.29 -9.89 -46.77
CA LEU G 326 5.78 -9.42 -45.48
C LEU G 326 5.33 -7.96 -45.54
N ILE G 327 4.83 -7.51 -46.68
CA ILE G 327 4.29 -6.16 -46.77
C ILE G 327 3.06 -6.01 -45.89
N ASP G 328 2.33 -7.11 -45.66
CA ASP G 328 1.16 -7.05 -44.80
C ASP G 328 1.53 -6.75 -43.35
N GLU G 329 2.67 -7.26 -42.88
CA GLU G 329 3.10 -7.04 -41.51
C GLU G 329 3.49 -5.58 -41.24
N PHE G 330 3.66 -4.76 -42.28
CA PHE G 330 4.01 -3.37 -42.09
C PHE G 330 2.93 -2.65 -41.29
N ASN G 331 3.31 -2.17 -40.11
CA ASN G 331 2.38 -1.46 -39.24
C ASN G 331 2.35 0.03 -39.52
N ALA G 332 3.07 0.49 -40.54
CA ALA G 332 3.17 1.88 -40.98
C ALA G 332 3.87 2.77 -39.96
N GLN G 333 4.38 2.22 -38.86
CA GLN G 333 5.13 3.02 -37.89
C GLN G 333 6.60 3.14 -38.27
N TYR G 334 7.19 2.04 -38.73
CA TYR G 334 8.58 2.04 -39.16
C TYR G 334 8.74 2.15 -40.67
N ILE G 335 7.65 2.44 -41.40
CA ILE G 335 7.77 2.72 -42.82
C ILE G 335 8.58 3.98 -43.05
N SER G 336 8.55 4.90 -42.08
CA SER G 336 9.29 6.15 -42.23
C SER G 336 10.79 5.91 -42.32
N THR G 337 11.31 5.01 -41.48
CA THR G 337 12.75 4.76 -41.48
C THR G 337 13.22 4.12 -42.78
N THR G 338 12.49 3.11 -43.26
CA THR G 338 12.88 2.44 -44.49
C THR G 338 12.68 3.35 -45.71
N LEU G 339 11.74 4.30 -45.64
CA LEU G 339 11.62 5.27 -46.72
C LEU G 339 12.74 6.30 -46.67
N ASN G 340 13.10 6.76 -45.48
CA ASN G 340 14.11 7.81 -45.35
C ASN G 340 15.52 7.29 -45.63
N ALA G 341 15.76 6.00 -45.40
CA ALA G 341 17.09 5.45 -45.65
C ALA G 341 17.43 5.51 -47.13
N PHE G 342 16.44 5.30 -48.01
CA PHE G 342 16.69 5.44 -49.44
C PHE G 342 17.17 6.85 -49.78
N GLN G 343 16.49 7.86 -49.23
CA GLN G 343 16.95 9.24 -49.43
C GLN G 343 18.36 9.42 -48.86
N ARG G 344 18.66 8.73 -47.77
CA ARG G 344 20.00 8.82 -47.19
C ARG G 344 21.05 8.28 -48.15
N ILE G 345 20.79 7.16 -48.80
CA ILE G 345 21.77 6.57 -49.72
C ILE G 345 21.58 7.08 -51.14
N GLY G 346 20.34 7.04 -51.66
CA GLY G 346 20.07 7.48 -53.01
C GLY G 346 19.51 6.41 -53.94
N ILE G 347 19.27 5.19 -53.47
CA ILE G 347 18.70 4.16 -54.34
C ILE G 347 17.25 4.52 -54.65
N ASN G 348 16.89 4.43 -55.94
CA ASN G 348 15.57 4.87 -56.37
C ASN G 348 14.78 3.75 -57.03
N ASN G 349 14.76 2.58 -56.41
CA ASN G 349 13.95 1.47 -56.93
C ASN G 349 12.48 1.82 -56.77
N PRO G 350 11.69 1.87 -57.84
CA PRO G 350 10.32 2.38 -57.74
C PRO G 350 9.29 1.32 -57.37
N GLU G 351 9.63 0.05 -57.57
CA GLU G 351 8.66 -1.02 -57.32
C GLU G 351 8.28 -1.08 -55.85
N LEU G 352 9.26 -1.17 -54.97
CA LEU G 352 8.96 -1.21 -53.54
C LEU G 352 8.45 0.13 -53.04
N PHE G 353 8.83 1.22 -53.72
CA PHE G 353 8.28 2.53 -53.36
C PHE G 353 6.77 2.57 -53.58
N ASP G 354 6.31 2.09 -54.75
CA ASP G 354 4.88 2.00 -54.99
C ASP G 354 4.23 1.00 -54.04
N ASN G 355 4.91 -0.10 -53.74
CA ASN G 355 4.37 -1.07 -52.79
C ASN G 355 4.16 -0.45 -51.42
N LEU G 356 5.13 0.36 -50.96
CA LEU G 356 5.00 1.04 -49.68
C LEU G 356 3.89 2.08 -49.71
N ALA G 357 3.83 2.87 -50.79
CA ALA G 357 2.81 3.91 -50.88
C ALA G 357 1.40 3.33 -50.94
N GLU G 358 1.25 2.12 -51.50
CA GLU G 358 -0.06 1.50 -51.56
C GLU G 358 -0.56 1.10 -50.18
N ARG G 359 0.36 0.81 -49.25
CA ARG G 359 -0.01 0.47 -47.88
C ARG G 359 0.11 1.70 -46.99
N ALA G 360 -0.69 2.71 -47.29
CA ALA G 360 -0.62 3.95 -46.52
C ALA G 360 -1.98 4.32 -45.94
N LEU G 361 -2.98 4.45 -46.81
CA LEU G 361 -4.32 4.79 -46.34
C LEU G 361 -4.81 3.75 -45.35
N ALA G 362 -4.36 2.51 -45.52
CA ALA G 362 -4.77 1.45 -44.60
C ALA G 362 -4.36 1.79 -43.18
N VAL G 363 -3.14 2.31 -43.02
CA VAL G 363 -2.65 2.66 -41.69
C VAL G 363 -2.12 4.08 -41.65
N VAL G 364 -2.94 5.02 -41.17
CA VAL G 364 -2.50 6.40 -41.05
C VAL G 364 -2.61 6.89 -39.62
N GLN G 365 -3.57 6.35 -38.87
CA GLN G 365 -3.75 6.76 -37.48
C GLN G 365 -2.47 6.51 -36.71
N ASP G 366 -1.82 5.39 -36.96
CA ASP G 366 -0.58 5.08 -36.27
C ASP G 366 0.46 6.15 -36.55
N HIS G 367 0.40 6.74 -37.73
CA HIS G 367 1.39 7.74 -38.10
C HIS G 367 1.49 8.84 -37.06
N ASP G 368 2.71 9.18 -36.66
CA ASP G 368 2.90 10.26 -35.70
C ASP G 368 3.48 11.47 -36.41
N ALA G 369 3.72 12.54 -35.67
CA ALA G 369 4.22 13.76 -36.28
C ALA G 369 5.56 13.53 -36.96
N ARG G 370 6.49 12.87 -36.27
CA ARG G 370 7.79 12.56 -36.85
C ARG G 370 7.64 11.64 -38.05
N ASP G 371 6.75 10.64 -37.93
CA ASP G 371 6.57 9.69 -39.02
C ASP G 371 6.07 10.41 -40.28
N ILE G 372 5.06 11.27 -40.12
CA ILE G 372 4.51 11.98 -41.28
C ILE G 372 5.55 12.93 -41.87
N SER G 373 6.26 13.67 -41.01
CA SER G 373 7.26 14.61 -41.51
C SER G 373 8.35 13.88 -42.29
N LYS G 374 8.89 12.80 -41.72
CA LYS G 374 9.94 12.05 -42.40
C LYS G 374 9.43 11.41 -43.68
N THR G 375 8.21 10.88 -43.67
CA THR G 375 7.66 10.25 -44.86
C THR G 375 7.50 11.26 -46.00
N VAL G 376 6.96 12.45 -45.69
CA VAL G 376 6.79 13.45 -46.74
C VAL G 376 8.15 13.97 -47.22
N THR G 377 9.10 14.14 -46.29
CA THR G 377 10.44 14.57 -46.70
C THR G 377 11.10 13.56 -47.61
N ALA G 378 10.97 12.27 -47.31
CA ALA G 378 11.53 11.24 -48.17
C ALA G 378 10.82 11.20 -49.52
N LEU G 379 9.49 11.36 -49.51
CA LEU G 379 8.74 11.33 -50.76
C LEU G 379 8.93 12.58 -51.59
N ALA G 380 9.53 13.64 -51.02
CA ALA G 380 9.89 14.80 -51.83
C ALA G 380 10.78 14.39 -52.99
N HIS G 381 11.87 13.68 -52.70
CA HIS G 381 12.60 12.98 -53.75
C HIS G 381 11.74 11.85 -54.29
N PHE G 382 11.81 11.63 -55.60
CA PHE G 382 10.93 10.69 -56.29
C PHE G 382 9.47 11.10 -56.04
N GLY G 383 9.13 12.24 -56.65
CA GLY G 383 7.84 12.84 -56.35
C GLY G 383 6.70 12.23 -57.13
N LEU G 384 5.94 11.34 -56.47
CA LEU G 384 4.75 10.79 -57.10
C LEU G 384 3.59 11.80 -57.07
N LYS G 385 3.51 12.61 -56.02
CA LYS G 385 2.50 13.65 -55.89
C LYS G 385 1.08 13.07 -56.02
N ASP G 386 0.88 11.88 -55.46
CA ASP G 386 -0.42 11.21 -55.56
C ASP G 386 -1.38 11.86 -54.57
N GLU G 387 -2.38 12.57 -55.10
CA GLU G 387 -3.23 13.42 -54.27
C GLU G 387 -4.07 12.62 -53.28
N GLU G 388 -4.38 11.35 -53.60
CA GLU G 388 -5.29 10.57 -52.76
C GLU G 388 -4.68 10.32 -51.38
N LEU G 389 -3.43 9.87 -51.35
CA LEU G 389 -2.72 9.77 -50.08
C LEU G 389 -2.44 11.13 -49.47
N PHE G 390 -2.17 12.14 -50.31
CA PHE G 390 -1.65 13.40 -49.79
C PHE G 390 -2.72 14.19 -49.05
N LYS G 391 -3.97 14.13 -49.52
CA LYS G 391 -5.06 14.80 -48.82
C LYS G 391 -5.27 14.20 -47.43
N ARG G 392 -5.34 12.87 -47.35
CA ARG G 392 -5.55 12.23 -46.06
C ARG G 392 -4.37 12.47 -45.13
N LEU G 393 -3.15 12.41 -45.66
CA LEU G 393 -1.97 12.69 -44.84
C LEU G 393 -1.97 14.12 -44.34
N ALA G 394 -2.36 15.07 -45.20
CA ALA G 394 -2.43 16.47 -44.78
C ALA G 394 -3.44 16.65 -43.67
N SER G 395 -4.63 16.06 -43.81
CA SER G 395 -5.65 16.20 -42.77
C SER G 395 -5.18 15.56 -41.47
N HIS G 396 -4.59 14.38 -41.55
CA HIS G 396 -4.13 13.68 -40.35
C HIS G 396 -3.03 14.47 -39.64
N ALA G 397 -2.10 15.04 -40.40
CA ALA G 397 -1.05 15.85 -39.80
C ALA G 397 -1.60 17.15 -39.25
N ALA G 398 -2.66 17.70 -39.87
CA ALA G 398 -3.30 18.89 -39.32
C ALA G 398 -3.91 18.60 -37.96
N SER G 399 -4.52 17.43 -37.81
CA SER G 399 -5.05 17.03 -36.50
C SER G 399 -3.92 16.92 -35.48
N ILE G 400 -2.78 16.36 -35.89
CA ILE G 400 -1.65 16.08 -35.01
C ILE G 400 -0.81 17.34 -34.83
N ALA G 401 -1.05 18.34 -35.69
CA ALA G 401 -0.16 19.51 -35.79
C ALA G 401 0.07 20.22 -34.46
N ASP G 402 -0.71 19.91 -33.43
CA ASP G 402 -0.51 20.53 -32.13
C ASP G 402 0.85 20.19 -31.54
N GLN G 403 1.26 18.93 -31.66
CA GLN G 403 2.53 18.47 -31.11
C GLN G 403 3.51 18.29 -32.25
N PHE G 404 4.60 19.05 -32.26
CA PHE G 404 5.49 18.92 -33.41
C PHE G 404 6.85 19.45 -32.95
N ASP G 405 7.78 19.59 -33.88
CA ASP G 405 9.10 20.11 -33.56
C ASP G 405 9.51 21.21 -34.51
N ALA G 406 10.27 22.18 -34.02
CA ALA G 406 10.70 23.29 -34.85
C ALA G 406 11.29 22.82 -36.18
N MET G 407 12.43 22.15 -36.13
CA MET G 407 13.07 21.69 -37.35
C MET G 407 12.10 20.88 -38.19
N GLY G 408 11.36 19.97 -37.56
CA GLY G 408 10.32 19.23 -38.26
C GLY G 408 9.26 20.14 -38.84
N LEU G 409 8.89 21.20 -38.10
CA LEU G 409 7.94 22.17 -38.63
C LEU G 409 8.41 22.72 -39.96
N VAL G 410 9.67 23.16 -40.01
CA VAL G 410 10.13 23.80 -41.23
C VAL G 410 10.32 22.79 -42.36
N ASN G 411 10.77 21.55 -42.06
CA ASN G 411 10.80 20.57 -43.15
C ASN G 411 9.40 20.28 -43.68
N THR G 412 8.40 20.16 -42.80
CA THR G 412 7.05 19.88 -43.27
C THR G 412 6.53 20.99 -44.15
N ALA G 413 6.75 22.25 -43.72
CA ALA G 413 6.31 23.38 -44.53
C ALA G 413 7.04 23.42 -45.87
N HIS G 414 8.36 23.17 -45.86
CA HIS G 414 9.14 23.18 -47.10
C HIS G 414 8.67 22.09 -48.06
N ALA G 415 8.40 20.89 -47.54
CA ALA G 415 7.93 19.80 -48.39
C ALA G 415 6.55 20.08 -48.95
N PHE G 416 5.65 20.65 -48.14
CA PHE G 416 4.34 21.00 -48.63
C PHE G 416 4.42 22.06 -49.72
N ALA G 417 5.31 23.04 -49.56
CA ALA G 417 5.50 24.03 -50.61
C ALA G 417 6.12 23.40 -51.86
N ARG G 418 7.02 22.44 -51.67
CA ARG G 418 7.63 21.75 -52.81
C ARG G 418 6.60 20.97 -53.62
N THR G 419 5.69 20.26 -52.93
CA THR G 419 4.72 19.42 -53.63
C THR G 419 3.63 20.23 -54.30
N ASN G 420 3.55 21.54 -54.04
CA ASN G 420 2.59 22.44 -54.68
C ASN G 420 1.14 22.04 -54.41
N PHE G 421 0.88 21.39 -53.29
CA PHE G 421 -0.48 21.04 -52.87
C PHE G 421 -0.80 21.83 -51.61
N LEU G 422 -1.53 22.93 -51.78
CA LEU G 422 -1.82 23.85 -50.69
C LEU G 422 -3.33 23.89 -50.44
N GLN G 423 -3.73 23.50 -49.24
CA GLN G 423 -5.10 23.61 -48.77
C GLN G 423 -5.14 24.49 -47.54
N GLN G 424 -6.29 25.13 -47.31
CA GLN G 424 -6.37 26.20 -46.32
C GLN G 424 -6.09 25.71 -44.91
N ASP G 425 -6.59 24.53 -44.55
CA ASP G 425 -6.57 24.10 -43.16
C ASP G 425 -5.15 23.97 -42.62
N MET G 426 -4.35 23.08 -43.22
CA MET G 426 -2.97 22.92 -42.79
C MET G 426 -2.17 24.19 -42.99
N ALA G 427 -2.43 24.92 -44.06
CA ALA G 427 -1.68 26.15 -44.31
C ALA G 427 -1.83 27.09 -43.11
N VAL G 428 -3.07 27.37 -42.73
CA VAL G 428 -3.32 28.30 -41.62
C VAL G 428 -2.84 27.70 -40.31
N ALA G 429 -2.99 26.39 -40.12
CA ALA G 429 -2.58 25.77 -38.86
C ALA G 429 -1.07 25.88 -38.68
N LEU G 430 -0.30 25.50 -39.70
CA LEU G 430 1.16 25.59 -39.61
C LEU G 430 1.63 27.02 -39.50
N SER G 431 0.98 27.96 -40.19
CA SER G 431 1.35 29.36 -40.03
C SER G 431 1.12 29.82 -38.59
N GLU G 432 0.02 29.38 -37.96
CA GLU G 432 -0.22 29.71 -36.57
C GLU G 432 0.85 29.13 -35.65
N ARG G 433 1.19 27.85 -35.86
CA ARG G 433 2.13 27.20 -34.95
C ARG G 433 3.58 27.59 -35.20
N SER G 434 3.90 28.22 -36.32
CA SER G 434 5.30 28.56 -36.61
C SER G 434 5.86 29.54 -35.59
N VAL G 435 5.06 30.53 -35.17
CA VAL G 435 5.57 31.65 -34.39
C VAL G 435 6.24 31.18 -33.12
N TYR G 436 5.69 30.13 -32.49
CA TYR G 436 6.24 29.64 -31.24
C TYR G 436 7.64 29.06 -31.40
N VAL G 437 8.05 28.73 -32.62
CA VAL G 437 9.35 28.09 -32.84
C VAL G 437 10.29 28.93 -33.70
N CYS G 438 9.81 30.01 -34.34
CA CYS G 438 10.70 30.82 -35.17
C CYS G 438 11.88 31.37 -34.37
N ARG G 439 11.76 31.45 -33.05
CA ARG G 439 12.80 32.07 -32.23
C ARG G 439 14.15 31.36 -32.34
N LEU G 440 14.14 30.02 -32.43
CA LEU G 440 15.36 29.24 -32.29
C LEU G 440 15.87 28.63 -33.59
N LEU G 441 15.21 28.87 -34.71
CA LEU G 441 15.68 28.30 -35.97
C LEU G 441 16.98 28.98 -36.41
N ASP G 442 17.85 28.20 -37.06
CA ASP G 442 19.08 28.76 -37.60
C ASP G 442 18.82 29.38 -38.98
N ALA G 443 19.88 29.96 -39.55
CA ALA G 443 19.80 30.79 -40.75
C ALA G 443 19.04 30.16 -41.91
N GLY G 444 19.55 29.03 -42.42
CA GLY G 444 18.90 28.38 -43.53
C GLY G 444 17.50 27.91 -43.19
N GLU G 445 17.32 27.44 -41.96
CA GLU G 445 16.00 26.96 -41.53
C GLU G 445 15.01 28.12 -41.47
N THR G 446 15.45 29.27 -40.96
CA THR G 446 14.61 30.47 -40.97
C THR G 446 14.26 30.88 -42.39
N ARG G 447 15.24 30.83 -43.31
CA ARG G 447 14.97 31.17 -44.70
C ARG G 447 13.92 30.23 -45.30
N ARG G 448 14.05 28.93 -45.04
CA ARG G 448 13.10 27.97 -45.57
C ARG G 448 11.70 28.21 -45.01
N LEU G 449 11.60 28.50 -43.71
CA LEU G 449 10.28 28.79 -43.14
C LEU G 449 9.68 30.06 -43.72
N LEU G 450 10.51 31.10 -43.92
CA LEU G 450 10.00 32.34 -44.47
C LEU G 450 9.49 32.12 -45.90
N TRP G 451 10.23 31.35 -46.70
CA TRP G 451 9.75 31.03 -48.04
C TRP G 451 8.50 30.16 -47.99
N ALA G 452 8.38 29.30 -46.99
CA ALA G 452 7.16 28.51 -46.85
C ALA G 452 5.96 29.39 -46.60
N LEU G 453 6.10 30.39 -45.72
CA LEU G 453 5.02 31.36 -45.53
C LEU G 453 4.77 32.15 -46.80
N ALA G 454 5.83 32.48 -47.54
CA ALA G 454 5.67 33.21 -48.79
C ALA G 454 4.84 32.42 -49.79
N LYS G 455 5.12 31.12 -49.91
CA LYS G 455 4.31 30.26 -50.77
C LYS G 455 2.90 30.10 -50.21
N PHE G 456 2.75 30.19 -48.89
CA PHE G 456 1.45 30.06 -48.25
C PHE G 456 0.55 31.28 -48.45
N GLN G 457 1.10 32.38 -48.98
CA GLN G 457 0.37 33.63 -49.14
C GLN G 457 -0.19 34.12 -47.79
N VAL G 458 0.72 34.39 -46.87
CA VAL G 458 0.38 34.84 -45.53
C VAL G 458 0.81 36.28 -45.38
N ARG G 459 -0.13 37.15 -45.03
CA ARG G 459 0.12 38.58 -44.90
C ARG G 459 -0.15 39.09 -43.49
N ASP G 460 -0.46 38.21 -42.55
CA ASP G 460 -0.78 38.64 -41.19
C ASP G 460 0.43 39.25 -40.53
N PRO G 461 0.36 40.51 -40.07
CA PRO G 461 1.56 41.15 -39.48
C PRO G 461 2.10 40.41 -38.27
N LYS G 462 1.22 39.82 -37.45
CA LYS G 462 1.67 39.11 -36.25
C LYS G 462 2.52 37.90 -36.59
N ILE G 463 2.40 37.37 -37.81
CA ILE G 463 3.20 36.23 -38.22
C ILE G 463 4.52 36.67 -38.83
N LEU G 464 4.49 37.67 -39.72
CA LEU G 464 5.69 38.09 -40.44
C LEU G 464 6.62 38.94 -39.60
N THR G 465 6.10 39.66 -38.59
CA THR G 465 6.96 40.53 -37.79
C THR G 465 8.05 39.78 -37.04
N PRO G 466 7.76 38.70 -36.28
CA PRO G 466 8.86 38.05 -35.55
C PRO G 466 9.90 37.41 -36.44
N VAL G 467 9.50 36.80 -37.56
CA VAL G 467 10.48 36.18 -38.44
C VAL G 467 11.35 37.23 -39.11
N PHE G 468 10.74 38.38 -39.46
CA PHE G 468 11.53 39.46 -40.04
C PHE G 468 12.51 40.03 -39.02
N ASN G 469 12.07 40.16 -37.77
CA ASN G 469 12.99 40.59 -36.72
C ASN G 469 14.15 39.61 -36.57
N ARG G 470 13.84 38.31 -36.56
CA ARG G 470 14.89 37.31 -36.39
C ARG G 470 15.88 37.34 -37.55
N CYS G 471 15.39 37.46 -38.79
CA CYS G 471 16.30 37.50 -39.93
C CYS G 471 17.09 38.79 -39.96
N LEU G 472 16.49 39.90 -39.51
CA LEU G 472 17.25 41.15 -39.38
C LEU G 472 18.38 41.01 -38.39
N ALA G 473 18.12 40.37 -37.25
CA ALA G 473 19.14 40.16 -36.23
C ALA G 473 20.22 39.17 -36.68
N LEU G 474 19.98 38.43 -37.76
CA LEU G 474 20.91 37.42 -38.26
C LEU G 474 21.05 37.57 -39.77
N HIS G 475 21.24 38.82 -40.21
CA HIS G 475 21.35 39.10 -41.64
C HIS G 475 22.64 38.52 -42.22
N TYR G 476 23.73 38.54 -41.45
CA TYR G 476 25.04 38.15 -41.98
C TYR G 476 25.04 36.69 -42.42
N ASP G 477 24.50 35.80 -41.59
CA ASP G 477 24.42 34.39 -41.96
C ASP G 477 23.29 34.14 -42.96
N PHE G 478 22.23 34.94 -42.93
CA PHE G 478 21.14 34.79 -43.87
C PHE G 478 21.61 35.06 -45.30
N PHE G 479 22.44 36.07 -45.48
CA PHE G 479 22.88 36.48 -46.82
C PHE G 479 24.18 35.81 -47.25
N ALA G 480 24.75 34.92 -46.42
CA ALA G 480 26.02 34.27 -46.72
C ALA G 480 25.87 32.87 -47.28
N ASP G 481 24.65 32.42 -47.55
CA ASP G 481 24.44 31.06 -48.04
C ASP G 481 24.34 31.08 -49.56
N PRO G 482 25.31 30.53 -50.29
CA PRO G 482 25.21 30.53 -51.76
C PRO G 482 24.21 29.54 -52.30
N THR G 483 24.19 28.31 -51.76
CA THR G 483 23.30 27.28 -52.30
C THR G 483 21.84 27.68 -52.14
N GLY G 484 21.50 28.33 -51.04
CA GLY G 484 20.17 28.83 -50.85
C GLY G 484 19.87 30.17 -51.50
N SER G 485 20.85 30.74 -52.23
CA SER G 485 20.74 32.09 -52.76
C SER G 485 19.45 32.28 -53.56
N GLU G 486 19.21 31.39 -54.54
CA GLU G 486 17.99 31.49 -55.34
C GLU G 486 16.77 31.63 -54.46
N GLU G 487 16.72 30.86 -53.37
CA GLU G 487 15.59 30.91 -52.46
C GLU G 487 15.34 32.33 -51.98
N ILE G 488 16.36 33.00 -51.44
CA ILE G 488 16.18 34.39 -51.01
C ILE G 488 15.68 35.23 -52.17
N GLU G 489 16.27 35.02 -53.36
CA GLU G 489 15.76 35.70 -54.53
C GLU G 489 14.25 35.64 -54.56
N GLU G 490 13.71 34.42 -54.64
CA GLU G 490 12.26 34.23 -54.70
C GLU G 490 11.57 35.14 -53.71
N ILE G 491 11.96 35.06 -52.43
CA ILE G 491 11.12 35.64 -51.39
C ILE G 491 10.88 37.11 -51.67
N PHE G 492 11.94 37.88 -51.96
CA PHE G 492 11.69 39.32 -52.02
C PHE G 492 10.86 39.66 -53.25
N ASP G 493 11.16 39.04 -54.39
CA ASP G 493 10.43 39.42 -55.59
C ASP G 493 9.00 38.91 -55.51
N PHE G 494 8.70 38.06 -54.53
CA PHE G 494 7.31 37.71 -54.30
C PHE G 494 6.63 38.75 -53.42
N TYR G 495 7.31 39.17 -52.34
CA TYR G 495 6.69 40.09 -51.39
C TYR G 495 6.82 41.55 -51.84
N GLY G 496 8.05 42.04 -51.96
CA GLY G 496 8.28 43.41 -52.33
C GLY G 496 9.19 44.13 -51.35
N PRO G 497 9.38 45.44 -51.56
CA PRO G 497 10.31 46.21 -50.73
C PRO G 497 9.69 46.90 -49.51
N ASN G 498 8.37 46.84 -49.35
CA ASN G 498 7.71 47.71 -48.38
C ASN G 498 7.90 47.25 -46.94
N PHE G 499 7.97 45.93 -46.71
CA PHE G 499 7.84 45.40 -45.36
C PHE G 499 9.00 45.83 -44.47
N CYS G 500 10.22 45.42 -44.80
CA CYS G 500 11.39 45.71 -43.97
C CYS G 500 12.38 46.56 -44.76
N PRO G 501 12.32 47.87 -44.62
CA PRO G 501 13.31 48.74 -45.28
C PRO G 501 14.73 48.41 -44.89
N PRO G 502 15.02 48.09 -43.62
CA PRO G 502 16.40 47.65 -43.31
C PRO G 502 16.85 46.47 -44.14
N LEU G 503 15.97 45.49 -44.36
CA LEU G 503 16.29 44.38 -45.24
C LEU G 503 16.50 44.87 -46.67
N TYR G 504 15.73 45.89 -47.07
CA TYR G 504 15.95 46.51 -48.37
C TYR G 504 17.39 46.98 -48.52
N GLN G 505 17.81 47.97 -47.72
CA GLN G 505 19.14 48.48 -48.01
C GLN G 505 20.25 47.54 -47.58
N LEU G 506 19.95 46.49 -46.79
CA LEU G 506 20.96 45.50 -46.53
C LEU G 506 21.15 44.57 -47.72
N TYR G 507 20.06 44.23 -48.42
CA TYR G 507 20.19 43.48 -49.66
C TYR G 507 20.85 44.30 -50.75
N ILE G 508 20.44 45.56 -50.90
CA ILE G 508 20.93 46.39 -52.00
C ILE G 508 22.43 46.63 -51.90
N SER G 509 23.02 46.43 -50.73
CA SER G 509 24.46 46.57 -50.55
C SER G 509 25.22 45.47 -51.29
PG ATP H . 55.65 28.56 -17.73
O1G ATP H . 56.32 28.27 -16.41
O2G ATP H . 56.61 28.81 -18.87
O3G ATP H . 54.51 27.64 -18.07
PB ATP H . 54.04 30.69 -18.60
O1B ATP H . 52.83 29.83 -18.86
O2B ATP H . 53.84 32.13 -18.19
O3B ATP H . 54.94 29.99 -17.47
PA ATP H . 54.82 29.73 -21.16
O1A ATP H . 56.19 29.27 -21.58
O2A ATP H . 53.95 30.47 -22.13
O3A ATP H . 55.02 30.67 -19.88
O5' ATP H . 54.03 28.43 -20.62
C5' ATP H . 53.84 27.27 -21.44
C4' ATP H . 53.19 27.67 -22.74
O4' ATP H . 53.97 27.21 -23.85
C3' ATP H . 51.80 27.06 -22.93
O3' ATP H . 50.78 27.92 -22.45
C2' ATP H . 51.73 26.81 -24.41
O2' ATP H . 51.28 27.97 -25.11
C1' ATP H . 53.16 26.49 -24.77
N9 ATP H . 53.34 25.04 -24.58
C8 ATP H . 54.00 24.44 -23.57
N7 ATP H . 53.98 23.11 -23.68
C5 ATP H . 53.26 22.81 -24.78
C6 ATP H . 52.85 21.57 -25.47
N6 ATP H . 53.20 20.35 -25.00
N1 ATP H . 52.12 21.70 -26.61
C2 ATP H . 51.77 22.90 -27.09
N3 ATP H . 52.12 24.07 -26.50
C4 ATP H . 52.85 24.08 -25.37
#